data_5CDO
#
_entry.id   5CDO
#
_cell.length_a   90.472
_cell.length_b   170.211
_cell.length_c   124.579
_cell.angle_alpha   90.000
_cell.angle_beta   102.750
_cell.angle_gamma   90.000
#
_symmetry.space_group_name_H-M   'P 1 21 1'
#
loop_
_entity.id
_entity.type
_entity.pdbx_description
1 polymer 'DNA gyrase subunit A'
2 polymer 'DNA gyrase subunit B,DNA gyrase subunit B'
3 polymer "DNA (5'-D(P*GP*AP*GP*CP*GP*TP*AP*C*GP*GP*CP*CP*GP*TP*AP*CP*GP*CP*TP*T)-3')"
4 non-polymer 'SULFATE ION'
5 non-polymer 'SODIUM ION'
6 non-polymer GLYCEROL
7 non-polymer 'MANGANESE (II) ION'
8 non-polymer "(2R,4S,4aS)-4',6'-dihydroxy-2,4-dimethyl-8-nitro-1,2,4,4a-tetrahydro-2'H,6H-spiro[1,4-oxazino[4,3-a]quinoline-5,5'-pyrimidin]-2'-one"
9 non-polymer "(2R,4S,4aS,5S)-6'-hydroxy-2,4-dimethyl-8-nitro-1,2,4,4a-tetrahydro-2'H,6H-spiro[1,4-oxazino[4,3-a]quinoline-5,5'-pyrimidine]-2',4'(3'H)-dione"
10 non-polymer "(2R,4S,4aS,5R)-6'-hydroxy-2,4-dimethyl-8-nitro-1,2,4,4a-tetrahydro-2'H,6H-spiro[1,4-oxazino[4,3-a]quinoline-5,5'-pyrimidine]-2',4'(3'H)-dione"
11 water water
#
loop_
_entity_poly.entity_id
_entity_poly.type
_entity_poly.pdbx_seq_one_letter_code
_entity_poly.pdbx_strand_id
1 'polypeptide(L)'
;INERNITSEMRESFLDYAMSVIVARALPDVRDGLKPVHRRILYGLNEQGMTPDKSYKKSARIVGDVMGKYHPHGDSSIYE
AMVRMAQDFSYRYPLVDGQGNFGSMDGDGAAAMR(PTR)TEARMTKITLELLRDINKDTIDFIDNYDGNEREPSVLPARF
PNLLANGASGIAVGMATNIPPHNLTELINGVLSLSKNPDISIAELMEDIEGPDFPTAGLILGKSGIRRAYETGRGSIQMR
SRAVIEERGGGRQRIVVTEIPFQVNKARMIEKIAELVRDKKIDGITDLRDETSLRTGVRVVIDVRKDANASVILNNLYKQ
TPLQTSFGVNMIALVNGRPKLINLKEALVHYLEHQKTVVRRRTQYNLRKAKDRAHILEGLRIALDHIDEIISTIRESDTD
KVAMESLQQRFKLSEKQAQAILDMRLRRLTGLERDKIEAEYNELLNYISELETILADEEVLLQLVRDELTEIRDRFGDDR
RTEIQL
;
A,C,R,T
2 'polypeptide(L)'
;KLADCSSKSPEECEIFLVEGDSAGGSTKSGRDSRTQAILPLRGKILNVEKARLDRILNNNEIRQMITAFGTGIGGDFDLA
KARYHKIVIMTDADVDGAHIRTLLLTFFYRFMRPLIEAGYVYIAQPPTGYKGLGEMNADQLWETTMNPEHRALLQVKLED
AIEADQTFEMLMGDVVENRRQFIEDNAV
;
B,D,S,U
3 'polydeoxyribonucleotide' (DG)(DA)(DG)(DC)(DG)(DT)(DA)(DC)(DG)(DG)(DC)(DC)(DG)(DT)(DA)(DC)(DG)(DC)(DT)(DT) E,F,V,W
#
loop_
_chem_comp.id
_chem_comp.type
_chem_comp.name
_chem_comp.formula
50M non-polymer (2R,4S,4aS,5R)-6'-hydroxy-2,4-dimethyl-8-nitro-1,2,4,4a-tetrahydro-2'H,6H-spiro[1,4-oxazino[4,3-a]quinoline-5,5'-pyrimidine]-2',4'(3'H)-dione 'C17 H18 N4 O6'
53L non-polymer (2R,4S,4aS,5S)-6'-hydroxy-2,4-dimethyl-8-nitro-1,2,4,4a-tetrahydro-2'H,6H-spiro[1,4-oxazino[4,3-a]quinoline-5,5'-pyrimidine]-2',4'(3'H)-dione 'C17 H18 N4 O6'
53M non-polymer (2R,4S,4aS)-4',6'-dihydroxy-2,4-dimethyl-8-nitro-1,2,4,4a-tetrahydro-2'H,6H-spiro[1,4-oxazino[4,3-a]quinoline-5,5'-pyrimidin]-2'-one 'C17 H18 N4 O6'
DA DNA linking 2'-DEOXYADENOSINE-5'-MONOPHOSPHATE 'C10 H14 N5 O6 P'
DC DNA linking 2'-DEOXYCYTIDINE-5'-MONOPHOSPHATE 'C9 H14 N3 O7 P'
DG DNA linking 2'-DEOXYGUANOSINE-5'-MONOPHOSPHATE 'C10 H14 N5 O7 P'
DT DNA linking THYMIDINE-5'-MONOPHOSPHATE 'C10 H15 N2 O8 P'
GOL non-polymer GLYCEROL 'C3 H8 O3'
MN non-polymer 'MANGANESE (II) ION' 'Mn 2'
NA non-polymer 'SODIUM ION' 'Na 1'
SO4 non-polymer 'SULFATE ION' 'O4 S -2'
#
# COMPACT_ATOMS: atom_id res chain seq x y z
N ILE A 1 27.23 64.31 -21.95
CA ILE A 1 26.15 63.67 -22.68
C ILE A 1 26.58 63.34 -24.11
N ASN A 2 26.08 62.22 -24.62
CA ASN A 2 26.31 61.82 -26.00
C ASN A 2 24.99 61.83 -26.76
N GLU A 3 25.06 61.99 -28.07
CA GLU A 3 23.87 62.06 -28.93
C GLU A 3 23.76 60.81 -29.80
N ARG A 4 22.58 60.20 -29.77
CA ARG A 4 22.30 59.01 -30.57
C ARG A 4 21.12 59.26 -31.51
N ASN A 5 21.35 59.04 -32.79
CA ASN A 5 20.31 59.17 -33.81
C ASN A 5 19.20 58.16 -33.57
N ILE A 6 17.95 58.63 -33.54
CA ILE A 6 16.82 57.75 -33.26
C ILE A 6 16.66 56.71 -34.36
N THR A 7 16.95 57.10 -35.60
CA THR A 7 16.81 56.17 -36.72
C THR A 7 17.83 55.07 -36.54
N SER A 8 19.10 55.44 -36.37
CA SER A 8 20.17 54.46 -36.19
C SER A 8 19.88 53.54 -35.01
N GLU A 9 19.38 54.11 -33.92
CA GLU A 9 19.09 53.33 -32.73
C GLU A 9 18.02 52.28 -33.04
N MET A 10 17.03 52.66 -33.82
CA MET A 10 15.94 51.75 -34.16
C MET A 10 16.40 50.58 -35.04
N ARG A 11 17.41 50.81 -35.87
CA ARG A 11 17.89 49.77 -36.77
C ARG A 11 18.83 48.84 -36.05
N GLU A 12 19.70 49.42 -35.23
CA GLU A 12 20.72 48.65 -34.54
C GLU A 12 20.10 47.80 -33.44
N SER A 13 19.23 48.40 -32.63
CA SER A 13 18.54 47.67 -31.57
C SER A 13 17.62 46.58 -32.11
N PHE A 14 16.72 46.94 -33.02
CA PHE A 14 15.72 45.98 -33.49
C PHE A 14 16.38 44.84 -34.24
N LEU A 15 17.54 45.08 -34.81
CA LEU A 15 18.27 44.04 -35.52
C LEU A 15 18.89 43.06 -34.54
N ASP A 16 19.30 43.58 -33.38
CA ASP A 16 19.85 42.73 -32.31
C ASP A 16 18.80 41.77 -31.78
N TYR A 17 17.63 42.31 -31.47
CA TYR A 17 16.50 41.50 -31.01
C TYR A 17 16.10 40.48 -32.07
N ALA A 18 15.74 41.01 -33.24
CA ALA A 18 15.32 40.19 -34.37
C ALA A 18 16.25 39.00 -34.57
N MET A 19 17.52 39.28 -34.83
CA MET A 19 18.50 38.21 -35.03
C MET A 19 18.58 37.26 -33.84
N SER A 20 18.61 37.80 -32.63
CA SER A 20 18.72 36.98 -31.43
C SER A 20 17.57 35.98 -31.32
N VAL A 21 16.35 36.47 -31.48
CA VAL A 21 15.16 35.63 -31.43
C VAL A 21 15.24 34.52 -32.49
N ILE A 22 15.84 34.82 -33.63
CA ILE A 22 15.89 33.87 -34.75
C ILE A 22 16.84 32.72 -34.45
N VAL A 23 18.13 33.02 -34.37
CA VAL A 23 19.15 31.98 -34.26
C VAL A 23 19.30 31.45 -32.84
N ALA A 24 18.62 32.07 -31.87
CA ALA A 24 18.83 31.74 -30.47
C ALA A 24 17.57 31.83 -29.60
N ARG A 25 16.39 31.54 -30.17
CA ARG A 25 15.19 31.40 -29.35
C ARG A 25 14.08 30.59 -30.02
N ALA A 26 13.69 31.01 -31.21
CA ALA A 26 12.38 30.66 -31.76
C ALA A 26 12.42 29.55 -32.80
N LEU A 27 13.59 29.21 -33.31
CA LEU A 27 13.67 28.25 -34.41
C LEU A 27 14.64 27.11 -34.10
N PRO A 28 14.26 25.87 -34.47
CA PRO A 28 15.08 24.71 -34.14
C PRO A 28 16.26 24.57 -35.11
N ASP A 29 17.26 23.80 -34.70
CA ASP A 29 18.36 23.47 -35.59
C ASP A 29 17.95 22.27 -36.41
N VAL A 30 18.32 22.26 -37.68
CA VAL A 30 17.89 21.19 -38.58
C VAL A 30 18.54 19.87 -38.20
N ARG A 31 19.60 19.95 -37.41
CA ARG A 31 20.37 18.77 -37.05
C ARG A 31 19.74 17.98 -35.89
N ASP A 32 19.59 18.62 -34.74
CA ASP A 32 19.01 17.95 -33.56
C ASP A 32 17.54 18.31 -33.36
N GLY A 33 17.03 19.25 -34.14
CA GLY A 33 15.62 19.61 -34.08
C GLY A 33 15.21 20.26 -32.78
N LEU A 34 16.12 21.03 -32.17
CA LEU A 34 15.88 21.64 -30.87
C LEU A 34 16.10 23.15 -30.90
N LYS A 35 15.26 23.89 -30.18
CA LYS A 35 15.54 25.29 -29.88
C LYS A 35 16.57 25.30 -28.75
N PRO A 36 17.20 26.46 -28.50
CA PRO A 36 18.23 26.51 -27.44
C PRO A 36 17.72 26.05 -26.08
N VAL A 37 16.62 26.63 -25.60
CA VAL A 37 16.06 26.29 -24.30
C VAL A 37 15.88 24.77 -24.13
N HIS A 38 15.33 24.14 -25.17
CA HIS A 38 15.08 22.70 -25.16
C HIS A 38 16.36 21.92 -24.94
N ARG A 39 17.35 22.18 -25.79
CA ARG A 39 18.67 21.55 -25.69
C ARG A 39 19.20 21.56 -24.26
N ARG A 40 18.91 22.64 -23.55
CA ARG A 40 19.52 22.90 -22.25
C ARG A 40 18.79 22.22 -21.11
N ILE A 41 17.53 21.87 -21.32
CA ILE A 41 16.82 21.05 -20.37
C ILE A 41 17.41 19.64 -20.47
N LEU A 42 17.38 19.10 -21.69
CA LEU A 42 17.96 17.79 -21.99
C LEU A 42 19.40 17.64 -21.50
N TYR A 43 20.29 18.56 -21.90
CA TYR A 43 21.67 18.55 -21.40
C TYR A 43 21.71 18.62 -19.87
N GLY A 44 20.94 19.55 -19.29
CA GLY A 44 20.86 19.68 -17.85
C GLY A 44 20.38 18.41 -17.18
N LEU A 45 19.36 17.78 -17.76
CA LEU A 45 18.95 16.45 -17.31
C LEU A 45 20.13 15.50 -17.37
N ASN A 46 20.91 15.60 -18.44
CA ASN A 46 22.01 14.67 -18.68
C ASN A 46 23.20 14.88 -17.76
N GLU A 47 23.57 16.13 -17.49
CA GLU A 47 24.73 16.43 -16.66
C GLU A 47 24.45 16.14 -15.19
N GLN A 48 23.18 15.90 -14.87
CA GLN A 48 22.78 15.54 -13.52
C GLN A 48 22.55 14.03 -13.47
N GLY A 49 22.60 13.41 -14.64
CA GLY A 49 22.39 11.98 -14.74
C GLY A 49 20.98 11.65 -14.30
N MET A 50 20.01 12.33 -14.91
CA MET A 50 18.60 12.05 -14.63
C MET A 50 18.08 11.14 -15.72
N THR A 51 18.85 10.08 -15.93
CA THR A 51 18.55 8.99 -16.83
C THR A 51 17.31 8.22 -16.36
N PRO A 52 16.71 7.40 -17.25
CA PRO A 52 15.46 6.70 -16.95
C PRO A 52 15.54 5.78 -15.72
N ASP A 53 16.72 5.19 -15.52
CA ASP A 53 16.94 4.17 -14.50
C ASP A 53 17.07 4.71 -13.08
N LYS A 54 17.06 6.04 -12.94
CA LYS A 54 17.16 6.69 -11.64
C LYS A 54 15.88 7.48 -11.40
N SER A 55 15.40 7.48 -10.16
CA SER A 55 14.07 7.98 -9.87
C SER A 55 13.91 9.46 -10.16
N TYR A 56 12.65 9.88 -10.27
CA TYR A 56 12.32 11.23 -10.67
C TYR A 56 12.93 12.30 -9.77
N LYS A 57 13.34 13.40 -10.38
CA LYS A 57 13.82 14.57 -9.65
C LYS A 57 12.80 15.69 -9.74
N LYS A 58 12.77 16.54 -8.72
CA LYS A 58 11.75 17.58 -8.64
C LYS A 58 11.96 18.63 -9.73
N SER A 59 10.86 19.07 -10.33
CA SER A 59 10.90 20.02 -11.42
C SER A 59 11.59 21.30 -10.98
N ALA A 60 11.35 21.69 -9.72
CA ALA A 60 12.03 22.83 -9.10
C ALA A 60 13.53 22.81 -9.35
N ARG A 61 14.13 21.65 -9.09
CA ARG A 61 15.58 21.51 -9.10
C ARG A 61 16.14 21.58 -10.50
N ILE A 62 15.48 20.86 -11.41
CA ILE A 62 15.92 20.80 -12.79
C ILE A 62 15.99 22.20 -13.38
N VAL A 63 14.89 22.94 -13.26
CA VAL A 63 14.80 24.28 -13.81
C VAL A 63 15.94 25.16 -13.31
N GLY A 64 16.20 25.12 -12.01
CA GLY A 64 17.32 25.84 -11.42
C GLY A 64 18.67 25.54 -12.04
N ASP A 65 19.04 24.26 -12.13
CA ASP A 65 20.30 23.86 -12.77
C ASP A 65 20.36 24.44 -14.18
N VAL A 66 19.25 24.33 -14.92
CA VAL A 66 19.20 24.74 -16.31
C VAL A 66 19.26 26.27 -16.44
N MET A 67 18.65 26.98 -15.49
CA MET A 67 18.60 28.44 -15.53
C MET A 67 19.90 29.07 -15.05
N GLY A 68 20.53 28.45 -14.07
CA GLY A 68 21.72 29.01 -13.46
C GLY A 68 22.98 28.67 -14.24
N LYS A 69 22.94 27.55 -14.96
CA LYS A 69 24.11 27.06 -15.69
C LYS A 69 24.05 27.32 -17.20
N TYR A 70 22.85 27.52 -17.76
CA TYR A 70 22.71 27.62 -19.23
C TYR A 70 21.69 28.65 -19.77
N HIS A 71 20.56 28.86 -19.08
CA HIS A 71 19.43 29.59 -19.66
C HIS A 71 18.98 30.79 -18.83
N PRO A 72 19.67 31.94 -18.99
CA PRO A 72 19.45 33.13 -18.14
C PRO A 72 18.12 33.83 -18.44
N HIS A 73 17.03 33.10 -18.32
CA HIS A 73 15.69 33.62 -18.60
C HIS A 73 14.73 33.16 -17.51
N GLY A 74 13.50 33.66 -17.54
CA GLY A 74 12.55 33.38 -16.48
C GLY A 74 12.25 31.90 -16.32
N ASP A 75 11.81 31.53 -15.12
CA ASP A 75 11.61 30.13 -14.77
C ASP A 75 10.49 29.44 -15.59
N SER A 76 9.51 30.22 -16.03
CA SER A 76 8.32 29.64 -16.66
C SER A 76 8.57 29.23 -18.11
N SER A 77 9.42 29.96 -18.82
CA SER A 77 9.73 29.62 -20.21
C SER A 77 10.51 28.31 -20.27
N ILE A 78 11.31 28.04 -19.25
CA ILE A 78 12.03 26.77 -19.17
C ILE A 78 11.06 25.65 -18.81
N TYR A 79 10.30 25.86 -17.74
CA TYR A 79 9.41 24.85 -17.20
C TYR A 79 8.37 24.42 -18.23
N GLU A 80 7.63 25.40 -18.77
CA GLU A 80 6.58 25.14 -19.75
C GLU A 80 7.11 24.31 -20.91
N ALA A 81 8.33 24.64 -21.34
CA ALA A 81 8.98 23.89 -22.41
C ALA A 81 9.21 22.44 -22.00
N MET A 82 9.68 22.23 -20.76
CA MET A 82 9.89 20.87 -20.26
C MET A 82 8.56 20.14 -20.17
N VAL A 83 7.52 20.85 -19.76
CA VAL A 83 6.21 20.23 -19.61
C VAL A 83 5.64 19.84 -20.98
N ARG A 84 5.92 20.64 -22.01
N ARG A 84 5.93 20.64 -22.00
CA ARG A 84 5.47 20.30 -23.35
CA ARG A 84 5.51 20.32 -23.36
C ARG A 84 6.17 19.02 -23.81
C ARG A 84 6.17 19.03 -23.81
N MET A 85 7.46 18.91 -23.48
CA MET A 85 8.24 17.73 -23.85
C MET A 85 7.81 16.46 -23.10
N ALA A 86 6.96 16.61 -22.08
CA ALA A 86 6.47 15.46 -21.31
C ALA A 86 5.05 15.05 -21.72
N GLN A 87 4.45 15.79 -22.64
CA GLN A 87 3.07 15.55 -23.03
C GLN A 87 2.98 14.60 -24.21
N ASP A 88 2.27 13.49 -23.99
CA ASP A 88 2.10 12.46 -25.01
C ASP A 88 1.13 12.93 -26.10
N PHE A 89 0.35 13.97 -25.78
CA PHE A 89 -0.56 14.56 -26.76
C PHE A 89 0.07 15.77 -27.45
N SER A 90 1.34 16.04 -27.14
CA SER A 90 2.07 17.11 -27.79
C SER A 90 3.23 16.53 -28.61
N TYR A 91 4.04 15.68 -27.96
CA TYR A 91 5.17 15.06 -28.62
C TYR A 91 4.81 13.67 -29.09
N ARG A 92 5.06 13.43 -30.37
CA ARG A 92 4.95 12.11 -30.95
C ARG A 92 5.86 11.13 -30.22
N TYR A 93 7.05 11.60 -29.89
CA TYR A 93 8.04 10.81 -29.17
C TYR A 93 8.57 11.60 -27.99
N PRO A 94 7.84 11.55 -26.86
CA PRO A 94 8.15 12.31 -25.64
C PRO A 94 9.62 12.25 -25.24
N LEU A 95 10.21 13.42 -25.01
CA LEU A 95 11.61 13.55 -24.62
C LEU A 95 11.79 13.65 -23.11
N VAL A 96 10.70 13.92 -22.39
CA VAL A 96 10.76 14.03 -20.94
C VAL A 96 9.75 13.08 -20.30
N ASP A 97 10.20 12.43 -19.24
CA ASP A 97 9.38 11.51 -18.46
C ASP A 97 8.93 12.21 -17.18
N GLY A 98 7.68 12.66 -17.17
CA GLY A 98 7.14 13.44 -16.07
C GLY A 98 6.25 12.63 -15.14
N GLN A 99 6.20 13.05 -13.88
CA GLN A 99 5.35 12.44 -12.87
C GLN A 99 4.52 13.51 -12.16
N GLY A 100 3.21 13.32 -12.19
CA GLY A 100 2.27 14.24 -11.56
C GLY A 100 1.37 14.88 -12.60
N ASN A 101 0.94 16.10 -12.35
CA ASN A 101 0.03 16.79 -13.25
C ASN A 101 0.79 17.65 -14.26
N PHE A 102 0.89 17.16 -15.50
CA PHE A 102 1.56 17.89 -16.57
C PHE A 102 0.56 18.42 -17.61
N GLY A 103 -0.65 18.73 -17.18
CA GLY A 103 -1.65 19.35 -18.03
C GLY A 103 -2.38 18.36 -18.93
N SER A 104 -3.44 18.83 -19.61
CA SER A 104 -4.24 17.96 -20.47
C SER A 104 -4.61 18.62 -21.81
N MET A 105 -5.30 17.85 -22.64
CA MET A 105 -5.77 18.31 -23.94
C MET A 105 -6.84 19.40 -23.82
N ASP A 106 -7.49 19.46 -22.65
CA ASP A 106 -8.49 20.49 -22.39
C ASP A 106 -7.81 21.83 -22.16
N GLY A 107 -6.48 21.82 -22.15
CA GLY A 107 -5.71 23.04 -22.12
C GLY A 107 -5.42 23.56 -20.72
N ASP A 108 -5.78 22.79 -19.70
CA ASP A 108 -5.48 23.21 -18.33
C ASP A 108 -3.99 23.05 -18.08
N GLY A 109 -3.42 24.02 -17.37
CA GLY A 109 -1.99 24.09 -17.19
C GLY A 109 -1.44 22.99 -16.30
N ALA A 110 -0.17 22.68 -16.49
CA ALA A 110 0.52 21.78 -15.58
C ALA A 110 0.58 22.40 -14.20
N ALA A 111 0.49 21.57 -13.18
CA ALA A 111 0.63 22.02 -11.81
C ALA A 111 1.96 22.73 -11.65
N ALA A 112 2.11 23.51 -10.59
CA ALA A 112 3.31 24.31 -10.41
C ALA A 112 4.55 23.43 -10.37
N MET A 113 5.70 24.10 -10.44
CA MET A 113 6.99 23.45 -10.58
C MET A 113 7.41 22.68 -9.33
N ARG A 114 6.90 23.05 -8.17
CA ARG A 114 7.23 22.32 -6.95
C ARG A 114 6.39 21.04 -6.81
N PTR A 115 5.27 20.98 -7.54
CA PTR A 115 4.34 19.86 -7.45
C PTR A 115 4.53 18.82 -8.57
O PTR A 115 3.61 18.05 -8.85
CB PTR A 115 2.89 20.35 -7.44
CG PTR A 115 2.54 21.31 -6.31
CD1 PTR A 115 1.83 20.88 -5.19
CD2 PTR A 115 2.91 22.65 -6.37
CE1 PTR A 115 1.51 21.75 -4.17
CE2 PTR A 115 2.60 23.52 -5.35
CZ PTR A 115 1.90 23.07 -4.26
OH PTR A 115 1.60 23.92 -3.31
P PTR A 115 0.09 24.33 -2.91
O1P PTR A 115 -0.95 23.51 -3.67
O2P PTR A 115 -0.05 24.09 -1.47
O3P PTR A 115 -0.15 25.83 -3.18
HA PTR A 115 4.50 19.40 -6.60
HB2 PTR A 115 2.30 19.58 -7.35
HB3 PTR A 115 2.71 20.81 -8.27
HD1 PTR A 115 1.58 19.99 -5.14
HD2 PTR A 115 3.38 22.95 -7.11
HE1 PTR A 115 1.04 21.45 -3.43
HE2 PTR A 115 2.85 24.42 -5.41
N THR A 116 5.70 18.79 -9.20
CA THR A 116 5.98 17.79 -10.25
C THR A 116 7.39 17.23 -10.19
N GLU A 117 7.60 16.16 -10.96
CA GLU A 117 8.80 15.33 -10.92
C GLU A 117 9.21 14.98 -12.34
N ALA A 118 10.52 14.80 -12.61
CA ALA A 118 10.93 14.51 -13.98
C ALA A 118 12.33 13.90 -14.14
N ARG A 119 12.48 13.20 -15.27
CA ARG A 119 13.73 12.60 -15.72
C ARG A 119 13.60 12.40 -17.24
N MET A 120 14.57 11.75 -17.87
CA MET A 120 14.50 11.50 -19.31
C MET A 120 13.65 10.29 -19.66
N THR A 121 13.23 10.24 -20.92
CA THR A 121 12.70 9.01 -21.51
C THR A 121 13.88 8.25 -22.09
N LYS A 122 13.66 6.98 -22.42
CA LYS A 122 14.71 6.15 -22.95
C LYS A 122 15.19 6.62 -24.33
N ILE A 123 14.31 7.28 -25.08
CA ILE A 123 14.67 7.73 -26.42
C ILE A 123 15.57 8.96 -26.38
N THR A 124 15.56 9.67 -25.27
CA THR A 124 16.37 10.88 -25.16
C THR A 124 17.83 10.51 -24.94
N LEU A 125 18.08 9.30 -24.45
CA LEU A 125 19.45 8.78 -24.38
C LEU A 125 20.06 8.77 -25.77
N GLU A 126 19.20 8.59 -26.77
CA GLU A 126 19.66 8.48 -28.15
C GLU A 126 19.98 9.86 -28.72
N LEU A 127 19.31 10.90 -28.23
CA LEU A 127 19.66 12.25 -28.66
C LEU A 127 21.04 12.64 -28.12
N LEU A 128 21.41 12.07 -26.98
CA LEU A 128 22.67 12.40 -26.32
C LEU A 128 23.73 11.32 -26.49
N ARG A 129 23.36 10.21 -27.11
CA ARG A 129 24.30 9.12 -27.34
C ARG A 129 25.56 9.62 -28.05
N ASP A 130 26.71 9.30 -27.47
CA ASP A 130 28.03 9.58 -28.04
C ASP A 130 28.42 11.07 -27.95
N ILE A 131 27.79 11.80 -27.04
CA ILE A 131 28.01 13.25 -26.92
C ILE A 131 29.41 13.61 -26.42
N ASN A 132 29.99 12.77 -25.57
CA ASN A 132 31.27 13.07 -24.93
C ASN A 132 32.50 12.63 -25.74
N LYS A 133 32.26 11.97 -26.87
CA LYS A 133 33.34 11.45 -27.70
C LYS A 133 33.66 12.40 -28.84
N ASP A 134 33.85 13.67 -28.50
CA ASP A 134 34.16 14.72 -29.47
C ASP A 134 33.34 14.59 -30.76
N THR A 135 32.02 14.46 -30.60
CA THR A 135 31.12 14.33 -31.74
C THR A 135 30.51 15.67 -32.12
N ILE A 136 30.24 16.49 -31.09
CA ILE A 136 29.65 17.81 -31.24
C ILE A 136 30.54 18.87 -30.60
N ASP A 137 30.53 20.07 -31.16
CA ASP A 137 31.30 21.18 -30.61
C ASP A 137 30.64 21.68 -29.32
N PHE A 138 31.48 22.08 -28.35
CA PHE A 138 30.98 22.79 -27.18
C PHE A 138 31.40 24.26 -27.26
N ILE A 139 30.59 25.12 -26.67
CA ILE A 139 30.88 26.55 -26.58
C ILE A 139 30.62 27.03 -25.16
N ASP A 140 31.12 28.22 -24.84
CA ASP A 140 30.90 28.79 -23.52
C ASP A 140 29.45 29.19 -23.32
N ASN A 141 29.01 29.09 -22.07
CA ASN A 141 27.68 29.53 -21.68
C ASN A 141 27.67 31.05 -21.55
N TYR A 142 26.56 31.61 -21.10
CA TYR A 142 26.40 33.06 -21.08
C TYR A 142 27.42 33.79 -20.19
N ASP A 143 27.77 33.18 -19.05
CA ASP A 143 28.69 33.83 -18.11
C ASP A 143 30.14 33.38 -18.27
N GLY A 144 30.37 32.31 -19.03
CA GLY A 144 31.71 31.79 -19.21
C GLY A 144 32.08 30.76 -18.15
N ASN A 145 31.18 30.56 -17.20
CA ASN A 145 31.42 29.66 -16.06
C ASN A 145 31.31 28.19 -16.42
N GLU A 146 30.45 27.86 -17.37
CA GLU A 146 30.21 26.47 -17.76
C GLU A 146 30.38 26.31 -19.27
N ARG A 147 30.20 25.07 -19.73
CA ARG A 147 30.23 24.75 -21.15
C ARG A 147 28.92 24.07 -21.53
N GLU A 148 28.51 24.25 -22.78
CA GLU A 148 27.27 23.68 -23.25
C GLU A 148 27.39 23.33 -24.74
N PRO A 149 26.70 22.27 -25.18
CA PRO A 149 26.84 21.81 -26.56
C PRO A 149 26.09 22.67 -27.57
N SER A 150 26.71 22.92 -28.72
CA SER A 150 26.12 23.76 -29.76
C SER A 150 24.99 23.03 -30.49
N VAL A 151 25.06 21.71 -30.48
CA VAL A 151 24.03 20.86 -31.07
C VAL A 151 24.11 19.52 -30.35
N LEU A 152 23.08 18.68 -30.52
CA LEU A 152 23.10 17.33 -29.95
C LEU A 152 23.35 16.30 -31.03
N PRO A 153 24.01 15.18 -30.68
CA PRO A 153 24.29 14.15 -31.68
C PRO A 153 23.03 13.71 -32.40
N ALA A 154 21.94 13.54 -31.65
CA ALA A 154 20.64 13.18 -32.21
C ALA A 154 20.73 11.97 -33.14
N ARG A 155 20.73 10.79 -32.54
CA ARG A 155 20.93 9.56 -33.31
C ARG A 155 19.65 9.11 -33.99
N PHE A 156 18.55 9.82 -33.73
CA PHE A 156 17.35 9.71 -34.54
C PHE A 156 16.98 11.11 -35.07
N PRO A 157 16.37 11.16 -36.27
CA PRO A 157 16.03 12.43 -36.91
C PRO A 157 14.89 13.15 -36.19
N ASN A 158 15.22 14.07 -35.27
CA ASN A 158 14.23 14.57 -34.33
C ASN A 158 13.43 15.78 -34.83
N LEU A 159 14.03 16.59 -35.69
CA LEU A 159 13.33 17.74 -36.25
C LEU A 159 12.01 17.32 -36.88
N LEU A 160 12.04 16.20 -37.60
CA LEU A 160 10.86 15.73 -38.32
C LEU A 160 9.97 14.83 -37.48
N ALA A 161 10.55 14.19 -36.48
CA ALA A 161 9.80 13.22 -35.69
C ALA A 161 8.84 13.90 -34.70
N ASN A 162 9.31 14.99 -34.08
CA ASN A 162 8.51 15.70 -33.10
C ASN A 162 8.02 17.06 -33.59
N GLY A 163 8.64 17.57 -34.65
CA GLY A 163 8.15 18.77 -35.31
C GLY A 163 8.66 20.06 -34.69
N ALA A 164 8.08 21.16 -35.11
CA ALA A 164 8.42 22.47 -34.58
C ALA A 164 7.30 23.44 -34.87
N SER A 165 7.19 24.46 -34.03
CA SER A 165 6.18 25.48 -34.20
C SER A 165 6.56 26.68 -33.36
N GLY A 166 7.47 27.48 -33.91
CA GLY A 166 7.98 28.66 -33.23
C GLY A 166 7.80 29.92 -34.04
N ILE A 167 7.31 30.96 -33.36
CA ILE A 167 7.15 32.28 -33.96
C ILE A 167 8.40 33.11 -33.65
N ALA A 168 9.09 33.55 -34.70
CA ALA A 168 10.30 34.36 -34.55
C ALA A 168 10.02 35.84 -34.85
N VAL A 169 10.89 36.46 -35.64
CA VAL A 169 10.70 37.84 -36.06
C VAL A 169 10.97 37.89 -37.57
N GLY A 170 10.02 38.42 -38.33
CA GLY A 170 10.15 38.44 -39.77
C GLY A 170 9.89 37.08 -40.39
N MET A 171 9.64 36.09 -39.53
CA MET A 171 9.35 34.73 -39.97
C MET A 171 8.79 33.92 -38.82
N ALA A 172 8.28 32.73 -39.14
CA ALA A 172 7.93 31.75 -38.13
C ALA A 172 8.21 30.38 -38.71
N THR A 173 8.03 29.33 -37.92
CA THR A 173 8.18 27.98 -38.45
C THR A 173 7.06 27.10 -37.92
N ASN A 174 6.67 26.13 -38.73
CA ASN A 174 5.65 25.16 -38.36
C ASN A 174 5.89 23.86 -39.10
N ILE A 175 6.48 22.89 -38.39
CA ILE A 175 6.77 21.58 -38.97
C ILE A 175 5.94 20.52 -38.25
N PRO A 176 5.30 19.62 -39.02
CA PRO A 176 4.48 18.61 -38.34
C PRO A 176 5.29 17.40 -37.88
N PRO A 177 4.82 16.70 -36.83
CA PRO A 177 5.44 15.45 -36.38
C PRO A 177 5.32 14.33 -37.42
N HIS A 178 6.26 13.40 -37.40
CA HIS A 178 6.24 12.25 -38.31
C HIS A 178 6.56 10.95 -37.58
N ASN A 179 6.09 9.83 -38.15
CA ASN A 179 6.40 8.51 -37.63
C ASN A 179 7.86 8.17 -37.84
N LEU A 180 8.52 7.70 -36.78
CA LEU A 180 9.95 7.41 -36.83
C LEU A 180 10.30 6.27 -37.78
N THR A 181 9.56 5.17 -37.70
CA THR A 181 9.81 4.00 -38.54
C THR A 181 9.84 4.39 -40.01
N GLU A 182 8.99 5.34 -40.37
CA GLU A 182 8.89 5.81 -41.74
C GLU A 182 10.02 6.77 -42.05
N LEU A 183 10.32 7.63 -41.09
CA LEU A 183 11.36 8.62 -41.29
C LEU A 183 12.71 7.95 -41.54
N ILE A 184 13.05 6.96 -40.73
CA ILE A 184 14.39 6.36 -40.82
C ILE A 184 14.55 5.59 -42.13
N ASN A 185 13.54 4.82 -42.50
CA ASN A 185 13.51 4.14 -43.80
C ASN A 185 13.80 5.12 -44.93
N GLY A 186 13.29 6.34 -44.79
CA GLY A 186 13.49 7.36 -45.80
C GLY A 186 14.93 7.79 -45.85
N VAL A 187 15.50 8.00 -44.66
CA VAL A 187 16.91 8.36 -44.54
C VAL A 187 17.78 7.29 -45.20
N LEU A 188 17.58 6.05 -44.79
CA LEU A 188 18.26 4.91 -45.40
C LEU A 188 18.21 4.98 -46.92
N SER A 189 16.99 5.09 -47.47
CA SER A 189 16.80 5.13 -48.92
C SER A 189 17.54 6.30 -49.56
N LEU A 190 17.73 7.39 -48.82
CA LEU A 190 18.50 8.53 -49.31
C LEU A 190 20.00 8.22 -49.22
N SER A 191 20.38 7.34 -48.29
CA SER A 191 21.79 7.05 -48.07
C SER A 191 22.35 6.20 -49.21
N LYS A 192 21.46 5.46 -49.88
CA LYS A 192 21.85 4.57 -50.97
C LYS A 192 21.69 5.22 -52.33
N ASN A 193 20.90 6.29 -52.40
CA ASN A 193 20.69 7.04 -53.65
C ASN A 193 20.61 8.54 -53.35
N PRO A 194 21.74 9.26 -53.51
CA PRO A 194 21.83 10.70 -53.30
C PRO A 194 20.89 11.53 -54.18
N ASP A 195 20.43 10.94 -55.27
CA ASP A 195 19.61 11.64 -56.27
C ASP A 195 18.15 11.22 -56.19
N ILE A 196 17.77 10.58 -55.09
CA ILE A 196 16.40 10.14 -54.89
C ILE A 196 15.45 11.33 -54.94
N SER A 197 14.27 11.13 -55.52
CA SER A 197 13.30 12.20 -55.70
C SER A 197 12.36 12.27 -54.50
N ILE A 198 11.62 13.37 -54.40
CA ILE A 198 10.76 13.60 -53.26
C ILE A 198 9.64 12.57 -53.27
N ALA A 199 9.11 12.32 -54.46
CA ALA A 199 7.98 11.42 -54.63
C ALA A 199 8.38 9.98 -54.28
N GLU A 200 9.68 9.70 -54.36
CA GLU A 200 10.21 8.41 -53.98
C GLU A 200 10.36 8.33 -52.47
N LEU A 201 10.86 9.40 -51.87
CA LEU A 201 10.98 9.49 -50.42
C LEU A 201 9.62 9.35 -49.75
N MET A 202 8.55 9.63 -50.51
CA MET A 202 7.20 9.56 -49.98
C MET A 202 6.63 8.14 -50.06
N GLU A 203 7.43 7.19 -50.55
CA GLU A 203 7.06 5.78 -50.45
C GLU A 203 7.36 5.31 -49.05
N ASP A 204 8.41 5.87 -48.47
CA ASP A 204 8.77 5.58 -47.09
C ASP A 204 7.93 6.42 -46.14
N ILE A 205 7.95 7.74 -46.36
CA ILE A 205 7.24 8.68 -45.51
C ILE A 205 5.90 9.08 -46.14
N GLU A 206 4.83 8.40 -45.75
CA GLU A 206 3.49 8.70 -46.27
C GLU A 206 3.11 10.14 -45.97
N GLY A 207 3.42 10.58 -44.76
CA GLY A 207 3.13 11.94 -44.34
C GLY A 207 3.27 12.11 -42.85
N PRO A 208 2.80 13.26 -42.33
CA PRO A 208 2.89 13.53 -40.89
C PRO A 208 2.04 12.57 -40.08
N ASP A 209 2.57 12.14 -38.93
CA ASP A 209 1.89 11.23 -38.04
C ASP A 209 1.76 11.86 -36.67
N PHE A 210 0.63 12.51 -36.43
CA PHE A 210 0.44 13.25 -35.20
C PHE A 210 0.34 12.31 -34.00
N PRO A 211 0.73 12.80 -32.81
CA PRO A 211 0.57 12.03 -31.57
C PRO A 211 -0.90 11.82 -31.19
N THR A 212 -1.76 12.63 -31.79
CA THR A 212 -3.18 12.67 -31.46
C THR A 212 -4.00 11.82 -32.40
N ALA A 213 -3.32 11.20 -33.36
CA ALA A 213 -3.96 10.32 -34.35
C ALA A 213 -4.90 11.13 -35.26
N GLY A 214 -6.13 10.69 -35.42
CA GLY A 214 -7.08 11.39 -36.26
C GLY A 214 -6.81 11.14 -37.73
N LEU A 215 -7.45 11.94 -38.57
CA LEU A 215 -7.48 11.70 -40.02
C LEU A 215 -6.87 12.85 -40.82
N ILE A 216 -6.15 12.50 -41.88
CA ILE A 216 -5.63 13.48 -42.84
C ILE A 216 -6.35 13.31 -44.17
N LEU A 217 -6.90 14.41 -44.67
CA LEU A 217 -7.66 14.38 -45.92
C LEU A 217 -6.77 14.62 -47.14
N GLY A 218 -6.64 13.58 -47.96
CA GLY A 218 -5.91 13.68 -49.21
C GLY A 218 -4.40 13.80 -49.02
N LYS A 219 -3.65 13.38 -50.03
CA LYS A 219 -2.19 13.52 -50.01
C LYS A 219 -1.76 14.76 -50.78
N SER A 220 -2.73 15.50 -51.35
CA SER A 220 -2.42 16.63 -52.22
C SER A 220 -1.62 17.71 -51.49
N GLY A 221 -1.99 17.97 -50.24
CA GLY A 221 -1.32 18.98 -49.45
C GLY A 221 0.07 18.54 -48.98
N ILE A 222 0.21 17.25 -48.70
CA ILE A 222 1.46 16.72 -48.17
C ILE A 222 2.60 16.93 -49.17
N ARG A 223 2.33 16.71 -50.44
CA ARG A 223 3.34 16.87 -51.49
C ARG A 223 3.83 18.32 -51.58
N ARG A 224 2.89 19.25 -51.77
CA ARG A 224 3.22 20.67 -51.82
C ARG A 224 4.15 21.07 -50.68
N ALA A 225 3.72 20.74 -49.46
CA ALA A 225 4.52 20.99 -48.27
C ALA A 225 5.88 20.28 -48.31
N TYR A 226 5.91 19.08 -48.89
CA TYR A 226 7.13 18.29 -48.94
C TYR A 226 8.05 18.70 -50.10
N GLU A 227 7.48 19.26 -51.15
CA GLU A 227 8.25 19.68 -52.31
C GLU A 227 8.79 21.09 -52.14
N THR A 228 7.93 22.00 -51.68
CA THR A 228 8.26 23.43 -51.60
C THR A 228 8.61 23.88 -50.19
N GLY A 229 8.11 23.15 -49.19
CA GLY A 229 8.33 23.51 -47.80
C GLY A 229 7.12 24.21 -47.19
N ARG A 230 6.16 24.56 -48.04
CA ARG A 230 4.90 25.15 -47.61
C ARG A 230 3.73 24.45 -48.29
N GLY A 231 2.57 24.50 -47.64
CA GLY A 231 1.42 23.74 -48.06
C GLY A 231 0.47 23.51 -46.90
N SER A 232 -0.78 23.21 -47.23
CA SER A 232 -1.83 23.06 -46.23
C SER A 232 -2.31 21.62 -46.16
N ILE A 233 -2.49 21.13 -44.93
CA ILE A 233 -2.95 19.78 -44.68
C ILE A 233 -4.22 19.83 -43.85
N GLN A 234 -5.26 19.13 -44.30
CA GLN A 234 -6.53 19.09 -43.60
C GLN A 234 -6.59 17.94 -42.60
N MET A 235 -6.70 18.29 -41.32
CA MET A 235 -6.85 17.30 -40.24
C MET A 235 -8.32 17.17 -39.86
N ARG A 236 -8.81 15.93 -39.80
CA ARG A 236 -10.18 15.68 -39.36
C ARG A 236 -10.21 14.73 -38.16
N SER A 237 -11.07 15.05 -37.19
CA SER A 237 -11.30 14.18 -36.04
C SER A 237 -11.85 12.84 -36.52
N ARG A 238 -11.53 11.79 -35.78
CA ARG A 238 -12.16 10.50 -36.00
C ARG A 238 -13.49 10.47 -35.26
N ALA A 239 -14.57 10.45 -36.02
CA ALA A 239 -15.90 10.37 -35.45
C ALA A 239 -16.74 9.36 -36.21
N VAL A 240 -17.41 8.50 -35.46
CA VAL A 240 -18.26 7.48 -36.02
C VAL A 240 -19.70 7.70 -35.58
N ILE A 241 -20.62 7.20 -36.41
CA ILE A 241 -22.04 7.33 -36.16
C ILE A 241 -22.60 5.99 -35.66
N GLU A 242 -22.75 5.86 -34.34
CA GLU A 242 -23.30 4.65 -33.76
C GLU A 242 -24.82 4.71 -33.77
N GLU A 243 -25.44 3.56 -33.96
CA GLU A 243 -26.89 3.45 -33.95
C GLU A 243 -27.32 2.53 -32.83
N ARG A 244 -27.96 3.12 -31.83
CA ARG A 244 -28.44 2.39 -30.66
C ARG A 244 -29.93 2.16 -30.82
N GLY A 245 -30.36 0.90 -30.84
CA GLY A 245 -31.76 0.60 -31.08
C GLY A 245 -32.24 1.15 -32.42
N GLY A 246 -33.55 1.10 -32.63
CA GLY A 246 -34.11 1.48 -33.91
C GLY A 246 -34.05 2.97 -34.21
N GLY A 247 -34.53 3.79 -33.28
CA GLY A 247 -34.61 5.22 -33.50
C GLY A 247 -33.31 5.98 -33.29
N ARG A 248 -32.58 5.63 -32.23
CA ARG A 248 -31.55 6.50 -31.67
C ARG A 248 -30.26 6.54 -32.49
N GLN A 249 -29.55 7.68 -32.40
CA GLN A 249 -28.30 7.89 -33.11
C GLN A 249 -27.32 8.65 -32.21
N ARG A 250 -26.06 8.24 -32.22
CA ARG A 250 -25.03 8.89 -31.42
C ARG A 250 -23.75 9.12 -32.22
N ILE A 251 -23.18 10.32 -32.08
CA ILE A 251 -21.93 10.69 -32.74
C ILE A 251 -20.80 10.77 -31.71
N VAL A 252 -19.90 9.78 -31.74
CA VAL A 252 -18.82 9.68 -30.76
C VAL A 252 -17.46 10.04 -31.37
N VAL A 253 -16.83 11.07 -30.81
CA VAL A 253 -15.51 11.50 -31.26
C VAL A 253 -14.42 10.87 -30.40
N THR A 254 -13.45 10.22 -31.03
CA THR A 254 -12.43 9.46 -30.30
C THR A 254 -11.02 10.02 -30.49
N GLU A 255 -10.80 10.68 -31.62
CA GLU A 255 -9.53 11.35 -31.91
C GLU A 255 -9.86 12.73 -32.43
N ILE A 256 -9.11 13.74 -31.99
CA ILE A 256 -9.32 15.11 -32.45
C ILE A 256 -8.02 15.64 -33.06
N PRO A 257 -8.10 16.77 -33.77
CA PRO A 257 -6.88 17.18 -34.46
C PRO A 257 -5.77 17.65 -33.55
N PHE A 258 -4.61 17.85 -34.15
CA PHE A 258 -3.42 18.20 -33.42
C PHE A 258 -3.43 19.68 -33.02
N GLN A 259 -2.94 19.97 -31.82
CA GLN A 259 -2.94 21.33 -31.27
C GLN A 259 -4.36 21.91 -31.20
N VAL A 260 -5.34 21.06 -30.89
CA VAL A 260 -6.75 21.47 -30.77
C VAL A 260 -7.27 21.21 -29.36
N ASN A 261 -7.48 22.31 -28.64
CA ASN A 261 -8.04 22.26 -27.29
C ASN A 261 -9.42 21.62 -27.27
N LYS A 262 -9.55 20.52 -26.53
CA LYS A 262 -10.77 19.73 -26.53
C LYS A 262 -11.94 20.45 -25.86
N ALA A 263 -11.71 21.02 -24.67
CA ALA A 263 -12.74 21.79 -23.97
C ALA A 263 -13.22 22.94 -24.84
N ARG A 264 -12.29 23.62 -25.51
N ARG A 264 -12.28 23.62 -25.48
CA ARG A 264 -12.65 24.76 -26.34
CA ARG A 264 -12.56 24.73 -26.38
C ARG A 264 -13.33 24.31 -27.63
C ARG A 264 -13.36 24.28 -27.59
N MET A 265 -13.07 23.07 -28.08
CA MET A 265 -13.76 22.55 -29.25
C MET A 265 -15.20 22.26 -28.87
N ILE A 266 -15.36 21.63 -27.71
CA ILE A 266 -16.67 21.23 -27.22
C ILE A 266 -17.55 22.46 -27.00
N GLU A 267 -16.98 23.51 -26.39
CA GLU A 267 -17.71 24.74 -26.12
C GLU A 267 -18.27 25.34 -27.41
N LYS A 268 -17.50 25.26 -28.49
CA LYS A 268 -17.92 25.83 -29.76
C LYS A 268 -19.18 25.15 -30.28
N ILE A 269 -19.29 23.85 -30.00
CA ILE A 269 -20.46 23.09 -30.43
C ILE A 269 -21.63 23.44 -29.51
N ALA A 270 -21.35 23.56 -28.22
CA ALA A 270 -22.34 24.02 -27.25
C ALA A 270 -22.84 25.42 -27.60
N GLU A 271 -21.92 26.24 -28.10
CA GLU A 271 -22.24 27.59 -28.54
C GLU A 271 -23.23 27.58 -29.70
N LEU A 272 -22.94 26.77 -30.73
CA LEU A 272 -23.75 26.72 -31.93
C LEU A 272 -25.16 26.18 -31.68
N VAL A 273 -25.29 25.27 -30.71
CA VAL A 273 -26.60 24.73 -30.35
C VAL A 273 -27.40 25.80 -29.62
N ARG A 274 -26.72 26.53 -28.76
CA ARG A 274 -27.33 27.61 -27.99
C ARG A 274 -27.79 28.75 -28.91
N ASP A 275 -26.97 29.07 -29.89
CA ASP A 275 -27.29 30.13 -30.85
C ASP A 275 -28.10 29.60 -32.04
N LYS A 276 -28.58 28.37 -31.92
CA LYS A 276 -29.43 27.76 -32.94
C LYS A 276 -28.82 27.77 -34.35
N LYS A 277 -27.49 27.70 -34.44
CA LYS A 277 -26.82 27.60 -35.73
C LYS A 277 -26.56 26.14 -36.12
N ILE A 278 -27.12 25.22 -35.33
CA ILE A 278 -27.00 23.79 -35.63
C ILE A 278 -28.14 23.05 -34.93
N ASP A 279 -28.89 22.28 -35.71
CA ASP A 279 -30.12 21.63 -35.22
C ASP A 279 -29.97 20.11 -35.16
N GLY A 280 -30.58 19.51 -34.14
CA GLY A 280 -30.63 18.06 -34.02
C GLY A 280 -30.01 17.53 -32.74
N ILE A 281 -29.20 18.34 -32.09
CA ILE A 281 -28.36 17.87 -30.99
C ILE A 281 -29.05 18.00 -29.63
N THR A 282 -29.32 16.84 -29.02
CA THR A 282 -29.97 16.78 -27.72
C THR A 282 -28.98 17.08 -26.58
N ASP A 283 -28.04 16.17 -26.35
CA ASP A 283 -27.04 16.32 -25.30
C ASP A 283 -25.63 16.41 -25.89
N LEU A 284 -24.66 16.75 -25.03
CA LEU A 284 -23.27 16.86 -25.45
C LEU A 284 -22.35 16.61 -24.24
N ARG A 285 -21.61 15.50 -24.28
CA ARG A 285 -20.82 15.07 -23.12
C ARG A 285 -19.38 14.72 -23.49
N ASP A 286 -18.47 14.93 -22.53
CA ASP A 286 -17.06 14.57 -22.68
C ASP A 286 -16.69 13.43 -21.72
N GLU A 287 -16.76 12.19 -22.23
CA GLU A 287 -16.52 11.01 -21.41
C GLU A 287 -15.06 10.55 -21.51
N THR A 288 -14.14 11.53 -21.53
CA THR A 288 -12.72 11.22 -21.65
C THR A 288 -12.12 10.77 -20.32
N SER A 289 -11.77 9.49 -20.24
CA SER A 289 -11.05 8.94 -19.10
C SER A 289 -9.73 8.34 -19.60
N LEU A 290 -8.89 7.90 -18.67
CA LEU A 290 -7.56 7.41 -19.04
C LEU A 290 -7.65 6.12 -19.86
N ARG A 291 -8.46 5.17 -19.39
CA ARG A 291 -8.56 3.87 -20.05
C ARG A 291 -9.25 3.97 -21.41
N THR A 292 -10.30 4.79 -21.49
CA THR A 292 -11.05 4.96 -22.72
C THR A 292 -10.35 5.94 -23.67
N GLY A 293 -9.60 6.88 -23.12
CA GLY A 293 -8.96 7.90 -23.92
C GLY A 293 -9.95 9.00 -24.25
N VAL A 294 -9.76 9.68 -25.37
CA VAL A 294 -10.66 10.75 -25.76
C VAL A 294 -11.99 10.17 -26.22
N ARG A 295 -13.08 10.66 -25.62
CA ARG A 295 -14.42 10.28 -26.00
C ARG A 295 -15.38 11.44 -25.80
N VAL A 296 -15.87 12.01 -26.90
CA VAL A 296 -16.83 13.10 -26.87
C VAL A 296 -18.13 12.65 -27.53
N VAL A 297 -19.21 12.62 -26.75
CA VAL A 297 -20.47 12.08 -27.22
C VAL A 297 -21.48 13.19 -27.53
N ILE A 298 -22.08 13.09 -28.72
CA ILE A 298 -23.13 14.00 -29.16
C ILE A 298 -24.40 13.21 -29.42
N ASP A 299 -25.44 13.46 -28.60
CA ASP A 299 -26.72 12.81 -28.79
C ASP A 299 -27.53 13.56 -29.84
N VAL A 300 -28.14 12.80 -30.75
CA VAL A 300 -28.88 13.36 -31.88
C VAL A 300 -30.35 12.96 -31.80
N ARG A 301 -31.24 13.93 -31.90
CA ARG A 301 -32.68 13.69 -31.84
C ARG A 301 -33.11 12.77 -32.98
N LYS A 302 -34.10 11.92 -32.71
CA LYS A 302 -34.74 11.16 -33.78
C LYS A 302 -35.29 12.14 -34.82
N ASP A 303 -35.38 11.69 -36.06
CA ASP A 303 -35.80 12.55 -37.17
C ASP A 303 -34.75 13.61 -37.54
N ALA A 304 -33.60 13.57 -36.87
CA ALA A 304 -32.45 14.40 -37.23
C ALA A 304 -31.34 13.51 -37.72
N ASN A 305 -30.78 13.83 -38.89
CA ASN A 305 -29.75 13.00 -39.49
C ASN A 305 -28.38 13.35 -38.94
N ALA A 306 -27.74 12.36 -38.33
CA ALA A 306 -26.43 12.55 -37.69
C ALA A 306 -25.39 13.02 -38.70
N SER A 307 -25.45 12.48 -39.92
CA SER A 307 -24.44 12.77 -40.93
C SER A 307 -24.45 14.24 -41.35
N VAL A 308 -25.63 14.84 -41.40
CA VAL A 308 -25.74 16.25 -41.79
C VAL A 308 -25.17 17.11 -40.66
N ILE A 309 -25.44 16.71 -39.43
CA ILE A 309 -24.91 17.39 -38.26
C ILE A 309 -23.40 17.23 -38.20
N LEU A 310 -22.91 16.02 -38.44
CA LEU A 310 -21.48 15.71 -38.34
C LEU A 310 -20.66 16.49 -39.37
N ASN A 311 -21.10 16.49 -40.63
CA ASN A 311 -20.43 17.26 -41.66
C ASN A 311 -20.44 18.75 -41.35
N ASN A 312 -21.57 19.23 -40.84
CA ASN A 312 -21.70 20.65 -40.52
C ASN A 312 -20.85 21.02 -39.31
N LEU A 313 -20.56 20.05 -38.47
CA LEU A 313 -19.64 20.26 -37.35
C LEU A 313 -18.21 20.39 -37.86
N TYR A 314 -17.88 19.64 -38.91
CA TYR A 314 -16.56 19.74 -39.51
C TYR A 314 -16.31 21.15 -40.02
N LYS A 315 -17.28 21.69 -40.76
CA LYS A 315 -17.12 22.99 -41.40
C LYS A 315 -17.15 24.14 -40.39
N GLN A 316 -17.77 23.92 -39.23
CA GLN A 316 -18.11 25.01 -38.31
C GLN A 316 -17.31 25.05 -36.99
N THR A 317 -16.82 23.89 -36.53
CA THR A 317 -16.00 23.83 -35.31
C THR A 317 -14.59 23.35 -35.61
N PRO A 318 -13.67 23.46 -34.64
CA PRO A 318 -12.32 22.94 -34.88
C PRO A 318 -12.26 21.41 -34.90
N LEU A 319 -13.41 20.76 -35.11
CA LEU A 319 -13.45 19.32 -35.25
C LEU A 319 -12.71 18.90 -36.52
N GLN A 320 -12.65 19.83 -37.48
CA GLN A 320 -11.74 19.72 -38.61
C GLN A 320 -10.91 20.99 -38.69
N THR A 321 -9.59 20.84 -38.73
CA THR A 321 -8.66 21.97 -38.76
C THR A 321 -7.59 21.74 -39.82
N SER A 322 -7.05 22.83 -40.35
CA SER A 322 -5.91 22.77 -41.25
C SER A 322 -4.59 22.93 -40.51
N PHE A 323 -3.58 22.23 -40.98
CA PHE A 323 -2.21 22.40 -40.48
C PHE A 323 -1.38 23.09 -41.56
N GLY A 324 -1.06 24.36 -41.33
CA GLY A 324 -0.33 25.15 -42.31
C GLY A 324 1.16 24.95 -42.19
N VAL A 325 1.68 23.98 -42.94
CA VAL A 325 3.11 23.67 -42.94
C VAL A 325 3.94 24.88 -43.34
N ASN A 326 5.08 25.04 -42.67
CA ASN A 326 6.07 26.04 -43.05
C ASN A 326 7.45 25.64 -42.54
N MET A 327 8.04 24.64 -43.18
CA MET A 327 9.28 24.02 -42.70
C MET A 327 10.48 24.96 -42.76
N ILE A 328 10.71 25.70 -41.69
CA ILE A 328 11.86 26.58 -41.57
C ILE A 328 12.74 26.16 -40.39
N ALA A 329 13.98 25.75 -40.70
CA ALA A 329 14.94 25.31 -39.69
C ALA A 329 16.23 26.12 -39.79
N LEU A 330 17.00 26.13 -38.71
CA LEU A 330 18.33 26.73 -38.73
C LEU A 330 19.33 25.81 -39.43
N VAL A 331 19.84 26.30 -40.55
CA VAL A 331 20.80 25.60 -41.39
C VAL A 331 22.08 26.44 -41.47
N ASN A 332 23.21 25.84 -41.11
CA ASN A 332 24.47 26.57 -40.91
C ASN A 332 24.25 27.93 -40.23
N GLY A 333 23.55 27.91 -39.09
CA GLY A 333 23.37 29.10 -38.28
C GLY A 333 22.46 30.16 -38.88
N ARG A 334 21.85 29.86 -40.02
CA ARG A 334 20.94 30.80 -40.68
C ARG A 334 19.58 30.14 -40.86
N PRO A 335 18.51 30.95 -40.85
CA PRO A 335 17.17 30.37 -41.04
C PRO A 335 16.96 29.98 -42.49
N LYS A 336 16.26 28.88 -42.76
CA LYS A 336 16.08 28.41 -44.12
C LYS A 336 14.78 27.61 -44.32
N LEU A 337 14.09 27.89 -45.42
CA LEU A 337 12.89 27.15 -45.80
C LEU A 337 13.28 25.89 -46.58
N ILE A 338 13.09 24.73 -45.96
CA ILE A 338 13.63 23.48 -46.48
C ILE A 338 12.56 22.45 -46.79
N ASN A 339 12.71 21.76 -47.92
CA ASN A 339 11.77 20.71 -48.33
C ASN A 339 12.18 19.38 -47.71
N LEU A 340 11.31 18.38 -47.80
CA LEU A 340 11.52 17.10 -47.10
C LEU A 340 12.91 16.50 -47.34
N LYS A 341 13.40 16.60 -48.58
CA LYS A 341 14.71 16.05 -48.91
C LYS A 341 15.83 16.85 -48.25
N GLU A 342 15.78 18.18 -48.36
CA GLU A 342 16.79 19.03 -47.71
C GLU A 342 16.84 18.73 -46.23
N ALA A 343 15.66 18.57 -45.62
CA ALA A 343 15.57 18.20 -44.23
C ALA A 343 16.39 16.95 -43.96
N LEU A 344 16.14 15.92 -44.77
CA LEU A 344 16.75 14.62 -44.58
C LEU A 344 18.25 14.61 -44.90
N VAL A 345 18.62 15.28 -45.99
CA VAL A 345 20.02 15.34 -46.41
C VAL A 345 20.89 16.00 -45.35
N HIS A 346 20.35 17.03 -44.69
CA HIS A 346 21.09 17.77 -43.68
C HIS A 346 21.29 16.94 -42.42
N TYR A 347 20.30 16.11 -42.13
CA TYR A 347 20.37 15.24 -40.98
C TYR A 347 21.39 14.13 -41.17
N LEU A 348 21.30 13.43 -42.29
CA LEU A 348 22.25 12.38 -42.63
C LEU A 348 23.67 12.92 -42.63
N GLU A 349 23.85 14.13 -43.15
CA GLU A 349 25.16 14.78 -43.14
C GLU A 349 25.63 14.97 -41.71
N HIS A 350 24.75 15.48 -40.86
CA HIS A 350 25.02 15.59 -39.43
C HIS A 350 25.42 14.24 -38.85
N GLN A 351 24.69 13.18 -39.22
CA GLN A 351 24.97 11.84 -38.71
C GLN A 351 26.32 11.29 -39.18
N LYS A 352 26.59 11.41 -40.47
CA LYS A 352 27.89 11.00 -41.01
C LYS A 352 29.00 11.67 -40.22
N THR A 353 28.92 13.00 -40.10
CA THR A 353 29.94 13.76 -39.40
C THR A 353 30.06 13.37 -37.93
N VAL A 354 28.95 12.97 -37.32
CA VAL A 354 28.98 12.60 -35.90
C VAL A 354 29.63 11.23 -35.73
N VAL A 355 29.38 10.32 -36.66
CA VAL A 355 29.98 9.00 -36.58
C VAL A 355 31.47 9.07 -36.91
N ARG A 356 31.84 9.90 -37.89
CA ARG A 356 33.24 9.99 -38.29
C ARG A 356 34.05 10.59 -37.15
N ARG A 357 33.54 11.64 -36.50
CA ARG A 357 34.27 12.25 -35.39
C ARG A 357 34.33 11.31 -34.19
N ARG A 358 33.29 10.50 -34.01
CA ARG A 358 33.31 9.47 -32.97
C ARG A 358 34.46 8.51 -33.21
N THR A 359 34.48 7.96 -34.42
CA THR A 359 35.51 7.01 -34.83
C THR A 359 36.91 7.58 -34.66
N GLN A 360 37.08 8.84 -35.04
CA GLN A 360 38.37 9.52 -34.94
C GLN A 360 38.81 9.62 -33.49
N TYR A 361 37.86 9.95 -32.61
CA TYR A 361 38.13 10.06 -31.18
C TYR A 361 38.49 8.70 -30.59
N ASN A 362 37.82 7.65 -31.05
CA ASN A 362 38.08 6.31 -30.53
C ASN A 362 39.42 5.81 -31.01
N LEU A 363 39.81 6.22 -32.22
CA LEU A 363 41.11 5.86 -32.74
C LEU A 363 42.24 6.52 -31.96
N ARG A 364 42.13 7.83 -31.73
CA ARG A 364 43.14 8.56 -30.98
C ARG A 364 43.40 7.91 -29.62
N LYS A 365 42.32 7.66 -28.87
CA LYS A 365 42.44 7.03 -27.57
C LYS A 365 43.00 5.62 -27.69
N ALA A 366 42.56 4.91 -28.72
CA ALA A 366 43.02 3.54 -28.96
C ALA A 366 44.50 3.50 -29.30
N LYS A 367 44.92 4.32 -30.27
CA LYS A 367 46.34 4.45 -30.61
C LYS A 367 47.15 4.86 -29.39
N ASP A 368 46.57 5.74 -28.59
CA ASP A 368 47.22 6.22 -27.37
C ASP A 368 47.43 5.09 -26.37
N ARG A 369 46.39 4.28 -26.19
CA ARG A 369 46.42 3.20 -25.21
C ARG A 369 47.45 2.13 -25.59
N ALA A 370 47.45 1.72 -26.86
CA ALA A 370 48.36 0.68 -27.32
C ALA A 370 49.81 1.10 -27.17
N HIS A 371 50.05 2.40 -27.24
CA HIS A 371 51.39 2.96 -27.02
C HIS A 371 51.82 2.67 -25.58
N ILE A 372 50.96 3.02 -24.64
CA ILE A 372 51.18 2.73 -23.24
C ILE A 372 51.42 1.24 -23.04
N LEU A 373 50.54 0.41 -23.59
CA LEU A 373 50.67 -1.03 -23.47
C LEU A 373 52.03 -1.52 -23.98
N GLU A 374 52.48 -0.96 -25.09
CA GLU A 374 53.77 -1.33 -25.67
C GLU A 374 54.89 -1.08 -24.66
N GLY A 375 54.91 0.10 -24.06
CA GLY A 375 55.90 0.42 -23.05
C GLY A 375 55.81 -0.51 -21.84
N LEU A 376 54.59 -0.89 -21.50
CA LEU A 376 54.36 -1.78 -20.37
C LEU A 376 54.81 -3.19 -20.70
N ARG A 377 54.70 -3.59 -21.96
CA ARG A 377 55.19 -4.90 -22.35
C ARG A 377 56.72 -4.91 -22.29
N ILE A 378 57.32 -3.83 -22.77
CA ILE A 378 58.76 -3.66 -22.74
C ILE A 378 59.27 -3.77 -21.31
N ALA A 379 58.55 -3.14 -20.38
CA ALA A 379 58.95 -3.14 -18.98
C ALA A 379 58.90 -4.55 -18.39
N LEU A 380 57.77 -5.23 -18.59
CA LEU A 380 57.57 -6.54 -17.98
C LEU A 380 58.48 -7.61 -18.62
N ASP A 381 59.01 -7.31 -19.81
CA ASP A 381 59.96 -8.21 -20.44
C ASP A 381 61.36 -8.04 -19.83
N HIS A 382 61.61 -6.86 -19.28
CA HIS A 382 62.91 -6.52 -18.69
C HIS A 382 62.77 -5.97 -17.27
N ILE A 383 62.04 -6.70 -16.43
CA ILE A 383 61.54 -6.17 -15.16
C ILE A 383 62.67 -5.80 -14.20
N ASP A 384 63.61 -6.73 -13.98
CA ASP A 384 64.65 -6.52 -12.98
C ASP A 384 65.53 -5.33 -13.36
N GLU A 385 65.86 -5.22 -14.65
CA GLU A 385 66.60 -4.06 -15.16
C GLU A 385 65.82 -2.76 -14.89
N ILE A 386 64.50 -2.80 -15.03
CA ILE A 386 63.65 -1.62 -14.81
C ILE A 386 63.70 -1.19 -13.36
N ILE A 387 63.29 -2.11 -12.47
CA ILE A 387 63.30 -1.86 -11.03
C ILE A 387 64.63 -1.26 -10.62
N SER A 388 65.69 -1.94 -11.02
CA SER A 388 67.06 -1.48 -10.83
C SER A 388 67.20 -0.01 -11.23
N THR A 389 66.61 0.35 -12.37
CA THR A 389 66.80 1.69 -12.94
C THR A 389 66.09 2.77 -12.11
N ILE A 390 64.95 2.41 -11.54
CA ILE A 390 64.15 3.34 -10.74
C ILE A 390 64.70 3.52 -9.33
N ARG A 391 65.15 2.42 -8.72
CA ARG A 391 65.75 2.48 -7.39
C ARG A 391 67.06 3.27 -7.39
N GLU A 392 67.86 3.07 -8.44
CA GLU A 392 69.09 3.83 -8.62
C GLU A 392 68.79 5.33 -8.60
N SER A 393 67.60 5.69 -9.06
CA SER A 393 67.24 7.09 -9.27
C SER A 393 66.94 7.83 -7.97
N ASP A 394 67.49 9.04 -7.86
CA ASP A 394 67.25 9.90 -6.71
C ASP A 394 65.81 10.42 -6.68
N THR A 395 65.34 10.93 -7.81
CA THR A 395 64.00 11.47 -7.94
C THR A 395 63.23 10.73 -9.03
N ASP A 396 61.98 11.14 -9.27
CA ASP A 396 61.18 10.56 -10.34
C ASP A 396 61.52 11.24 -11.67
N LYS A 397 61.97 12.48 -11.59
CA LYS A 397 62.37 13.22 -12.78
C LYS A 397 63.55 12.55 -13.50
N VAL A 398 64.54 12.12 -12.74
CA VAL A 398 65.71 11.47 -13.32
C VAL A 398 65.39 10.02 -13.66
N ALA A 399 64.36 9.48 -13.02
CA ALA A 399 63.99 8.08 -13.23
C ALA A 399 63.43 7.94 -14.64
N MET A 400 62.72 8.98 -15.06
CA MET A 400 62.17 9.03 -16.40
C MET A 400 63.28 9.14 -17.46
N GLU A 401 64.20 10.09 -17.27
CA GLU A 401 65.36 10.22 -18.16
C GLU A 401 66.10 8.89 -18.28
N SER A 402 66.33 8.23 -17.14
CA SER A 402 67.13 7.01 -17.11
C SER A 402 66.39 5.84 -17.75
N LEU A 403 65.07 5.88 -17.75
CA LEU A 403 64.26 4.84 -18.35
C LEU A 403 64.07 5.10 -19.84
N GLN A 404 63.81 6.36 -20.19
CA GLN A 404 63.66 6.74 -21.60
C GLN A 404 64.95 6.45 -22.35
N GLN A 405 66.07 6.83 -21.74
CA GLN A 405 67.38 6.69 -22.36
C GLN A 405 67.79 5.24 -22.53
N ARG A 406 67.44 4.40 -21.56
CA ARG A 406 67.96 3.04 -21.48
C ARG A 406 67.14 2.00 -22.25
N PHE A 407 65.82 2.18 -22.31
CA PHE A 407 64.93 1.20 -22.93
C PHE A 407 64.25 1.73 -24.19
N LYS A 408 64.50 2.98 -24.54
CA LYS A 408 63.92 3.59 -25.73
C LYS A 408 62.41 3.73 -25.57
N LEU A 409 62.00 4.51 -24.57
CA LEU A 409 60.59 4.73 -24.26
C LEU A 409 60.26 6.22 -24.30
N SER A 410 59.08 6.55 -24.79
CA SER A 410 58.59 7.93 -24.75
C SER A 410 58.40 8.42 -23.31
N GLU A 411 58.30 9.73 -23.15
CA GLU A 411 57.94 10.34 -21.88
C GLU A 411 56.68 9.71 -21.34
N LYS A 412 55.72 9.51 -22.23
CA LYS A 412 54.45 8.87 -21.89
C LYS A 412 54.69 7.48 -21.29
N GLN A 413 55.46 6.67 -21.99
CA GLN A 413 55.69 5.28 -21.59
C GLN A 413 56.45 5.15 -20.26
N ALA A 414 57.36 6.07 -19.99
CA ALA A 414 58.09 6.04 -18.73
C ALA A 414 57.19 6.46 -17.57
N GLN A 415 56.21 7.33 -17.86
CA GLN A 415 55.25 7.73 -16.85
C GLN A 415 54.31 6.58 -16.51
N ALA A 416 53.92 5.81 -17.52
CA ALA A 416 53.01 4.68 -17.29
C ALA A 416 53.70 3.61 -16.45
N ILE A 417 54.99 3.44 -16.69
CA ILE A 417 55.78 2.45 -15.97
C ILE A 417 56.01 2.91 -14.53
N LEU A 418 56.29 4.20 -14.34
CA LEU A 418 56.45 4.74 -12.99
C LEU A 418 55.10 4.82 -12.25
N ASP A 419 54.00 4.64 -12.97
CA ASP A 419 52.67 4.71 -12.39
C ASP A 419 52.03 3.32 -12.33
N MET A 420 52.83 2.29 -12.58
CA MET A 420 52.37 0.91 -12.52
C MET A 420 52.44 0.39 -11.10
N ARG A 421 51.58 -0.57 -10.77
CA ARG A 421 51.54 -1.12 -9.41
C ARG A 421 52.18 -2.50 -9.38
N LEU A 422 52.71 -2.88 -8.22
CA LEU A 422 53.40 -4.15 -8.08
C LEU A 422 52.49 -5.34 -8.39
N ARG A 423 51.18 -5.18 -8.23
CA ARG A 423 50.26 -6.27 -8.53
C ARG A 423 50.15 -6.54 -10.03
N ARG A 424 50.80 -5.71 -10.85
CA ARG A 424 50.82 -5.94 -12.30
C ARG A 424 51.91 -6.94 -12.67
N LEU A 425 52.62 -7.47 -11.68
CA LEU A 425 53.76 -8.35 -11.91
C LEU A 425 53.39 -9.84 -11.77
N THR A 426 52.18 -10.13 -11.32
CA THR A 426 51.70 -11.51 -11.27
C THR A 426 51.65 -12.13 -12.67
N GLY A 427 51.56 -13.45 -12.73
CA GLY A 427 51.57 -14.18 -14.00
C GLY A 427 50.30 -14.00 -14.82
N LEU A 428 49.15 -14.02 -14.16
CA LEU A 428 47.86 -13.82 -14.83
C LEU A 428 47.80 -12.43 -15.44
N GLU A 429 48.27 -11.44 -14.69
CA GLU A 429 48.24 -10.04 -15.14
C GLU A 429 49.08 -9.78 -16.40
N ARG A 430 50.21 -10.48 -16.56
CA ARG A 430 50.98 -10.34 -17.80
C ARG A 430 50.12 -10.77 -18.97
N ASP A 431 49.37 -11.84 -18.78
CA ASP A 431 48.52 -12.37 -19.85
C ASP A 431 47.45 -11.35 -20.25
N LYS A 432 46.91 -10.64 -19.25
CA LYS A 432 45.84 -9.68 -19.51
C LYS A 432 46.31 -8.54 -20.40
N ILE A 433 47.55 -8.09 -20.18
CA ILE A 433 48.13 -7.00 -20.95
C ILE A 433 48.38 -7.45 -22.38
N GLU A 434 48.73 -8.72 -22.55
CA GLU A 434 48.99 -9.25 -23.87
C GLU A 434 47.67 -9.38 -24.63
N ALA A 435 46.66 -9.89 -23.93
CA ALA A 435 45.29 -9.93 -24.44
C ALA A 435 44.81 -8.54 -24.85
N GLU A 436 44.72 -7.64 -23.89
CA GLU A 436 44.20 -6.29 -24.13
C GLU A 436 44.89 -5.65 -25.33
N TYR A 437 46.19 -5.89 -25.49
CA TYR A 437 46.94 -5.30 -26.59
C TYR A 437 46.58 -5.92 -27.93
N ASN A 438 46.18 -7.19 -27.91
CA ASN A 438 45.88 -7.93 -29.13
C ASN A 438 44.54 -7.52 -29.72
N GLU A 439 43.50 -7.53 -28.89
CA GLU A 439 42.19 -7.05 -29.31
C GLU A 439 42.29 -5.61 -29.81
N LEU A 440 43.08 -4.82 -29.09
CA LEU A 440 43.20 -3.39 -29.38
C LEU A 440 43.85 -3.15 -30.74
N LEU A 441 44.75 -4.03 -31.16
CA LEU A 441 45.36 -3.89 -32.48
C LEU A 441 44.32 -4.17 -33.55
N ASN A 442 43.45 -5.12 -33.24
CA ASN A 442 42.37 -5.51 -34.11
C ASN A 442 41.29 -4.43 -34.19
N TYR A 443 41.12 -3.68 -33.09
CA TYR A 443 40.11 -2.63 -33.01
C TYR A 443 40.56 -1.38 -33.78
N ILE A 444 41.85 -1.09 -33.73
CA ILE A 444 42.40 0.08 -34.43
C ILE A 444 42.18 -0.12 -35.93
N SER A 445 42.48 -1.32 -36.42
CA SER A 445 42.31 -1.64 -37.83
C SER A 445 40.86 -1.46 -38.28
N GLU A 446 39.92 -1.99 -37.49
CA GLU A 446 38.49 -1.82 -37.76
C GLU A 446 38.16 -0.34 -37.96
N LEU A 447 38.67 0.49 -37.06
CA LEU A 447 38.42 1.93 -37.10
C LEU A 447 39.08 2.58 -38.31
N GLU A 448 40.29 2.12 -38.65
CA GLU A 448 41.07 2.71 -39.73
C GLU A 448 40.47 2.33 -41.09
N THR A 449 39.75 1.21 -41.12
CA THR A 449 38.97 0.82 -42.28
C THR A 449 37.84 1.80 -42.52
N ILE A 450 37.14 2.11 -41.44
CA ILE A 450 35.94 2.94 -41.48
C ILE A 450 36.25 4.36 -41.97
N LEU A 451 37.39 4.90 -41.55
CA LEU A 451 37.74 6.28 -41.85
C LEU A 451 38.29 6.49 -43.26
N ALA A 452 38.82 5.43 -43.87
CA ALA A 452 39.46 5.53 -45.18
C ALA A 452 38.45 5.41 -46.31
N ASP A 453 37.39 4.64 -46.06
CA ASP A 453 36.39 4.36 -47.08
C ASP A 453 35.04 4.95 -46.67
N GLU A 454 34.47 5.78 -47.54
CA GLU A 454 33.22 6.47 -47.24
C GLU A 454 32.07 5.51 -47.00
N GLU A 455 32.13 4.35 -47.63
CA GLU A 455 30.98 3.43 -47.67
C GLU A 455 30.85 2.59 -46.40
N VAL A 456 31.96 2.25 -45.74
CA VAL A 456 31.88 1.51 -44.48
C VAL A 456 31.24 2.39 -43.45
N LEU A 457 31.74 3.62 -43.37
CA LEU A 457 31.13 4.61 -42.49
C LEU A 457 29.68 4.77 -42.85
N LEU A 458 29.39 4.89 -44.14
CA LEU A 458 28.01 5.03 -44.57
C LEU A 458 27.18 3.86 -44.08
N GLN A 459 27.71 2.65 -44.21
CA GLN A 459 26.97 1.47 -43.78
C GLN A 459 26.79 1.48 -42.26
N LEU A 460 27.86 1.82 -41.54
CA LEU A 460 27.78 1.88 -40.08
C LEU A 460 26.68 2.84 -39.65
N VAL A 461 26.56 3.97 -40.35
CA VAL A 461 25.49 4.91 -40.09
C VAL A 461 24.14 4.21 -40.30
N ARG A 462 23.99 3.60 -41.47
CA ARG A 462 22.79 2.81 -41.77
C ARG A 462 22.50 1.79 -40.69
N ASP A 463 23.53 1.03 -40.31
CA ASP A 463 23.36 -0.06 -39.36
C ASP A 463 22.85 0.45 -38.02
N GLU A 464 23.40 1.56 -37.56
CA GLU A 464 23.00 2.13 -36.27
C GLU A 464 21.64 2.80 -36.36
N LEU A 465 21.30 3.36 -37.52
CA LEU A 465 19.98 3.94 -37.71
C LEU A 465 18.91 2.86 -37.66
N THR A 466 19.27 1.67 -38.13
CA THR A 466 18.32 0.56 -38.19
C THR A 466 18.08 -0.01 -36.80
N GLU A 467 19.02 0.22 -35.89
CA GLU A 467 18.88 -0.22 -34.50
C GLU A 467 17.88 0.66 -33.77
N ILE A 468 17.90 1.95 -34.10
CA ILE A 468 16.93 2.88 -33.55
C ILE A 468 15.54 2.54 -34.06
N ARG A 469 15.46 2.27 -35.37
CA ARG A 469 14.20 1.94 -36.02
C ARG A 469 13.47 0.78 -35.35
N ASP A 470 14.21 -0.28 -35.01
CA ASP A 470 13.59 -1.47 -34.44
C ASP A 470 13.19 -1.23 -32.98
N ARG A 471 14.15 -0.83 -32.16
CA ARG A 471 13.92 -0.66 -30.73
C ARG A 471 12.81 0.37 -30.43
N PHE A 472 12.76 1.45 -31.21
CA PHE A 472 11.87 2.57 -30.91
C PHE A 472 10.76 2.80 -31.94
N GLY A 473 10.86 2.17 -33.11
CA GLY A 473 9.84 2.32 -34.13
C GLY A 473 8.48 1.79 -33.72
N ASP A 474 7.42 2.46 -34.16
CA ASP A 474 6.04 2.12 -33.77
C ASP A 474 5.05 2.29 -34.93
N ASP A 475 3.83 1.77 -34.75
CA ASP A 475 2.80 1.82 -35.78
C ASP A 475 2.33 3.25 -36.02
N ARG A 476 1.88 3.52 -37.23
CA ARG A 476 1.29 4.82 -37.58
C ARG A 476 -0.01 5.08 -36.82
N ARG A 477 -0.16 6.31 -36.34
CA ARG A 477 -1.36 6.71 -35.61
C ARG A 477 -2.38 7.43 -36.52
N THR A 478 -1.90 8.39 -37.32
CA THR A 478 -2.78 9.24 -38.13
C THR A 478 -3.13 8.61 -39.46
N GLU A 479 -4.41 8.27 -39.65
CA GLU A 479 -4.89 7.74 -40.92
C GLU A 479 -4.90 8.83 -42.00
N ILE A 480 -4.37 8.50 -43.17
CA ILE A 480 -4.36 9.41 -44.31
C ILE A 480 -5.38 8.96 -45.36
N GLN A 481 -6.45 9.73 -45.53
CA GLN A 481 -7.53 9.37 -46.45
C GLN A 481 -7.35 10.01 -47.81
N LEU A 482 -7.89 9.34 -48.84
CA LEU A 482 -7.88 9.84 -50.20
C LEU A 482 -9.29 9.85 -50.79
N LYS B 1 1.35 53.11 -9.72
CA LYS B 1 2.51 52.36 -10.18
C LYS B 1 3.76 53.23 -10.19
N LEU B 2 3.60 54.47 -10.64
CA LEU B 2 4.69 55.43 -10.68
C LEU B 2 5.00 55.95 -9.29
N ALA B 3 6.28 56.12 -9.00
CA ALA B 3 6.76 56.77 -7.79
C ALA B 3 7.38 58.11 -8.15
N ASP B 4 6.68 59.19 -7.83
CA ASP B 4 7.07 60.53 -8.26
C ASP B 4 8.11 61.13 -7.34
N CYS B 5 8.73 62.22 -7.81
CA CYS B 5 9.70 62.97 -7.03
C CYS B 5 9.00 64.07 -6.22
N SER B 6 9.69 64.64 -5.24
CA SER B 6 9.10 65.65 -4.38
C SER B 6 9.01 67.01 -5.07
N SER B 7 9.97 67.29 -5.95
CA SER B 7 10.03 68.56 -6.65
C SER B 7 8.89 68.72 -7.65
N LYS B 8 8.39 69.95 -7.78
CA LYS B 8 7.41 70.31 -8.80
C LYS B 8 7.99 71.36 -9.74
N SER B 9 9.28 71.25 -10.01
CA SER B 9 9.97 72.12 -10.97
C SER B 9 10.52 71.29 -12.15
N PRO B 10 9.77 71.25 -13.28
CA PRO B 10 10.08 70.38 -14.43
C PRO B 10 11.52 70.42 -14.96
N GLU B 11 12.12 71.61 -15.03
CA GLU B 11 13.45 71.77 -15.63
C GLU B 11 14.54 70.94 -14.94
N GLU B 12 14.39 70.67 -13.65
CA GLU B 12 15.38 69.90 -12.90
C GLU B 12 14.94 68.45 -12.66
N CYS B 13 13.68 68.15 -12.99
CA CYS B 13 13.13 66.83 -12.77
C CYS B 13 13.39 65.89 -13.95
N GLU B 14 13.47 64.60 -13.64
CA GLU B 14 13.65 63.56 -14.65
C GLU B 14 12.95 62.26 -14.23
N ILE B 15 12.35 61.59 -15.21
CA ILE B 15 11.63 60.34 -14.98
C ILE B 15 12.39 59.20 -15.66
N PHE B 16 12.48 58.05 -14.98
CA PHE B 16 13.14 56.87 -15.52
C PHE B 16 12.11 55.78 -15.84
N LEU B 17 12.16 55.29 -17.07
CA LEU B 17 11.25 54.25 -17.54
C LEU B 17 11.95 52.90 -17.46
N VAL B 18 11.80 52.23 -16.32
CA VAL B 18 12.64 51.10 -15.97
C VAL B 18 12.00 49.75 -16.33
N GLU B 19 12.83 48.79 -16.73
CA GLU B 19 12.38 47.47 -17.15
C GLU B 19 12.21 46.51 -15.98
N GLY B 20 11.03 45.91 -15.87
CA GLY B 20 10.77 44.91 -14.86
C GLY B 20 10.60 45.52 -13.50
N ASP B 21 9.86 44.82 -12.64
CA ASP B 21 9.50 45.35 -11.32
C ASP B 21 10.64 45.31 -10.30
N SER B 22 11.49 44.30 -10.40
CA SER B 22 12.58 44.12 -9.44
C SER B 22 13.61 45.24 -9.54
N ALA B 23 13.91 45.66 -10.76
CA ALA B 23 14.80 46.78 -10.98
C ALA B 23 14.10 48.07 -10.61
N GLY B 24 12.79 48.10 -10.87
CA GLY B 24 11.97 49.26 -10.56
C GLY B 24 11.89 49.50 -9.06
N GLY B 25 12.08 48.44 -8.29
CA GLY B 25 12.12 48.55 -6.84
C GLY B 25 13.43 49.13 -6.35
N SER B 26 14.54 48.59 -6.87
CA SER B 26 15.85 49.03 -6.46
C SER B 26 16.16 50.44 -6.97
N THR B 27 15.73 50.77 -8.19
CA THR B 27 15.87 52.13 -8.70
C THR B 27 15.08 53.09 -7.80
N LYS B 28 14.02 52.60 -7.17
CA LYS B 28 13.17 53.44 -6.33
C LYS B 28 13.84 53.76 -4.99
N SER B 29 14.81 52.94 -4.62
CA SER B 29 15.54 53.13 -3.36
C SER B 29 16.85 53.88 -3.58
N GLY B 30 17.49 53.62 -4.73
CA GLY B 30 18.77 54.21 -5.03
C GLY B 30 18.67 55.62 -5.60
N ARG B 31 17.50 55.94 -6.15
CA ARG B 31 17.29 57.21 -6.82
C ARG B 31 17.49 58.43 -5.93
N ASP B 32 17.48 59.60 -6.55
CA ASP B 32 17.49 60.88 -5.84
C ASP B 32 16.05 61.38 -5.75
N SER B 33 15.38 61.00 -4.66
CA SER B 33 13.93 61.18 -4.52
C SER B 33 13.45 62.63 -4.73
N ARG B 34 14.39 63.57 -4.75
CA ARG B 34 14.05 64.98 -4.99
C ARG B 34 13.80 65.28 -6.48
N THR B 35 14.65 64.73 -7.35
CA THR B 35 14.58 65.04 -8.78
C THR B 35 14.11 63.86 -9.66
N GLN B 36 14.41 62.64 -9.24
CA GLN B 36 14.24 61.47 -10.11
C GLN B 36 12.97 60.64 -9.82
N ALA B 37 12.12 60.48 -10.83
CA ALA B 37 10.90 59.67 -10.71
C ALA B 37 11.04 58.33 -11.46
N ILE B 38 10.49 57.26 -10.87
CA ILE B 38 10.54 55.92 -11.46
C ILE B 38 9.17 55.45 -11.93
N LEU B 39 9.06 55.18 -13.24
CA LEU B 39 7.88 54.50 -13.79
C LEU B 39 8.28 53.13 -14.32
N PRO B 40 8.01 52.07 -13.53
CA PRO B 40 8.37 50.72 -13.96
C PRO B 40 7.64 50.25 -15.22
N LEU B 41 8.28 49.37 -15.99
CA LEU B 41 7.67 48.75 -17.16
C LEU B 41 7.68 47.24 -17.03
N ARG B 42 6.55 46.66 -16.67
CA ARG B 42 6.47 45.23 -16.40
C ARG B 42 6.45 44.39 -17.70
N GLY B 43 7.39 44.67 -18.60
CA GLY B 43 7.68 43.75 -19.69
C GLY B 43 7.67 44.36 -21.07
N LYS B 44 7.04 43.65 -22.00
CA LYS B 44 6.96 44.07 -23.39
C LYS B 44 5.77 45.00 -23.60
N ILE B 45 6.07 46.27 -23.83
CA ILE B 45 5.09 47.28 -24.14
C ILE B 45 4.39 47.02 -25.48
N LEU B 46 3.14 47.48 -25.56
CA LEU B 46 2.37 47.52 -26.80
C LEU B 46 3.15 48.15 -27.96
N ASN B 47 3.12 47.50 -29.12
CA ASN B 47 3.62 48.14 -30.33
C ASN B 47 2.48 48.92 -30.96
N VAL B 48 2.54 50.25 -30.83
CA VAL B 48 1.46 51.12 -31.30
C VAL B 48 1.40 51.22 -32.82
N GLU B 49 2.44 50.77 -33.50
CA GLU B 49 2.46 50.82 -34.97
C GLU B 49 1.54 49.73 -35.53
N LYS B 50 1.24 48.73 -34.71
CA LYS B 50 0.36 47.63 -35.12
C LYS B 50 -1.03 47.72 -34.48
N ALA B 51 -1.20 48.63 -33.53
CA ALA B 51 -2.49 48.80 -32.85
C ALA B 51 -3.27 50.00 -33.38
N ARG B 52 -4.59 49.86 -33.39
CA ARG B 52 -5.50 50.95 -33.66
C ARG B 52 -5.60 51.84 -32.42
N LEU B 53 -6.00 53.10 -32.62
CA LEU B 53 -5.99 54.09 -31.54
C LEU B 53 -6.86 53.72 -30.34
N ASP B 54 -7.94 52.97 -30.56
CA ASP B 54 -8.82 52.60 -29.44
C ASP B 54 -8.13 51.58 -28.53
N ARG B 55 -7.23 50.78 -29.12
CA ARG B 55 -6.52 49.77 -28.36
C ARG B 55 -5.29 50.39 -27.70
N ILE B 56 -4.70 51.38 -28.37
CA ILE B 56 -3.58 52.12 -27.82
C ILE B 56 -4.01 52.91 -26.58
N LEU B 57 -5.12 53.63 -26.70
CA LEU B 57 -5.53 54.57 -25.66
C LEU B 57 -6.14 53.89 -24.45
N ASN B 58 -6.58 52.64 -24.63
CA ASN B 58 -7.09 51.85 -23.51
C ASN B 58 -5.97 51.04 -22.84
N ASN B 59 -4.77 51.10 -23.40
CA ASN B 59 -3.65 50.31 -22.89
C ASN B 59 -2.99 50.96 -21.67
N ASN B 60 -3.13 50.28 -20.54
CA ASN B 60 -2.67 50.74 -19.23
C ASN B 60 -1.24 51.30 -19.20
N GLU B 61 -0.29 50.56 -19.78
CA GLU B 61 1.12 50.97 -19.80
C GLU B 61 1.26 52.27 -20.54
N ILE B 62 0.50 52.39 -21.63
CA ILE B 62 0.53 53.58 -22.46
C ILE B 62 -0.21 54.69 -21.71
N ARG B 63 -1.31 54.34 -21.08
CA ARG B 63 -2.12 55.32 -20.35
C ARG B 63 -1.33 55.94 -19.20
N GLN B 64 -0.49 55.14 -18.56
CA GLN B 64 0.29 55.59 -17.40
C GLN B 64 1.41 56.55 -17.79
N MET B 65 1.99 56.32 -18.96
CA MET B 65 3.05 57.20 -19.44
C MET B 65 2.49 58.57 -19.79
N ILE B 66 1.36 58.61 -20.51
CA ILE B 66 0.73 59.87 -20.90
C ILE B 66 0.39 60.70 -19.65
N THR B 67 -0.22 60.07 -18.67
CA THR B 67 -0.56 60.76 -17.43
C THR B 67 0.70 61.28 -16.74
N ALA B 68 1.73 60.44 -16.73
CA ALA B 68 2.95 60.77 -16.00
C ALA B 68 3.73 61.89 -16.69
N PHE B 69 3.66 61.98 -18.01
CA PHE B 69 4.27 63.10 -18.73
C PHE B 69 3.35 64.31 -18.67
N GLY B 70 2.04 64.05 -18.63
CA GLY B 70 1.04 65.09 -18.53
C GLY B 70 1.07 66.13 -19.63
N THR B 71 1.44 65.72 -20.83
CA THR B 71 1.49 66.62 -21.99
C THR B 71 0.31 66.39 -22.93
N GLY B 72 -0.30 65.21 -22.86
CA GLY B 72 -1.32 64.82 -23.82
C GLY B 72 -0.64 64.41 -25.12
N ILE B 73 -1.40 63.84 -26.03
CA ILE B 73 -0.85 63.36 -27.31
C ILE B 73 -1.67 63.82 -28.50
N GLY B 74 -1.08 63.69 -29.68
CA GLY B 74 -1.73 64.10 -30.92
C GLY B 74 -1.62 65.59 -31.15
N GLY B 75 -2.72 66.21 -31.54
CA GLY B 75 -2.76 67.64 -31.76
C GLY B 75 -2.91 68.45 -30.49
N ASP B 76 -3.09 67.75 -29.36
CA ASP B 76 -3.23 68.39 -28.06
C ASP B 76 -1.93 68.32 -27.25
N PHE B 77 -0.80 68.22 -27.95
CA PHE B 77 0.50 68.02 -27.30
C PHE B 77 1.21 69.34 -27.01
N ASP B 78 1.35 69.67 -25.73
CA ASP B 78 2.01 70.89 -25.29
C ASP B 78 3.33 70.57 -24.57
N LEU B 79 4.42 71.17 -25.04
CA LEU B 79 5.73 70.94 -24.42
C LEU B 79 5.85 71.66 -23.07
N ALA B 80 4.94 72.62 -22.83
CA ALA B 80 5.00 73.42 -21.62
C ALA B 80 4.30 72.71 -20.45
N LYS B 81 3.48 71.72 -20.79
CA LYS B 81 2.75 70.96 -19.78
C LYS B 81 3.55 69.76 -19.30
N ALA B 82 4.79 69.63 -19.77
CA ALA B 82 5.64 68.50 -19.42
C ALA B 82 6.11 68.57 -17.97
N ARG B 83 6.10 67.43 -17.27
CA ARG B 83 6.46 67.39 -15.86
C ARG B 83 7.93 67.04 -15.64
N TYR B 84 8.58 66.53 -16.69
CA TYR B 84 9.99 66.16 -16.63
C TYR B 84 10.70 66.64 -17.89
N HIS B 85 11.90 67.20 -17.72
CA HIS B 85 12.70 67.67 -18.85
C HIS B 85 13.66 66.60 -19.32
N LYS B 86 13.74 65.50 -18.57
CA LYS B 86 14.45 64.31 -19.03
C LYS B 86 13.58 63.07 -18.87
N ILE B 87 13.30 62.41 -19.99
CA ILE B 87 12.64 61.12 -20.02
C ILE B 87 13.68 60.08 -20.42
N VAL B 88 14.06 59.22 -19.48
CA VAL B 88 15.17 58.30 -19.71
C VAL B 88 14.69 56.85 -19.83
N ILE B 89 14.97 56.23 -20.98
CA ILE B 89 14.67 54.83 -21.23
C ILE B 89 15.75 53.96 -20.61
N MET B 90 15.41 53.23 -19.55
CA MET B 90 16.37 52.40 -18.82
C MET B 90 15.98 50.92 -18.84
N THR B 91 16.54 50.18 -19.80
CA THR B 91 16.23 48.77 -19.98
C THR B 91 17.47 47.90 -19.77
N ASP B 92 17.26 46.60 -19.60
CA ASP B 92 18.36 45.64 -19.43
C ASP B 92 19.34 45.76 -20.58
N ALA B 93 20.57 45.30 -20.35
CA ALA B 93 21.60 45.34 -21.38
C ALA B 93 21.59 44.09 -22.26
N ASP B 94 20.40 43.50 -22.47
CA ASP B 94 20.25 42.37 -23.39
C ASP B 94 19.22 42.68 -24.49
N VAL B 95 19.08 41.75 -25.43
CA VAL B 95 18.28 41.96 -26.64
C VAL B 95 16.81 42.29 -26.35
N ASP B 96 16.28 41.80 -25.24
CA ASP B 96 14.91 42.10 -24.90
C ASP B 96 14.82 43.52 -24.34
N GLY B 97 15.89 43.99 -23.70
CA GLY B 97 15.94 45.37 -23.27
C GLY B 97 15.90 46.24 -24.51
N ALA B 98 16.65 45.82 -25.53
CA ALA B 98 16.69 46.51 -26.80
C ALA B 98 15.31 46.57 -27.46
N HIS B 99 14.53 45.50 -27.31
CA HIS B 99 13.22 45.41 -27.95
C HIS B 99 12.23 46.39 -27.31
N ILE B 100 12.10 46.30 -25.98
CA ILE B 100 11.34 47.27 -25.21
C ILE B 100 11.69 48.68 -25.65
N ARG B 101 12.99 48.93 -25.81
CA ARG B 101 13.48 50.25 -26.17
C ARG B 101 12.97 50.70 -27.54
N THR B 102 12.89 49.76 -28.48
CA THR B 102 12.34 50.05 -29.81
C THR B 102 10.86 50.34 -29.71
N LEU B 103 10.18 49.70 -28.76
CA LEU B 103 8.74 49.84 -28.59
C LEU B 103 8.39 51.19 -27.99
N LEU B 104 9.22 51.64 -27.05
CA LEU B 104 9.02 52.94 -26.43
C LEU B 104 9.26 54.06 -27.43
N LEU B 105 10.37 53.96 -28.16
CA LEU B 105 10.71 54.98 -29.14
C LEU B 105 9.66 55.06 -30.25
N THR B 106 9.02 53.93 -30.55
CA THR B 106 7.94 53.91 -31.53
C THR B 106 6.74 54.68 -31.01
N PHE B 107 6.37 54.44 -29.75
CA PHE B 107 5.28 55.18 -29.15
C PHE B 107 5.55 56.67 -29.19
N PHE B 108 6.74 57.05 -28.73
CA PHE B 108 7.11 58.45 -28.62
C PHE B 108 7.10 59.15 -29.99
N TYR B 109 7.75 58.55 -30.98
CA TYR B 109 7.83 59.15 -32.30
C TYR B 109 6.45 59.33 -32.93
N ARG B 110 5.55 58.38 -32.68
CA ARG B 110 4.22 58.43 -33.30
C ARG B 110 3.22 59.32 -32.56
N PHE B 111 3.47 59.59 -31.28
CA PHE B 111 2.51 60.36 -30.48
C PHE B 111 3.08 61.59 -29.78
N MET B 112 4.34 61.54 -29.35
CA MET B 112 4.99 62.70 -28.72
C MET B 112 6.26 63.12 -29.46
N ARG B 113 6.15 63.28 -30.78
CA ARG B 113 7.26 63.66 -31.64
C ARG B 113 8.03 64.91 -31.17
N PRO B 114 7.30 66.01 -30.88
CA PRO B 114 8.07 67.20 -30.50
C PRO B 114 8.78 67.04 -29.15
N LEU B 115 8.50 65.95 -28.46
CA LEU B 115 9.17 65.60 -27.21
C LEU B 115 10.57 65.05 -27.50
N ILE B 116 10.74 64.51 -28.70
CA ILE B 116 12.03 64.01 -29.16
C ILE B 116 12.82 65.16 -29.79
N GLU B 117 12.12 66.00 -30.54
CA GLU B 117 12.72 67.16 -31.19
C GLU B 117 13.35 68.13 -30.19
N ALA B 118 12.79 68.18 -28.98
CA ALA B 118 13.28 69.09 -27.94
C ALA B 118 14.46 68.47 -27.20
N GLY B 119 14.72 67.19 -27.46
CA GLY B 119 15.85 66.51 -26.85
C GLY B 119 15.58 66.03 -25.43
N TYR B 120 14.30 65.90 -25.09
CA TYR B 120 13.90 65.51 -23.74
C TYR B 120 14.08 64.01 -23.49
N VAL B 121 14.09 63.22 -24.57
CA VAL B 121 14.16 61.76 -24.46
C VAL B 121 15.61 61.30 -24.45
N TYR B 122 15.91 60.37 -23.53
CA TYR B 122 17.27 59.86 -23.34
C TYR B 122 17.28 58.34 -23.20
N ILE B 123 18.43 57.73 -23.48
CA ILE B 123 18.64 56.29 -23.30
C ILE B 123 19.70 56.06 -22.21
N ALA B 124 19.32 55.38 -21.14
CA ALA B 124 20.23 55.05 -20.05
C ALA B 124 21.34 54.11 -20.55
N GLN B 125 22.41 53.99 -19.78
CA GLN B 125 23.56 53.17 -20.16
C GLN B 125 24.07 52.31 -18.99
N PRO B 126 23.30 51.29 -18.61
CA PRO B 126 23.67 50.36 -17.54
C PRO B 126 24.93 49.57 -17.86
N PRO B 127 25.52 48.90 -16.85
CA PRO B 127 26.75 48.11 -17.05
C PRO B 127 26.54 46.87 -17.93
N THR B 128 27.33 46.78 -18.99
CA THR B 128 27.30 45.66 -19.93
C THR B 128 27.71 44.36 -19.25
N GLY B 129 26.99 43.28 -19.55
CA GLY B 129 27.28 41.98 -18.97
C GLY B 129 26.07 41.06 -19.03
N TYR B 130 26.22 39.86 -18.48
CA TYR B 130 25.14 38.89 -18.45
C TYR B 130 24.06 39.31 -17.46
N LYS B 131 24.49 39.93 -16.36
CA LYS B 131 23.56 40.44 -15.35
C LYS B 131 22.67 41.54 -15.91
N GLY B 132 21.38 41.47 -15.57
CA GLY B 132 20.41 42.48 -16.00
C GLY B 132 20.18 43.51 -14.91
N LEU B 133 19.10 44.27 -15.01
CA LEU B 133 18.82 45.36 -14.07
C LEU B 133 18.27 44.84 -12.76
N GLY B 134 17.28 43.97 -12.83
CA GLY B 134 16.67 43.42 -11.63
C GLY B 134 17.64 42.61 -10.78
N GLU B 135 18.87 42.44 -11.24
CA GLU B 135 19.85 41.63 -10.52
C GLU B 135 20.87 42.48 -9.77
N MET B 136 20.85 43.79 -10.03
CA MET B 136 21.73 44.73 -9.34
C MET B 136 21.09 45.23 -8.06
N ASN B 137 21.91 45.54 -7.06
CA ASN B 137 21.41 46.14 -5.83
C ASN B 137 21.15 47.63 -6.07
N ALA B 138 20.32 48.24 -5.24
CA ALA B 138 19.88 49.62 -5.46
C ALA B 138 21.02 50.63 -5.50
N ASP B 139 22.11 50.35 -4.80
CA ASP B 139 23.20 51.32 -4.68
C ASP B 139 24.12 51.29 -5.90
N GLN B 140 24.60 50.10 -6.27
CA GLN B 140 25.40 49.97 -7.47
C GLN B 140 24.54 50.36 -8.68
N LEU B 141 23.22 50.32 -8.50
CA LEU B 141 22.29 50.68 -9.56
C LEU B 141 22.11 52.19 -9.64
N TRP B 142 22.26 52.86 -8.51
CA TRP B 142 22.19 54.31 -8.46
C TRP B 142 23.46 54.90 -9.05
N GLU B 143 24.60 54.40 -8.56
CA GLU B 143 25.92 54.84 -9.00
C GLU B 143 26.20 54.66 -10.49
N THR B 144 25.78 53.54 -11.08
CA THR B 144 26.21 53.22 -12.45
C THR B 144 25.40 53.89 -13.56
N THR B 145 24.12 54.19 -13.31
CA THR B 145 23.23 54.69 -14.36
C THR B 145 22.39 55.91 -13.98
N MET B 146 22.27 56.20 -12.69
CA MET B 146 21.34 57.24 -12.24
C MET B 146 22.04 58.52 -11.73
N ASN B 147 23.24 58.38 -11.16
CA ASN B 147 23.96 59.53 -10.62
C ASN B 147 24.45 60.48 -11.71
N PRO B 148 23.95 61.72 -11.75
CA PRO B 148 24.33 62.66 -12.81
C PRO B 148 25.85 62.90 -12.97
N GLU B 149 26.60 62.80 -11.89
CA GLU B 149 28.04 63.11 -11.92
C GLU B 149 28.88 61.99 -12.53
N HIS B 150 28.31 60.78 -12.59
CA HIS B 150 29.03 59.61 -13.11
C HIS B 150 28.29 58.93 -14.26
N ARG B 151 27.02 59.25 -14.46
CA ARG B 151 26.21 58.54 -15.44
C ARG B 151 26.50 59.02 -16.86
N ALA B 152 26.22 58.14 -17.82
CA ALA B 152 26.31 58.48 -19.24
C ALA B 152 24.94 58.24 -19.89
N LEU B 153 24.35 59.32 -20.40
CA LEU B 153 23.07 59.23 -21.09
C LEU B 153 23.27 59.43 -22.58
N LEU B 154 22.37 58.85 -23.37
CA LEU B 154 22.34 59.06 -24.81
C LEU B 154 21.12 59.90 -25.18
N GLN B 155 21.34 61.19 -25.44
CA GLN B 155 20.27 62.08 -25.84
C GLN B 155 19.79 61.71 -27.23
N VAL B 156 18.48 61.52 -27.37
CA VAL B 156 17.90 61.10 -28.65
C VAL B 156 17.58 62.31 -29.50
N LYS B 157 18.12 62.32 -30.71
CA LYS B 157 17.96 63.43 -31.63
C LYS B 157 17.35 62.96 -32.95
N LEU B 158 16.40 63.74 -33.46
CA LEU B 158 15.76 63.47 -34.74
C LEU B 158 16.37 64.36 -35.80
N GLU B 159 17.18 63.76 -36.69
CA GLU B 159 17.92 64.52 -37.69
C GLU B 159 17.18 64.59 -39.04
N ASP B 160 16.50 63.50 -39.38
CA ASP B 160 15.78 63.39 -40.65
C ASP B 160 14.39 62.82 -40.39
N ALA B 161 13.37 63.68 -40.49
CA ALA B 161 12.01 63.29 -40.16
C ALA B 161 11.43 62.32 -41.17
N ILE B 162 11.73 62.54 -42.45
CA ILE B 162 11.12 61.77 -43.53
C ILE B 162 11.72 60.37 -43.61
N GLU B 163 12.99 60.25 -43.21
CA GLU B 163 13.70 58.98 -43.27
C GLU B 163 13.29 58.08 -42.10
N ALA B 164 13.07 58.69 -40.94
CA ALA B 164 12.64 57.95 -39.76
C ALA B 164 11.26 57.34 -39.96
N ASP B 165 10.33 58.15 -40.46
CA ASP B 165 8.96 57.71 -40.71
C ASP B 165 8.93 56.43 -41.54
N GLN B 166 9.89 56.29 -42.45
CA GLN B 166 10.03 55.09 -43.26
C GLN B 166 10.66 53.95 -42.47
N THR B 167 11.39 54.28 -41.42
CA THR B 167 12.12 53.28 -40.63
C THR B 167 11.19 52.61 -39.62
N PHE B 168 10.27 53.38 -39.05
CA PHE B 168 9.34 52.85 -38.07
C PHE B 168 8.29 51.97 -38.73
N GLU B 169 7.82 52.38 -39.91
CA GLU B 169 6.81 51.64 -40.64
C GLU B 169 7.31 50.28 -41.11
N MET B 170 8.62 50.15 -41.29
CA MET B 170 9.20 48.90 -41.79
C MET B 170 9.44 47.94 -40.62
N LEU B 171 10.17 48.43 -39.64
CA LEU B 171 10.54 47.61 -38.48
C LEU B 171 9.34 47.17 -37.67
N MET B 172 8.40 48.08 -37.47
CA MET B 172 7.30 47.85 -36.52
C MET B 172 5.93 47.80 -37.20
N GLY B 173 5.85 48.15 -38.48
CA GLY B 173 4.59 48.06 -39.21
C GLY B 173 4.06 46.63 -39.28
N ASP B 174 2.94 46.46 -39.96
CA ASP B 174 2.25 45.17 -39.99
C ASP B 174 2.64 44.33 -41.20
N VAL B 175 3.28 44.94 -42.19
CA VAL B 175 3.80 44.18 -43.33
C VAL B 175 5.08 43.48 -42.89
N VAL B 176 5.01 42.16 -42.81
CA VAL B 176 6.14 41.36 -42.35
C VAL B 176 7.29 41.33 -43.36
N GLU B 177 6.96 41.17 -44.64
CA GLU B 177 7.97 40.85 -45.64
C GLU B 177 9.11 41.87 -45.72
N ASN B 178 8.79 43.16 -45.63
CA ASN B 178 9.82 44.19 -45.69
C ASN B 178 10.76 44.12 -44.49
N ARG B 179 10.23 43.67 -43.36
CA ARG B 179 11.03 43.43 -42.16
C ARG B 179 12.08 42.36 -42.44
N ARG B 180 11.59 41.20 -42.86
CA ARG B 180 12.41 40.05 -43.22
C ARG B 180 13.63 40.45 -44.05
N GLN B 181 13.36 41.09 -45.19
CA GLN B 181 14.39 41.65 -46.05
C GLN B 181 15.48 42.37 -45.26
N PHE B 182 15.07 43.36 -44.47
CA PHE B 182 16.00 44.15 -43.67
C PHE B 182 16.87 43.25 -42.78
N ILE B 183 16.28 42.20 -42.25
CA ILE B 183 17.02 41.26 -41.41
C ILE B 183 18.05 40.53 -42.25
N GLU B 184 17.59 39.90 -43.33
CA GLU B 184 18.46 39.12 -44.19
C GLU B 184 19.59 39.97 -44.78
N ASP B 185 19.29 41.24 -45.05
CA ASP B 185 20.25 42.15 -45.65
C ASP B 185 21.38 42.54 -44.69
N ASN B 186 21.05 42.61 -43.40
CA ASN B 186 21.99 43.09 -42.38
C ASN B 186 22.37 42.01 -41.38
N ALA B 187 21.97 40.77 -41.65
CA ALA B 187 22.20 39.67 -40.72
C ALA B 187 23.68 39.38 -40.56
N VAL B 188 24.15 39.49 -39.32
CA VAL B 188 25.53 39.16 -38.96
C VAL B 188 25.54 38.33 -37.68
N GLU C 3 -14.65 4.29 12.07
CA GLU C 3 -15.12 5.48 12.77
C GLU C 3 -14.10 5.94 13.81
N ARG C 4 -13.92 7.25 13.91
CA ARG C 4 -12.95 7.83 14.84
C ARG C 4 -13.60 8.79 15.84
N ASN C 5 -13.18 8.67 17.10
CA ASN C 5 -13.65 9.54 18.17
C ASN C 5 -13.18 10.99 17.93
N ILE C 6 -14.08 11.95 18.08
CA ILE C 6 -13.79 13.33 17.71
C ILE C 6 -12.82 13.98 18.70
N THR C 7 -12.89 13.57 19.96
CA THR C 7 -11.90 14.02 20.94
C THR C 7 -10.53 13.41 20.60
N SER C 8 -10.51 12.09 20.43
CA SER C 8 -9.30 11.37 20.06
C SER C 8 -8.61 11.98 18.84
N GLU C 9 -9.35 12.03 17.72
CA GLU C 9 -8.84 12.60 16.48
C GLU C 9 -8.19 13.96 16.75
N MET C 10 -8.86 14.78 17.56
CA MET C 10 -8.36 16.13 17.86
C MET C 10 -7.09 16.08 18.72
N ARG C 11 -7.16 15.34 19.81
CA ARG C 11 -6.02 15.16 20.71
C ARG C 11 -4.76 14.73 19.95
N GLU C 12 -4.86 13.61 19.24
CA GLU C 12 -3.71 13.08 18.51
C GLU C 12 -3.25 14.04 17.41
N SER C 13 -4.09 14.25 16.40
CA SER C 13 -3.75 15.14 15.28
C SER C 13 -3.14 16.48 15.67
N PHE C 14 -3.69 17.15 16.68
CA PHE C 14 -3.13 18.43 17.09
C PHE C 14 -1.75 18.25 17.71
N LEU C 15 -1.62 17.27 18.60
CA LEU C 15 -0.33 16.95 19.20
C LEU C 15 0.72 16.71 18.10
N ASP C 16 0.36 15.89 17.13
CA ASP C 16 1.21 15.62 15.97
C ASP C 16 1.80 16.91 15.40
N TYR C 17 0.92 17.82 14.98
CA TYR C 17 1.33 19.12 14.45
C TYR C 17 2.27 19.81 15.44
N ALA C 18 1.74 20.13 16.63
CA ALA C 18 2.48 20.83 17.67
C ALA C 18 3.91 20.33 17.79
N MET C 19 4.05 19.09 18.27
CA MET C 19 5.33 18.39 18.40
C MET C 19 6.36 18.75 17.32
N SER C 20 6.06 18.39 16.09
CA SER C 20 6.93 18.68 14.95
C SER C 20 7.34 20.15 14.86
N VAL C 21 6.40 21.05 15.16
CA VAL C 21 6.69 22.48 15.03
C VAL C 21 7.67 22.91 16.11
N ILE C 22 7.48 22.39 17.32
CA ILE C 22 8.42 22.65 18.40
C ILE C 22 9.82 22.17 18.04
N VAL C 23 9.95 20.94 17.53
CA VAL C 23 11.29 20.35 17.37
C VAL C 23 11.76 20.17 15.92
N ALA C 24 10.92 20.51 14.93
CA ALA C 24 11.37 20.53 13.55
C ALA C 24 10.78 21.73 12.81
N ARG C 25 10.76 22.88 13.47
CA ARG C 25 10.37 24.10 12.79
C ARG C 25 10.89 25.36 13.51
N ALA C 26 10.23 25.72 14.61
CA ALA C 26 10.27 27.10 15.10
C ALA C 26 11.30 27.36 16.19
N LEU C 27 11.85 26.31 16.78
CA LEU C 27 12.82 26.49 17.87
C LEU C 27 14.23 26.03 17.46
N PRO C 28 15.25 26.81 17.81
CA PRO C 28 16.63 26.47 17.48
C PRO C 28 17.18 25.42 18.44
N ASP C 29 18.23 24.70 18.04
CA ASP C 29 18.93 23.81 18.95
C ASP C 29 19.87 24.65 19.81
N VAL C 30 20.16 24.18 21.02
CA VAL C 30 21.00 24.92 21.95
C VAL C 30 22.47 24.81 21.54
N ARG C 31 22.78 23.78 20.75
CA ARG C 31 24.17 23.48 20.40
C ARG C 31 24.69 24.39 19.29
N ASP C 32 24.07 24.34 18.11
CA ASP C 32 24.50 25.16 16.98
C ASP C 32 23.60 26.39 16.77
N GLY C 33 22.61 26.57 17.65
CA GLY C 33 21.72 27.71 17.57
C GLY C 33 20.95 27.83 16.27
N LEU C 34 20.46 26.71 15.74
CA LEU C 34 19.79 26.71 14.43
C LEU C 34 18.45 25.96 14.41
N LYS C 35 17.46 26.57 13.76
CA LYS C 35 16.24 25.88 13.38
C LYS C 35 16.52 25.01 12.17
N PRO C 36 15.73 23.93 11.96
CA PRO C 36 15.93 23.01 10.84
C PRO C 36 16.24 23.64 9.48
N VAL C 37 15.49 24.66 9.08
CA VAL C 37 15.66 25.23 7.74
C VAL C 37 17.01 25.91 7.60
N HIS C 38 17.47 26.60 8.65
CA HIS C 38 18.75 27.30 8.57
C HIS C 38 19.90 26.30 8.37
N ARG C 39 19.96 25.29 9.23
CA ARG C 39 20.98 24.25 9.12
C ARG C 39 20.98 23.60 7.73
N ARG C 40 19.79 23.33 7.20
CA ARG C 40 19.66 22.71 5.89
C ARG C 40 20.13 23.61 4.76
N ILE C 41 20.09 24.92 4.97
CA ILE C 41 20.54 25.87 3.94
C ILE C 41 22.06 25.96 3.95
N LEU C 42 22.62 26.08 5.16
CA LEU C 42 24.07 26.08 5.33
C LEU C 42 24.70 24.78 4.86
N TYR C 43 24.11 23.66 5.24
CA TYR C 43 24.65 22.35 4.86
C TYR C 43 24.62 22.18 3.35
N GLY C 44 23.51 22.58 2.72
CA GLY C 44 23.39 22.53 1.28
C GLY C 44 24.41 23.42 0.60
N LEU C 45 24.65 24.61 1.14
CA LEU C 45 25.70 25.47 0.62
C LEU C 45 27.02 24.73 0.68
N ASN C 46 27.22 23.98 1.75
CA ASN C 46 28.44 23.22 1.93
C ASN C 46 28.58 22.09 0.92
N GLU C 47 27.59 21.21 0.88
CA GLU C 47 27.59 20.08 -0.05
C GLU C 47 27.69 20.52 -1.50
N GLN C 48 27.28 21.76 -1.77
CA GLN C 48 27.38 22.32 -3.10
C GLN C 48 28.75 22.99 -3.27
N GLY C 49 29.49 23.04 -2.17
CA GLY C 49 30.84 23.58 -2.15
C GLY C 49 30.83 25.09 -2.27
N MET C 50 29.71 25.70 -1.85
CA MET C 50 29.51 27.14 -2.01
C MET C 50 30.28 27.95 -0.98
N THR C 51 31.59 27.71 -0.95
CA THR C 51 32.49 28.35 -0.01
C THR C 51 32.84 29.77 -0.48
N PRO C 52 33.30 30.65 0.45
CA PRO C 52 33.54 32.06 0.10
C PRO C 52 34.50 32.30 -1.08
N ASP C 53 35.45 31.40 -1.31
CA ASP C 53 36.48 31.62 -2.32
C ASP C 53 35.98 31.39 -3.75
N LYS C 54 34.86 30.66 -3.88
CA LYS C 54 34.27 30.41 -5.19
C LYS C 54 33.29 31.54 -5.48
N SER C 55 32.73 31.59 -6.68
CA SER C 55 31.87 32.69 -7.06
C SER C 55 30.47 32.48 -6.48
N TYR C 56 29.65 33.52 -6.55
CA TYR C 56 28.27 33.42 -6.10
C TYR C 56 27.54 32.38 -6.92
N LYS C 57 26.42 31.90 -6.36
CA LYS C 57 25.57 30.95 -7.03
C LYS C 57 24.17 31.50 -6.93
N LYS C 58 23.40 31.41 -8.02
CA LYS C 58 22.06 31.99 -8.01
C LYS C 58 21.20 31.35 -6.94
N SER C 59 20.42 32.17 -6.26
CA SER C 59 19.59 31.72 -5.15
C SER C 59 18.68 30.55 -5.53
N ALA C 60 18.03 30.67 -6.69
CA ALA C 60 17.02 29.68 -7.11
C ALA C 60 17.61 28.28 -7.18
N ARG C 61 18.90 28.20 -7.46
CA ARG C 61 19.61 26.93 -7.53
C ARG C 61 19.88 26.38 -6.14
N ILE C 62 20.33 27.27 -5.23
CA ILE C 62 20.62 26.89 -3.86
C ILE C 62 19.37 26.35 -3.20
N VAL C 63 18.30 27.13 -3.31
CA VAL C 63 17.00 26.73 -2.80
C VAL C 63 16.59 25.41 -3.42
N GLY C 64 16.53 25.39 -4.75
CA GLY C 64 16.15 24.21 -5.51
C GLY C 64 16.79 22.94 -4.98
N ASP C 65 18.10 22.99 -4.74
CA ASP C 65 18.80 21.86 -4.16
C ASP C 65 18.36 21.63 -2.71
N VAL C 66 18.34 22.69 -1.90
CA VAL C 66 18.00 22.54 -0.49
C VAL C 66 16.56 22.01 -0.32
N MET C 67 15.64 22.51 -1.14
CA MET C 67 14.26 22.03 -1.11
C MET C 67 14.20 20.54 -1.39
N GLY C 68 14.73 20.15 -2.55
CA GLY C 68 14.60 18.77 -3.02
C GLY C 68 15.36 17.75 -2.19
N LYS C 69 16.53 18.13 -1.68
CA LYS C 69 17.35 17.19 -0.94
C LYS C 69 16.88 17.00 0.50
N TYR C 70 16.57 18.11 1.19
CA TYR C 70 16.30 18.06 2.62
C TYR C 70 15.00 18.73 3.11
N HIS C 71 14.52 19.76 2.41
CA HIS C 71 13.40 20.59 2.93
C HIS C 71 12.13 20.49 2.06
N PRO C 72 11.24 19.52 2.37
CA PRO C 72 10.03 19.17 1.60
C PRO C 72 8.89 20.17 1.74
N HIS C 73 9.21 21.46 1.62
CA HIS C 73 8.22 22.52 1.83
C HIS C 73 8.38 23.62 0.77
N GLY C 74 7.50 24.61 0.83
CA GLY C 74 7.51 25.71 -0.13
C GLY C 74 8.83 26.45 -0.17
N ASP C 75 9.11 27.05 -1.31
CA ASP C 75 10.38 27.73 -1.55
C ASP C 75 10.49 29.04 -0.78
N SER C 76 9.36 29.68 -0.53
CA SER C 76 9.35 31.00 0.10
C SER C 76 9.86 30.94 1.54
N SER C 77 9.54 29.86 2.25
CA SER C 77 10.03 29.66 3.61
C SER C 77 11.54 29.50 3.64
N ILE C 78 12.09 28.93 2.56
CA ILE C 78 13.53 28.66 2.46
C ILE C 78 14.30 29.91 2.10
N TYR C 79 13.83 30.59 1.08
CA TYR C 79 14.54 31.72 0.49
C TYR C 79 14.55 32.90 1.45
N GLU C 80 13.39 33.20 2.03
CA GLU C 80 13.27 34.29 2.99
C GLU C 80 14.19 34.08 4.18
N ALA C 81 14.32 32.82 4.60
CA ALA C 81 15.17 32.46 5.73
C ALA C 81 16.64 32.76 5.40
N MET C 82 17.05 32.38 4.20
CA MET C 82 18.41 32.61 3.73
C MET C 82 18.69 34.10 3.61
N VAL C 83 17.78 34.81 2.95
CA VAL C 83 17.84 36.26 2.81
C VAL C 83 18.15 36.92 4.15
N ARG C 84 17.38 36.56 5.17
CA ARG C 84 17.60 37.03 6.53
C ARG C 84 19.06 36.86 6.96
N MET C 85 19.58 35.65 6.78
CA MET C 85 20.96 35.33 7.13
C MET C 85 21.97 36.21 6.39
N ALA C 86 21.56 36.79 5.26
CA ALA C 86 22.43 37.67 4.48
C ALA C 86 22.34 39.13 4.91
N GLN C 87 21.31 39.47 5.66
CA GLN C 87 21.06 40.86 6.03
C GLN C 87 21.91 41.27 7.24
N ASP C 88 22.75 42.27 7.04
CA ASP C 88 23.65 42.75 8.09
C ASP C 88 22.90 43.44 9.23
N PHE C 89 21.61 43.69 9.03
CA PHE C 89 20.78 44.34 10.06
C PHE C 89 19.90 43.35 10.81
N SER C 90 20.02 42.06 10.45
CA SER C 90 19.29 41.01 11.14
C SER C 90 20.25 40.13 11.93
N TYR C 91 21.42 39.92 11.35
CA TYR C 91 22.42 39.02 11.91
C TYR C 91 23.65 39.79 12.36
N ARG C 92 24.04 39.53 13.60
CA ARG C 92 25.18 40.18 14.23
C ARG C 92 26.46 39.66 13.61
N TYR C 93 26.35 38.48 13.02
CA TYR C 93 27.45 37.81 12.36
C TYR C 93 26.84 37.04 11.20
N PRO C 94 26.62 37.73 10.08
CA PRO C 94 25.86 37.11 8.98
C PRO C 94 26.50 35.82 8.48
N LEU C 95 25.63 34.87 8.11
CA LEU C 95 26.07 33.53 7.73
C LEU C 95 25.97 33.31 6.22
N VAL C 96 25.30 34.24 5.52
CA VAL C 96 25.19 34.18 4.06
C VAL C 96 25.78 35.46 3.46
N ASP C 97 26.55 35.29 2.39
CA ASP C 97 27.10 36.40 1.63
C ASP C 97 26.34 36.49 0.32
N GLY C 98 25.50 37.52 0.20
CA GLY C 98 24.56 37.62 -0.90
C GLY C 98 24.81 38.85 -1.77
N GLN C 99 24.47 38.74 -3.05
CA GLN C 99 24.72 39.80 -4.00
C GLN C 99 23.44 40.17 -4.77
N GLY C 100 23.24 41.47 -4.93
CA GLY C 100 22.01 42.00 -5.47
C GLY C 100 21.18 42.53 -4.32
N ASN C 101 19.86 42.48 -4.47
CA ASN C 101 18.95 43.11 -3.52
C ASN C 101 18.43 42.14 -2.47
N PHE C 102 18.90 42.34 -1.24
CA PHE C 102 18.47 41.53 -0.10
C PHE C 102 17.71 42.38 0.90
N GLY C 103 17.01 43.39 0.38
CA GLY C 103 16.12 44.21 1.18
C GLY C 103 16.85 45.19 2.08
N SER C 104 16.09 45.88 2.93
CA SER C 104 16.62 46.93 3.78
C SER C 104 15.96 46.94 5.15
N MET C 105 16.30 47.95 5.94
CA MET C 105 15.65 48.18 7.23
C MET C 105 14.24 48.75 7.02
N ASP C 106 13.94 49.17 5.79
CA ASP C 106 12.67 49.84 5.49
C ASP C 106 11.54 48.84 5.21
N GLY C 107 11.76 47.59 5.58
CA GLY C 107 10.76 46.55 5.35
C GLY C 107 10.82 45.99 3.93
N ASP C 108 11.57 46.67 3.06
CA ASP C 108 11.80 46.21 1.70
C ASP C 108 12.08 44.71 1.63
N GLY C 109 11.27 44.01 0.87
CA GLY C 109 11.54 42.60 0.58
C GLY C 109 12.84 42.47 -0.18
N ALA C 110 13.30 41.23 -0.32
CA ALA C 110 14.42 40.92 -1.20
C ALA C 110 13.87 40.55 -2.57
N ALA C 111 14.62 40.85 -3.63
CA ALA C 111 14.21 40.47 -4.97
C ALA C 111 14.16 38.94 -5.03
N ALA C 112 13.28 38.40 -5.87
CA ALA C 112 13.05 36.95 -5.91
C ALA C 112 14.32 36.16 -6.19
N MET C 113 14.28 34.87 -5.85
CA MET C 113 15.35 33.91 -6.13
C MET C 113 16.15 34.22 -7.41
N ARG C 114 15.47 34.33 -8.55
CA ARG C 114 16.17 34.48 -9.83
C ARG C 114 17.04 35.74 -9.88
N PTR C 115 16.65 36.75 -9.12
CA PTR C 115 17.29 38.07 -9.21
C PTR C 115 18.45 38.28 -8.26
O PTR C 115 19.10 39.32 -8.30
CB PTR C 115 16.22 39.14 -8.98
CG PTR C 115 15.19 39.18 -10.07
CD1 PTR C 115 15.33 40.04 -11.15
CD2 PTR C 115 14.07 38.34 -10.04
CE1 PTR C 115 14.38 40.07 -12.16
CE2 PTR C 115 13.13 38.36 -11.04
CZ PTR C 115 13.29 39.24 -12.10
OH PTR C 115 12.39 39.24 -13.04
P PTR C 115 11.62 40.58 -13.49
O1P PTR C 115 10.11 40.35 -13.40
O2P PTR C 115 11.98 41.78 -12.61
O3P PTR C 115 12.00 40.84 -14.89
HA PTR C 115 17.62 38.20 -10.13
HB2 PTR C 115 16.64 40.00 -8.92
HB3 PTR C 115 15.76 38.95 -8.14
HD1 PTR C 115 16.06 40.60 -11.20
HD2 PTR C 115 13.96 37.75 -9.33
HE1 PTR C 115 14.48 40.65 -12.89
HE2 PTR C 115 12.39 37.80 -11.01
N THR C 116 18.72 37.29 -7.42
CA THR C 116 19.81 37.39 -6.46
C THR C 116 20.63 36.11 -6.48
N GLU C 117 21.92 36.24 -6.16
CA GLU C 117 22.81 35.09 -6.01
C GLU C 117 23.44 35.11 -4.62
N ALA C 118 24.05 34.00 -4.22
CA ALA C 118 24.50 33.84 -2.83
C ALA C 118 25.62 32.80 -2.68
N ARG C 119 26.40 32.96 -1.60
CA ARG C 119 27.35 31.94 -1.15
C ARG C 119 27.44 32.03 0.37
N MET C 120 28.32 31.25 0.98
CA MET C 120 28.48 31.27 2.43
C MET C 120 29.57 32.28 2.82
N THR C 121 29.41 32.88 3.99
CA THR C 121 30.40 33.80 4.54
C THR C 121 31.59 33.01 5.12
N LYS C 122 32.65 33.71 5.49
CA LYS C 122 33.82 33.05 6.07
C LYS C 122 33.49 32.49 7.45
N ILE C 123 32.63 33.15 8.21
CA ILE C 123 32.30 32.67 9.55
C ILE C 123 31.46 31.40 9.49
N THR C 124 30.71 31.25 8.40
CA THR C 124 29.90 30.05 8.20
C THR C 124 30.78 28.80 8.08
N LEU C 125 32.04 29.00 7.70
CA LEU C 125 32.98 27.88 7.63
C LEU C 125 33.18 27.28 9.02
N GLU C 126 33.26 28.15 10.02
CA GLU C 126 33.51 27.73 11.40
C GLU C 126 32.34 26.93 11.97
N LEU C 127 31.13 27.18 11.50
CA LEU C 127 29.98 26.39 11.93
C LEU C 127 30.07 24.98 11.34
N LEU C 128 30.71 24.88 10.17
CA LEU C 128 30.77 23.62 9.43
C LEU C 128 32.11 22.90 9.60
N ARG C 129 33.08 23.57 10.23
CA ARG C 129 34.39 22.95 10.48
C ARG C 129 34.27 21.58 11.15
N ASP C 130 35.13 20.66 10.74
CA ASP C 130 35.20 19.32 11.32
C ASP C 130 33.92 18.49 11.18
N ILE C 131 32.98 18.91 10.36
CA ILE C 131 31.72 18.17 10.23
C ILE C 131 31.95 16.81 9.57
N ASN C 132 33.00 16.72 8.77
CA ASN C 132 33.33 15.51 8.03
C ASN C 132 34.32 14.59 8.77
N LYS C 133 34.63 14.94 10.02
CA LYS C 133 35.57 14.17 10.83
C LYS C 133 34.84 13.48 11.97
N ASP C 134 33.75 12.79 11.66
CA ASP C 134 32.83 12.20 12.63
C ASP C 134 32.75 12.96 13.96
N THR C 135 32.31 14.22 13.89
CA THR C 135 32.13 15.06 15.08
C THR C 135 30.69 15.13 15.54
N ILE C 136 29.78 14.87 14.60
CA ILE C 136 28.35 15.04 14.82
C ILE C 136 27.62 13.90 14.13
N ASP C 137 26.43 13.56 14.63
CA ASP C 137 25.69 12.42 14.12
C ASP C 137 24.80 12.80 12.93
N PHE C 138 24.85 12.00 11.88
CA PHE C 138 24.01 12.21 10.70
C PHE C 138 22.72 11.39 10.79
N ILE C 139 21.76 11.73 9.94
CA ILE C 139 20.48 11.03 9.88
C ILE C 139 19.98 10.99 8.43
N ASP C 140 18.94 10.21 8.18
CA ASP C 140 18.34 10.17 6.85
C ASP C 140 17.47 11.39 6.63
N ASN C 141 17.33 11.79 5.36
CA ASN C 141 16.43 12.86 4.98
C ASN C 141 15.00 12.36 5.00
N TYR C 142 14.09 13.16 4.47
CA TYR C 142 12.67 12.85 4.54
C TYR C 142 12.25 11.72 3.58
N ASP C 143 13.14 11.34 2.67
CA ASP C 143 12.84 10.27 1.70
C ASP C 143 13.86 9.12 1.70
N GLY C 144 14.89 9.20 2.54
CA GLY C 144 15.87 8.11 2.63
C GLY C 144 16.94 8.11 1.55
N ASN C 145 16.81 8.99 0.56
CA ASN C 145 17.73 9.02 -0.58
C ASN C 145 18.99 9.85 -0.34
N GLU C 146 18.99 10.66 0.72
CA GLU C 146 20.16 11.49 1.07
C GLU C 146 20.41 11.42 2.57
N ARG C 147 21.58 11.89 2.99
CA ARG C 147 21.93 11.98 4.41
C ARG C 147 22.19 13.44 4.77
N GLU C 148 21.88 13.79 6.02
CA GLU C 148 22.01 15.16 6.49
C GLU C 148 22.33 15.20 7.98
N PRO C 149 22.96 16.29 8.45
CA PRO C 149 23.40 16.38 9.84
C PRO C 149 22.28 16.71 10.83
N SER C 150 22.35 16.13 12.02
CA SER C 150 21.43 16.43 13.11
C SER C 150 21.79 17.76 13.76
N VAL C 151 23.07 18.09 13.70
CA VAL C 151 23.57 19.34 14.28
C VAL C 151 24.92 19.66 13.63
N LEU C 152 25.30 20.94 13.62
CA LEU C 152 26.61 21.33 13.10
C LEU C 152 27.59 21.43 14.28
N PRO C 153 28.89 21.24 14.00
CA PRO C 153 29.91 21.39 15.05
C PRO C 153 29.87 22.72 15.78
N ALA C 154 29.69 23.83 15.06
CA ALA C 154 29.52 25.15 15.68
C ALA C 154 30.70 25.52 16.55
N ARG C 155 31.77 25.99 15.92
CA ARG C 155 33.00 26.29 16.63
C ARG C 155 32.95 27.69 17.27
N PHE C 156 31.86 28.40 17.04
CA PHE C 156 31.55 29.61 17.81
C PHE C 156 30.09 29.58 18.28
N PRO C 157 29.81 30.10 19.49
CA PRO C 157 28.48 30.08 20.11
C PRO C 157 27.41 30.85 19.30
N ASN C 158 26.77 30.16 18.38
CA ASN C 158 25.85 30.79 17.44
C ASN C 158 24.55 31.29 18.08
N LEU C 159 23.98 30.48 18.97
CA LEU C 159 22.68 30.78 19.57
C LEU C 159 22.63 32.16 20.23
N LEU C 160 23.69 32.50 20.96
CA LEU C 160 23.74 33.78 21.65
C LEU C 160 24.36 34.88 20.79
N ALA C 161 25.14 34.47 19.80
CA ALA C 161 25.78 35.43 18.90
C ALA C 161 24.74 36.10 18.00
N ASN C 162 24.03 35.28 17.23
CA ASN C 162 23.05 35.78 16.28
C ASN C 162 21.63 35.79 16.84
N GLY C 163 21.41 35.05 17.92
CA GLY C 163 20.11 35.02 18.57
C GLY C 163 19.14 34.06 17.93
N ALA C 164 17.88 34.18 18.32
CA ALA C 164 16.81 33.36 17.74
C ALA C 164 15.45 33.89 18.17
N SER C 165 14.53 34.01 17.22
CA SER C 165 13.17 34.44 17.52
C SER C 165 12.18 33.69 16.62
N GLY C 166 11.45 32.74 17.20
CA GLY C 166 10.44 32.00 16.48
C GLY C 166 9.22 31.73 17.35
N ILE C 167 8.08 31.57 16.69
CA ILE C 167 6.83 31.24 17.37
C ILE C 167 6.52 29.76 17.10
N ALA C 168 6.20 29.02 18.16
CA ALA C 168 5.98 27.58 18.06
C ALA C 168 4.51 27.23 18.32
N VAL C 169 4.29 26.19 19.12
CA VAL C 169 2.96 25.86 19.63
C VAL C 169 3.10 25.47 21.08
N GLY C 170 2.47 26.22 21.99
CA GLY C 170 2.60 25.98 23.41
C GLY C 170 3.62 26.90 24.06
N MET C 171 4.43 27.54 23.22
CA MET C 171 5.58 28.30 23.69
C MET C 171 6.18 29.10 22.54
N ALA C 172 7.00 30.09 22.88
CA ALA C 172 7.78 30.82 21.88
C ALA C 172 9.18 31.06 22.42
N THR C 173 10.08 31.51 21.56
CA THR C 173 11.44 31.84 21.97
C THR C 173 11.83 33.23 21.49
N ASN C 174 12.80 33.82 22.17
CA ASN C 174 13.30 35.12 21.82
C ASN C 174 14.63 35.37 22.53
N ILE C 175 15.73 35.09 21.83
CA ILE C 175 17.06 35.28 22.40
C ILE C 175 17.81 36.36 21.61
N PRO C 176 18.28 37.40 22.31
CA PRO C 176 18.95 38.52 21.63
C PRO C 176 20.34 38.16 21.13
N PRO C 177 20.85 38.89 20.13
CA PRO C 177 22.22 38.69 19.67
C PRO C 177 23.23 39.26 20.66
N HIS C 178 24.44 38.70 20.68
CA HIS C 178 25.50 39.17 21.56
C HIS C 178 26.78 39.41 20.79
N ASN C 179 27.71 40.13 21.42
CA ASN C 179 29.05 40.26 20.87
C ASN C 179 29.75 38.93 20.98
N LEU C 180 30.54 38.58 19.97
CA LEU C 180 31.18 37.28 19.92
C LEU C 180 32.37 37.20 20.87
N THR C 181 33.19 38.25 20.86
CA THR C 181 34.33 38.34 21.76
C THR C 181 33.90 38.10 23.20
N GLU C 182 32.80 38.75 23.59
CA GLU C 182 32.29 38.66 24.95
C GLU C 182 31.78 37.26 25.26
N LEU C 183 31.10 36.65 24.29
CA LEU C 183 30.61 35.29 24.46
C LEU C 183 31.77 34.34 24.70
N ILE C 184 32.74 34.33 23.78
CA ILE C 184 33.86 33.41 23.86
C ILE C 184 34.57 33.55 25.21
N ASN C 185 34.96 34.78 25.54
CA ASN C 185 35.62 35.07 26.80
C ASN C 185 34.81 34.55 27.98
N GLY C 186 33.49 34.64 27.87
CA GLY C 186 32.60 34.04 28.84
C GLY C 186 32.58 32.52 28.80
N VAL C 187 32.92 31.91 27.66
CA VAL C 187 33.04 30.45 27.59
C VAL C 187 34.39 30.02 28.15
N LEU C 188 35.38 30.89 28.01
CA LEU C 188 36.71 30.60 28.55
C LEU C 188 36.68 30.65 30.07
N SER C 189 36.07 31.69 30.64
CA SER C 189 35.91 31.77 32.09
C SER C 189 35.11 30.58 32.64
N LEU C 190 34.08 30.16 31.91
CA LEU C 190 33.27 29.02 32.35
C LEU C 190 34.11 27.75 32.37
N SER C 191 34.87 27.52 31.31
CA SER C 191 35.72 26.35 31.21
C SER C 191 36.71 26.26 32.37
N LYS C 192 37.19 27.42 32.81
CA LYS C 192 38.17 27.50 33.89
C LYS C 192 37.55 27.32 35.27
N ASN C 193 36.23 27.49 35.36
CA ASN C 193 35.53 27.50 36.64
C ASN C 193 34.10 27.01 36.49
N PRO C 194 33.85 25.70 36.69
CA PRO C 194 32.50 25.18 36.44
C PRO C 194 31.39 25.80 37.29
N ASP C 195 31.73 26.34 38.46
CA ASP C 195 30.73 26.83 39.41
C ASP C 195 30.67 28.36 39.42
N ILE C 196 30.90 28.95 38.25
CA ILE C 196 30.94 30.40 38.08
C ILE C 196 29.54 31.02 38.02
N SER C 197 29.37 32.18 38.66
CA SER C 197 28.06 32.81 38.84
C SER C 197 27.62 33.64 37.63
N ILE C 198 26.31 33.71 37.39
CA ILE C 198 25.75 34.53 36.31
C ILE C 198 26.32 35.95 36.36
N ALA C 199 26.36 36.50 37.57
CA ALA C 199 26.78 37.88 37.77
C ALA C 199 28.24 38.04 37.39
N GLU C 200 29.02 37.00 37.64
CA GLU C 200 30.44 36.98 37.28
C GLU C 200 30.64 36.78 35.78
N LEU C 201 29.77 35.98 35.15
CA LEU C 201 29.87 35.79 33.70
C LEU C 201 29.61 37.11 32.98
N MET C 202 28.71 37.91 33.53
CA MET C 202 28.37 39.19 32.90
C MET C 202 29.54 40.17 32.93
N GLU C 203 30.61 39.84 33.66
CA GLU C 203 31.84 40.63 33.62
C GLU C 203 32.44 40.58 32.23
N ASP C 204 32.14 39.50 31.50
CA ASP C 204 32.53 39.35 30.12
C ASP C 204 31.39 39.80 29.22
N ILE C 205 30.28 39.08 29.33
CA ILE C 205 29.06 39.31 28.56
C ILE C 205 28.22 40.43 29.19
N GLU C 206 28.36 41.65 28.69
CA GLU C 206 27.76 42.81 29.35
C GLU C 206 26.25 42.87 29.21
N GLY C 207 25.71 42.21 28.21
CA GLY C 207 24.32 42.34 27.83
C GLY C 207 24.28 42.16 26.33
N PRO C 208 23.09 42.22 25.72
CA PRO C 208 23.07 41.94 24.28
C PRO C 208 23.87 42.92 23.44
N ASP C 209 23.90 42.64 22.14
CA ASP C 209 24.67 43.43 21.20
C ASP C 209 24.01 43.25 19.84
N PHE C 210 23.14 44.17 19.49
CA PHE C 210 22.37 44.06 18.26
C PHE C 210 23.21 44.52 17.09
N PRO C 211 23.04 43.89 15.91
CA PRO C 211 23.74 44.38 14.72
C PRO C 211 23.46 45.85 14.47
N THR C 212 22.29 46.30 14.90
CA THR C 212 21.79 47.62 14.57
C THR C 212 22.29 48.68 15.55
N ALA C 213 23.29 48.32 16.35
CA ALA C 213 23.83 49.23 17.36
C ALA C 213 22.70 49.64 18.32
N GLY C 214 22.76 50.86 18.82
CA GLY C 214 21.68 51.42 19.61
C GLY C 214 22.09 51.54 21.07
N LEU C 215 21.11 51.70 21.93
CA LEU C 215 21.34 51.92 23.34
C LEU C 215 20.48 51.00 24.19
N ILE C 216 21.05 50.49 25.28
CA ILE C 216 20.28 49.77 26.28
C ILE C 216 20.30 50.53 27.59
N LEU C 217 19.11 50.70 28.15
CA LEU C 217 18.92 51.44 29.38
C LEU C 217 19.02 50.53 30.61
N GLY C 218 20.14 50.64 31.31
CA GLY C 218 20.32 49.96 32.57
C GLY C 218 20.60 48.48 32.42
N LYS C 219 21.14 47.89 33.50
CA LYS C 219 21.52 46.49 33.52
C LYS C 219 20.52 45.60 34.26
N SER C 220 19.40 46.16 34.69
CA SER C 220 18.43 45.40 35.47
C SER C 220 17.77 44.33 34.60
N GLY C 221 17.41 44.69 33.38
CA GLY C 221 16.73 43.77 32.47
C GLY C 221 17.66 42.62 32.11
N ILE C 222 18.81 42.99 31.55
CA ILE C 222 19.92 42.07 31.29
C ILE C 222 20.16 41.07 32.43
N ARG C 223 20.27 41.57 33.66
CA ARG C 223 20.46 40.70 34.83
C ARG C 223 19.37 39.66 34.93
N ARG C 224 18.13 40.14 35.02
CA ARG C 224 16.97 39.27 35.12
C ARG C 224 16.95 38.29 33.96
N ALA C 225 17.16 38.82 32.76
CA ALA C 225 17.24 38.00 31.55
C ALA C 225 18.16 36.80 31.74
N TYR C 226 19.43 37.08 32.00
CA TYR C 226 20.43 36.02 32.17
C TYR C 226 20.23 35.18 33.43
N GLU C 227 19.48 35.69 34.40
CA GLU C 227 19.24 34.96 35.64
C GLU C 227 18.11 33.94 35.50
N THR C 228 17.00 34.39 34.89
CA THR C 228 15.77 33.63 34.84
C THR C 228 15.47 33.09 33.44
N GLY C 229 16.05 33.73 32.43
CA GLY C 229 15.81 33.35 31.05
C GLY C 229 14.64 34.14 30.49
N ARG C 230 14.01 34.93 31.37
CA ARG C 230 12.94 35.82 30.96
C ARG C 230 13.12 37.19 31.59
N GLY C 231 13.15 38.21 30.74
CA GLY C 231 13.33 39.58 31.18
C GLY C 231 12.85 40.53 30.11
N SER C 232 12.79 41.82 30.43
CA SER C 232 12.50 42.85 29.43
C SER C 232 13.67 43.83 29.36
N ILE C 233 14.16 44.03 28.15
CA ILE C 233 15.30 44.89 27.87
C ILE C 233 14.87 46.07 27.02
N GLN C 234 15.04 47.28 27.55
CA GLN C 234 14.70 48.49 26.82
C GLN C 234 15.77 48.83 25.78
N MET C 235 15.32 49.06 24.55
CA MET C 235 16.17 49.51 23.46
C MET C 235 15.78 50.93 23.06
N ARG C 236 16.76 51.83 23.03
CA ARG C 236 16.53 53.22 22.65
C ARG C 236 17.44 53.62 21.47
N SER C 237 16.84 54.28 20.48
CA SER C 237 17.59 54.85 19.37
C SER C 237 18.69 55.78 19.87
N ARG C 238 19.72 55.96 19.05
CA ARG C 238 20.71 57.00 19.29
C ARG C 238 20.25 58.28 18.62
N ALA C 239 19.93 59.29 19.43
CA ALA C 239 19.53 60.58 18.90
C ALA C 239 20.23 61.72 19.64
N VAL C 240 20.58 62.75 18.88
CA VAL C 240 21.11 63.99 19.44
C VAL C 240 20.31 65.19 18.97
N ILE C 241 20.21 66.18 19.87
CA ILE C 241 19.67 67.49 19.58
C ILE C 241 20.83 68.45 19.34
N GLU C 242 20.97 68.95 18.12
CA GLU C 242 22.03 69.92 17.82
C GLU C 242 21.47 71.33 17.67
N GLU C 243 22.28 72.30 18.08
CA GLU C 243 21.87 73.70 18.10
C GLU C 243 22.13 74.35 16.75
N ARG C 244 21.14 75.10 16.25
CA ARG C 244 21.25 75.77 14.97
C ARG C 244 20.93 77.26 15.09
N GLY C 245 21.32 78.03 14.07
CA GLY C 245 21.18 79.47 14.07
C GLY C 245 19.78 79.96 14.33
N GLY C 246 19.67 81.21 14.77
CA GLY C 246 18.38 81.82 15.08
C GLY C 246 17.60 81.00 16.07
N GLY C 247 18.29 80.40 17.02
CA GLY C 247 17.66 79.70 18.12
C GLY C 247 16.85 78.46 17.74
N ARG C 248 17.07 77.96 16.52
CA ARG C 248 16.40 76.73 16.07
C ARG C 248 17.12 75.50 16.60
N GLN C 249 16.51 74.33 16.39
CA GLN C 249 17.07 73.06 16.81
C GLN C 249 16.63 71.94 15.87
N ARG C 250 17.33 70.82 15.91
CA ARG C 250 16.84 69.61 15.23
C ARG C 250 17.36 68.34 15.90
N ILE C 251 16.56 67.28 15.79
CA ILE C 251 16.88 65.97 16.32
C ILE C 251 17.42 65.10 15.20
N VAL C 252 18.57 64.47 15.44
CA VAL C 252 19.17 63.55 14.47
C VAL C 252 19.31 62.16 15.07
N VAL C 253 18.67 61.18 14.43
CA VAL C 253 18.66 59.80 14.89
C VAL C 253 19.58 58.93 14.04
N THR C 254 20.65 58.39 14.65
CA THR C 254 21.70 57.70 13.90
C THR C 254 21.74 56.18 14.11
N GLU C 255 20.98 55.69 15.09
CA GLU C 255 20.87 54.26 15.36
C GLU C 255 19.45 53.96 15.82
N ILE C 256 18.83 52.89 15.30
CA ILE C 256 17.45 52.55 15.66
C ILE C 256 17.38 51.14 16.27
N PRO C 257 16.28 50.84 16.99
CA PRO C 257 16.20 49.53 17.65
C PRO C 257 16.20 48.31 16.74
N PHE C 258 16.56 47.18 17.34
CA PHE C 258 16.63 45.89 16.67
C PHE C 258 15.23 45.42 16.26
N GLN C 259 15.11 45.02 14.99
CA GLN C 259 13.86 44.50 14.43
C GLN C 259 12.77 45.57 14.30
N VAL C 260 13.17 46.84 14.22
CA VAL C 260 12.23 47.94 14.03
C VAL C 260 12.33 48.50 12.61
N ASN C 261 11.20 48.43 11.92
CA ASN C 261 11.03 48.95 10.58
C ASN C 261 11.20 50.48 10.52
N LYS C 262 12.27 50.94 9.88
CA LYS C 262 12.61 52.38 9.88
C LYS C 262 11.53 53.23 9.22
N ALA C 263 11.09 52.81 8.04
CA ALA C 263 10.10 53.56 7.29
C ALA C 263 8.75 53.59 8.02
N ARG C 264 8.47 52.51 8.74
CA ARG C 264 7.20 52.35 9.45
C ARG C 264 7.21 53.15 10.75
N MET C 265 8.40 53.40 11.28
CA MET C 265 8.53 54.24 12.47
C MET C 265 8.28 55.70 12.07
N ILE C 266 8.82 56.07 10.92
CA ILE C 266 8.66 57.41 10.39
C ILE C 266 7.19 57.71 10.08
N GLU C 267 6.51 56.75 9.46
CA GLU C 267 5.07 56.85 9.23
C GLU C 267 4.35 57.17 10.54
N LYS C 268 4.77 56.52 11.62
CA LYS C 268 4.11 56.70 12.90
C LYS C 268 4.37 58.09 13.47
N ILE C 269 5.55 58.64 13.20
CA ILE C 269 5.86 59.99 13.64
C ILE C 269 4.98 60.97 12.88
N ALA C 270 4.81 60.73 11.59
CA ALA C 270 4.01 61.61 10.75
C ALA C 270 2.52 61.50 11.08
N GLU C 271 2.06 60.29 11.34
CA GLU C 271 0.68 60.08 11.82
C GLU C 271 0.39 60.92 13.05
N LEU C 272 1.37 61.00 13.95
CA LEU C 272 1.21 61.76 15.19
C LEU C 272 1.29 63.26 14.94
N VAL C 273 1.81 63.65 13.77
CA VAL C 273 1.85 65.06 13.41
C VAL C 273 0.56 65.45 12.68
N ARG C 274 -0.01 64.52 11.90
CA ARG C 274 -1.28 64.79 11.24
C ARG C 274 -2.41 64.74 12.27
N ASP C 275 -2.26 63.87 13.28
CA ASP C 275 -3.25 63.74 14.35
C ASP C 275 -3.04 64.78 15.45
N LYS C 276 -1.99 65.58 15.32
CA LYS C 276 -1.65 66.60 16.32
C LYS C 276 -1.55 66.04 17.75
N LYS C 277 -1.18 64.76 17.88
CA LYS C 277 -0.94 64.16 19.20
C LYS C 277 0.41 64.59 19.75
N ILE C 278 1.25 65.15 18.89
CA ILE C 278 2.56 65.68 19.26
C ILE C 278 2.73 66.92 18.39
N ASP C 279 3.50 67.90 18.85
CA ASP C 279 3.71 69.09 18.03
C ASP C 279 5.02 69.81 18.34
N GLY C 280 5.44 70.63 17.38
CA GLY C 280 6.71 71.35 17.48
C GLY C 280 7.65 70.96 16.35
N ILE C 281 7.17 70.09 15.45
CA ILE C 281 7.99 69.49 14.41
C ILE C 281 7.66 70.10 13.05
N THR C 282 8.67 70.73 12.43
CA THR C 282 8.48 71.42 11.16
C THR C 282 8.75 70.51 9.95
N ASP C 283 9.76 69.65 10.04
CA ASP C 283 10.03 68.70 8.95
C ASP C 283 10.60 67.36 9.44
N LEU C 284 10.63 66.37 8.54
CA LEU C 284 10.95 64.99 8.87
C LEU C 284 11.56 64.28 7.65
N ARG C 285 12.90 64.19 7.61
CA ARG C 285 13.62 63.64 6.45
C ARG C 285 14.39 62.37 6.77
N ASP C 286 14.30 61.39 5.88
CA ASP C 286 15.11 60.17 5.95
C ASP C 286 16.31 60.30 5.02
N GLU C 287 17.47 60.61 5.60
CA GLU C 287 18.68 60.90 4.85
C GLU C 287 19.66 59.73 4.89
N THR C 288 19.14 58.52 5.05
CA THR C 288 19.97 57.32 5.17
C THR C 288 20.71 57.04 3.88
N SER C 289 22.04 57.12 3.95
CA SER C 289 22.91 56.86 2.81
C SER C 289 23.88 55.73 3.14
N LEU C 290 24.52 55.19 2.12
CA LEU C 290 25.52 54.14 2.34
C LEU C 290 26.66 54.66 3.21
N ARG C 291 27.02 55.92 3.00
CA ARG C 291 28.23 56.49 3.61
C ARG C 291 27.99 57.03 5.02
N THR C 292 26.76 57.48 5.32
CA THR C 292 26.41 57.91 6.68
C THR C 292 25.66 56.81 7.42
N GLY C 293 25.22 55.81 6.67
CA GLY C 293 24.29 54.84 7.22
C GLY C 293 23.00 55.55 7.61
N VAL C 294 22.27 54.94 8.53
CA VAL C 294 21.05 55.50 9.07
C VAL C 294 21.22 56.96 9.49
N ARG C 295 20.18 57.75 9.24
CA ARG C 295 20.12 59.15 9.63
C ARG C 295 18.72 59.66 9.35
N VAL C 296 17.95 59.84 10.41
CA VAL C 296 16.63 60.44 10.33
C VAL C 296 16.70 61.81 11.00
N VAL C 297 16.28 62.85 10.27
CA VAL C 297 16.38 64.21 10.79
C VAL C 297 14.99 64.77 11.10
N ILE C 298 14.85 65.28 12.32
CA ILE C 298 13.62 65.92 12.77
C ILE C 298 13.89 67.39 13.07
N ASP C 299 13.25 68.26 12.31
CA ASP C 299 13.37 69.70 12.52
C ASP C 299 12.34 70.19 13.54
N VAL C 300 12.76 71.16 14.36
CA VAL C 300 11.97 71.62 15.50
C VAL C 300 11.65 73.12 15.43
N ARG C 301 10.36 73.44 15.61
CA ARG C 301 9.89 74.83 15.68
C ARG C 301 10.58 75.61 16.81
N LYS C 302 11.06 76.80 16.49
CA LYS C 302 11.81 77.66 17.42
C LYS C 302 11.21 77.72 18.83
N ASP C 303 9.89 77.88 18.91
CA ASP C 303 9.21 78.01 20.19
C ASP C 303 9.29 76.72 21.02
N ALA C 304 9.23 75.58 20.33
CA ALA C 304 9.16 74.29 21.00
C ALA C 304 10.49 73.91 21.64
N ASN C 305 10.44 73.07 22.67
CA ASN C 305 11.65 72.50 23.27
C ASN C 305 11.91 71.09 22.73
N ALA C 306 12.95 70.97 21.92
CA ALA C 306 13.26 69.73 21.22
C ALA C 306 13.59 68.56 22.16
N SER C 307 13.96 68.86 23.39
CA SER C 307 14.28 67.81 24.35
C SER C 307 12.99 67.15 24.83
N VAL C 308 11.97 67.98 25.07
CA VAL C 308 10.63 67.51 25.38
C VAL C 308 10.10 66.65 24.25
N ILE C 309 10.20 67.16 23.02
CA ILE C 309 9.73 66.45 21.84
C ILE C 309 10.36 65.06 21.73
N LEU C 310 11.69 65.00 21.85
CA LEU C 310 12.41 63.74 21.72
C LEU C 310 11.94 62.72 22.75
N ASN C 311 11.83 63.15 24.01
CA ASN C 311 11.40 62.26 25.08
C ASN C 311 9.98 61.74 24.89
N ASN C 312 9.09 62.59 24.38
CA ASN C 312 7.73 62.17 24.10
C ASN C 312 7.71 61.18 22.93
N LEU C 313 8.65 61.34 22.00
CA LEU C 313 8.76 60.42 20.88
C LEU C 313 9.21 59.03 21.31
N TYR C 314 10.21 58.94 22.21
CA TYR C 314 10.64 57.65 22.75
C TYR C 314 9.45 56.86 23.28
N LYS C 315 8.55 57.57 23.95
CA LYS C 315 7.40 56.95 24.58
C LYS C 315 6.32 56.59 23.55
N GLN C 316 6.17 57.44 22.53
CA GLN C 316 5.02 57.39 21.62
C GLN C 316 5.26 56.68 20.28
N THR C 317 6.50 56.33 19.98
CA THR C 317 6.84 55.63 18.73
C THR C 317 7.86 54.53 19.01
N PRO C 318 8.14 53.66 18.02
CA PRO C 318 9.16 52.66 18.33
C PRO C 318 10.59 53.23 18.25
N LEU C 319 10.74 54.52 18.51
CA LEU C 319 12.06 55.13 18.70
C LEU C 319 12.70 54.48 19.93
N GLN C 320 11.86 54.04 20.87
CA GLN C 320 12.31 53.19 21.97
C GLN C 320 11.40 51.97 22.03
N THR C 321 12.02 50.79 22.02
CA THR C 321 11.26 49.53 22.03
C THR C 321 11.84 48.55 23.04
N SER C 322 11.01 47.59 23.46
CA SER C 322 11.43 46.54 24.37
C SER C 322 11.78 45.26 23.66
N PHE C 323 12.89 44.65 24.07
CA PHE C 323 13.19 43.27 23.68
C PHE C 323 12.80 42.33 24.81
N GLY C 324 11.79 41.51 24.55
CA GLY C 324 11.28 40.58 25.56
C GLY C 324 11.96 39.23 25.49
N VAL C 325 13.04 39.08 26.26
CA VAL C 325 13.86 37.88 26.27
C VAL C 325 13.06 36.67 26.77
N ASN C 326 12.93 35.65 25.92
CA ASN C 326 12.40 34.35 26.34
C ASN C 326 13.31 33.23 25.82
N MET C 327 14.31 32.88 26.63
CA MET C 327 15.37 31.99 26.18
C MET C 327 14.95 30.52 26.25
N ILE C 328 14.28 30.07 25.19
CA ILE C 328 13.91 28.67 25.02
C ILE C 328 14.60 28.11 23.78
N ALA C 329 15.46 27.11 23.99
CA ALA C 329 16.09 26.37 22.91
C ALA C 329 15.76 24.89 23.07
N LEU C 330 16.01 24.11 22.03
CA LEU C 330 15.91 22.66 22.14
C LEU C 330 17.15 22.12 22.85
N VAL C 331 16.93 21.50 24.01
CA VAL C 331 18.02 20.89 24.79
C VAL C 331 17.71 19.40 24.99
N ASN C 332 18.61 18.54 24.52
CA ASN C 332 18.34 17.10 24.41
C ASN C 332 17.11 16.82 23.54
N GLY C 333 16.85 17.71 22.59
CA GLY C 333 15.74 17.53 21.68
C GLY C 333 14.39 17.94 22.26
N ARG C 334 14.36 18.30 23.54
CA ARG C 334 13.17 18.85 24.16
C ARG C 334 13.39 20.34 24.38
N PRO C 335 12.30 21.13 24.39
CA PRO C 335 12.49 22.56 24.67
C PRO C 335 12.66 22.80 26.15
N LYS C 336 13.23 23.95 26.50
CA LYS C 336 13.58 24.25 27.87
C LYS C 336 13.87 25.73 28.04
N LEU C 337 13.23 26.35 29.03
CA LEU C 337 13.66 27.66 29.47
C LEU C 337 15.01 27.53 30.14
N ILE C 338 16.00 28.22 29.59
CA ILE C 338 17.35 28.19 30.14
C ILE C 338 17.83 29.60 30.37
N ASN C 339 18.83 29.74 31.24
CA ASN C 339 19.39 31.03 31.60
C ASN C 339 20.75 31.16 30.94
N LEU C 340 21.50 32.23 31.21
CA LEU C 340 22.77 32.44 30.51
C LEU C 340 23.73 31.27 30.72
N LYS C 341 23.75 30.70 31.92
CA LYS C 341 24.77 29.71 32.22
C LYS C 341 24.51 28.38 31.52
N GLU C 342 23.30 27.83 31.67
CA GLU C 342 22.94 26.59 30.99
C GLU C 342 23.18 26.77 29.50
N ALA C 343 22.87 27.96 29.01
CA ALA C 343 23.07 28.30 27.61
C ALA C 343 24.53 28.08 27.22
N LEU C 344 25.44 28.65 28.00
CA LEU C 344 26.86 28.49 27.74
C LEU C 344 27.32 27.06 28.08
N VAL C 345 26.76 26.49 29.15
CA VAL C 345 27.20 25.17 29.62
C VAL C 345 26.89 24.06 28.62
N HIS C 346 25.75 24.12 27.96
CA HIS C 346 25.40 23.12 26.96
C HIS C 346 26.26 23.31 25.74
N TYR C 347 26.63 24.56 25.48
CA TYR C 347 27.50 24.84 24.35
C TYR C 347 28.90 24.31 24.59
N LEU C 348 29.50 24.71 25.71
CA LEU C 348 30.84 24.25 26.04
C LEU C 348 30.89 22.73 25.96
N GLU C 349 29.89 22.08 26.54
CA GLU C 349 29.79 20.63 26.50
C GLU C 349 29.70 20.12 25.05
N HIS C 350 29.12 20.93 24.16
CA HIS C 350 29.03 20.55 22.76
C HIS C 350 30.41 20.57 22.11
N GLN C 351 31.25 21.52 22.54
CA GLN C 351 32.59 21.65 21.99
C GLN C 351 33.51 20.56 22.53
N LYS C 352 33.32 20.18 23.78
CA LYS C 352 34.12 19.14 24.39
C LYS C 352 33.86 17.79 23.70
N THR C 353 32.63 17.61 23.21
CA THR C 353 32.28 16.38 22.49
C THR C 353 32.83 16.42 21.06
N VAL C 354 32.60 17.54 20.38
CA VAL C 354 33.07 17.70 19.00
C VAL C 354 34.58 17.47 18.96
N VAL C 355 35.31 18.17 19.82
CA VAL C 355 36.77 18.07 19.81
C VAL C 355 37.25 16.67 20.23
N ARG C 356 36.52 16.02 21.14
CA ARG C 356 36.87 14.64 21.52
C ARG C 356 36.71 13.74 20.28
N ARG C 357 35.46 13.54 19.86
CA ARG C 357 35.15 12.74 18.67
C ARG C 357 36.05 13.03 17.46
N ARG C 358 36.55 14.26 17.33
CA ARG C 358 37.45 14.57 16.22
C ARG C 358 38.80 13.92 16.48
N THR C 359 39.37 14.26 17.63
CA THR C 359 40.64 13.67 18.04
C THR C 359 40.54 12.15 18.02
N GLN C 360 39.41 11.64 18.50
CA GLN C 360 39.12 10.20 18.41
C GLN C 360 39.14 9.72 16.96
N TYR C 361 38.57 10.52 16.06
CA TYR C 361 38.54 10.16 14.64
C TYR C 361 39.94 10.20 14.05
N ASN C 362 40.70 11.25 14.38
CA ASN C 362 42.04 11.41 13.87
C ASN C 362 42.98 10.33 14.38
N LEU C 363 42.59 9.69 15.48
CA LEU C 363 43.40 8.60 16.02
C LEU C 363 43.23 7.36 15.15
N ARG C 364 41.98 6.91 15.03
CA ARG C 364 41.66 5.76 14.18
C ARG C 364 42.27 5.88 12.78
N LYS C 365 42.41 7.10 12.28
CA LYS C 365 42.96 7.32 10.95
C LYS C 365 44.48 7.30 10.96
N ALA C 366 45.08 7.86 12.00
CA ALA C 366 46.53 7.87 12.12
C ALA C 366 47.04 6.44 12.26
N LYS C 367 46.51 5.72 13.25
CA LYS C 367 46.91 4.35 13.51
C LYS C 367 46.70 3.46 12.28
N ASP C 368 45.57 3.64 11.61
CA ASP C 368 45.28 2.89 10.39
C ASP C 368 46.35 3.12 9.33
N ARG C 369 46.70 4.39 9.09
CA ARG C 369 47.75 4.73 8.14
C ARG C 369 49.09 4.16 8.60
N ALA C 370 49.41 4.39 9.87
CA ALA C 370 50.69 3.95 10.41
C ALA C 370 50.88 2.45 10.24
N HIS C 371 49.77 1.71 10.34
CA HIS C 371 49.79 0.27 10.09
C HIS C 371 50.26 -0.02 8.66
N ILE C 372 49.69 0.71 7.71
CA ILE C 372 50.01 0.53 6.30
C ILE C 372 51.46 0.92 6.02
N LEU C 373 51.89 2.05 6.57
CA LEU C 373 53.26 2.52 6.38
C LEU C 373 54.27 1.48 6.87
N GLU C 374 53.93 0.81 7.97
CA GLU C 374 54.80 -0.23 8.51
C GLU C 374 55.02 -1.34 7.50
N GLY C 375 53.95 -1.85 6.92
CA GLY C 375 54.05 -2.85 5.87
C GLY C 375 54.82 -2.32 4.67
N LEU C 376 54.73 -1.02 4.42
CA LEU C 376 55.43 -0.41 3.31
C LEU C 376 56.91 -0.30 3.62
N ARG C 377 57.23 -0.13 4.90
CA ARG C 377 58.61 -0.02 5.33
C ARG C 377 59.31 -1.37 5.23
N ILE C 378 58.71 -2.39 5.83
CA ILE C 378 59.07 -3.78 5.57
C ILE C 378 59.38 -3.98 4.10
N ALA C 379 58.37 -3.75 3.27
CA ALA C 379 58.49 -3.94 1.83
C ALA C 379 59.70 -3.21 1.27
N LEU C 380 59.96 -2.02 1.79
CA LEU C 380 61.06 -1.20 1.27
C LEU C 380 62.42 -1.70 1.74
N ASP C 381 62.43 -2.57 2.75
CA ASP C 381 63.68 -3.12 3.27
C ASP C 381 64.03 -4.48 2.67
N HIS C 382 63.12 -5.02 1.86
CA HIS C 382 63.29 -6.33 1.24
C HIS C 382 62.68 -6.31 -0.14
N ILE C 383 62.75 -5.12 -0.75
CA ILE C 383 62.02 -4.86 -1.96
C ILE C 383 62.41 -5.85 -3.05
N ASP C 384 63.63 -6.37 -2.96
CA ASP C 384 64.07 -7.41 -3.88
C ASP C 384 63.24 -8.68 -3.75
N GLU C 385 63.00 -9.13 -2.53
CA GLU C 385 62.27 -10.38 -2.30
C GLU C 385 60.76 -10.13 -2.32
N ILE C 386 60.35 -8.91 -2.03
CA ILE C 386 58.92 -8.57 -2.13
C ILE C 386 58.51 -8.74 -3.58
N ILE C 387 59.34 -8.23 -4.48
CA ILE C 387 59.05 -8.29 -5.90
C ILE C 387 58.98 -9.72 -6.42
N SER C 388 60.08 -10.46 -6.29
CA SER C 388 60.12 -11.83 -6.81
C SER C 388 58.98 -12.67 -6.22
N THR C 389 58.65 -12.42 -4.96
CA THR C 389 57.52 -13.08 -4.32
C THR C 389 56.21 -12.80 -5.07
N ILE C 390 56.02 -11.57 -5.52
CA ILE C 390 54.84 -11.24 -6.29
C ILE C 390 54.93 -11.89 -7.68
N ARG C 391 56.14 -11.94 -8.22
CA ARG C 391 56.34 -12.49 -9.55
C ARG C 391 56.03 -13.99 -9.62
N GLU C 392 56.41 -14.74 -8.59
CA GLU C 392 56.16 -16.17 -8.56
C GLU C 392 54.66 -16.46 -8.42
N SER C 393 53.88 -15.42 -8.22
CA SER C 393 52.44 -15.58 -8.00
C SER C 393 51.71 -15.60 -9.33
N ASP C 394 50.73 -16.50 -9.43
CA ASP C 394 49.89 -16.58 -10.61
C ASP C 394 48.81 -15.49 -10.53
N THR C 395 48.13 -15.44 -9.40
CA THR C 395 47.04 -14.49 -9.17
C THR C 395 47.38 -13.50 -8.07
N ASP C 396 46.61 -12.41 -7.99
CA ASP C 396 46.78 -11.43 -6.93
C ASP C 396 46.54 -12.07 -5.57
N LYS C 397 45.64 -13.05 -5.52
CA LYS C 397 45.31 -13.72 -4.27
C LYS C 397 46.47 -14.56 -3.75
N VAL C 398 47.21 -15.19 -4.66
CA VAL C 398 48.38 -15.98 -4.26
C VAL C 398 49.48 -15.06 -3.75
N ALA C 399 49.67 -13.92 -4.40
CA ALA C 399 50.64 -12.93 -3.95
C ALA C 399 50.22 -12.39 -2.59
N MET C 400 48.92 -12.20 -2.40
CA MET C 400 48.38 -11.79 -1.12
C MET C 400 48.66 -12.82 -0.04
N GLU C 401 48.45 -14.09 -0.38
CA GLU C 401 48.72 -15.19 0.54
C GLU C 401 50.21 -15.29 0.82
N SER C 402 51.00 -15.27 -0.24
CA SER C 402 52.44 -15.40 -0.13
C SER C 402 53.05 -14.25 0.67
N LEU C 403 52.67 -13.02 0.35
CA LEU C 403 53.20 -11.85 1.05
C LEU C 403 52.87 -11.86 2.54
N GLN C 404 51.71 -12.38 2.91
CA GLN C 404 51.27 -12.37 4.30
C GLN C 404 52.00 -13.44 5.10
N GLN C 405 52.06 -14.65 4.55
CA GLN C 405 52.73 -15.77 5.22
C GLN C 405 54.23 -15.52 5.37
N ARG C 406 54.89 -15.09 4.30
CA ARG C 406 56.34 -14.95 4.31
C ARG C 406 56.80 -13.80 5.21
N PHE C 407 56.32 -12.59 4.97
CA PHE C 407 56.83 -11.41 5.67
C PHE C 407 55.93 -10.98 6.84
N LYS C 408 55.22 -11.94 7.43
CA LYS C 408 54.40 -11.69 8.61
C LYS C 408 53.50 -10.46 8.46
N LEU C 409 52.84 -10.36 7.31
CA LEU C 409 52.05 -9.17 6.98
C LEU C 409 50.56 -9.43 7.15
N SER C 410 49.82 -8.33 7.29
CA SER C 410 48.36 -8.36 7.36
C SER C 410 47.77 -8.23 5.96
N GLU C 411 46.45 -8.38 5.88
CA GLU C 411 45.74 -8.25 4.62
C GLU C 411 45.81 -6.82 4.11
N LYS C 412 45.53 -5.87 5.00
CA LYS C 412 45.63 -4.46 4.67
C LYS C 412 47.06 -4.08 4.25
N GLN C 413 48.04 -4.79 4.79
CA GLN C 413 49.45 -4.53 4.49
C GLN C 413 49.89 -5.17 3.18
N ALA C 414 49.42 -6.39 2.93
CA ALA C 414 49.73 -7.06 1.67
C ALA C 414 49.08 -6.29 0.53
N GLN C 415 47.80 -5.95 0.71
CA GLN C 415 47.06 -5.17 -0.28
C GLN C 415 47.75 -3.84 -0.59
N ALA C 416 48.34 -3.23 0.43
CA ALA C 416 48.97 -1.91 0.28
C ALA C 416 50.24 -2.02 -0.54
N ILE C 417 50.95 -3.13 -0.36
CA ILE C 417 52.20 -3.37 -1.06
C ILE C 417 51.93 -3.66 -2.53
N LEU C 418 50.92 -4.48 -2.77
CA LEU C 418 50.47 -4.76 -4.14
C LEU C 418 50.08 -3.47 -4.86
N ASP C 419 49.33 -2.61 -4.18
CA ASP C 419 48.88 -1.34 -4.77
C ASP C 419 50.00 -0.30 -4.89
N MET C 420 51.23 -0.67 -4.55
CA MET C 420 52.34 0.27 -4.52
C MET C 420 52.84 0.60 -5.92
N ARG C 421 53.04 1.89 -6.20
CA ARG C 421 53.45 2.35 -7.53
C ARG C 421 54.99 2.45 -7.62
N LEU C 422 55.55 1.87 -8.68
CA LEU C 422 57.01 1.74 -8.83
C LEU C 422 57.79 3.03 -8.55
N ARG C 423 57.12 4.18 -8.67
CA ARG C 423 57.79 5.47 -8.42
C ARG C 423 58.12 5.66 -6.94
N ARG C 424 57.46 4.91 -6.06
CA ARG C 424 57.76 4.97 -4.64
C ARG C 424 59.17 4.42 -4.36
N LEU C 425 59.71 3.67 -5.32
CA LEU C 425 61.02 3.04 -5.15
C LEU C 425 62.17 4.01 -5.42
N THR C 426 61.88 5.12 -6.09
CA THR C 426 62.87 6.20 -6.22
C THR C 426 63.22 6.67 -4.81
N GLY C 427 64.47 7.11 -4.63
CA GLY C 427 64.96 7.54 -3.33
C GLY C 427 64.08 8.54 -2.59
N LEU C 428 63.73 9.64 -3.24
CA LEU C 428 62.94 10.69 -2.59
C LEU C 428 61.64 10.15 -2.01
N GLU C 429 60.96 9.28 -2.75
CA GLU C 429 59.70 8.72 -2.26
C GLU C 429 59.97 7.72 -1.15
N ARG C 430 61.13 7.07 -1.21
CA ARG C 430 61.49 6.11 -0.17
C ARG C 430 61.70 6.82 1.16
N ASP C 431 62.26 8.02 1.10
CA ASP C 431 62.43 8.85 2.28
C ASP C 431 61.07 9.37 2.77
N LYS C 432 60.24 9.83 1.84
CA LYS C 432 58.91 10.33 2.15
C LYS C 432 58.09 9.33 2.97
N ILE C 433 58.28 8.05 2.70
CA ILE C 433 57.54 6.99 3.39
C ILE C 433 58.00 6.87 4.85
N GLU C 434 59.31 6.99 5.07
CA GLU C 434 59.85 6.99 6.42
C GLU C 434 59.44 8.26 7.16
N ALA C 435 59.54 9.38 6.46
CA ALA C 435 59.36 10.69 7.10
C ALA C 435 57.92 10.86 7.58
N GLU C 436 56.98 10.37 6.78
CA GLU C 436 55.58 10.41 7.13
C GLU C 436 55.31 9.57 8.37
N TYR C 437 55.85 8.34 8.37
CA TYR C 437 55.73 7.45 9.52
C TYR C 437 56.15 8.13 10.81
N ASN C 438 57.38 8.64 10.82
CA ASN C 438 57.95 9.26 12.01
C ASN C 438 57.06 10.37 12.54
N GLU C 439 56.76 11.34 11.70
CA GLU C 439 55.84 12.43 12.05
C GLU C 439 54.53 11.88 12.62
N LEU C 440 53.95 10.93 11.91
CA LEU C 440 52.70 10.31 12.31
C LEU C 440 52.76 9.72 13.72
N LEU C 441 53.92 9.22 14.12
CA LEU C 441 54.07 8.59 15.43
C LEU C 441 53.99 9.63 16.53
N ASN C 442 54.63 10.76 16.28
CA ASN C 442 54.61 11.89 17.19
C ASN C 442 53.23 12.53 17.22
N TYR C 443 52.48 12.40 16.13
CA TYR C 443 51.12 12.92 16.08
C TYR C 443 50.17 12.03 16.88
N ILE C 444 50.35 10.72 16.79
CA ILE C 444 49.54 9.78 17.57
C ILE C 444 49.83 10.01 19.06
N SER C 445 51.07 10.38 19.37
CA SER C 445 51.45 10.72 20.74
C SER C 445 50.60 11.88 21.24
N GLU C 446 50.65 12.97 20.49
CA GLU C 446 49.89 14.18 20.78
C GLU C 446 48.40 13.89 20.96
N LEU C 447 47.86 13.03 20.08
CA LEU C 447 46.44 12.68 20.11
C LEU C 447 46.06 11.78 21.27
N GLU C 448 47.05 11.08 21.83
CA GLU C 448 46.80 10.17 22.94
C GLU C 448 46.99 10.88 24.27
N THR C 449 47.78 11.95 24.24
CA THR C 449 47.87 12.87 25.36
C THR C 449 46.49 13.48 25.59
N ILE C 450 45.95 14.01 24.50
CA ILE C 450 44.68 14.71 24.50
C ILE C 450 43.52 13.87 25.08
N LEU C 451 43.36 12.66 24.59
CA LEU C 451 42.25 11.80 25.03
C LEU C 451 42.45 11.25 26.44
N ALA C 452 43.69 11.29 26.94
CA ALA C 452 44.01 10.70 28.24
C ALA C 452 43.85 11.70 29.38
N ASP C 453 43.98 13.00 29.07
CA ASP C 453 43.82 14.05 30.07
C ASP C 453 42.73 15.03 29.66
N GLU C 454 41.75 15.19 30.55
CA GLU C 454 40.60 16.05 30.31
C GLU C 454 40.96 17.54 30.25
N GLU C 455 42.08 17.92 30.85
CA GLU C 455 42.51 19.32 30.86
C GLU C 455 43.25 19.66 29.57
N VAL C 456 44.04 18.72 29.08
CA VAL C 456 44.74 18.91 27.80
C VAL C 456 43.70 19.11 26.71
N LEU C 457 42.68 18.24 26.72
CA LEU C 457 41.53 18.39 25.84
C LEU C 457 40.87 19.74 26.04
N LEU C 458 40.47 20.03 27.27
CA LEU C 458 39.77 21.27 27.56
C LEU C 458 40.59 22.45 27.06
N GLN C 459 41.91 22.40 27.28
CA GLN C 459 42.79 23.49 26.87
C GLN C 459 42.81 23.61 25.36
N LEU C 460 42.70 22.49 24.65
CA LEU C 460 42.60 22.53 23.19
C LEU C 460 41.40 23.38 22.79
N VAL C 461 40.23 23.02 23.31
CA VAL C 461 39.01 23.77 23.11
C VAL C 461 39.23 25.27 23.33
N ARG C 462 39.79 25.62 24.49
CA ARG C 462 40.12 27.01 24.81
C ARG C 462 40.99 27.62 23.72
N ASP C 463 41.96 26.85 23.23
CA ASP C 463 42.95 27.38 22.31
C ASP C 463 42.34 27.66 20.95
N GLU C 464 41.45 26.80 20.50
CA GLU C 464 40.79 26.98 19.21
C GLU C 464 39.75 28.08 19.30
N LEU C 465 38.97 28.11 20.39
CA LEU C 465 37.98 29.17 20.59
C LEU C 465 38.64 30.54 20.57
N THR C 466 39.84 30.63 21.15
CA THR C 466 40.54 31.90 21.24
C THR C 466 41.06 32.31 19.85
N GLU C 467 41.32 31.32 19.01
CA GLU C 467 41.71 31.59 17.62
C GLU C 467 40.54 32.24 16.87
N ILE C 468 39.35 31.66 17.01
CA ILE C 468 38.14 32.20 16.39
C ILE C 468 37.93 33.63 16.86
N ARG C 469 38.10 33.84 18.17
CA ARG C 469 37.93 35.15 18.77
C ARG C 469 38.82 36.17 18.09
N ASP C 470 40.05 35.76 17.80
CA ASP C 470 41.06 36.68 17.27
C ASP C 470 40.94 36.86 15.76
N ARG C 471 40.04 36.12 15.11
CA ARG C 471 39.83 36.24 13.67
C ARG C 471 38.47 36.85 13.31
N PHE C 472 37.50 36.70 14.21
CA PHE C 472 36.12 37.12 13.91
C PHE C 472 35.54 38.06 14.96
N GLY C 473 36.10 38.04 16.16
CA GLY C 473 35.66 38.93 17.22
C GLY C 473 35.71 40.37 16.76
N ASP C 474 34.78 41.18 17.26
CA ASP C 474 34.68 42.57 16.83
C ASP C 474 34.21 43.47 17.96
N ASP C 475 34.32 44.77 17.74
CA ASP C 475 33.85 45.77 18.69
C ASP C 475 32.39 45.52 19.07
N ARG C 476 32.00 46.05 20.23
CA ARG C 476 30.60 46.01 20.65
C ARG C 476 29.87 47.18 20.01
N ARG C 477 28.63 46.95 19.58
CA ARG C 477 27.88 47.94 18.82
C ARG C 477 26.87 48.70 19.66
N THR C 478 26.24 47.99 20.59
CA THR C 478 25.18 48.57 21.41
C THR C 478 25.77 49.15 22.69
N GLU C 479 25.44 50.40 22.98
CA GLU C 479 25.87 51.04 24.21
C GLU C 479 24.89 50.75 25.33
N ILE C 480 25.38 50.12 26.40
CA ILE C 480 24.57 49.90 27.58
C ILE C 480 24.76 51.04 28.56
N GLN C 481 23.71 51.82 28.75
CA GLN C 481 23.72 52.97 29.65
C GLN C 481 23.20 52.58 31.03
N LEU C 482 23.69 53.25 32.06
CA LEU C 482 23.19 53.04 33.42
C LEU C 482 22.15 54.09 33.81
N LYS D 1 -13.29 29.50 -4.72
CA LYS D 1 -13.87 29.01 -5.97
C LYS D 1 -14.29 27.55 -5.84
N LEU D 2 -15.54 27.34 -5.43
CA LEU D 2 -16.12 26.01 -5.33
C LEU D 2 -16.47 25.46 -6.70
N ALA D 3 -16.13 24.19 -6.94
CA ALA D 3 -16.57 23.45 -8.12
C ALA D 3 -17.60 22.40 -7.73
N ASP D 4 -18.82 22.58 -8.20
CA ASP D 4 -19.96 21.79 -7.75
C ASP D 4 -20.33 20.68 -8.73
N CYS D 5 -21.16 19.75 -8.26
CA CYS D 5 -21.57 18.58 -9.04
C CYS D 5 -22.91 18.79 -9.75
N SER D 6 -23.18 17.98 -10.76
CA SER D 6 -24.41 18.06 -11.53
C SER D 6 -25.64 17.66 -10.73
N SER D 7 -25.54 16.57 -9.98
CA SER D 7 -26.68 16.02 -9.26
C SER D 7 -27.15 16.93 -8.14
N LYS D 8 -28.46 17.10 -8.04
CA LYS D 8 -29.07 17.94 -7.02
C LYS D 8 -29.71 17.12 -5.89
N SER D 9 -29.33 15.84 -5.78
CA SER D 9 -29.83 14.97 -4.71
C SER D 9 -28.79 14.75 -3.60
N PRO D 10 -28.91 15.48 -2.48
CA PRO D 10 -27.87 15.49 -1.43
C PRO D 10 -27.49 14.10 -0.90
N GLU D 11 -28.41 13.14 -0.96
CA GLU D 11 -28.15 11.80 -0.44
C GLU D 11 -26.99 11.12 -1.17
N GLU D 12 -26.91 11.34 -2.48
CA GLU D 12 -25.89 10.69 -3.30
C GLU D 12 -24.68 11.59 -3.54
N CYS D 13 -24.82 12.87 -3.24
CA CYS D 13 -23.73 13.83 -3.46
C CYS D 13 -22.77 13.87 -2.28
N GLU D 14 -21.61 14.46 -2.54
CA GLU D 14 -20.55 14.58 -1.54
C GLU D 14 -19.62 15.74 -1.92
N ILE D 15 -19.17 16.48 -0.92
CA ILE D 15 -18.24 17.60 -1.14
C ILE D 15 -16.89 17.28 -0.53
N PHE D 16 -15.83 17.52 -1.31
CA PHE D 16 -14.47 17.32 -0.84
C PHE D 16 -13.82 18.66 -0.50
N LEU D 17 -13.38 18.80 0.74
CA LEU D 17 -12.63 19.98 1.18
C LEU D 17 -11.14 19.67 1.12
N VAL D 18 -10.44 20.19 0.11
CA VAL D 18 -9.07 19.73 -0.13
C VAL D 18 -8.01 20.80 0.16
N GLU D 19 -6.85 20.35 0.66
CA GLU D 19 -5.72 21.22 0.96
C GLU D 19 -5.03 21.71 -0.30
N GLY D 20 -4.75 23.01 -0.36
CA GLY D 20 -3.96 23.58 -1.43
C GLY D 20 -4.72 23.75 -2.73
N ASP D 21 -4.33 24.77 -3.49
CA ASP D 21 -4.99 25.07 -4.76
C ASP D 21 -4.59 24.08 -5.86
N SER D 22 -3.42 23.46 -5.70
CA SER D 22 -2.96 22.45 -6.65
C SER D 22 -3.81 21.19 -6.60
N ALA D 23 -4.03 20.66 -5.40
CA ALA D 23 -4.85 19.45 -5.24
C ALA D 23 -6.29 19.73 -5.64
N GLY D 24 -6.68 21.00 -5.61
CA GLY D 24 -8.02 21.39 -6.03
C GLY D 24 -8.25 21.09 -7.50
N GLY D 25 -7.36 21.60 -8.34
CA GLY D 25 -7.46 21.40 -9.78
C GLY D 25 -7.36 19.95 -10.23
N SER D 26 -6.44 19.20 -9.66
CA SER D 26 -6.28 17.79 -9.99
C SER D 26 -7.53 17.02 -9.60
N THR D 27 -7.98 17.28 -8.38
CA THR D 27 -9.18 16.68 -7.82
C THR D 27 -10.40 16.95 -8.72
N LYS D 28 -10.48 18.17 -9.26
CA LYS D 28 -11.57 18.56 -10.16
C LYS D 28 -11.58 17.80 -11.48
N SER D 29 -10.41 17.40 -11.95
CA SER D 29 -10.33 16.61 -13.19
C SER D 29 -10.53 15.13 -12.90
N GLY D 30 -10.16 14.70 -11.70
CA GLY D 30 -10.27 13.31 -11.32
C GLY D 30 -11.63 12.90 -10.80
N ARG D 31 -12.49 13.88 -10.54
CA ARG D 31 -13.75 13.62 -9.83
C ARG D 31 -14.88 13.10 -10.71
N ASP D 32 -15.77 12.33 -10.10
CA ASP D 32 -17.06 12.03 -10.70
C ASP D 32 -17.89 13.30 -10.68
N SER D 33 -17.91 14.02 -11.80
CA SER D 33 -18.52 15.35 -11.85
C SER D 33 -20.02 15.33 -11.56
N ARG D 34 -20.60 14.13 -11.50
CA ARG D 34 -22.04 13.98 -11.26
C ARG D 34 -22.41 14.14 -9.78
N THR D 35 -21.63 13.53 -8.89
CA THR D 35 -21.95 13.48 -7.46
C THR D 35 -20.90 14.11 -6.55
N GLN D 36 -19.80 14.61 -7.11
CA GLN D 36 -18.67 15.08 -6.31
C GLN D 36 -18.32 16.53 -6.58
N ALA D 37 -18.33 17.34 -5.52
CA ALA D 37 -18.00 18.76 -5.59
C ALA D 37 -16.71 19.02 -4.82
N ILE D 38 -15.97 20.07 -5.20
CA ILE D 38 -14.72 20.42 -4.53
C ILE D 38 -14.66 21.88 -4.10
N LEU D 39 -14.31 22.06 -2.84
CA LEU D 39 -14.01 23.35 -2.24
C LEU D 39 -12.55 23.38 -1.80
N PRO D 40 -11.66 23.93 -2.63
CA PRO D 40 -10.24 24.08 -2.25
C PRO D 40 -10.05 24.98 -1.04
N LEU D 41 -9.04 24.70 -0.22
CA LEU D 41 -8.77 25.50 0.98
C LEU D 41 -7.38 26.14 0.93
N ARG D 42 -7.34 27.43 0.59
CA ARG D 42 -6.09 28.16 0.41
C ARG D 42 -5.30 28.32 1.70
N GLY D 43 -4.68 27.23 2.15
CA GLY D 43 -3.70 27.28 3.22
C GLY D 43 -4.22 26.87 4.58
N LYS D 44 -3.79 27.56 5.62
CA LYS D 44 -4.35 27.39 6.96
C LYS D 44 -5.68 28.14 7.05
N ILE D 45 -6.67 27.50 7.67
CA ILE D 45 -7.97 28.14 7.89
C ILE D 45 -8.07 28.66 9.33
N LEU D 46 -8.73 29.80 9.47
CA LEU D 46 -9.09 30.40 10.75
C LEU D 46 -9.33 29.40 11.89
N ASN D 47 -8.75 29.69 13.05
CA ASN D 47 -9.16 29.02 14.29
C ASN D 47 -10.33 29.78 14.89
N VAL D 48 -11.51 29.17 14.85
CA VAL D 48 -12.74 29.82 15.29
C VAL D 48 -12.92 29.78 16.82
N GLU D 49 -12.17 28.91 17.49
CA GLU D 49 -12.18 28.87 18.95
C GLU D 49 -11.48 30.09 19.54
N LYS D 50 -10.76 30.81 18.70
CA LYS D 50 -9.92 31.93 19.13
C LYS D 50 -10.51 33.27 18.72
N ALA D 51 -11.39 33.26 17.73
CA ALA D 51 -11.97 34.49 17.19
C ALA D 51 -13.36 34.77 17.75
N ARG D 52 -13.71 36.05 17.85
CA ARG D 52 -15.08 36.47 18.16
C ARG D 52 -15.93 36.35 16.89
N LEU D 53 -17.25 36.22 17.05
CA LEU D 53 -18.13 35.90 15.92
C LEU D 53 -17.99 36.86 14.73
N ASP D 54 -17.67 38.12 15.00
CA ASP D 54 -17.71 39.13 13.94
C ASP D 54 -16.63 38.89 12.88
N ARG D 55 -15.50 38.31 13.29
CA ARG D 55 -14.45 37.95 12.35
C ARG D 55 -14.84 36.70 11.56
N ILE D 56 -15.28 35.68 12.30
CA ILE D 56 -15.74 34.42 11.74
C ILE D 56 -16.66 34.62 10.55
N LEU D 57 -17.80 35.27 10.78
CA LEU D 57 -18.79 35.47 9.74
C LEU D 57 -18.33 36.38 8.63
N ASN D 58 -17.20 37.05 8.84
CA ASN D 58 -16.63 37.88 7.79
C ASN D 58 -15.40 37.21 7.19
N ASN D 59 -15.20 35.94 7.51
CA ASN D 59 -14.02 35.22 7.04
C ASN D 59 -14.30 34.45 5.73
N ASN D 60 -13.90 35.06 4.62
CA ASN D 60 -14.11 34.53 3.26
C ASN D 60 -14.14 33.01 3.13
N GLU D 61 -13.23 32.32 3.82
CA GLU D 61 -13.22 30.86 3.76
C GLU D 61 -14.44 30.29 4.48
N ILE D 62 -14.61 30.70 5.73
CA ILE D 62 -15.75 30.25 6.53
C ILE D 62 -17.05 30.61 5.80
N ARG D 63 -17.04 31.75 5.12
CA ARG D 63 -18.15 32.12 4.25
C ARG D 63 -18.39 31.10 3.15
N GLN D 64 -17.33 30.75 2.43
CA GLN D 64 -17.47 29.84 1.29
C GLN D 64 -17.90 28.44 1.71
N MET D 65 -17.65 28.08 2.96
CA MET D 65 -18.04 26.76 3.46
C MET D 65 -19.52 26.70 3.83
N ILE D 66 -20.06 27.80 4.36
CA ILE D 66 -21.48 27.85 4.73
C ILE D 66 -22.34 27.86 3.47
N THR D 67 -22.06 28.81 2.59
CA THR D 67 -22.72 28.91 1.29
C THR D 67 -22.78 27.56 0.57
N ALA D 68 -21.71 26.78 0.70
CA ALA D 68 -21.62 25.49 0.01
C ALA D 68 -22.50 24.44 0.67
N PHE D 69 -22.45 24.35 2.00
CA PHE D 69 -23.24 23.39 2.74
C PHE D 69 -24.72 23.78 2.67
N GLY D 70 -24.98 25.09 2.75
CA GLY D 70 -26.32 25.62 2.60
C GLY D 70 -27.22 25.38 3.80
N THR D 71 -26.62 25.16 4.96
CA THR D 71 -27.34 24.71 6.14
C THR D 71 -27.50 25.78 7.22
N GLY D 72 -26.85 26.93 7.04
CA GLY D 72 -26.74 27.92 8.10
C GLY D 72 -25.93 27.37 9.27
N ILE D 73 -25.54 28.25 10.18
CA ILE D 73 -24.74 27.84 11.34
C ILE D 73 -25.47 28.07 12.66
N GLY D 74 -24.93 27.48 13.73
CA GLY D 74 -25.44 27.67 15.07
C GLY D 74 -26.85 27.15 15.28
N GLY D 75 -27.68 27.95 15.93
CA GLY D 75 -29.05 27.57 16.21
C GLY D 75 -29.91 27.57 14.95
N ASP D 76 -29.56 28.44 14.01
CA ASP D 76 -30.27 28.52 12.74
C ASP D 76 -29.91 27.37 11.81
N PHE D 77 -29.03 26.49 12.27
CA PHE D 77 -28.57 25.37 11.45
C PHE D 77 -29.70 24.38 11.18
N ASP D 78 -29.92 24.08 9.89
CA ASP D 78 -31.01 23.21 9.46
C ASP D 78 -30.49 22.00 8.70
N LEU D 79 -30.58 20.82 9.32
CA LEU D 79 -30.02 19.61 8.74
C LEU D 79 -30.70 19.23 7.42
N ALA D 80 -31.92 19.71 7.22
CA ALA D 80 -32.69 19.36 6.03
C ALA D 80 -32.24 20.16 4.82
N LYS D 81 -31.52 21.25 5.06
CA LYS D 81 -31.06 22.14 3.98
C LYS D 81 -29.67 21.77 3.47
N ALA D 82 -29.14 20.65 3.97
CA ALA D 82 -27.81 20.19 3.57
C ALA D 82 -27.77 19.74 2.12
N ARG D 83 -26.89 20.36 1.35
CA ARG D 83 -26.77 20.08 -0.08
C ARG D 83 -25.95 18.81 -0.32
N TYR D 84 -25.09 18.45 0.64
CA TYR D 84 -24.29 17.23 0.56
C TYR D 84 -24.45 16.38 1.82
N HIS D 85 -24.55 15.07 1.65
CA HIS D 85 -24.65 14.15 2.80
C HIS D 85 -23.30 13.52 3.13
N LYS D 86 -22.27 13.90 2.38
CA LYS D 86 -20.88 13.59 2.72
C LYS D 86 -20.03 14.85 2.61
N ILE D 87 -19.31 15.17 3.69
CA ILE D 87 -18.35 16.25 3.69
C ILE D 87 -17.00 15.68 4.07
N VAL D 88 -16.14 15.51 3.06
CA VAL D 88 -14.88 14.80 3.22
C VAL D 88 -13.71 15.76 3.31
N ILE D 89 -12.95 15.66 4.41
CA ILE D 89 -11.77 16.47 4.66
C ILE D 89 -10.54 15.86 3.99
N MET D 90 -10.05 16.47 2.92
CA MET D 90 -8.88 15.94 2.24
C MET D 90 -7.66 16.84 2.39
N THR D 91 -6.71 16.43 3.22
CA THR D 91 -5.48 17.18 3.40
C THR D 91 -4.27 16.30 3.13
N ASP D 92 -3.12 16.94 2.92
CA ASP D 92 -1.85 16.22 2.78
C ASP D 92 -1.67 15.23 3.93
N ALA D 93 -0.81 14.25 3.71
CA ALA D 93 -0.54 13.24 4.71
C ALA D 93 0.35 13.76 5.83
N ASP D 94 0.81 15.01 5.72
CA ASP D 94 1.80 15.54 6.65
C ASP D 94 1.18 16.23 7.84
N VAL D 95 2.04 16.72 8.73
CA VAL D 95 1.65 17.34 9.99
C VAL D 95 0.79 18.59 9.81
N ASP D 96 1.14 19.45 8.87
CA ASP D 96 0.33 20.64 8.58
C ASP D 96 -1.04 20.22 8.08
N GLY D 97 -1.07 19.13 7.33
CA GLY D 97 -2.32 18.54 6.87
C GLY D 97 -3.23 18.20 8.03
N ALA D 98 -2.63 17.68 9.10
CA ALA D 98 -3.38 17.35 10.30
C ALA D 98 -3.88 18.62 10.97
N HIS D 99 -3.05 19.66 10.99
CA HIS D 99 -3.43 20.92 11.62
C HIS D 99 -4.70 21.45 10.99
N ILE D 100 -4.73 21.47 9.66
CA ILE D 100 -5.86 21.99 8.92
C ILE D 100 -7.09 21.11 9.13
N ARG D 101 -6.87 19.87 9.55
CA ARG D 101 -7.98 18.98 9.88
C ARG D 101 -8.59 19.39 11.21
N THR D 102 -7.76 19.51 12.24
CA THR D 102 -8.20 20.01 13.54
C THR D 102 -8.93 21.34 13.40
N LEU D 103 -8.36 22.24 12.60
CA LEU D 103 -8.96 23.54 12.39
C LEU D 103 -10.36 23.39 11.81
N LEU D 104 -10.49 22.56 10.78
CA LEU D 104 -11.80 22.25 10.21
C LEU D 104 -12.72 21.61 11.25
N LEU D 105 -12.22 20.60 11.97
CA LEU D 105 -13.06 19.92 12.95
C LEU D 105 -13.50 20.85 14.08
N THR D 106 -12.80 21.96 14.24
CA THR D 106 -13.13 22.94 15.28
C THR D 106 -14.32 23.78 14.83
N PHE D 107 -14.27 24.22 13.59
CA PHE D 107 -15.38 24.96 13.00
C PHE D 107 -16.65 24.10 13.00
N PHE D 108 -16.53 22.90 12.47
CA PHE D 108 -17.63 21.95 12.41
C PHE D 108 -18.26 21.69 13.77
N TYR D 109 -17.43 21.45 14.79
CA TYR D 109 -17.96 21.15 16.11
C TYR D 109 -18.62 22.36 16.77
N ARG D 110 -18.17 23.57 16.44
CA ARG D 110 -18.64 24.78 17.13
C ARG D 110 -19.72 25.58 16.37
N PHE D 111 -20.04 25.19 15.13
CA PHE D 111 -21.11 25.87 14.39
C PHE D 111 -22.02 24.92 13.61
N MET D 112 -21.58 23.68 13.43
CA MET D 112 -22.34 22.69 12.68
C MET D 112 -22.34 21.34 13.37
N ARG D 113 -22.54 21.36 14.69
CA ARG D 113 -22.50 20.14 15.49
C ARG D 113 -23.44 19.06 14.98
N PRO D 114 -24.69 19.41 14.63
CA PRO D 114 -25.58 18.31 14.24
C PRO D 114 -25.12 17.62 12.96
N LEU D 115 -24.19 18.24 12.24
CA LEU D 115 -23.63 17.65 11.03
C LEU D 115 -22.71 16.50 11.38
N ILE D 116 -22.10 16.58 12.56
CA ILE D 116 -21.21 15.53 13.06
C ILE D 116 -22.03 14.41 13.67
N GLU D 117 -23.12 14.79 14.33
CA GLU D 117 -24.00 13.83 14.98
C GLU D 117 -24.73 13.01 13.93
N ALA D 118 -24.99 13.62 12.77
CA ALA D 118 -25.68 12.94 11.67
C ALA D 118 -24.70 12.16 10.79
N GLY D 119 -23.43 12.10 11.19
CA GLY D 119 -22.43 11.33 10.48
C GLY D 119 -22.28 11.71 9.01
N TYR D 120 -22.21 13.00 8.75
CA TYR D 120 -21.97 13.52 7.39
C TYR D 120 -20.51 13.88 7.21
N VAL D 121 -19.83 14.09 8.32
CA VAL D 121 -18.44 14.53 8.32
C VAL D 121 -17.52 13.32 8.19
N TYR D 122 -16.74 13.29 7.12
CA TYR D 122 -15.75 12.23 6.90
C TYR D 122 -14.35 12.81 6.76
N ILE D 123 -13.36 11.98 7.11
CA ILE D 123 -11.97 12.25 6.81
C ILE D 123 -11.52 11.27 5.71
N ALA D 124 -10.97 11.81 4.63
CA ALA D 124 -10.45 10.98 3.55
C ALA D 124 -9.17 10.27 4.03
N GLN D 125 -8.52 9.52 3.16
CA GLN D 125 -7.30 8.82 3.56
C GLN D 125 -6.38 8.58 2.38
N PRO D 126 -5.46 9.53 2.13
CA PRO D 126 -4.45 9.33 1.09
C PRO D 126 -3.37 8.40 1.61
N PRO D 127 -2.45 7.94 0.73
CA PRO D 127 -1.48 6.97 1.23
C PRO D 127 -0.48 7.61 2.18
N THR D 128 -0.07 6.89 3.23
CA THR D 128 1.02 7.36 4.07
C THR D 128 2.23 7.53 3.16
N GLY D 129 2.55 8.79 2.86
CA GLY D 129 3.57 9.06 1.88
C GLY D 129 4.14 10.45 2.05
N TYR D 130 5.45 10.55 1.89
CA TYR D 130 6.12 11.84 1.91
C TYR D 130 5.54 12.79 0.86
N LYS D 131 4.95 12.23 -0.20
CA LYS D 131 4.33 13.04 -1.23
C LYS D 131 3.09 13.76 -0.71
N GLY D 132 2.89 14.99 -1.19
CA GLY D 132 1.70 15.75 -0.85
C GLY D 132 0.54 15.25 -1.68
N LEU D 133 -0.61 15.89 -1.56
CA LEU D 133 -1.74 15.61 -2.45
C LEU D 133 -1.62 16.43 -3.72
N GLY D 134 -1.00 17.59 -3.61
CA GLY D 134 -0.83 18.45 -4.76
C GLY D 134 0.13 17.83 -5.76
N GLU D 135 1.14 17.15 -5.25
CA GLU D 135 2.17 16.53 -6.08
C GLU D 135 1.61 15.38 -6.93
N MET D 136 0.64 14.65 -6.40
CA MET D 136 0.08 13.49 -7.12
C MET D 136 -0.96 13.96 -8.14
N ASN D 137 -1.03 13.25 -9.25
CA ASN D 137 -1.83 13.66 -10.41
C ASN D 137 -3.32 13.54 -10.14
N ALA D 138 -4.13 13.59 -11.20
CA ALA D 138 -5.58 13.48 -11.05
C ALA D 138 -6.02 12.03 -10.89
N ASP D 139 -5.41 11.13 -11.66
CA ASP D 139 -5.80 9.73 -11.67
C ASP D 139 -5.44 9.03 -10.36
N GLN D 140 -4.21 9.26 -9.90
CA GLN D 140 -3.78 8.72 -8.60
C GLN D 140 -4.65 9.27 -7.50
N LEU D 141 -5.08 10.52 -7.66
CA LEU D 141 -5.87 11.22 -6.66
C LEU D 141 -7.30 10.68 -6.61
N TRP D 142 -7.80 10.22 -7.76
CA TRP D 142 -9.15 9.68 -7.85
C TRP D 142 -9.18 8.19 -7.50
N GLU D 143 -8.17 7.47 -7.96
CA GLU D 143 -8.11 6.02 -7.77
C GLU D 143 -7.77 5.62 -6.34
N THR D 144 -7.23 6.56 -5.55
CA THR D 144 -6.78 6.25 -4.20
C THR D 144 -7.72 6.77 -3.10
N THR D 145 -8.41 7.89 -3.35
CA THR D 145 -9.18 8.56 -2.29
C THR D 145 -10.59 9.05 -2.65
N MET D 146 -10.97 8.99 -3.92
CA MET D 146 -12.21 9.61 -4.37
C MET D 146 -13.27 8.65 -4.93
N ASN D 147 -12.85 7.49 -5.44
CA ASN D 147 -13.83 6.53 -5.95
C ASN D 147 -14.41 5.67 -4.82
N PRO D 148 -15.76 5.64 -4.71
CA PRO D 148 -16.48 4.90 -3.65
C PRO D 148 -15.99 3.46 -3.39
N GLU D 149 -15.65 2.72 -4.44
CA GLU D 149 -15.24 1.33 -4.30
C GLU D 149 -13.89 1.18 -3.59
N HIS D 150 -12.95 2.06 -3.91
CA HIS D 150 -11.57 1.91 -3.43
C HIS D 150 -11.27 2.73 -2.19
N ARG D 151 -12.13 3.70 -1.87
CA ARG D 151 -11.77 4.70 -0.87
C ARG D 151 -12.02 4.21 0.56
N ALA D 152 -11.27 4.80 1.48
CA ALA D 152 -11.41 4.54 2.91
C ALA D 152 -11.74 5.84 3.65
N LEU D 153 -13.02 6.05 3.92
CA LEU D 153 -13.46 7.24 4.63
C LEU D 153 -13.81 6.91 6.07
N LEU D 154 -13.16 7.62 6.99
CA LEU D 154 -13.47 7.49 8.41
C LEU D 154 -14.62 8.43 8.75
N GLN D 155 -15.77 7.86 9.04
CA GLN D 155 -16.91 8.62 9.50
C GLN D 155 -16.57 9.21 10.87
N VAL D 156 -16.69 10.52 11.02
CA VAL D 156 -16.34 11.16 12.26
C VAL D 156 -17.52 11.08 13.23
N LYS D 157 -17.27 10.53 14.42
CA LYS D 157 -18.30 10.25 15.41
C LYS D 157 -18.06 10.97 16.73
N LEU D 158 -19.13 11.53 17.29
CA LEU D 158 -19.10 12.20 18.59
C LEU D 158 -19.76 11.32 19.65
N GLU D 159 -19.13 11.21 20.82
CA GLU D 159 -19.60 10.33 21.89
C GLU D 159 -19.94 11.10 23.17
N ASP D 160 -19.05 12.00 23.58
CA ASP D 160 -19.21 12.74 24.83
C ASP D 160 -19.07 14.24 24.61
N ALA D 161 -20.20 14.94 24.66
CA ALA D 161 -20.24 16.37 24.37
C ALA D 161 -19.52 17.21 25.44
N ILE D 162 -19.40 16.70 26.66
CA ILE D 162 -18.74 17.45 27.73
C ILE D 162 -17.24 17.29 27.63
N GLU D 163 -16.77 16.11 27.23
CA GLU D 163 -15.34 15.90 27.03
C GLU D 163 -14.85 16.74 25.85
N ALA D 164 -15.46 16.51 24.69
CA ALA D 164 -15.15 17.26 23.48
C ALA D 164 -15.15 18.78 23.71
N ASP D 165 -16.13 19.27 24.46
CA ASP D 165 -16.27 20.70 24.72
C ASP D 165 -15.04 21.29 25.40
N GLN D 166 -14.41 20.50 26.27
CA GLN D 166 -13.24 20.96 27.01
C GLN D 166 -11.95 20.68 26.24
N THR D 167 -12.01 19.74 25.30
CA THR D 167 -10.84 19.42 24.48
C THR D 167 -10.55 20.55 23.51
N PHE D 168 -11.56 20.97 22.75
CA PHE D 168 -11.44 22.11 21.86
C PHE D 168 -10.99 23.35 22.61
N GLU D 169 -11.68 23.64 23.71
CA GLU D 169 -11.34 24.76 24.58
C GLU D 169 -9.85 24.77 24.95
N MET D 170 -9.31 23.58 25.19
CA MET D 170 -7.92 23.45 25.62
C MET D 170 -6.95 23.50 24.44
N LEU D 171 -7.23 22.73 23.40
CA LEU D 171 -6.32 22.63 22.26
C LEU D 171 -6.38 23.85 21.36
N MET D 172 -7.56 24.42 21.20
CA MET D 172 -7.76 25.47 20.22
C MET D 172 -8.05 26.83 20.85
N GLY D 173 -8.06 26.90 22.18
CA GLY D 173 -8.49 28.09 22.88
C GLY D 173 -7.45 29.19 23.08
N ASP D 174 -7.87 30.22 23.82
CA ASP D 174 -7.05 31.38 24.12
C ASP D 174 -5.86 31.04 25.02
N VAL D 175 -6.12 30.22 26.04
CA VAL D 175 -5.12 29.96 27.08
C VAL D 175 -4.00 29.08 26.56
N VAL D 176 -2.78 29.61 26.60
CA VAL D 176 -1.61 28.90 26.09
C VAL D 176 -1.10 27.87 27.10
N GLU D 177 -1.10 28.28 28.37
CA GLU D 177 -0.51 27.49 29.45
C GLU D 177 -1.15 26.10 29.53
N ASN D 178 -2.45 26.02 29.27
CA ASN D 178 -3.17 24.76 29.30
C ASN D 178 -2.79 23.88 28.13
N ARG D 179 -2.39 24.53 27.04
CA ARG D 179 -1.98 23.83 25.83
C ARG D 179 -0.49 23.50 25.93
N ARG D 180 0.22 24.20 26.81
CA ARG D 180 1.61 23.87 27.10
C ARG D 180 1.68 22.59 27.92
N GLN D 181 0.83 22.51 28.94
CA GLN D 181 0.81 21.36 29.85
C GLN D 181 0.24 20.11 29.19
N PHE D 182 -0.63 20.28 28.22
CA PHE D 182 -1.09 19.13 27.45
C PHE D 182 0.08 18.57 26.65
N ILE D 183 0.75 19.44 25.91
CA ILE D 183 1.96 19.06 25.19
C ILE D 183 2.93 18.33 26.13
N GLU D 184 3.29 18.98 27.23
CA GLU D 184 4.22 18.40 28.21
C GLU D 184 3.84 16.98 28.65
N ASP D 185 2.61 16.81 29.14
CA ASP D 185 2.19 15.52 29.69
C ASP D 185 2.17 14.41 28.64
N ASN D 186 1.72 14.75 27.44
CA ASN D 186 1.39 13.74 26.44
C ASN D 186 2.47 13.53 25.38
N ALA D 187 3.42 14.44 25.30
CA ALA D 187 4.51 14.34 24.34
C ALA D 187 5.64 13.42 24.80
N VAL D 188 6.05 12.51 23.91
CA VAL D 188 7.36 11.86 24.05
C VAL D 188 8.04 11.80 22.68
N ASN G 2 14.23 -2.71 23.19
CA ASN G 2 15.05 -3.56 22.36
C ASN G 2 15.84 -4.59 23.17
N GLU G 3 15.88 -4.39 24.49
CA GLU G 3 16.50 -5.34 25.41
C GLU G 3 15.42 -6.06 26.21
N ARG G 4 15.75 -7.25 26.71
CA ARG G 4 14.80 -8.03 27.51
C ARG G 4 15.50 -9.00 28.46
N ASN G 5 15.04 -9.01 29.70
CA ASN G 5 15.62 -9.83 30.77
C ASN G 5 15.06 -11.25 30.76
N ILE G 6 15.91 -12.25 30.99
CA ILE G 6 15.44 -13.64 30.95
C ILE G 6 14.61 -13.98 32.18
N THR G 7 14.95 -13.38 33.32
CA THR G 7 14.22 -13.67 34.56
C THR G 7 12.84 -13.01 34.52
N SER G 8 12.78 -11.76 34.07
CA SER G 8 11.50 -11.07 33.94
C SER G 8 10.60 -11.73 32.91
N GLU G 9 11.16 -12.10 31.76
CA GLU G 9 10.39 -12.69 30.68
C GLU G 9 9.79 -14.04 31.10
N MET G 10 10.60 -14.88 31.76
CA MET G 10 10.13 -16.18 32.20
C MET G 10 8.90 -16.04 33.10
N ARG G 11 9.01 -15.20 34.13
CA ARG G 11 7.91 -14.98 35.05
C ARG G 11 6.68 -14.42 34.35
N GLU G 12 6.89 -13.42 33.51
CA GLU G 12 5.79 -12.79 32.79
C GLU G 12 5.08 -13.78 31.86
N SER G 13 5.85 -14.43 31.00
CA SER G 13 5.29 -15.35 30.01
C SER G 13 4.61 -16.54 30.65
N PHE G 14 5.22 -17.08 31.70
CA PHE G 14 4.70 -18.29 32.32
C PHE G 14 3.40 -18.01 33.04
N LEU G 15 3.32 -16.85 33.67
CA LEU G 15 2.14 -16.47 34.42
C LEU G 15 0.94 -16.33 33.48
N ASP G 16 1.17 -15.68 32.34
CA ASP G 16 0.12 -15.40 31.38
C ASP G 16 -0.56 -16.66 30.84
N TYR G 17 0.23 -17.68 30.54
CA TYR G 17 -0.32 -18.94 30.03
C TYR G 17 -0.90 -19.76 31.18
N ALA G 18 -0.19 -19.78 32.30
CA ALA G 18 -0.70 -20.44 33.50
C ALA G 18 -2.11 -19.96 33.81
N MET G 19 -2.26 -18.64 33.88
CA MET G 19 -3.54 -18.05 34.24
C MET G 19 -4.59 -18.36 33.18
N SER G 20 -4.21 -18.28 31.91
CA SER G 20 -5.14 -18.58 30.82
C SER G 20 -5.59 -20.04 30.83
N VAL G 21 -4.71 -20.96 31.21
CA VAL G 21 -5.09 -22.38 31.22
C VAL G 21 -6.04 -22.65 32.38
N ILE G 22 -6.01 -21.77 33.38
CA ILE G 22 -6.86 -21.91 34.57
C ILE G 22 -8.23 -21.27 34.33
N VAL G 23 -8.25 -19.95 34.23
CA VAL G 23 -9.49 -19.19 34.13
C VAL G 23 -10.14 -19.33 32.75
N ALA G 24 -9.40 -19.88 31.80
CA ALA G 24 -9.85 -19.88 30.41
C ALA G 24 -9.56 -21.17 29.64
N ARG G 25 -9.29 -22.28 30.32
CA ARG G 25 -9.12 -23.56 29.62
C ARG G 25 -9.49 -24.80 30.44
N ALA G 26 -8.79 -25.04 31.54
CA ALA G 26 -8.80 -26.36 32.18
C ALA G 26 -9.94 -26.55 33.17
N LEU G 27 -10.54 -25.47 33.64
CA LEU G 27 -11.41 -25.54 34.81
C LEU G 27 -12.84 -25.08 34.57
N PRO G 28 -13.81 -25.82 35.11
CA PRO G 28 -15.22 -25.48 34.91
C PRO G 28 -15.65 -24.27 35.73
N ASP G 29 -16.80 -23.70 35.42
CA ASP G 29 -17.39 -22.65 36.25
C ASP G 29 -18.23 -23.33 37.32
N VAL G 30 -18.30 -22.74 38.51
CA VAL G 30 -19.08 -23.34 39.58
C VAL G 30 -20.57 -23.26 39.24
N ARG G 31 -20.92 -22.29 38.40
CA ARG G 31 -22.32 -22.03 38.09
C ARG G 31 -22.90 -23.04 37.09
N ASP G 32 -22.43 -23.05 35.84
CA ASP G 32 -22.96 -23.98 34.86
C ASP G 32 -22.10 -25.25 34.73
N GLY G 33 -21.01 -25.31 35.47
CA GLY G 33 -20.17 -26.51 35.50
C GLY G 33 -19.47 -26.83 34.19
N LEU G 34 -19.09 -25.80 33.45
CA LEU G 34 -18.50 -25.99 32.12
C LEU G 34 -17.16 -25.28 31.93
N LYS G 35 -16.29 -25.91 31.16
CA LYS G 35 -15.09 -25.25 30.66
C LYS G 35 -15.49 -24.34 29.52
N PRO G 36 -14.60 -23.43 29.11
CA PRO G 36 -14.97 -22.56 27.98
C PRO G 36 -15.43 -23.33 26.74
N VAL G 37 -14.60 -24.26 26.27
CA VAL G 37 -14.87 -24.99 25.03
C VAL G 37 -16.23 -25.69 25.06
N HIS G 38 -16.63 -26.20 26.22
CA HIS G 38 -17.97 -26.79 26.39
C HIS G 38 -19.04 -25.76 26.09
N ARG G 39 -19.04 -24.69 26.88
CA ARG G 39 -20.01 -23.60 26.75
C ARG G 39 -20.18 -23.19 25.29
N ARG G 40 -19.06 -23.06 24.61
CA ARG G 40 -19.03 -22.58 23.24
C ARG G 40 -19.62 -23.57 22.24
N ILE G 41 -19.53 -24.86 22.54
CA ILE G 41 -20.15 -25.88 21.68
C ILE G 41 -21.66 -25.88 21.89
N LEU G 42 -22.10 -25.94 23.15
CA LEU G 42 -23.52 -25.92 23.49
C LEU G 42 -24.21 -24.65 22.98
N TYR G 43 -23.52 -23.52 23.12
CA TYR G 43 -24.04 -22.25 22.66
C TYR G 43 -24.05 -22.19 21.13
N GLY G 44 -22.96 -22.63 20.52
CA GLY G 44 -22.89 -22.72 19.07
C GLY G 44 -24.00 -23.61 18.54
N LEU G 45 -24.20 -24.75 19.19
CA LEU G 45 -25.33 -25.61 18.88
C LEU G 45 -26.65 -24.85 18.91
N ASN G 46 -26.85 -24.04 19.95
CA ASN G 46 -28.09 -23.29 20.10
C ASN G 46 -28.29 -22.27 18.98
N GLU G 47 -27.22 -21.54 18.65
CA GLU G 47 -27.29 -20.51 17.63
C GLU G 47 -27.49 -21.09 16.23
N GLN G 48 -27.07 -22.34 16.05
CA GLN G 48 -27.29 -23.05 14.79
C GLN G 48 -28.66 -23.71 14.81
N GLY G 49 -29.40 -23.50 15.90
CA GLY G 49 -30.70 -24.11 16.08
C GLY G 49 -30.72 -25.64 16.03
N MET G 50 -29.68 -26.27 16.59
CA MET G 50 -29.58 -27.73 16.56
C MET G 50 -30.39 -28.35 17.67
N THR G 51 -31.67 -28.03 17.73
CA THR G 51 -32.54 -28.51 18.80
C THR G 51 -32.88 -29.98 18.58
N PRO G 52 -33.24 -30.71 19.65
CA PRO G 52 -33.38 -32.16 19.53
C PRO G 52 -34.43 -32.61 18.51
N ASP G 53 -35.37 -31.72 18.18
CA ASP G 53 -36.46 -32.04 17.26
C ASP G 53 -36.01 -31.97 15.79
N LYS G 54 -35.00 -31.14 15.53
CA LYS G 54 -34.49 -30.98 14.18
C LYS G 54 -33.40 -32.02 13.89
N SER G 55 -33.28 -32.38 12.61
CA SER G 55 -32.42 -33.49 12.20
C SER G 55 -30.94 -33.28 12.53
N TYR G 56 -30.19 -34.38 12.46
CA TYR G 56 -28.76 -34.36 12.77
C TYR G 56 -27.96 -33.52 11.78
N LYS G 57 -26.80 -33.05 12.23
CA LYS G 57 -25.91 -32.22 11.43
C LYS G 57 -24.48 -32.77 11.46
N LYS G 58 -23.86 -32.86 10.29
CA LYS G 58 -22.44 -33.23 10.16
C LYS G 58 -21.59 -32.58 11.25
N SER G 59 -20.79 -33.39 11.93
CA SER G 59 -19.94 -32.88 13.02
C SER G 59 -18.86 -31.95 12.49
N ALA G 60 -18.44 -32.17 11.24
CA ALA G 60 -17.49 -31.30 10.58
C ALA G 60 -17.98 -29.85 10.60
N ARG G 61 -19.25 -29.67 10.28
CA ARG G 61 -19.87 -28.34 10.23
C ARG G 61 -19.93 -27.64 11.59
N ILE G 62 -20.46 -28.33 12.60
CA ILE G 62 -20.58 -27.78 13.95
C ILE G 62 -19.25 -27.24 14.45
N VAL G 63 -18.18 -28.01 14.23
CA VAL G 63 -16.88 -27.68 14.76
C VAL G 63 -16.37 -26.43 14.08
N GLY G 64 -16.50 -26.37 12.76
CA GLY G 64 -16.04 -25.23 11.99
C GLY G 64 -16.72 -23.95 12.40
N ASP G 65 -17.99 -24.04 12.77
CA ASP G 65 -18.75 -22.88 13.23
C ASP G 65 -18.24 -22.40 14.58
N VAL G 66 -18.17 -23.33 15.52
CA VAL G 66 -17.70 -23.06 16.88
C VAL G 66 -16.25 -22.55 16.83
N MET G 67 -15.51 -23.01 15.82
CA MET G 67 -14.11 -22.63 15.64
C MET G 67 -13.95 -21.20 15.15
N GLY G 68 -14.83 -20.76 14.26
CA GLY G 68 -14.74 -19.44 13.67
C GLY G 68 -15.43 -18.38 14.52
N LYS G 69 -16.59 -18.73 15.08
CA LYS G 69 -17.35 -17.78 15.88
C LYS G 69 -16.76 -17.54 17.28
N TYR G 70 -16.32 -18.60 17.96
CA TYR G 70 -15.96 -18.49 19.39
C TYR G 70 -14.59 -19.06 19.84
N HIS G 71 -14.09 -20.11 19.22
CA HIS G 71 -12.99 -20.91 19.81
C HIS G 71 -11.78 -21.08 18.87
N PRO G 72 -10.88 -20.07 18.85
CA PRO G 72 -9.74 -20.06 17.90
C PRO G 72 -8.62 -21.03 18.31
N HIS G 73 -8.99 -22.31 18.42
CA HIS G 73 -8.05 -23.37 18.75
C HIS G 73 -8.34 -24.55 17.82
N GLY G 74 -7.46 -25.55 17.82
CA GLY G 74 -7.53 -26.66 16.87
C GLY G 74 -8.85 -27.42 16.76
N ASP G 75 -8.99 -28.15 15.66
CA ASP G 75 -10.18 -28.97 15.39
C ASP G 75 -10.43 -30.03 16.45
N SER G 76 -9.39 -30.77 16.81
CA SER G 76 -9.55 -31.96 17.62
C SER G 76 -9.84 -31.60 19.07
N SER G 77 -9.37 -30.43 19.50
CA SER G 77 -9.63 -29.97 20.85
C SER G 77 -11.12 -29.75 21.02
N ILE G 78 -11.73 -29.09 20.05
CA ILE G 78 -13.17 -28.91 20.02
C ILE G 78 -13.88 -30.23 19.80
N TYR G 79 -13.53 -30.92 18.71
CA TYR G 79 -14.27 -32.10 18.30
C TYR G 79 -14.36 -33.13 19.41
N GLU G 80 -13.23 -33.39 20.05
CA GLU G 80 -13.18 -34.42 21.09
C GLU G 80 -13.93 -33.97 22.33
N ALA G 81 -13.86 -32.69 22.64
CA ALA G 81 -14.64 -32.13 23.74
C ALA G 81 -16.12 -32.40 23.48
N MET G 82 -16.55 -32.26 22.23
CA MET G 82 -17.93 -32.54 21.85
C MET G 82 -18.29 -34.02 21.98
N VAL G 83 -17.47 -34.89 21.38
CA VAL G 83 -17.70 -36.33 21.43
C VAL G 83 -17.98 -36.80 22.86
N ARG G 84 -17.12 -36.39 23.80
CA ARG G 84 -17.25 -36.85 25.18
C ARG G 84 -18.65 -36.52 25.71
N MET G 85 -19.14 -35.34 25.35
CA MET G 85 -20.48 -34.91 25.76
C MET G 85 -21.59 -35.76 25.11
N ALA G 86 -21.23 -36.57 24.13
CA ALA G 86 -22.19 -37.44 23.45
C ALA G 86 -22.14 -38.89 23.92
N GLN G 87 -21.21 -39.20 24.82
CA GLN G 87 -20.99 -40.58 25.29
C GLN G 87 -21.71 -40.83 26.60
N ASP G 88 -22.54 -41.86 26.63
CA ASP G 88 -23.38 -42.15 27.79
C ASP G 88 -22.58 -42.81 28.92
N PHE G 89 -21.39 -43.34 28.61
CA PHE G 89 -20.51 -43.91 29.63
C PHE G 89 -19.59 -42.86 30.25
N SER G 90 -19.61 -41.66 29.67
CA SER G 90 -18.79 -40.55 30.14
C SER G 90 -19.64 -39.56 30.91
N TYR G 91 -20.75 -39.19 30.30
CA TYR G 91 -21.68 -38.24 30.88
C TYR G 91 -22.89 -38.96 31.46
N ARG G 92 -23.11 -38.72 32.74
CA ARG G 92 -24.24 -39.31 33.45
C ARG G 92 -25.53 -38.71 32.90
N TYR G 93 -25.40 -37.51 32.35
CA TYR G 93 -26.47 -36.87 31.62
C TYR G 93 -25.88 -36.24 30.36
N PRO G 94 -25.84 -37.00 29.26
CA PRO G 94 -25.27 -36.51 28.00
C PRO G 94 -25.84 -35.17 27.56
N LEU G 95 -24.95 -34.25 27.21
CA LEU G 95 -25.33 -32.91 26.78
C LEU G 95 -25.35 -32.79 25.26
N VAL G 96 -24.99 -33.88 24.58
CA VAL G 96 -24.95 -33.89 23.12
C VAL G 96 -25.54 -35.18 22.59
N ASP G 97 -26.46 -35.04 21.65
CA ASP G 97 -27.04 -36.17 20.95
C ASP G 97 -26.24 -36.45 19.68
N GLY G 98 -25.33 -37.42 19.76
CA GLY G 98 -24.50 -37.79 18.64
C GLY G 98 -25.07 -38.99 17.88
N GLN G 99 -24.90 -38.97 16.57
CA GLN G 99 -25.27 -40.10 15.73
C GLN G 99 -24.03 -40.56 14.95
N GLY G 100 -23.67 -41.83 15.13
CA GLY G 100 -22.48 -42.39 14.53
C GLY G 100 -21.60 -43.06 15.58
N ASN G 101 -20.32 -43.18 15.25
CA ASN G 101 -19.35 -43.85 16.11
C ASN G 101 -18.70 -42.86 17.08
N PHE G 102 -19.28 -42.72 18.27
CA PHE G 102 -18.74 -41.83 19.29
C PHE G 102 -18.01 -42.62 20.36
N GLY G 103 -17.28 -43.64 19.92
CA GLY G 103 -16.44 -44.41 20.82
C GLY G 103 -17.23 -45.38 21.69
N SER G 104 -16.50 -46.28 22.34
CA SER G 104 -17.12 -47.27 23.23
C SER G 104 -16.33 -47.38 24.53
N MET G 105 -16.83 -48.25 25.41
CA MET G 105 -16.20 -48.51 26.68
C MET G 105 -14.73 -48.95 26.54
N ASP G 106 -14.43 -49.68 25.48
CA ASP G 106 -13.07 -50.23 25.28
C ASP G 106 -12.07 -49.15 24.86
N GLY G 107 -12.50 -47.89 24.78
CA GLY G 107 -11.60 -46.78 24.52
C GLY G 107 -11.17 -46.62 23.06
N ASP G 108 -11.87 -47.29 22.15
CA ASP G 108 -11.55 -47.19 20.73
C ASP G 108 -11.62 -45.76 20.21
N GLY G 109 -12.52 -44.96 20.78
CA GLY G 109 -12.65 -43.56 20.42
C GLY G 109 -13.55 -43.36 19.22
N ALA G 110 -13.88 -42.09 18.94
CA ALA G 110 -14.90 -41.77 17.95
C ALA G 110 -14.33 -41.66 16.53
N ALA G 111 -15.17 -42.01 15.57
CA ALA G 111 -14.89 -41.74 14.17
C ALA G 111 -14.69 -40.24 13.99
N ALA G 112 -13.94 -39.85 12.96
CA ALA G 112 -13.67 -38.44 12.74
C ALA G 112 -14.97 -37.68 12.52
N MET G 113 -14.90 -36.36 12.59
CA MET G 113 -16.10 -35.53 12.54
C MET G 113 -16.80 -35.56 11.19
N ARG G 114 -16.07 -35.89 10.13
N ARG G 114 -16.06 -35.94 10.15
CA ARG G 114 -16.66 -35.95 8.80
CA ARG G 114 -16.61 -35.95 8.80
C ARG G 114 -17.67 -37.10 8.72
C ARG G 114 -17.60 -37.12 8.66
N PTR G 115 -17.45 -38.12 9.53
CA PTR G 115 -18.29 -39.33 9.50
C PTR G 115 -19.20 -39.51 10.72
O PTR G 115 -19.68 -40.62 10.96
CB PTR G 115 -17.39 -40.56 9.34
CG PTR G 115 -16.50 -40.53 8.11
CD1 PTR G 115 -16.91 -41.09 6.92
CD2 PTR G 115 -15.23 -39.95 8.16
CE1 PTR G 115 -16.10 -41.09 5.79
CE2 PTR G 115 -14.41 -39.93 7.04
CZ PTR G 115 -14.85 -40.50 5.86
OH PTR G 115 -14.07 -40.47 4.81
P PTR G 115 -13.22 -41.73 4.23
O1P PTR G 115 -13.98 -42.33 3.12
O2P PTR G 115 -12.97 -42.78 5.32
O3P PTR G 115 -11.89 -41.23 3.65
HA PTR G 115 -18.86 -39.29 8.71
HB2 PTR G 115 -17.96 -41.35 9.27
HB3 PTR G 115 -16.82 -40.63 10.11
HD1 PTR G 115 -17.76 -41.49 6.86
HD2 PTR G 115 -14.93 -39.56 8.95
HE1 PTR G 115 -16.39 -41.46 5.00
HE2 PTR G 115 -13.57 -39.53 7.09
N THR G 116 -19.41 -38.45 11.50
CA THR G 116 -20.48 -38.43 12.50
C THR G 116 -21.31 -37.16 12.40
N GLU G 117 -22.35 -37.07 13.21
CA GLU G 117 -23.27 -35.95 13.18
C GLU G 117 -23.91 -35.79 14.56
N ALA G 118 -24.31 -34.57 14.91
CA ALA G 118 -24.71 -34.29 16.29
C ALA G 118 -25.81 -33.24 16.44
N ARG G 119 -26.38 -33.17 17.64
CA ARG G 119 -27.40 -32.19 17.99
C ARG G 119 -27.57 -32.15 19.50
N MET G 120 -28.18 -31.08 20.01
CA MET G 120 -28.53 -30.96 21.43
C MET G 120 -29.27 -32.18 21.94
N THR G 121 -29.17 -32.44 23.24
CA THR G 121 -30.07 -33.36 23.91
C THR G 121 -31.20 -32.55 24.53
N LYS G 122 -32.25 -33.24 24.95
CA LYS G 122 -33.41 -32.58 25.55
C LYS G 122 -33.00 -31.80 26.79
N ILE G 123 -31.99 -32.30 27.49
CA ILE G 123 -31.60 -31.75 28.79
C ILE G 123 -30.71 -30.52 28.63
N THR G 124 -30.17 -30.34 27.43
CA THR G 124 -29.26 -29.22 27.16
C THR G 124 -30.05 -27.92 27.00
N LEU G 125 -31.29 -28.03 26.58
CA LEU G 125 -32.18 -26.89 26.53
C LEU G 125 -32.29 -26.22 27.91
N GLU G 126 -32.21 -27.04 28.97
CA GLU G 126 -32.33 -26.52 30.33
C GLU G 126 -31.05 -25.81 30.76
N LEU G 127 -29.95 -26.09 30.09
CA LEU G 127 -28.72 -25.33 30.32
C LEU G 127 -28.85 -23.97 29.66
N LEU G 128 -29.58 -23.93 28.55
CA LEU G 128 -29.67 -22.74 27.72
C LEU G 128 -30.95 -21.97 27.95
N ARG G 129 -31.88 -22.55 28.69
CA ARG G 129 -33.19 -21.94 28.89
C ARG G 129 -33.07 -20.52 29.43
N ASP G 130 -33.81 -19.61 28.79
CA ASP G 130 -33.92 -18.21 29.22
C ASP G 130 -32.68 -17.38 28.91
N ILE G 131 -31.78 -17.94 28.11
CA ILE G 131 -30.48 -17.31 27.83
C ILE G 131 -30.60 -15.90 27.25
N ASN G 132 -31.69 -15.61 26.56
CA ASN G 132 -31.86 -14.32 25.88
C ASN G 132 -32.76 -13.33 26.62
N LYS G 133 -33.07 -13.63 27.88
CA LYS G 133 -33.91 -12.77 28.70
C LYS G 133 -33.08 -12.05 29.74
N ASP G 134 -31.94 -11.52 29.29
CA ASP G 134 -30.97 -10.83 30.13
C ASP G 134 -30.73 -11.54 31.47
N THR G 135 -30.53 -12.85 31.41
CA THR G 135 -30.28 -13.64 32.62
C THR G 135 -28.78 -13.75 32.90
N ILE G 136 -28.00 -13.98 31.85
CA ILE G 136 -26.55 -14.04 31.95
C ILE G 136 -25.92 -12.93 31.14
N ASP G 137 -24.73 -12.52 31.55
CA ASP G 137 -23.98 -11.49 30.83
C ASP G 137 -23.25 -12.10 29.64
N PHE G 138 -23.41 -11.50 28.46
CA PHE G 138 -22.61 -11.89 27.31
C PHE G 138 -21.32 -11.09 27.30
N ILE G 139 -20.35 -11.55 26.51
CA ILE G 139 -19.11 -10.82 26.32
C ILE G 139 -18.71 -10.83 24.85
N ASP G 140 -17.86 -9.87 24.48
CA ASP G 140 -17.24 -9.87 23.17
C ASP G 140 -16.39 -11.13 22.99
N ASN G 141 -16.54 -11.77 21.84
CA ASN G 141 -15.72 -12.94 21.51
C ASN G 141 -14.27 -12.51 21.26
N TYR G 142 -13.49 -13.38 20.62
CA TYR G 142 -12.06 -13.18 20.54
C TYR G 142 -11.64 -12.13 19.50
N ASP G 143 -12.46 -11.91 18.46
CA ASP G 143 -12.17 -10.89 17.46
C ASP G 143 -13.09 -9.68 17.59
N GLY G 144 -13.96 -9.70 18.60
CA GLY G 144 -14.86 -8.59 18.84
C GLY G 144 -16.05 -8.55 17.89
N ASN G 145 -16.07 -9.48 16.92
CA ASN G 145 -17.09 -9.49 15.89
C ASN G 145 -18.29 -10.41 16.19
N GLU G 146 -18.27 -11.06 17.36
CA GLU G 146 -19.40 -11.88 17.81
C GLU G 146 -19.58 -11.70 19.31
N ARG G 147 -20.70 -12.21 19.83
CA ARG G 147 -20.98 -12.18 21.25
C ARG G 147 -21.21 -13.60 21.78
N GLU G 148 -20.64 -13.90 22.95
CA GLU G 148 -20.84 -15.19 23.58
C GLU G 148 -21.20 -15.00 25.06
N PRO G 149 -21.81 -16.03 25.66
CA PRO G 149 -22.16 -16.00 27.08
C PRO G 149 -20.97 -16.20 28.01
N SER G 150 -20.82 -15.30 28.98
CA SER G 150 -19.90 -15.50 30.08
C SER G 150 -20.14 -16.84 30.76
N VAL G 151 -21.42 -17.12 31.01
CA VAL G 151 -21.87 -18.32 31.70
C VAL G 151 -23.22 -18.72 31.10
N LEU G 152 -23.70 -19.94 31.35
CA LEU G 152 -25.02 -20.36 30.88
C LEU G 152 -26.01 -20.41 32.04
N PRO G 153 -27.29 -20.07 31.78
CA PRO G 153 -28.33 -20.10 32.82
C PRO G 153 -28.37 -21.38 33.65
N ALA G 154 -28.08 -22.54 33.05
CA ALA G 154 -27.88 -23.78 33.80
C ALA G 154 -28.96 -24.07 34.83
N ARG G 155 -30.17 -24.39 34.35
CA ARG G 155 -31.31 -24.56 35.25
C ARG G 155 -31.23 -25.85 36.10
N PHE G 156 -30.19 -26.65 35.89
CA PHE G 156 -29.90 -27.79 36.76
C PHE G 156 -28.40 -27.85 37.12
N PRO G 157 -28.07 -28.36 38.32
CA PRO G 157 -26.71 -28.34 38.85
C PRO G 157 -25.74 -29.24 38.08
N ASN G 158 -25.35 -28.79 36.90
CA ASN G 158 -24.49 -29.52 35.98
C ASN G 158 -23.10 -29.89 36.53
N LEU G 159 -22.49 -28.96 37.27
CA LEU G 159 -21.13 -29.17 37.78
C LEU G 159 -21.00 -30.49 38.52
N LEU G 160 -22.00 -30.81 39.34
CA LEU G 160 -21.97 -32.01 40.14
C LEU G 160 -22.67 -33.19 39.45
N ALA G 161 -23.49 -32.91 38.46
CA ALA G 161 -24.28 -33.96 37.82
C ALA G 161 -23.46 -34.71 36.77
N ASN G 162 -22.66 -33.97 36.01
CA ASN G 162 -21.82 -34.56 34.97
C ASN G 162 -20.36 -34.62 35.38
N GLY G 163 -19.98 -33.82 36.36
CA GLY G 163 -18.65 -33.89 36.94
C GLY G 163 -17.65 -33.01 36.23
N ALA G 164 -16.39 -33.19 36.61
CA ALA G 164 -15.30 -32.41 36.03
C ALA G 164 -14.00 -33.16 36.19
N SER G 165 -13.16 -33.07 35.17
CA SER G 165 -11.77 -33.47 35.29
C SER G 165 -10.95 -32.70 34.28
N GLY G 166 -10.13 -31.79 34.80
CA GLY G 166 -9.22 -31.03 33.97
C GLY G 166 -7.85 -30.99 34.62
N ILE G 167 -6.82 -30.93 33.78
CA ILE G 167 -5.48 -30.62 34.26
C ILE G 167 -5.17 -29.18 33.86
N ALA G 168 -4.87 -28.37 34.86
CA ALA G 168 -4.55 -26.97 34.64
C ALA G 168 -3.04 -26.78 34.78
N VAL G 169 -2.63 -25.64 35.34
CA VAL G 169 -1.25 -25.40 35.71
C VAL G 169 -1.19 -25.02 37.19
N GLY G 170 -0.48 -25.82 37.99
CA GLY G 170 -0.35 -25.55 39.42
C GLY G 170 -1.48 -26.19 40.20
N MET G 171 -2.46 -26.71 39.50
CA MET G 171 -3.60 -27.38 40.11
C MET G 171 -4.28 -28.26 39.08
N ALA G 172 -5.24 -29.05 39.54
CA ALA G 172 -6.05 -29.87 38.66
C ALA G 172 -7.41 -30.01 39.34
N THR G 173 -8.42 -30.45 38.62
CA THR G 173 -9.73 -30.69 39.22
C THR G 173 -10.22 -32.09 38.88
N ASN G 174 -10.95 -32.68 39.82
CA ASN G 174 -11.59 -33.96 39.59
C ASN G 174 -12.87 -34.08 40.42
N ILE G 175 -14.01 -33.89 39.76
CA ILE G 175 -15.33 -33.94 40.39
C ILE G 175 -16.16 -35.07 39.76
N PRO G 176 -16.72 -35.97 40.60
CA PRO G 176 -17.46 -37.11 40.05
C PRO G 176 -18.91 -36.80 39.70
N PRO G 177 -19.58 -37.66 38.91
CA PRO G 177 -20.99 -37.46 38.56
C PRO G 177 -21.92 -37.81 39.72
N HIS G 178 -23.08 -37.15 39.79
CA HIS G 178 -24.07 -37.41 40.83
C HIS G 178 -25.46 -37.64 40.24
N ASN G 179 -26.38 -38.09 41.08
CA ASN G 179 -27.76 -38.33 40.66
C ASN G 179 -28.55 -37.04 40.71
N LEU G 180 -29.13 -36.66 39.57
CA LEU G 180 -29.81 -35.37 39.46
C LEU G 180 -30.95 -35.24 40.44
N THR G 181 -31.73 -36.31 40.59
CA THR G 181 -32.83 -36.31 41.56
C THR G 181 -32.30 -35.94 42.94
N GLU G 182 -31.25 -36.63 43.37
CA GLU G 182 -30.67 -36.42 44.68
C GLU G 182 -30.12 -35.01 44.85
N LEU G 183 -29.43 -34.52 43.84
CA LEU G 183 -28.85 -33.18 43.87
C LEU G 183 -29.90 -32.10 44.12
N ILE G 184 -30.93 -32.10 43.28
CA ILE G 184 -31.97 -31.09 43.38
C ILE G 184 -32.61 -31.14 44.77
N ASN G 185 -32.83 -32.35 45.28
CA ASN G 185 -33.32 -32.53 46.64
C ASN G 185 -32.39 -31.85 47.66
N GLY G 186 -31.09 -31.98 47.46
CA GLY G 186 -30.13 -31.31 48.32
C GLY G 186 -30.14 -29.81 48.13
N VAL G 187 -30.45 -29.37 46.92
CA VAL G 187 -30.56 -27.94 46.64
C VAL G 187 -31.79 -27.39 47.35
N LEU G 188 -32.90 -28.11 47.23
CA LEU G 188 -34.16 -27.68 47.82
C LEU G 188 -34.06 -27.60 49.34
N SER G 189 -33.36 -28.57 49.92
CA SER G 189 -33.16 -28.62 51.36
C SER G 189 -32.32 -27.44 51.83
N LEU G 190 -31.32 -27.09 51.02
CA LEU G 190 -30.45 -25.95 51.31
C LEU G 190 -31.23 -24.65 51.25
N SER G 191 -32.16 -24.57 50.29
CA SER G 191 -32.95 -23.35 50.09
C SER G 191 -33.88 -23.07 51.26
N LYS G 192 -34.14 -24.10 52.06
CA LYS G 192 -35.10 -24.00 53.16
C LYS G 192 -34.40 -23.77 54.49
N ASN G 193 -33.12 -24.13 54.54
CA ASN G 193 -32.33 -24.04 55.77
C ASN G 193 -30.88 -23.70 55.41
N PRO G 194 -30.59 -22.40 55.25
CA PRO G 194 -29.25 -21.89 54.91
C PRO G 194 -28.10 -22.51 55.72
N ASP G 195 -28.41 -23.01 56.91
CA ASP G 195 -27.40 -23.52 57.85
C ASP G 195 -27.29 -25.04 57.81
N ILE G 196 -27.94 -25.65 56.83
CA ILE G 196 -27.96 -27.10 56.69
C ILE G 196 -26.54 -27.67 56.68
N SER G 197 -26.31 -28.72 57.46
CA SER G 197 -24.99 -29.32 57.56
C SER G 197 -24.76 -30.27 56.39
N ILE G 198 -23.49 -30.39 56.00
CA ILE G 198 -23.08 -31.32 54.94
C ILE G 198 -23.71 -32.70 55.14
N ALA G 199 -23.77 -33.17 56.38
CA ALA G 199 -24.34 -34.47 56.71
C ALA G 199 -25.86 -34.51 56.51
N GLU G 200 -26.53 -33.36 56.60
CA GLU G 200 -27.96 -33.29 56.31
C GLU G 200 -28.22 -33.36 54.81
N LEU G 201 -27.36 -32.69 54.04
CA LEU G 201 -27.38 -32.80 52.60
C LEU G 201 -27.11 -34.25 52.18
N MET G 202 -26.42 -34.97 53.06
CA MET G 202 -25.98 -36.32 52.75
C MET G 202 -27.11 -37.35 52.82
N GLU G 203 -28.29 -36.92 53.24
CA GLU G 203 -29.47 -37.78 53.21
C GLU G 203 -30.13 -37.64 51.85
N ASP G 204 -30.09 -36.43 51.32
CA ASP G 204 -30.55 -36.18 49.96
C ASP G 204 -29.54 -36.76 48.98
N ILE G 205 -28.26 -36.43 49.17
CA ILE G 205 -27.19 -36.88 48.27
C ILE G 205 -26.32 -37.95 48.92
N GLU G 206 -26.60 -39.21 48.57
CA GLU G 206 -25.89 -40.36 49.12
C GLU G 206 -24.40 -40.37 48.76
N GLY G 207 -24.11 -40.01 47.51
CA GLY G 207 -22.74 -39.98 47.03
C GLY G 207 -22.75 -39.81 45.53
N PRO G 208 -21.61 -40.08 44.87
CA PRO G 208 -21.66 -39.97 43.41
C PRO G 208 -22.52 -41.05 42.79
N ASP G 209 -22.78 -40.91 41.49
CA ASP G 209 -23.64 -41.82 40.77
C ASP G 209 -23.13 -41.92 39.36
N PHE G 210 -22.37 -42.98 39.10
CA PHE G 210 -21.65 -43.10 37.85
C PHE G 210 -22.56 -43.57 36.72
N PRO G 211 -22.28 -43.13 35.49
CA PRO G 211 -23.11 -43.58 34.36
C PRO G 211 -22.98 -45.08 34.14
N THR G 212 -21.77 -45.58 34.37
CA THR G 212 -21.43 -46.99 34.16
C THR G 212 -21.86 -47.85 35.36
N ALA G 213 -22.62 -47.26 36.28
CA ALA G 213 -23.12 -47.96 37.46
C ALA G 213 -21.97 -48.44 38.36
N GLY G 214 -21.94 -49.74 38.67
CA GLY G 214 -20.91 -50.29 39.54
C GLY G 214 -21.25 -50.18 41.01
N LEU G 215 -20.23 -50.35 41.86
CA LEU G 215 -20.39 -50.36 43.31
C LEU G 215 -19.36 -49.48 44.01
N ILE G 216 -19.78 -48.86 45.10
CA ILE G 216 -18.89 -48.05 45.94
C ILE G 216 -18.81 -48.66 47.34
N LEU G 217 -17.58 -48.94 47.79
CA LEU G 217 -17.37 -49.49 49.13
C LEU G 217 -17.16 -48.38 50.15
N GLY G 218 -18.10 -48.25 51.07
CA GLY G 218 -17.94 -47.40 52.22
C GLY G 218 -18.28 -45.95 51.95
N LYS G 219 -18.99 -45.36 52.90
CA LYS G 219 -19.40 -43.97 52.81
C LYS G 219 -18.31 -43.04 53.32
N SER G 220 -17.21 -43.64 53.78
CA SER G 220 -16.14 -42.88 54.41
C SER G 220 -15.41 -42.00 53.39
N GLY G 221 -15.15 -42.54 52.20
CA GLY G 221 -14.49 -41.80 51.16
C GLY G 221 -15.31 -40.60 50.75
N ILE G 222 -16.62 -40.83 50.64
CA ILE G 222 -17.57 -39.82 50.23
C ILE G 222 -17.61 -38.64 51.21
N ARG G 223 -17.76 -38.91 52.51
CA ARG G 223 -17.81 -37.86 53.52
C ARG G 223 -16.56 -36.98 53.51
N ARG G 224 -15.39 -37.60 53.32
CA ARG G 224 -14.13 -36.86 53.31
C ARG G 224 -14.12 -35.87 52.15
N ALA G 225 -14.46 -36.36 50.97
CA ALA G 225 -14.49 -35.53 49.78
C ALA G 225 -15.56 -34.45 49.90
N TYR G 226 -16.66 -34.78 50.56
CA TYR G 226 -17.77 -33.85 50.71
C TYR G 226 -17.55 -32.79 51.78
N GLU G 227 -16.75 -33.12 52.80
CA GLU G 227 -16.46 -32.14 53.85
C GLU G 227 -15.24 -31.26 53.53
N THR G 228 -14.25 -31.82 52.82
CA THR G 228 -13.00 -31.11 52.56
C THR G 228 -12.78 -30.73 51.09
N GLY G 229 -13.50 -31.40 50.18
CA GLY G 229 -13.34 -31.14 48.76
C GLY G 229 -12.36 -32.12 48.12
N ARG G 230 -11.78 -32.96 48.95
CA ARG G 230 -10.81 -33.95 48.53
C ARG G 230 -11.00 -35.23 49.34
N GLY G 231 -10.83 -36.36 48.68
CA GLY G 231 -11.01 -37.65 49.33
C GLY G 231 -10.90 -38.74 48.28
N SER G 232 -10.73 -39.97 48.73
CA SER G 232 -10.68 -41.11 47.82
C SER G 232 -11.89 -42.01 48.00
N ILE G 233 -12.55 -42.27 46.89
CA ILE G 233 -13.66 -43.20 46.83
C ILE G 233 -13.19 -44.45 46.10
N GLN G 234 -13.48 -45.60 46.69
CA GLN G 234 -13.14 -46.89 46.09
C GLN G 234 -14.35 -47.42 45.33
N MET G 235 -14.20 -47.60 44.02
CA MET G 235 -15.29 -48.07 43.18
C MET G 235 -14.94 -49.42 42.54
N ARG G 236 -15.89 -50.35 42.65
CA ARG G 236 -15.66 -51.75 42.31
C ARG G 236 -16.63 -52.24 41.23
N SER G 237 -16.11 -53.08 40.33
CA SER G 237 -16.95 -53.78 39.36
C SER G 237 -18.02 -54.61 40.06
N ARG G 238 -19.18 -54.74 39.44
CA ARG G 238 -20.20 -55.67 39.91
C ARG G 238 -19.96 -57.04 39.29
N ALA G 239 -19.90 -58.06 40.14
CA ALA G 239 -19.69 -59.43 39.68
C ALA G 239 -20.59 -60.41 40.43
N VAL G 240 -20.98 -61.47 39.74
CA VAL G 240 -21.81 -62.53 40.32
C VAL G 240 -21.23 -63.88 39.96
N ILE G 241 -21.24 -64.80 40.92
CA ILE G 241 -20.79 -66.17 40.68
C ILE G 241 -21.97 -67.05 40.24
N GLU G 242 -21.80 -67.67 39.07
CA GLU G 242 -22.82 -68.55 38.50
C GLU G 242 -22.25 -69.96 38.36
N GLU G 243 -23.07 -70.97 38.65
CA GLU G 243 -22.63 -72.35 38.69
C GLU G 243 -22.56 -73.04 37.32
N ARG G 244 -21.51 -73.82 37.11
CA ARG G 244 -21.28 -74.53 35.85
C ARG G 244 -21.32 -73.58 34.67
N GLN G 249 -18.66 -73.47 37.65
CA GLN G 249 -18.72 -72.20 38.36
C GLN G 249 -17.88 -71.15 37.63
N ARG G 250 -18.47 -70.03 37.24
CA ARG G 250 -17.72 -68.95 36.60
C ARG G 250 -18.06 -67.58 37.19
N ILE G 251 -17.17 -66.61 36.95
CA ILE G 251 -17.35 -65.23 37.39
C ILE G 251 -17.86 -64.37 36.24
N VAL G 252 -18.98 -63.69 36.45
CA VAL G 252 -19.58 -62.80 35.46
C VAL G 252 -19.62 -61.36 35.96
N VAL G 253 -19.03 -60.46 35.18
CA VAL G 253 -18.92 -59.04 35.54
C VAL G 253 -19.83 -58.17 34.68
N THR G 254 -20.79 -57.49 35.30
CA THR G 254 -21.79 -56.72 34.56
C THR G 254 -21.56 -55.21 34.55
N GLU G 255 -20.80 -54.70 35.53
CA GLU G 255 -20.44 -53.28 35.57
C GLU G 255 -18.96 -53.10 35.91
N ILE G 256 -18.34 -52.05 35.38
CA ILE G 256 -16.93 -51.74 35.65
C ILE G 256 -16.82 -50.35 36.30
N PRO G 257 -15.63 -50.00 36.80
CA PRO G 257 -15.49 -48.66 37.35
C PRO G 257 -15.60 -47.53 36.32
N PHE G 258 -16.04 -46.38 36.79
CA PHE G 258 -16.09 -45.14 36.02
C PHE G 258 -14.73 -44.78 35.40
N GLN G 259 -14.76 -44.24 34.18
CA GLN G 259 -13.56 -43.77 33.48
C GLN G 259 -12.48 -44.84 33.28
N VAL G 260 -12.82 -46.11 33.51
CA VAL G 260 -11.86 -47.19 33.37
C VAL G 260 -12.04 -47.91 32.03
N ASN G 261 -10.92 -48.17 31.35
CA ASN G 261 -10.94 -48.80 30.03
C ASN G 261 -11.21 -50.30 30.15
N LYS G 262 -12.17 -50.80 29.37
CA LYS G 262 -12.66 -52.17 29.53
C LYS G 262 -11.74 -53.21 28.88
N ALA G 263 -11.17 -52.90 27.72
CA ALA G 263 -10.27 -53.83 27.04
C ALA G 263 -8.99 -53.98 27.87
N ARG G 264 -8.40 -52.83 28.20
CA ARG G 264 -7.23 -52.77 29.06
C ARG G 264 -7.43 -53.54 30.37
N MET G 265 -8.61 -53.42 30.96
CA MET G 265 -8.92 -54.13 32.19
C MET G 265 -8.86 -55.64 31.95
N ILE G 266 -9.17 -56.04 30.72
CA ILE G 266 -9.16 -57.45 30.34
C ILE G 266 -7.74 -57.88 29.95
N GLU G 267 -7.01 -56.99 29.30
CA GLU G 267 -5.62 -57.25 28.92
C GLU G 267 -4.74 -57.37 30.17
N LYS G 268 -5.09 -56.62 31.21
CA LYS G 268 -4.35 -56.68 32.48
C LYS G 268 -4.42 -58.08 33.06
N ILE G 269 -5.59 -58.71 32.98
CA ILE G 269 -5.78 -60.05 33.52
C ILE G 269 -5.04 -61.07 32.64
N ALA G 270 -4.94 -60.76 31.35
CA ALA G 270 -4.20 -61.62 30.43
C ALA G 270 -2.72 -61.65 30.80
N GLU G 271 -2.22 -60.51 31.26
CA GLU G 271 -0.83 -60.43 31.72
C GLU G 271 -0.62 -61.31 32.94
N LEU G 272 -1.53 -61.23 33.91
CA LEU G 272 -1.42 -61.99 35.14
C LEU G 272 -1.34 -63.48 34.88
N VAL G 273 -2.09 -63.96 33.89
CA VAL G 273 -2.07 -65.37 33.54
C VAL G 273 -0.81 -65.72 32.75
N ARG G 274 -0.34 -64.79 31.92
CA ARG G 274 0.87 -65.00 31.12
C ARG G 274 2.12 -65.04 32.01
N ASP G 275 2.19 -64.12 32.97
CA ASP G 275 3.31 -64.10 33.91
C ASP G 275 3.06 -65.06 35.07
N LYS G 276 1.94 -65.79 34.99
CA LYS G 276 1.58 -66.76 36.02
C LYS G 276 1.52 -66.13 37.41
N LYS G 277 1.03 -64.91 37.49
CA LYS G 277 0.85 -64.23 38.78
C LYS G 277 -0.48 -64.58 39.42
N ILE G 278 -1.49 -64.88 38.59
CA ILE G 278 -2.78 -65.33 39.08
C ILE G 278 -3.18 -66.65 38.43
N ASP G 279 -3.90 -67.48 39.17
CA ASP G 279 -4.33 -68.78 38.71
C ASP G 279 -5.77 -69.04 39.17
N GLY G 280 -6.34 -70.14 38.70
CA GLY G 280 -7.71 -70.50 39.03
C GLY G 280 -8.61 -70.27 37.85
N ILE G 281 -8.09 -69.60 36.83
CA ILE G 281 -8.90 -69.17 35.70
C ILE G 281 -8.61 -70.01 34.44
N THR G 282 -9.68 -70.52 33.83
CA THR G 282 -9.56 -71.36 32.65
C THR G 282 -9.39 -70.51 31.39
N ASP G 283 -10.42 -69.74 31.06
CA ASP G 283 -10.40 -68.83 29.92
C ASP G 283 -11.03 -67.49 30.33
N LEU G 284 -10.77 -66.45 29.53
CA LEU G 284 -11.24 -65.09 29.79
C LEU G 284 -11.78 -64.49 28.48
N ARG G 285 -13.04 -64.08 28.46
CA ARG G 285 -13.66 -63.63 27.21
C ARG G 285 -14.78 -62.58 27.43
N ASP G 286 -14.88 -61.65 26.48
CA ASP G 286 -15.74 -60.48 26.59
C ASP G 286 -17.02 -60.60 25.76
N GLU G 287 -18.14 -60.81 26.44
CA GLU G 287 -19.43 -61.02 25.79
C GLU G 287 -20.30 -59.76 25.83
N THR G 288 -19.66 -58.59 25.90
CA THR G 288 -20.38 -57.32 25.87
C THR G 288 -21.10 -57.15 24.54
N SER G 289 -22.33 -56.65 24.60
CA SER G 289 -23.08 -56.33 23.39
C SER G 289 -24.03 -55.17 23.66
N LEU G 290 -24.76 -54.76 22.63
CA LEU G 290 -25.71 -53.67 22.76
C LEU G 290 -26.96 -54.09 23.53
N ARG G 291 -27.46 -55.29 23.27
CA ARG G 291 -28.73 -55.75 23.81
C ARG G 291 -28.59 -56.39 25.19
N THR G 292 -27.67 -57.34 25.32
CA THR G 292 -27.46 -58.03 26.58
C THR G 292 -26.73 -57.14 27.58
N GLY G 293 -25.93 -56.21 27.05
CA GLY G 293 -25.22 -55.27 27.87
C GLY G 293 -23.80 -55.71 28.18
N VAL G 294 -23.19 -55.07 29.18
CA VAL G 294 -21.80 -55.34 29.51
C VAL G 294 -21.68 -56.64 30.28
N ARG G 295 -20.79 -57.49 29.78
CA ARG G 295 -20.63 -58.83 30.31
C ARG G 295 -19.21 -59.33 30.04
N VAL G 296 -18.41 -59.39 31.11
CA VAL G 296 -17.09 -59.99 31.06
C VAL G 296 -17.16 -61.33 31.80
N VAL G 297 -16.64 -62.38 31.17
CA VAL G 297 -16.73 -63.72 31.73
C VAL G 297 -15.36 -64.31 31.99
N ILE G 298 -15.20 -64.79 33.22
CA ILE G 298 -13.97 -65.41 33.68
C ILE G 298 -14.33 -66.82 34.17
N ASP G 299 -13.61 -67.82 33.69
CA ASP G 299 -13.90 -69.20 34.03
C ASP G 299 -13.10 -69.58 35.27
N VAL G 300 -13.67 -70.45 36.11
CA VAL G 300 -13.01 -70.87 37.34
C VAL G 300 -12.76 -72.38 37.33
N ARG G 301 -11.54 -72.77 37.67
CA ARG G 301 -11.19 -74.17 37.79
C ARG G 301 -11.97 -74.80 38.95
N LYS G 302 -12.49 -76.01 38.71
CA LYS G 302 -13.23 -76.74 39.73
C LYS G 302 -12.37 -76.97 40.97
N ASP G 303 -13.01 -76.87 42.13
CA ASP G 303 -12.39 -77.07 43.46
C ASP G 303 -11.75 -75.79 44.00
N ALA G 304 -11.88 -74.69 43.24
CA ALA G 304 -11.39 -73.39 43.68
C ALA G 304 -12.54 -72.42 43.85
N ASN G 305 -12.61 -71.79 45.02
CA ASN G 305 -13.63 -70.78 45.28
C ASN G 305 -13.42 -69.58 44.37
N ALA G 306 -14.47 -69.15 43.70
CA ALA G 306 -14.37 -68.02 42.79
C ALA G 306 -14.06 -66.74 43.55
N SER G 307 -14.66 -66.63 44.73
CA SER G 307 -14.52 -65.43 45.57
C SER G 307 -13.07 -65.02 45.78
N VAL G 308 -12.18 -66.00 45.90
CA VAL G 308 -10.77 -65.74 46.16
C VAL G 308 -10.12 -65.08 44.96
N ILE G 309 -10.45 -65.60 43.77
CA ILE G 309 -9.89 -65.12 42.52
C ILE G 309 -10.30 -63.67 42.31
N LEU G 310 -11.60 -63.42 42.48
CA LEU G 310 -12.16 -62.08 42.37
C LEU G 310 -11.46 -61.07 43.28
N ASN G 311 -11.28 -61.43 44.56
CA ASN G 311 -10.61 -60.54 45.50
C ASN G 311 -9.17 -60.26 45.10
N ASN G 312 -8.53 -61.23 44.43
CA ASN G 312 -7.17 -61.03 43.93
C ASN G 312 -7.19 -60.13 42.70
N LEU G 313 -8.23 -60.28 41.88
CA LEU G 313 -8.39 -59.45 40.69
C LEU G 313 -8.63 -58.01 41.10
N TYR G 314 -9.51 -57.81 42.07
CA TYR G 314 -9.75 -56.49 42.65
C TYR G 314 -8.45 -55.85 43.11
N LYS G 315 -7.57 -56.66 43.69
CA LYS G 315 -6.35 -56.16 44.30
C LYS G 315 -5.28 -55.78 43.27
N GLN G 316 -5.14 -56.61 42.23
CA GLN G 316 -4.02 -56.49 41.29
C GLN G 316 -4.39 -55.79 39.98
N THR G 317 -5.66 -55.88 39.57
CA THR G 317 -6.10 -55.22 38.34
C THR G 317 -7.06 -54.07 38.63
N PRO G 318 -7.23 -53.15 37.68
CA PRO G 318 -8.21 -52.06 37.79
C PRO G 318 -9.68 -52.50 37.89
N LEU G 319 -9.94 -53.79 38.04
CA LEU G 319 -11.30 -54.30 38.29
C LEU G 319 -11.96 -53.54 39.46
N GLN G 320 -11.11 -53.03 40.35
CA GLN G 320 -11.52 -52.07 41.37
C GLN G 320 -10.55 -50.92 41.27
N THR G 321 -11.09 -49.71 41.16
CA THR G 321 -10.27 -48.52 40.95
C THR G 321 -10.68 -47.41 41.91
N SER G 322 -9.76 -46.49 42.16
CA SER G 322 -9.98 -45.37 43.06
C SER G 322 -10.26 -44.09 42.30
N PHE G 323 -11.30 -43.37 42.70
CA PHE G 323 -11.56 -42.02 42.21
C PHE G 323 -11.06 -41.03 43.25
N GLY G 324 -10.17 -40.14 42.81
CA GLY G 324 -9.54 -39.18 43.70
C GLY G 324 -10.17 -37.81 43.60
N VAL G 325 -11.26 -37.60 44.34
CA VAL G 325 -11.99 -36.35 44.31
C VAL G 325 -11.07 -35.17 44.65
N ASN G 326 -11.30 -34.06 43.95
CA ASN G 326 -10.48 -32.86 44.09
C ASN G 326 -11.26 -31.66 43.56
N MET G 327 -12.33 -31.30 44.27
CA MET G 327 -13.37 -30.43 43.72
C MET G 327 -12.96 -28.96 43.61
N ILE G 328 -12.25 -28.63 42.52
CA ILE G 328 -11.86 -27.25 42.22
C ILE G 328 -12.65 -26.73 41.03
N ALA G 329 -13.46 -25.72 41.26
CA ALA G 329 -14.20 -25.03 40.20
C ALA G 329 -13.86 -23.55 40.24
N LEU G 330 -14.27 -22.84 39.20
CA LEU G 330 -14.09 -21.39 39.14
C LEU G 330 -15.21 -20.68 39.88
N VAL G 331 -14.86 -20.04 40.99
CA VAL G 331 -15.82 -19.28 41.77
C VAL G 331 -15.45 -17.79 41.74
N ASN G 332 -16.36 -16.99 41.22
CA ASN G 332 -16.11 -15.58 40.91
C ASN G 332 -14.78 -15.39 40.16
N GLY G 333 -14.62 -16.16 39.08
CA GLY G 333 -13.52 -15.97 38.15
C GLY G 333 -12.15 -16.40 38.65
N ARG G 334 -12.10 -16.96 39.87
CA ARG G 334 -10.85 -17.46 40.43
C ARG G 334 -10.99 -18.93 40.81
N PRO G 335 -9.88 -19.67 40.76
CA PRO G 335 -9.96 -21.11 41.09
C PRO G 335 -10.05 -21.33 42.59
N LYS G 336 -10.86 -22.29 43.00
CA LYS G 336 -11.20 -22.48 44.40
C LYS G 336 -11.55 -23.95 44.67
N LEU G 337 -11.03 -24.49 45.77
CA LEU G 337 -11.42 -25.83 46.21
C LEU G 337 -12.63 -25.69 47.12
N ILE G 338 -13.72 -26.36 46.73
CA ILE G 338 -15.02 -26.19 47.37
C ILE G 338 -15.55 -27.54 47.85
N ASN G 339 -16.25 -27.53 48.99
CA ASN G 339 -16.91 -28.75 49.47
C ASN G 339 -18.34 -28.81 48.95
N LEU G 340 -19.04 -29.90 49.25
CA LEU G 340 -20.35 -30.17 48.66
C LEU G 340 -21.33 -29.02 48.88
N LYS G 341 -21.21 -28.34 50.02
CA LYS G 341 -22.15 -27.28 50.33
C LYS G 341 -21.84 -26.03 49.51
N GLU G 342 -20.57 -25.65 49.45
CA GLU G 342 -20.19 -24.46 48.67
C GLU G 342 -20.67 -24.61 47.24
N ALA G 343 -20.61 -25.84 46.73
CA ALA G 343 -21.09 -26.13 45.39
C ALA G 343 -22.55 -25.76 45.24
N LEU G 344 -23.38 -26.28 46.14
CA LEU G 344 -24.81 -26.07 46.07
C LEU G 344 -25.21 -24.64 46.46
N VAL G 345 -24.46 -24.03 47.37
CA VAL G 345 -24.70 -22.62 47.70
C VAL G 345 -24.45 -21.76 46.48
N HIS G 346 -23.28 -21.92 45.87
CA HIS G 346 -22.89 -21.10 44.73
C HIS G 346 -23.78 -21.37 43.53
N TYR G 347 -24.43 -22.52 43.52
CA TYR G 347 -25.38 -22.85 42.47
C TYR G 347 -26.72 -22.21 42.77
N LEU G 348 -27.17 -22.35 44.02
CA LEU G 348 -28.46 -21.81 44.40
C LEU G 348 -28.48 -20.29 44.24
N GLU G 349 -27.33 -19.66 44.43
CA GLU G 349 -27.23 -18.21 44.28
C GLU G 349 -27.18 -17.82 42.81
N HIS G 350 -26.92 -18.79 41.95
CA HIS G 350 -26.91 -18.56 40.51
C HIS G 350 -28.35 -18.58 40.01
N GLN G 351 -29.11 -19.57 40.48
CA GLN G 351 -30.52 -19.69 40.11
C GLN G 351 -31.33 -18.53 40.65
N LYS G 352 -31.01 -18.09 41.87
CA LYS G 352 -31.66 -16.92 42.45
C LYS G 352 -31.50 -15.71 41.53
N THR G 353 -30.25 -15.42 41.16
CA THR G 353 -29.94 -14.30 40.29
C THR G 353 -30.61 -14.42 38.92
N VAL G 354 -30.55 -15.61 38.32
CA VAL G 354 -31.09 -15.82 36.98
C VAL G 354 -32.60 -15.61 36.93
N VAL G 355 -33.31 -16.10 37.94
CA VAL G 355 -34.77 -15.99 37.98
C VAL G 355 -35.20 -14.60 38.45
N ARG G 356 -34.28 -13.87 39.09
CA ARG G 356 -34.51 -12.46 39.36
C ARG G 356 -34.47 -11.72 38.02
N ARG G 357 -33.28 -11.69 37.43
CA ARG G 357 -33.03 -11.04 36.14
C ARG G 357 -34.03 -11.39 35.03
N ARG G 358 -34.54 -12.62 35.03
CA ARG G 358 -35.52 -13.01 34.03
C ARG G 358 -36.83 -12.27 34.29
N THR G 359 -37.23 -12.27 35.55
CA THR G 359 -38.44 -11.59 35.98
C THR G 359 -38.33 -10.09 35.70
N GLN G 360 -37.11 -9.56 35.83
CA GLN G 360 -36.87 -8.14 35.63
C GLN G 360 -36.90 -7.78 34.15
N TYR G 361 -36.56 -8.75 33.30
CA TYR G 361 -36.62 -8.56 31.86
C TYR G 361 -38.07 -8.63 31.39
N ASN G 362 -38.77 -9.68 31.84
CA ASN G 362 -40.16 -9.89 31.48
C ASN G 362 -41.04 -8.77 31.99
N LEU G 363 -40.62 -8.08 33.06
CA LEU G 363 -41.40 -6.94 33.53
C LEU G 363 -41.32 -5.80 32.52
N ARG G 364 -40.10 -5.31 32.28
CA ARG G 364 -39.85 -4.26 31.28
C ARG G 364 -40.70 -4.40 30.04
N LYS G 365 -40.62 -5.58 29.41
CA LYS G 365 -41.29 -5.82 28.13
C LYS G 365 -42.81 -5.76 28.29
N ALA G 366 -43.33 -6.24 29.41
CA ALA G 366 -44.76 -6.18 29.68
C ALA G 366 -45.20 -4.74 29.87
N LYS G 367 -44.51 -4.01 30.73
CA LYS G 367 -44.79 -2.60 30.94
C LYS G 367 -44.68 -1.85 29.62
N ASP G 368 -43.67 -2.22 28.84
CA ASP G 368 -43.48 -1.64 27.51
C ASP G 368 -44.64 -1.98 26.58
N ARG G 369 -45.10 -3.22 26.62
CA ARG G 369 -46.17 -3.67 25.75
C ARG G 369 -47.52 -3.08 26.19
N ALA G 370 -47.74 -3.03 27.50
CA ALA G 370 -48.95 -2.42 28.04
C ALA G 370 -49.08 -0.96 27.61
N HIS G 371 -48.00 -0.22 27.82
CA HIS G 371 -47.94 1.19 27.44
C HIS G 371 -48.39 1.38 26.00
N ILE G 372 -47.94 0.48 25.12
CA ILE G 372 -48.24 0.59 23.70
C ILE G 372 -49.69 0.21 23.42
N LEU G 373 -50.17 -0.87 24.03
CA LEU G 373 -51.57 -1.25 23.93
C LEU G 373 -52.48 -0.13 24.45
N GLU G 374 -51.98 0.64 25.42
CA GLU G 374 -52.77 1.69 26.03
C GLU G 374 -53.05 2.81 25.03
N GLY G 375 -52.03 3.15 24.24
CA GLY G 375 -52.19 4.16 23.21
C GLY G 375 -53.02 3.64 22.05
N LEU G 376 -52.95 2.34 21.78
CA LEU G 376 -53.72 1.74 20.70
C LEU G 376 -55.19 1.68 21.08
N ARG G 377 -55.46 1.48 22.37
CA ARG G 377 -56.82 1.52 22.87
C ARG G 377 -57.39 2.93 22.74
N ILE G 378 -56.57 3.92 23.10
CA ILE G 378 -56.94 5.34 22.92
C ILE G 378 -57.22 5.61 21.46
N ALA G 379 -56.39 5.08 20.58
CA ALA G 379 -56.51 5.30 19.15
C ALA G 379 -57.82 4.74 18.62
N LEU G 380 -58.05 3.47 18.89
CA LEU G 380 -59.19 2.75 18.35
C LEU G 380 -60.53 3.34 18.83
N ASP G 381 -60.51 4.00 19.98
CA ASP G 381 -61.72 4.60 20.54
C ASP G 381 -62.06 5.91 19.84
N HIS G 382 -61.07 6.50 19.19
CA HIS G 382 -61.22 7.82 18.58
C HIS G 382 -60.69 7.79 17.15
N ILE G 383 -60.99 6.71 16.46
CA ILE G 383 -60.43 6.43 15.14
C ILE G 383 -60.64 7.56 14.16
N ASP G 384 -61.87 8.07 14.05
CA ASP G 384 -62.15 9.13 13.09
C ASP G 384 -61.24 10.33 13.31
N GLU G 385 -61.12 10.75 14.57
CA GLU G 385 -60.30 11.91 14.91
C GLU G 385 -58.83 11.62 14.67
N ILE G 386 -58.38 10.45 15.12
CA ILE G 386 -57.02 9.97 14.88
C ILE G 386 -56.65 10.07 13.40
N ILE G 387 -57.41 9.36 12.57
CA ILE G 387 -57.21 9.33 11.12
C ILE G 387 -57.12 10.75 10.58
N SER G 388 -58.07 11.58 11.00
CA SER G 388 -58.17 12.94 10.50
C SER G 388 -56.95 13.77 10.88
N THR G 389 -56.38 13.48 12.05
CA THR G 389 -55.20 14.19 12.55
C THR G 389 -54.00 13.84 11.69
N ILE G 390 -53.92 12.57 11.30
CA ILE G 390 -52.87 12.08 10.43
C ILE G 390 -52.99 12.70 9.03
N ARG G 391 -54.20 12.66 8.46
CA ARG G 391 -54.43 13.20 7.12
C ARG G 391 -54.02 14.67 6.99
N GLU G 392 -54.49 15.48 7.92
CA GLU G 392 -54.23 16.93 7.88
C GLU G 392 -52.75 17.27 8.12
N SER G 393 -51.91 16.26 8.25
CA SER G 393 -50.50 16.44 8.58
C SER G 393 -49.59 16.26 7.37
N ASP G 394 -48.79 17.28 7.09
CA ASP G 394 -47.83 17.24 5.99
C ASP G 394 -46.82 16.09 6.12
N THR G 395 -46.25 15.93 7.31
CA THR G 395 -45.19 14.94 7.54
C THR G 395 -45.40 14.09 8.79
N ASP G 396 -44.64 13.00 8.88
CA ASP G 396 -44.66 12.11 10.05
C ASP G 396 -44.38 12.90 11.32
N LYS G 397 -43.37 13.77 11.25
CA LYS G 397 -43.02 14.66 12.35
C LYS G 397 -44.24 15.39 12.89
N VAL G 398 -45.02 15.98 11.97
CA VAL G 398 -46.18 16.78 12.34
C VAL G 398 -47.29 15.91 12.92
N ALA G 399 -47.68 14.86 12.21
CA ALA G 399 -48.72 13.95 12.66
C ALA G 399 -48.38 13.36 14.03
N MET G 400 -47.09 13.22 14.32
CA MET G 400 -46.67 12.67 15.61
C MET G 400 -46.83 13.73 16.70
N GLU G 401 -46.31 14.92 16.45
CA GLU G 401 -46.42 16.02 17.41
C GLU G 401 -47.89 16.38 17.66
N SER G 402 -48.70 16.28 16.60
CA SER G 402 -50.14 16.51 16.73
C SER G 402 -50.80 15.40 17.54
N LEU G 403 -50.54 14.15 17.16
CA LEU G 403 -51.17 13.01 17.82
C LEU G 403 -50.85 12.97 19.31
N GLN G 404 -49.65 13.40 19.69
CA GLN G 404 -49.26 13.43 21.11
C GLN G 404 -49.97 14.57 21.82
N GLN G 405 -50.03 15.72 21.16
CA GLN G 405 -50.57 16.93 21.77
C GLN G 405 -52.08 16.84 21.95
N ARG G 406 -52.76 16.26 20.97
CA ARG G 406 -54.22 16.25 20.96
C ARG G 406 -54.84 15.15 21.82
N PHE G 407 -54.09 14.07 22.06
CA PHE G 407 -54.63 12.91 22.79
C PHE G 407 -53.77 12.52 23.99
N LYS G 408 -52.80 13.35 24.34
CA LYS G 408 -51.89 13.04 25.45
C LYS G 408 -51.22 11.67 25.31
N LEU G 409 -50.60 11.44 24.16
CA LEU G 409 -49.87 10.19 23.91
C LEU G 409 -48.37 10.43 24.01
N SER G 410 -47.63 9.41 24.43
CA SER G 410 -46.17 9.50 24.46
C SER G 410 -45.62 9.31 23.05
N GLU G 411 -44.40 9.78 22.82
CA GLU G 411 -43.73 9.61 21.53
C GLU G 411 -43.69 8.14 21.13
N LYS G 412 -43.55 7.26 22.11
CA LYS G 412 -43.56 5.82 21.85
C LYS G 412 -44.93 5.33 21.40
N GLN G 413 -45.97 6.00 21.87
CA GLN G 413 -47.34 5.59 21.58
C GLN G 413 -47.82 6.15 20.24
N ALA G 414 -47.34 7.34 19.88
CA ALA G 414 -47.68 7.94 18.60
C ALA G 414 -47.09 7.14 17.45
N GLN G 415 -45.92 6.55 17.69
CA GLN G 415 -45.23 5.77 16.66
C GLN G 415 -45.97 4.47 16.37
N ALA G 416 -46.49 3.83 17.41
CA ALA G 416 -47.18 2.55 17.24
C ALA G 416 -48.48 2.75 16.46
N ILE G 417 -49.15 3.87 16.72
CA ILE G 417 -50.36 4.22 16.00
C ILE G 417 -50.08 4.38 14.51
N LEU G 418 -49.15 5.27 14.18
CA LEU G 418 -48.76 5.50 12.80
C LEU G 418 -48.32 4.21 12.11
N ASP G 419 -47.65 3.33 12.85
CA ASP G 419 -47.18 2.05 12.30
C ASP G 419 -48.31 1.02 12.24
N MET G 420 -49.45 1.34 12.82
CA MET G 420 -50.58 0.41 12.85
C MET G 420 -51.19 0.27 11.46
N ARG G 421 -51.55 -0.96 11.10
CA ARG G 421 -52.14 -1.23 9.79
C ARG G 421 -53.66 -1.10 9.85
N LEU G 422 -54.27 -0.84 8.70
CA LEU G 422 -55.70 -0.58 8.64
C LEU G 422 -56.56 -1.76 9.09
N ARG G 423 -56.01 -2.97 9.05
CA ARG G 423 -56.81 -4.14 9.39
C ARG G 423 -57.00 -4.34 10.89
N ARG G 424 -56.32 -3.52 11.70
CA ARG G 424 -56.50 -3.59 13.15
C ARG G 424 -57.83 -2.97 13.56
N LEU G 425 -58.55 -2.43 12.58
CA LEU G 425 -59.79 -1.70 12.82
C LEU G 425 -61.01 -2.62 12.73
N THR G 426 -60.80 -3.88 12.34
CA THR G 426 -61.89 -4.84 12.27
C THR G 426 -62.36 -5.18 13.69
N GLY G 427 -63.58 -5.68 13.79
CA GLY G 427 -64.16 -6.04 15.07
C GLY G 427 -63.29 -6.93 15.94
N LEU G 428 -62.98 -8.13 15.45
CA LEU G 428 -62.21 -9.11 16.21
C LEU G 428 -60.89 -8.56 16.74
N GLU G 429 -60.28 -7.63 16.00
CA GLU G 429 -59.00 -7.06 16.42
C GLU G 429 -59.17 -6.17 17.65
N ARG G 430 -60.35 -5.59 17.81
CA ARG G 430 -60.60 -4.72 18.96
C ARG G 430 -60.62 -5.52 20.24
N ASP G 431 -61.32 -6.66 20.22
CA ASP G 431 -61.43 -7.53 21.38
C ASP G 431 -60.12 -8.28 21.60
N LYS G 432 -59.43 -8.59 20.51
CA LYS G 432 -58.14 -9.26 20.57
C LYS G 432 -57.18 -8.42 21.40
N ILE G 433 -57.08 -7.15 21.04
CA ILE G 433 -56.25 -6.18 21.73
C ILE G 433 -56.65 -6.06 23.21
N GLU G 434 -57.95 -6.02 23.47
CA GLU G 434 -58.42 -5.84 24.85
C GLU G 434 -58.07 -7.04 25.74
N ALA G 435 -58.11 -8.24 25.17
CA ALA G 435 -57.79 -9.45 25.93
C ALA G 435 -56.31 -9.49 26.28
N GLU G 436 -55.46 -9.11 25.33
CA GLU G 436 -54.02 -9.11 25.58
C GLU G 436 -53.70 -8.12 26.69
N TYR G 437 -54.41 -6.99 26.71
CA TYR G 437 -54.14 -5.96 27.71
C TYR G 437 -54.47 -6.45 29.11
N ASN G 438 -55.51 -7.28 29.21
CA ASN G 438 -55.99 -7.74 30.50
C ASN G 438 -55.11 -8.84 31.09
N GLU G 439 -54.67 -9.78 30.27
CA GLU G 439 -53.73 -10.79 30.70
C GLU G 439 -52.42 -10.12 31.12
N LEU G 440 -51.98 -9.17 30.30
CA LEU G 440 -50.73 -8.46 30.55
C LEU G 440 -50.74 -7.74 31.90
N LEU G 441 -51.92 -7.29 32.31
CA LEU G 441 -52.05 -6.57 33.57
C LEU G 441 -51.84 -7.48 34.75
N ASN G 442 -52.47 -8.66 34.69
CA ASN G 442 -52.26 -9.69 35.68
C ASN G 442 -50.82 -10.18 35.69
N TYR G 443 -50.26 -10.33 34.49
CA TYR G 443 -48.88 -10.79 34.35
C TYR G 443 -47.92 -9.81 35.04
N ILE G 444 -48.17 -8.51 34.89
CA ILE G 444 -47.34 -7.51 35.52
C ILE G 444 -47.49 -7.58 37.04
N SER G 445 -48.70 -7.89 37.51
CA SER G 445 -48.95 -8.02 38.94
C SER G 445 -48.10 -9.14 39.52
N GLU G 446 -48.17 -10.30 38.88
CA GLU G 446 -47.44 -11.48 39.32
C GLU G 446 -45.94 -11.24 39.36
N LEU G 447 -45.40 -10.66 38.30
CA LEU G 447 -43.97 -10.37 38.23
C LEU G 447 -43.55 -9.40 39.33
N GLU G 448 -44.38 -8.40 39.60
CA GLU G 448 -44.07 -7.39 40.60
C GLU G 448 -44.11 -7.98 42.01
N THR G 449 -44.89 -9.05 42.17
CA THR G 449 -44.95 -9.78 43.44
C THR G 449 -43.62 -10.46 43.71
N ILE G 450 -43.17 -11.26 42.75
CA ILE G 450 -41.90 -11.99 42.83
C ILE G 450 -40.76 -11.07 43.23
N LEU G 451 -40.80 -9.84 42.71
CA LEU G 451 -39.71 -8.89 42.87
C LEU G 451 -39.84 -8.06 44.15
N ALA G 452 -40.99 -8.15 44.80
CA ALA G 452 -41.26 -7.41 46.03
C ALA G 452 -40.84 -8.23 47.24
N ASP G 453 -41.02 -9.54 47.14
CA ASP G 453 -40.78 -10.46 48.26
C ASP G 453 -39.79 -11.55 47.85
N GLU G 454 -38.69 -11.65 48.59
CA GLU G 454 -37.60 -12.58 48.25
C GLU G 454 -37.95 -14.04 48.49
N GLU G 455 -39.07 -14.29 49.18
CA GLU G 455 -39.50 -15.67 49.46
C GLU G 455 -40.28 -16.20 48.27
N VAL G 456 -41.00 -15.32 47.60
CA VAL G 456 -41.80 -15.67 46.43
C VAL G 456 -40.86 -16.13 45.32
N LEU G 457 -39.77 -15.38 45.14
CA LEU G 457 -38.76 -15.70 44.15
C LEU G 457 -38.09 -17.02 44.49
N LEU G 458 -37.70 -17.17 45.74
CA LEU G 458 -37.03 -18.38 46.18
C LEU G 458 -37.93 -19.57 45.90
N GLN G 459 -39.21 -19.43 46.20
CA GLN G 459 -40.18 -20.47 45.91
C GLN G 459 -40.26 -20.78 44.41
N LEU G 460 -40.17 -19.73 43.60
CA LEU G 460 -40.18 -19.89 42.16
C LEU G 460 -38.97 -20.68 41.70
N VAL G 461 -37.83 -20.45 42.35
CA VAL G 461 -36.63 -21.25 42.10
C VAL G 461 -36.91 -22.70 42.49
N ARG G 462 -37.39 -22.89 43.71
CA ARG G 462 -37.75 -24.22 44.21
C ARG G 462 -38.67 -24.95 43.23
N ASP G 463 -39.76 -24.29 42.86
CA ASP G 463 -40.77 -24.88 42.00
C ASP G 463 -40.20 -25.28 40.64
N GLU G 464 -39.46 -24.36 40.03
CA GLU G 464 -38.92 -24.59 38.69
C GLU G 464 -37.88 -25.71 38.67
N LEU G 465 -37.15 -25.87 39.77
CA LEU G 465 -36.21 -26.99 39.89
C LEU G 465 -36.97 -28.30 40.03
N THR G 466 -38.00 -28.30 40.86
CA THR G 466 -38.79 -29.51 41.11
C THR G 466 -39.31 -30.07 39.80
N GLU G 467 -39.51 -29.18 38.82
CA GLU G 467 -39.97 -29.56 37.50
C GLU G 467 -38.91 -30.32 36.72
N ILE G 468 -37.66 -29.84 36.80
CA ILE G 468 -36.55 -30.49 36.10
C ILE G 468 -36.37 -31.86 36.72
N ARG G 469 -36.46 -31.92 38.05
CA ARG G 469 -36.38 -33.18 38.78
C ARG G 469 -37.49 -34.11 38.31
N ASP G 470 -38.72 -33.60 38.33
CA ASP G 470 -39.89 -34.37 37.92
C ASP G 470 -39.89 -34.74 36.44
N ARG G 471 -39.07 -34.06 35.64
CA ARG G 471 -39.05 -34.30 34.19
C ARG G 471 -37.80 -35.05 33.70
N PHE G 472 -36.71 -34.96 34.46
CA PHE G 472 -35.42 -35.49 34.03
C PHE G 472 -34.72 -36.42 35.04
N GLY G 473 -35.24 -36.51 36.25
CA GLY G 473 -34.55 -37.24 37.30
C GLY G 473 -34.73 -38.73 37.15
N ASP G 474 -33.66 -39.49 37.40
CA ASP G 474 -33.69 -40.95 37.24
C ASP G 474 -33.22 -41.69 38.49
N ASP G 475 -33.38 -43.01 38.45
CA ASP G 475 -32.92 -43.89 39.51
C ASP G 475 -31.40 -43.84 39.65
N ARG G 476 -30.92 -44.08 40.86
CA ARG G 476 -29.50 -44.20 41.12
C ARG G 476 -28.95 -45.45 40.42
N ARG G 477 -27.68 -45.40 40.03
CA ARG G 477 -27.07 -46.48 39.25
C ARG G 477 -25.96 -47.18 40.03
N THR G 478 -25.18 -46.39 40.77
CA THR G 478 -24.05 -46.91 41.51
C THR G 478 -24.46 -47.24 42.93
N GLU G 479 -24.45 -48.53 43.25
CA GLU G 479 -24.85 -48.99 44.57
C GLU G 479 -23.79 -48.63 45.59
N ILE G 480 -24.24 -48.16 46.74
CA ILE G 480 -23.34 -47.81 47.83
C ILE G 480 -23.43 -48.83 48.96
N GLN G 481 -22.36 -49.59 49.13
CA GLN G 481 -22.29 -50.64 50.15
C GLN G 481 -21.60 -50.13 51.41
N LEU G 482 -21.84 -50.81 52.53
CA LEU G 482 -21.31 -50.42 53.83
C LEU G 482 -19.81 -50.13 53.81
N LYS H 1 14.18 -31.20 9.40
CA LYS H 1 13.08 -30.28 9.14
C LYS H 1 13.60 -28.86 8.94
N LEU H 2 14.85 -28.63 9.33
CA LEU H 2 15.50 -27.34 9.15
C LEU H 2 15.56 -26.94 7.67
N ALA H 3 15.28 -25.66 7.40
CA ALA H 3 15.47 -25.07 6.08
C ALA H 3 16.54 -23.99 6.17
N ASP H 4 17.71 -24.30 5.64
CA ASP H 4 18.88 -23.45 5.84
C ASP H 4 18.98 -22.32 4.84
N CYS H 5 19.90 -21.42 5.12
CA CYS H 5 20.19 -20.26 4.30
C CYS H 5 21.30 -20.58 3.31
N SER H 6 21.47 -19.75 2.28
CA SER H 6 22.49 -19.99 1.27
C SER H 6 23.88 -19.64 1.81
N SER H 7 23.95 -18.57 2.60
CA SER H 7 25.20 -18.11 3.18
C SER H 7 25.79 -19.16 4.13
N LYS H 8 27.08 -19.02 4.42
CA LYS H 8 27.77 -19.91 5.35
C LYS H 8 28.63 -19.12 6.34
N SER H 9 28.37 -17.82 6.44
CA SER H 9 29.03 -16.96 7.43
C SER H 9 28.14 -16.72 8.65
N PRO H 10 28.43 -17.40 9.78
CA PRO H 10 27.57 -17.35 10.97
C PRO H 10 27.21 -15.93 11.45
N GLU H 11 28.14 -14.98 11.31
CA GLU H 11 27.97 -13.62 11.85
C GLU H 11 26.84 -12.83 11.20
N GLU H 12 26.53 -13.16 9.96
CA GLU H 12 25.46 -12.49 9.22
C GLU H 12 24.24 -13.39 9.05
N CYS H 13 24.34 -14.62 9.55
CA CYS H 13 23.24 -15.58 9.44
C CYS H 13 22.41 -15.61 10.72
N GLU H 14 21.11 -15.90 10.56
CA GLU H 14 20.19 -16.00 11.68
C GLU H 14 19.21 -17.16 11.50
N ILE H 15 18.93 -17.84 12.59
CA ILE H 15 17.98 -18.95 12.59
C ILE H 15 16.71 -18.52 13.30
N PHE H 16 15.57 -18.91 12.72
CA PHE H 16 14.28 -18.61 13.32
C PHE H 16 13.60 -19.91 13.75
N LEU H 17 13.11 -19.90 14.98
CA LEU H 17 12.35 -21.01 15.52
C LEU H 17 10.90 -20.60 15.58
N VAL H 18 10.16 -21.02 14.57
CA VAL H 18 8.78 -20.58 14.40
C VAL H 18 7.81 -21.66 14.81
N GLU H 19 6.70 -21.23 15.41
CA GLU H 19 5.73 -22.13 15.99
C GLU H 19 4.74 -22.61 14.94
N GLY H 20 4.70 -23.93 14.73
CA GLY H 20 3.71 -24.53 13.87
C GLY H 20 4.21 -24.78 12.45
N ASP H 21 3.58 -25.74 11.79
CA ASP H 21 3.91 -26.10 10.42
C ASP H 21 3.53 -24.98 9.45
N SER H 22 2.34 -24.42 9.65
CA SER H 22 1.80 -23.43 8.73
C SER H 22 2.66 -22.17 8.73
N ALA H 23 3.18 -21.82 9.89
CA ALA H 23 4.03 -20.64 10.02
C ALA H 23 5.41 -20.92 9.42
N GLY H 24 5.88 -22.16 9.54
CA GLY H 24 7.16 -22.56 8.99
C GLY H 24 7.23 -22.39 7.50
N GLY H 25 6.13 -22.67 6.81
CA GLY H 25 6.08 -22.53 5.37
C GLY H 25 5.95 -21.08 4.96
N SER H 26 5.16 -20.32 5.74
CA SER H 26 4.99 -18.90 5.49
C SER H 26 6.31 -18.16 5.72
N THR H 27 7.07 -18.61 6.71
CA THR H 27 8.35 -17.99 7.00
C THR H 27 9.34 -18.29 5.89
N LYS H 28 9.22 -19.49 5.31
CA LYS H 28 10.13 -19.92 4.25
C LYS H 28 9.94 -19.13 2.95
N SER H 29 8.71 -18.67 2.71
CA SER H 29 8.43 -17.84 1.54
C SER H 29 8.92 -16.41 1.73
N GLY H 30 8.63 -15.84 2.91
CA GLY H 30 8.86 -14.42 3.14
C GLY H 30 10.27 -14.05 3.58
N ARG H 31 11.11 -15.04 3.83
CA ARG H 31 12.43 -14.81 4.39
C ARG H 31 13.45 -14.37 3.35
N ASP H 32 14.53 -13.74 3.82
CA ASP H 32 15.70 -13.47 3.00
C ASP H 32 16.57 -14.72 2.95
N SER H 33 16.41 -15.51 1.89
CA SER H 33 17.01 -16.84 1.82
C SER H 33 18.52 -16.83 2.01
N ARG H 34 19.15 -15.71 1.69
CA ARG H 34 20.60 -15.59 1.84
C ARG H 34 21.06 -15.69 3.30
N THR H 35 20.46 -14.89 4.18
CA THR H 35 20.91 -14.78 5.56
C THR H 35 19.99 -15.43 6.60
N GLN H 36 18.82 -15.93 6.19
CA GLN H 36 17.81 -16.38 7.14
C GLN H 36 17.44 -17.85 6.99
N ALA H 37 17.40 -18.54 8.13
CA ALA H 37 17.00 -19.94 8.19
C ALA H 37 15.83 -20.10 9.18
N ILE H 38 15.00 -21.10 8.93
CA ILE H 38 13.81 -21.36 9.75
C ILE H 38 13.70 -22.82 10.17
N LEU H 39 13.48 -23.05 11.47
CA LEU H 39 13.31 -24.39 12.02
C LEU H 39 11.94 -24.52 12.71
N PRO H 40 10.96 -25.13 12.02
CA PRO H 40 9.58 -25.22 12.54
C PRO H 40 9.44 -26.11 13.78
N LEU H 41 8.78 -25.60 14.82
CA LEU H 41 8.48 -26.37 16.02
C LEU H 41 7.02 -26.78 16.02
N ARG H 42 6.78 -28.08 15.86
CA ARG H 42 5.42 -28.60 15.79
C ARG H 42 4.82 -28.71 17.19
N GLY H 43 3.95 -27.76 17.53
CA GLY H 43 3.32 -27.73 18.83
C GLY H 43 4.30 -27.49 19.97
N LYS H 44 3.93 -27.92 21.17
CA LYS H 44 4.74 -27.70 22.37
C LYS H 44 5.94 -28.66 22.35
N ILE H 45 7.10 -28.16 22.79
CA ILE H 45 8.31 -28.99 22.88
C ILE H 45 8.52 -29.50 24.31
N LEU H 46 9.57 -30.30 24.49
CA LEU H 46 9.84 -31.01 25.74
C LEU H 46 10.32 -30.07 26.86
N ASN H 47 9.78 -30.27 28.07
CA ASN H 47 10.28 -29.56 29.25
C ASN H 47 11.47 -30.29 29.85
N VAL H 48 12.65 -29.70 29.74
CA VAL H 48 13.89 -30.37 30.10
C VAL H 48 14.23 -30.26 31.59
N GLU H 49 13.44 -29.48 32.33
CA GLU H 49 13.59 -29.40 33.79
C GLU H 49 12.90 -30.58 34.47
N LYS H 50 11.98 -31.22 33.75
CA LYS H 50 11.21 -32.35 34.29
C LYS H 50 11.60 -33.69 33.68
N ALA H 51 12.53 -33.67 32.72
CA ALA H 51 12.89 -34.88 31.98
C ALA H 51 14.34 -35.31 32.21
N ARG H 52 14.57 -36.61 32.14
CA ARG H 52 15.90 -37.18 32.32
C ARG H 52 16.74 -36.95 31.07
N LEU H 53 18.05 -37.09 31.20
CA LEU H 53 18.96 -36.76 30.10
C LEU H 53 18.75 -37.67 28.89
N ASP H 54 18.49 -38.95 29.12
CA ASP H 54 18.29 -39.89 28.03
C ASP H 54 17.05 -39.54 27.21
N ARG H 55 16.03 -39.00 27.87
CA ARG H 55 14.81 -38.59 27.18
C ARG H 55 15.06 -37.35 26.35
N ILE H 56 15.83 -36.43 26.92
CA ILE H 56 16.18 -35.18 26.26
C ILE H 56 16.96 -35.46 24.98
N LEU H 57 18.01 -36.27 25.11
CA LEU H 57 18.93 -36.53 24.01
C LEU H 57 18.33 -37.42 22.92
N ASN H 58 17.21 -38.07 23.21
CA ASN H 58 16.52 -38.92 22.24
C ASN H 58 15.33 -38.19 21.62
N ASN H 59 14.88 -37.13 22.27
CA ASN H 59 13.81 -36.30 21.73
C ASN H 59 14.22 -35.71 20.38
N ASN H 60 13.32 -35.75 19.41
CA ASN H 60 13.63 -35.38 18.03
C ASN H 60 13.67 -33.86 17.81
N GLU H 61 12.85 -33.14 18.56
CA GLU H 61 12.85 -31.68 18.47
C GLU H 61 14.13 -31.14 19.07
N ILE H 62 14.46 -31.63 20.25
CA ILE H 62 15.68 -31.24 20.93
C ILE H 62 16.86 -31.53 20.02
N ARG H 63 16.90 -32.73 19.45
CA ARG H 63 18.00 -33.13 18.59
C ARG H 63 18.16 -32.18 17.39
N GLN H 64 17.08 -32.02 16.62
CA GLN H 64 17.07 -31.16 15.44
C GLN H 64 17.64 -29.76 15.70
N MET H 65 17.45 -29.24 16.91
CA MET H 65 17.95 -27.92 17.26
C MET H 65 19.45 -27.92 17.48
N ILE H 66 19.98 -28.94 18.17
CA ILE H 66 21.42 -29.02 18.42
C ILE H 66 22.14 -29.16 17.09
N THR H 67 21.68 -30.11 16.28
CA THR H 67 22.18 -30.32 14.93
C THR H 67 22.20 -29.03 14.13
N ALA H 68 21.18 -28.19 14.32
CA ALA H 68 21.05 -26.95 13.56
C ALA H 68 22.02 -25.88 14.06
N PHE H 69 22.22 -25.79 15.37
CA PHE H 69 23.16 -24.83 15.93
C PHE H 69 24.58 -25.37 15.76
N GLY H 70 24.74 -26.68 15.94
CA GLY H 70 26.01 -27.34 15.73
C GLY H 70 27.02 -27.07 16.84
N THR H 71 26.56 -26.46 17.92
CA THR H 71 27.43 -26.08 19.03
C THR H 71 27.64 -27.22 20.02
N GLY H 72 26.76 -28.22 19.96
CA GLY H 72 26.75 -29.27 20.98
C GLY H 72 26.07 -28.73 22.22
N ILE H 73 26.18 -29.46 23.33
CA ILE H 73 25.54 -29.06 24.58
C ILE H 73 26.36 -29.43 25.81
N GLY H 74 26.26 -28.59 26.84
CA GLY H 74 26.87 -28.89 28.12
C GLY H 74 28.38 -28.71 28.15
N GLY H 75 29.09 -29.83 28.25
CA GLY H 75 30.54 -29.81 28.38
C GLY H 75 31.27 -29.74 27.05
N ASP H 76 30.68 -30.36 26.03
CA ASP H 76 31.21 -30.29 24.67
C ASP H 76 30.62 -29.10 23.92
N PHE H 77 30.28 -28.04 24.65
CA PHE H 77 29.68 -26.84 24.06
C PHE H 77 30.77 -25.85 23.66
N ASP H 78 30.71 -25.39 22.41
CA ASP H 78 31.72 -24.48 21.88
C ASP H 78 31.06 -23.34 21.10
N LEU H 79 31.22 -22.12 21.62
CA LEU H 79 30.63 -20.93 21.02
C LEU H 79 31.15 -20.68 19.61
N ALA H 80 32.39 -21.09 19.36
CA ALA H 80 33.03 -20.89 18.06
C ALA H 80 32.42 -21.79 16.98
N LYS H 81 31.79 -22.88 17.40
CA LYS H 81 31.21 -23.84 16.47
C LYS H 81 29.82 -23.43 16.00
N ALA H 82 29.37 -22.25 16.42
CA ALA H 82 28.01 -21.80 16.13
C ALA H 82 27.80 -21.51 14.64
N ARG H 83 26.67 -21.99 14.13
CA ARG H 83 26.32 -21.82 12.71
C ARG H 83 25.51 -20.54 12.49
N TYR H 84 25.03 -19.95 13.58
CA TYR H 84 24.26 -18.71 13.51
C TYR H 84 24.66 -17.80 14.68
N HIS H 85 24.63 -16.49 14.45
CA HIS H 85 24.89 -15.52 15.52
C HIS H 85 23.59 -14.96 16.09
N LYS H 86 22.48 -15.29 15.44
CA LYS H 86 21.16 -14.83 15.87
C LYS H 86 20.18 -16.00 15.92
N ILE H 87 19.71 -16.31 17.13
CA ILE H 87 18.65 -17.29 17.30
C ILE H 87 17.38 -16.57 17.71
N VAL H 88 16.38 -16.59 16.83
CA VAL H 88 15.15 -15.84 17.03
C VAL H 88 13.99 -16.79 17.34
N ILE H 89 13.40 -16.60 18.52
CA ILE H 89 12.24 -17.38 18.93
C ILE H 89 10.96 -16.72 18.43
N MET H 90 10.50 -17.14 17.27
CA MET H 90 9.25 -16.62 16.73
C MET H 90 8.09 -17.48 17.20
N THR H 91 7.19 -16.89 17.97
CA THR H 91 6.08 -17.66 18.51
C THR H 91 4.84 -16.79 18.62
N ASP H 92 3.68 -17.42 18.46
CA ASP H 92 2.39 -16.71 18.38
C ASP H 92 2.23 -15.71 19.51
N ALA H 93 1.49 -14.65 19.23
CA ALA H 93 1.24 -13.61 20.21
C ALA H 93 0.26 -14.07 21.29
N ASP H 94 -0.25 -15.30 21.18
CA ASP H 94 -1.20 -15.83 22.15
C ASP H 94 -0.48 -16.46 23.34
N VAL H 95 -1.24 -17.11 24.21
CA VAL H 95 -0.71 -17.63 25.47
C VAL H 95 0.09 -18.91 25.28
N ASP H 96 -0.30 -19.72 24.31
CA ASP H 96 0.41 -20.97 24.07
C ASP H 96 1.79 -20.68 23.47
N GLY H 97 1.87 -19.61 22.69
CA GLY H 97 3.13 -19.14 22.16
C GLY H 97 4.11 -18.83 23.29
N ALA H 98 3.61 -18.10 24.28
CA ALA H 98 4.41 -17.71 25.45
C ALA H 98 4.98 -18.93 26.18
N HIS H 99 4.18 -20.00 26.24
CA HIS H 99 4.57 -21.21 26.94
C HIS H 99 5.67 -21.96 26.21
N ILE H 100 5.59 -21.98 24.89
CA ILE H 100 6.65 -22.55 24.06
C ILE H 100 7.94 -21.76 24.22
N ARG H 101 7.80 -20.44 24.35
CA ARG H 101 8.95 -19.57 24.57
C ARG H 101 9.65 -19.92 25.88
N THR H 102 8.86 -20.16 26.92
CA THR H 102 9.41 -20.51 28.23
C THR H 102 10.10 -21.87 28.17
N LEU H 103 9.50 -22.80 27.45
CA LEU H 103 10.10 -24.11 27.26
C LEU H 103 11.44 -23.99 26.54
N LEU H 104 11.48 -23.18 25.48
CA LEU H 104 12.72 -22.95 24.74
C LEU H 104 13.79 -22.35 25.63
N LEU H 105 13.51 -21.18 26.21
CA LEU H 105 14.44 -20.52 27.12
C LEU H 105 14.94 -21.42 28.25
N THR H 106 14.17 -22.45 28.56
CA THR H 106 14.58 -23.42 29.57
C THR H 106 15.66 -24.32 28.98
N PHE H 107 15.41 -24.82 27.78
CA PHE H 107 16.39 -25.64 27.09
C PHE H 107 17.66 -24.84 26.75
N PHE H 108 17.50 -23.53 26.55
CA PHE H 108 18.64 -22.69 26.23
C PHE H 108 19.46 -22.36 27.48
N TYR H 109 18.82 -22.27 28.63
CA TYR H 109 19.52 -21.95 29.87
C TYR H 109 20.27 -23.16 30.41
N ARG H 110 19.57 -24.30 30.50
CA ARG H 110 20.12 -25.47 31.17
C ARG H 110 21.14 -26.27 30.35
N PHE H 111 21.23 -26.01 29.05
CA PHE H 111 22.12 -26.77 28.17
C PHE H 111 23.02 -25.89 27.30
N MET H 112 22.59 -24.65 27.04
CA MET H 112 23.32 -23.75 26.15
C MET H 112 23.55 -22.38 26.79
N ARG H 113 23.66 -22.36 28.12
CA ARG H 113 23.81 -21.13 28.91
C ARG H 113 24.71 -20.06 28.26
N PRO H 114 25.91 -20.46 27.79
CA PRO H 114 26.79 -19.45 27.18
C PRO H 114 26.23 -18.83 25.91
N LEU H 115 25.32 -19.53 25.24
CA LEU H 115 24.64 -18.99 24.06
C LEU H 115 23.87 -17.72 24.43
N ILE H 116 23.30 -17.72 25.63
CA ILE H 116 22.54 -16.59 26.13
C ILE H 116 23.49 -15.45 26.53
N GLU H 117 24.61 -15.81 27.14
CA GLU H 117 25.57 -14.83 27.63
C GLU H 117 26.22 -14.04 26.50
N ALA H 118 26.25 -14.63 25.32
CA ALA H 118 26.88 -13.99 24.16
C ALA H 118 25.88 -13.14 23.39
N GLY H 119 24.66 -13.02 23.92
CA GLY H 119 23.61 -12.26 23.26
C GLY H 119 23.29 -12.80 21.88
N TYR H 120 23.16 -14.11 21.77
CA TYR H 120 22.80 -14.77 20.51
C TYR H 120 21.31 -15.14 20.49
N VAL H 121 20.71 -15.22 21.67
CA VAL H 121 19.32 -15.64 21.80
C VAL H 121 18.37 -14.43 21.79
N TYR H 122 17.46 -14.42 20.81
CA TYR H 122 16.52 -13.31 20.64
C TYR H 122 15.06 -13.78 20.65
N ILE H 123 14.17 -12.84 21.01
CA ILE H 123 12.72 -13.05 20.94
C ILE H 123 12.13 -12.12 19.87
N ALA H 124 11.45 -12.70 18.89
CA ALA H 124 10.79 -11.91 17.85
C ALA H 124 9.51 -11.28 18.38
N GLN H 125 9.13 -10.14 17.82
CA GLN H 125 7.91 -9.45 18.20
C GLN H 125 6.94 -9.37 17.02
N PRO H 126 6.06 -10.38 16.87
CA PRO H 126 5.08 -10.38 15.78
C PRO H 126 3.91 -9.46 16.12
N PRO H 127 3.13 -9.06 15.11
CA PRO H 127 1.95 -8.20 15.35
C PRO H 127 1.02 -8.75 16.43
N THR H 128 0.78 -7.96 17.47
CA THR H 128 -0.03 -8.39 18.59
C THR H 128 -1.51 -8.38 18.22
N GLY H 129 -2.15 -9.53 18.35
CA GLY H 129 -3.56 -9.64 18.03
C GLY H 129 -4.07 -11.04 18.22
N TYR H 130 -5.33 -11.26 17.86
CA TYR H 130 -5.93 -12.58 17.99
C TYR H 130 -5.42 -13.52 16.89
N LYS H 131 -4.90 -12.94 15.81
CA LYS H 131 -4.34 -13.73 14.72
C LYS H 131 -3.08 -14.49 15.12
N GLY H 132 -2.92 -15.69 14.56
CA GLY H 132 -1.71 -16.46 14.73
C GLY H 132 -0.78 -16.36 13.53
N LEU H 133 0.47 -16.75 13.74
CA LEU H 133 1.47 -16.80 12.67
C LEU H 133 0.98 -17.62 11.48
N GLY H 134 0.13 -18.62 11.76
CA GLY H 134 -0.41 -19.49 10.74
C GLY H 134 -1.42 -18.86 9.81
N GLU H 135 -2.13 -17.82 10.29
CA GLU H 135 -3.10 -17.10 9.46
C GLU H 135 -2.50 -15.81 8.92
N MET H 136 -1.24 -15.54 9.26
CA MET H 136 -0.51 -14.45 8.63
C MET H 136 -0.06 -14.94 7.27
N ASN H 137 0.11 -14.03 6.31
CA ASN H 137 0.63 -14.42 5.01
C ASN H 137 2.14 -14.19 4.98
N ALA H 138 2.75 -14.44 3.82
CA ALA H 138 4.19 -14.44 3.69
C ALA H 138 4.80 -13.04 3.82
N ASP H 139 4.18 -12.07 3.15
CA ASP H 139 4.74 -10.72 3.05
C ASP H 139 4.51 -9.90 4.32
N GLN H 140 3.43 -10.19 5.03
CA GLN H 140 3.14 -9.53 6.30
C GLN H 140 4.18 -9.94 7.34
N LEU H 141 4.54 -11.22 7.31
CA LEU H 141 5.51 -11.78 8.24
C LEU H 141 6.90 -11.19 8.02
N TRP H 142 7.22 -10.95 6.75
CA TRP H 142 8.52 -10.37 6.38
C TRP H 142 8.65 -8.94 6.89
N GLU H 143 7.67 -8.10 6.56
CA GLU H 143 7.76 -6.68 6.89
C GLU H 143 7.68 -6.37 8.39
N THR H 144 6.93 -7.18 9.15
CA THR H 144 6.68 -6.84 10.55
C THR H 144 7.63 -7.53 11.55
N THR H 145 8.16 -8.69 11.19
CA THR H 145 8.91 -9.51 12.15
C THR H 145 10.29 -9.99 11.68
N MET H 146 10.58 -9.90 10.38
CA MET H 146 11.80 -10.49 9.83
C MET H 146 12.77 -9.50 9.19
N ASN H 147 12.26 -8.52 8.45
CA ASN H 147 13.14 -7.56 7.80
C ASN H 147 13.86 -6.69 8.84
N PRO H 148 15.20 -6.71 8.86
CA PRO H 148 16.00 -6.04 9.89
C PRO H 148 15.74 -4.55 10.05
N GLU H 149 15.21 -3.90 9.02
CA GLU H 149 14.96 -2.47 9.08
C GLU H 149 13.75 -2.15 9.96
N HIS H 150 12.66 -2.91 9.77
CA HIS H 150 11.39 -2.60 10.44
C HIS H 150 11.02 -3.58 11.55
N ARG H 151 11.89 -4.55 11.84
CA ARG H 151 11.62 -5.52 12.89
C ARG H 151 12.11 -5.02 14.24
N ALA H 152 11.49 -5.52 15.31
CA ALA H 152 11.97 -5.29 16.67
C ALA H 152 12.20 -6.62 17.37
N LEU H 153 13.46 -6.88 17.70
CA LEU H 153 13.84 -8.10 18.42
C LEU H 153 14.09 -7.76 19.88
N LEU H 154 13.97 -8.77 20.73
CA LEU H 154 14.28 -8.63 22.16
C LEU H 154 15.50 -9.47 22.50
N GLN H 155 16.62 -8.82 22.75
CA GLN H 155 17.83 -9.53 23.11
C GLN H 155 17.69 -10.04 24.53
N VAL H 156 17.84 -11.36 24.69
CA VAL H 156 17.73 -11.99 25.99
C VAL H 156 19.06 -11.84 26.75
N LYS H 157 18.97 -11.32 27.98
CA LYS H 157 20.15 -11.10 28.81
C LYS H 157 19.99 -11.76 30.17
N LEU H 158 21.13 -12.09 30.78
CA LEU H 158 21.18 -12.81 32.05
C LEU H 158 21.84 -11.94 33.12
N GLU H 159 21.02 -11.23 33.88
CA GLU H 159 21.50 -10.26 34.87
C GLU H 159 22.00 -10.94 36.15
N ASP H 160 21.21 -11.88 36.66
CA ASP H 160 21.56 -12.62 37.86
C ASP H 160 21.38 -14.12 37.57
N ALA H 161 22.47 -14.86 37.66
CA ALA H 161 22.47 -16.28 37.28
C ALA H 161 21.90 -17.15 38.38
N ILE H 162 22.29 -16.84 39.61
CA ILE H 162 21.87 -17.60 40.78
C ILE H 162 20.37 -17.49 40.98
N GLU H 163 19.82 -16.33 40.66
CA GLU H 163 18.38 -16.09 40.77
C GLU H 163 17.59 -16.83 39.69
N ALA H 164 18.13 -16.85 38.48
CA ALA H 164 17.49 -17.54 37.36
C ALA H 164 17.38 -19.03 37.67
N ASP H 165 18.43 -19.57 38.27
CA ASP H 165 18.50 -20.99 38.59
C ASP H 165 17.33 -21.42 39.48
N GLN H 166 16.96 -20.54 40.42
CA GLN H 166 15.82 -20.80 41.29
C GLN H 166 14.50 -20.56 40.57
N THR H 167 14.53 -19.68 39.58
CA THR H 167 13.30 -19.31 38.88
C THR H 167 12.90 -20.39 37.88
N PHE H 168 13.87 -20.96 37.18
CA PHE H 168 13.59 -22.09 36.30
C PHE H 168 13.20 -23.31 37.14
N GLU H 169 13.71 -23.37 38.36
CA GLU H 169 13.43 -24.48 39.27
C GLU H 169 11.97 -24.46 39.71
N MET H 170 11.46 -23.27 39.97
CA MET H 170 10.10 -23.09 40.46
C MET H 170 9.07 -23.27 39.34
N LEU H 171 9.23 -22.46 38.30
CA LEU H 171 8.26 -22.42 37.20
C LEU H 171 8.15 -23.74 36.46
N MET H 172 9.30 -24.26 36.00
CA MET H 172 9.32 -25.42 35.12
C MET H 172 9.59 -26.73 35.86
N GLY H 173 9.89 -26.64 37.16
CA GLY H 173 10.28 -27.81 37.93
C GLY H 173 9.16 -28.82 38.19
N ASP H 174 9.56 -30.01 38.61
CA ASP H 174 8.63 -31.13 38.82
C ASP H 174 7.81 -30.97 40.09
N VAL H 175 8.26 -30.09 40.98
CA VAL H 175 7.52 -29.82 42.22
C VAL H 175 6.39 -28.83 41.92
N VAL H 176 5.18 -29.22 42.30
CA VAL H 176 3.98 -28.47 41.94
C VAL H 176 3.68 -27.29 42.87
N GLU H 177 3.84 -27.49 44.17
CA GLU H 177 3.41 -26.50 45.16
C GLU H 177 4.13 -25.17 44.99
N ASN H 178 5.42 -25.22 44.64
CA ASN H 178 6.20 -24.01 44.42
C ASN H 178 5.62 -23.16 43.30
N ARG H 179 5.05 -23.83 42.30
CA ARG H 179 4.46 -23.16 41.14
C ARG H 179 3.13 -22.51 41.50
N ARG H 180 2.35 -23.22 42.28
CA ARG H 180 1.02 -22.78 42.71
C ARG H 180 1.09 -21.49 43.55
N GLN H 181 2.06 -21.44 44.46
CA GLN H 181 2.21 -20.30 45.37
C GLN H 181 2.68 -19.05 44.62
N PHE H 182 3.29 -19.26 43.46
CA PHE H 182 3.74 -18.15 42.62
C PHE H 182 2.57 -17.58 41.83
N ILE H 183 1.71 -18.46 41.34
CA ILE H 183 0.53 -18.05 40.58
C ILE H 183 -0.46 -17.33 41.48
N GLU H 184 -0.72 -17.91 42.65
CA GLU H 184 -1.64 -17.31 43.60
C GLU H 184 -1.18 -15.90 43.94
N ASP H 185 0.09 -15.77 44.31
CA ASP H 185 0.67 -14.48 44.67
C ASP H 185 0.52 -13.41 43.58
N ASN H 186 0.91 -13.74 42.35
CA ASN H 186 0.89 -12.78 41.26
C ASN H 186 -0.43 -12.80 40.48
N ALA H 187 -1.47 -13.37 41.09
CA ALA H 187 -2.75 -13.57 40.42
C ALA H 187 -3.36 -12.27 39.87
N VAL H 188 -3.31 -11.21 40.66
CA VAL H 188 -3.95 -9.95 40.29
C VAL H 188 -3.33 -9.34 39.04
N ASN I 2 -29.48 -63.72 -10.84
CA ASN I 2 -28.58 -62.67 -10.38
C ASN I 2 -27.19 -62.83 -11.01
N GLU I 3 -27.15 -62.92 -12.35
CA GLU I 3 -25.91 -62.98 -13.09
C GLU I 3 -25.68 -61.69 -13.90
N ARG I 4 -24.47 -61.13 -13.80
CA ARG I 4 -24.12 -59.90 -14.51
C ARG I 4 -22.96 -60.18 -15.47
N ASN I 5 -23.20 -59.99 -16.76
CA ASN I 5 -22.18 -60.22 -17.78
C ASN I 5 -21.03 -59.22 -17.67
N ILE I 6 -19.81 -59.74 -17.58
CA ILE I 6 -18.60 -58.91 -17.42
C ILE I 6 -18.46 -57.87 -18.52
N THR I 7 -18.76 -58.23 -19.76
CA THR I 7 -18.62 -57.28 -20.85
C THR I 7 -19.68 -56.20 -20.70
N SER I 8 -20.92 -56.61 -20.44
CA SER I 8 -22.03 -55.67 -20.29
C SER I 8 -21.81 -54.73 -19.11
N GLU I 9 -21.19 -55.23 -18.05
CA GLU I 9 -20.90 -54.44 -16.85
C GLU I 9 -19.86 -53.35 -17.12
N MET I 10 -18.89 -53.66 -17.97
CA MET I 10 -17.74 -52.78 -18.17
C MET I 10 -18.06 -51.57 -19.04
N ARG I 11 -18.91 -51.77 -20.04
CA ARG I 11 -19.29 -50.69 -20.95
C ARG I 11 -20.13 -49.67 -20.22
N GLU I 12 -21.16 -50.15 -19.53
CA GLU I 12 -22.11 -49.28 -18.84
C GLU I 12 -21.48 -48.53 -17.68
N SER I 13 -20.72 -49.25 -16.85
CA SER I 13 -20.11 -48.64 -15.67
C SER I 13 -19.03 -47.65 -16.08
N PHE I 14 -18.33 -47.93 -17.17
CA PHE I 14 -17.31 -46.99 -17.60
C PHE I 14 -17.98 -45.75 -18.18
N LEU I 15 -19.03 -45.95 -18.96
CA LEU I 15 -19.77 -44.83 -19.52
C LEU I 15 -20.31 -43.92 -18.42
N ASP I 16 -20.78 -44.53 -17.33
CA ASP I 16 -21.34 -43.75 -16.22
C ASP I 16 -20.28 -42.85 -15.58
N TYR I 17 -19.06 -43.36 -15.39
CA TYR I 17 -17.98 -42.53 -14.86
C TYR I 17 -17.53 -41.50 -15.91
N ALA I 18 -17.27 -41.98 -17.12
CA ALA I 18 -16.84 -41.12 -18.22
C ALA I 18 -17.76 -39.92 -18.38
N MET I 19 -19.06 -40.18 -18.53
CA MET I 19 -20.04 -39.13 -18.75
C MET I 19 -20.02 -38.09 -17.62
N SER I 20 -20.09 -38.57 -16.38
CA SER I 20 -20.13 -37.69 -15.22
C SER I 20 -18.86 -36.84 -15.08
N VAL I 21 -17.73 -37.37 -15.51
CA VAL I 21 -16.47 -36.63 -15.43
C VAL I 21 -16.44 -35.58 -16.53
N ILE I 22 -16.98 -35.93 -17.68
CA ILE I 22 -17.13 -34.99 -18.77
C ILE I 22 -18.06 -33.82 -18.38
N VAL I 23 -19.29 -34.14 -18.00
CA VAL I 23 -20.31 -33.10 -17.82
C VAL I 23 -20.44 -32.56 -16.38
N ALA I 24 -20.07 -33.37 -15.39
CA ALA I 24 -20.16 -32.94 -13.99
C ALA I 24 -18.82 -33.03 -13.26
N ARG I 25 -17.73 -32.67 -13.93
CA ARG I 25 -16.45 -32.56 -13.24
C ARG I 25 -15.38 -31.73 -13.96
N ALA I 26 -14.74 -32.32 -14.98
CA ALA I 26 -13.44 -31.82 -15.44
C ALA I 26 -13.52 -30.83 -16.59
N LEU I 27 -14.73 -30.49 -17.03
CA LEU I 27 -14.89 -29.53 -18.12
C LEU I 27 -15.74 -28.34 -17.68
N PRO I 28 -15.49 -27.17 -18.28
CA PRO I 28 -16.29 -25.98 -17.95
C PRO I 28 -17.46 -25.78 -18.91
N ASP I 29 -18.52 -25.14 -18.45
CA ASP I 29 -19.57 -24.69 -19.35
C ASP I 29 -19.03 -23.52 -20.18
N VAL I 30 -19.43 -23.47 -21.44
CA VAL I 30 -18.99 -22.42 -22.33
C VAL I 30 -19.67 -21.10 -21.97
N ARG I 31 -20.77 -21.19 -21.22
CA ARG I 31 -21.58 -20.02 -20.90
C ARG I 31 -20.99 -19.16 -19.78
N ASP I 32 -20.69 -19.76 -18.64
CA ASP I 32 -20.16 -19.04 -17.48
C ASP I 32 -18.70 -19.40 -17.17
N GLY I 33 -18.17 -20.38 -17.90
CA GLY I 33 -16.77 -20.75 -17.80
C GLY I 33 -16.34 -21.45 -16.53
N LEU I 34 -17.29 -22.06 -15.81
CA LEU I 34 -16.99 -22.71 -14.53
C LEU I 34 -17.28 -24.22 -14.56
N LYS I 35 -16.43 -24.99 -13.88
CA LYS I 35 -16.70 -26.40 -13.62
C LYS I 35 -17.63 -26.49 -12.41
N PRO I 36 -18.37 -27.60 -12.27
CA PRO I 36 -19.30 -27.78 -11.14
C PRO I 36 -18.76 -27.31 -9.79
N VAL I 37 -17.55 -27.73 -9.44
CA VAL I 37 -16.98 -27.37 -8.14
C VAL I 37 -16.89 -25.85 -8.05
N HIS I 38 -16.38 -25.22 -9.09
CA HIS I 38 -16.20 -23.77 -9.09
C HIS I 38 -17.52 -23.01 -8.98
N ARG I 39 -18.54 -23.43 -9.73
CA ARG I 39 -19.84 -22.77 -9.67
C ARG I 39 -20.43 -22.89 -8.26
N ARG I 40 -20.24 -24.05 -7.63
CA ARG I 40 -20.77 -24.27 -6.29
C ARG I 40 -20.01 -23.47 -5.23
N ILE I 41 -18.73 -23.25 -5.45
CA ILE I 41 -17.93 -22.46 -4.51
C ILE I 41 -18.38 -21.01 -4.54
N LEU I 42 -18.62 -20.50 -5.75
CA LEU I 42 -19.00 -19.10 -5.92
C LEU I 42 -20.46 -18.87 -5.58
N TYR I 43 -21.33 -19.80 -5.96
CA TYR I 43 -22.75 -19.67 -5.65
C TYR I 43 -22.96 -19.68 -4.14
N GLY I 44 -22.30 -20.60 -3.45
CA GLY I 44 -22.34 -20.67 -2.01
C GLY I 44 -21.82 -19.42 -1.31
N LEU I 45 -20.70 -18.89 -1.78
CA LEU I 45 -20.18 -17.62 -1.27
C LEU I 45 -21.25 -16.54 -1.30
N ASN I 46 -22.01 -16.52 -2.38
CA ASN I 46 -23.06 -15.53 -2.59
C ASN I 46 -24.22 -15.68 -1.61
N GLU I 47 -24.70 -16.92 -1.46
CA GLU I 47 -25.79 -17.22 -0.53
C GLU I 47 -25.35 -17.02 0.92
N GLN I 48 -24.07 -17.27 1.18
CA GLN I 48 -23.48 -16.96 2.47
C GLN I 48 -23.24 -15.45 2.57
N GLY I 49 -23.45 -14.77 1.44
CA GLY I 49 -23.40 -13.32 1.40
C GLY I 49 -22.01 -12.77 1.60
N MET I 50 -21.00 -13.53 1.19
CA MET I 50 -19.61 -13.10 1.34
C MET I 50 -19.19 -12.11 0.25
N THR I 51 -19.92 -11.00 0.16
CA THR I 51 -19.62 -9.97 -0.82
C THR I 51 -18.42 -9.14 -0.35
N PRO I 52 -17.71 -8.46 -1.28
CA PRO I 52 -16.47 -7.71 -1.01
C PRO I 52 -16.43 -6.94 0.31
N ASP I 53 -17.52 -6.26 0.64
CA ASP I 53 -17.59 -5.35 1.79
C ASP I 53 -17.58 -6.09 3.15
N LYS I 54 -18.35 -7.16 3.24
CA LYS I 54 -18.47 -7.94 4.47
C LYS I 54 -17.12 -8.60 4.80
N SER I 55 -16.82 -8.71 6.09
CA SER I 55 -15.52 -9.21 6.56
C SER I 55 -15.24 -10.66 6.12
N TYR I 56 -13.96 -11.02 6.04
CA TYR I 56 -13.54 -12.36 5.67
C TYR I 56 -14.16 -13.43 6.59
N LYS I 57 -14.34 -14.61 6.03
CA LYS I 57 -14.90 -15.75 6.74
C LYS I 57 -13.92 -16.92 6.70
N LYS I 58 -13.68 -17.54 7.84
CA LYS I 58 -12.80 -18.71 7.93
C LYS I 58 -13.16 -19.73 6.85
N SER I 59 -12.15 -20.25 6.16
CA SER I 59 -12.37 -21.05 4.97
C SER I 59 -12.94 -22.43 5.30
N ALA I 60 -12.78 -22.86 6.54
CA ALA I 60 -13.32 -24.15 6.97
C ALA I 60 -14.85 -24.11 7.00
N ARG I 61 -15.40 -22.92 7.16
CA ARG I 61 -16.85 -22.75 7.20
C ARG I 61 -17.43 -22.60 5.79
N ILE I 62 -16.84 -21.73 4.99
CA ILE I 62 -17.14 -21.64 3.56
C ILE I 62 -17.22 -23.05 2.96
N VAL I 63 -16.12 -23.78 3.07
CA VAL I 63 -16.03 -25.13 2.52
C VAL I 63 -17.12 -26.04 3.07
N GLY I 64 -17.47 -25.85 4.33
CA GLY I 64 -18.52 -26.65 4.96
C GLY I 64 -19.88 -26.42 4.32
N ASP I 65 -20.28 -25.16 4.22
CA ASP I 65 -21.57 -24.83 3.62
C ASP I 65 -21.68 -25.29 2.16
N VAL I 66 -20.63 -25.05 1.37
CA VAL I 66 -20.59 -25.52 -0.01
C VAL I 66 -20.86 -27.02 -0.08
N MET I 67 -20.00 -27.81 0.58
CA MET I 67 -20.12 -29.25 0.61
C MET I 67 -21.48 -29.73 1.13
N GLY I 68 -21.91 -29.15 2.25
CA GLY I 68 -23.14 -29.55 2.91
C GLY I 68 -24.37 -29.41 2.04
N LYS I 69 -24.32 -28.47 1.08
CA LYS I 69 -25.49 -28.10 0.28
C LYS I 69 -25.45 -28.57 -1.17
N TYR I 70 -24.27 -28.57 -1.81
CA TYR I 70 -24.22 -28.80 -3.26
C TYR I 70 -23.14 -29.76 -3.78
N HIS I 71 -22.07 -29.98 -3.02
CA HIS I 71 -20.93 -30.73 -3.54
C HIS I 71 -20.58 -31.97 -2.70
N PRO I 72 -21.23 -33.11 -3.02
CA PRO I 72 -21.05 -34.36 -2.27
C PRO I 72 -19.72 -35.03 -2.60
N HIS I 73 -18.62 -34.40 -2.17
CA HIS I 73 -17.28 -34.87 -2.46
C HIS I 73 -16.34 -34.50 -1.32
N GLY I 74 -15.06 -34.80 -1.48
CA GLY I 74 -14.07 -34.53 -0.44
C GLY I 74 -13.75 -33.06 -0.34
N ASP I 75 -13.67 -32.55 0.88
CA ASP I 75 -13.50 -31.11 1.13
C ASP I 75 -12.20 -30.56 0.54
N SER I 76 -11.15 -31.39 0.49
CA SER I 76 -9.88 -30.96 -0.08
C SER I 76 -10.00 -30.58 -1.56
N SER I 77 -10.92 -31.21 -2.27
CA SER I 77 -11.14 -30.88 -3.68
C SER I 77 -11.81 -29.51 -3.77
N ILE I 78 -12.68 -29.22 -2.82
CA ILE I 78 -13.34 -27.92 -2.77
C ILE I 78 -12.36 -26.85 -2.30
N TYR I 79 -11.60 -27.15 -1.25
CA TYR I 79 -10.67 -26.18 -0.69
C TYR I 79 -9.63 -25.76 -1.72
N GLU I 80 -8.91 -26.74 -2.29
CA GLU I 80 -7.85 -26.46 -3.24
C GLU I 80 -8.36 -25.64 -4.42
N ALA I 81 -9.55 -25.99 -4.88
CA ALA I 81 -10.17 -25.28 -6.00
C ALA I 81 -10.51 -23.83 -5.62
N MET I 82 -10.93 -23.62 -4.39
CA MET I 82 -11.17 -22.27 -3.90
C MET I 82 -9.86 -21.49 -3.84
N VAL I 83 -8.84 -22.11 -3.25
CA VAL I 83 -7.53 -21.50 -3.10
C VAL I 83 -6.99 -21.03 -4.45
N ARG I 84 -7.04 -21.90 -5.45
CA ARG I 84 -6.57 -21.57 -6.79
C ARG I 84 -7.30 -20.35 -7.33
N MET I 85 -8.60 -20.28 -7.04
CA MET I 85 -9.42 -19.13 -7.41
C MET I 85 -8.95 -17.83 -6.74
N ALA I 86 -7.96 -17.91 -5.85
CA ALA I 86 -7.44 -16.74 -5.13
C ALA I 86 -6.05 -16.31 -5.58
N GLN I 87 -5.36 -17.16 -6.33
CA GLN I 87 -3.96 -16.93 -6.68
C GLN I 87 -3.82 -16.10 -7.97
N ASP I 88 -3.24 -14.91 -7.85
CA ASP I 88 -3.08 -13.98 -8.97
C ASP I 88 -2.08 -14.46 -10.02
N PHE I 89 -1.37 -15.54 -9.72
CA PHE I 89 -0.44 -16.15 -10.68
C PHE I 89 -1.09 -17.36 -11.33
N SER I 90 -2.30 -17.68 -10.90
CA SER I 90 -3.11 -18.73 -11.52
C SER I 90 -4.23 -18.09 -12.32
N TYR I 91 -5.03 -17.26 -11.65
CA TYR I 91 -6.17 -16.59 -12.27
C TYR I 91 -5.81 -15.19 -12.72
N ARG I 92 -6.09 -14.94 -13.99
CA ARG I 92 -5.90 -13.63 -14.60
C ARG I 92 -6.78 -12.59 -13.91
N TYR I 93 -8.02 -12.98 -13.61
CA TYR I 93 -8.95 -12.16 -12.85
C TYR I 93 -9.48 -12.98 -11.69
N PRO I 94 -8.72 -13.00 -10.56
CA PRO I 94 -9.07 -13.77 -9.37
C PRO I 94 -10.53 -13.55 -8.95
N LEU I 95 -11.24 -14.65 -8.74
CA LEU I 95 -12.65 -14.60 -8.36
C LEU I 95 -12.81 -14.66 -6.84
N VAL I 96 -11.76 -15.11 -6.15
CA VAL I 96 -11.78 -15.23 -4.70
C VAL I 96 -10.69 -14.36 -4.09
N ASP I 97 -11.00 -13.80 -2.91
CA ASP I 97 -10.10 -12.91 -2.19
C ASP I 97 -9.77 -13.50 -0.84
N GLY I 98 -8.53 -13.98 -0.70
CA GLY I 98 -8.12 -14.71 0.48
C GLY I 98 -7.22 -13.90 1.39
N GLN I 99 -7.33 -14.17 2.69
CA GLN I 99 -6.39 -13.65 3.67
C GLN I 99 -5.67 -14.82 4.34
N GLY I 100 -4.38 -14.65 4.55
CA GLY I 100 -3.52 -15.71 5.06
C GLY I 100 -2.70 -16.25 3.91
N ASN I 101 -1.99 -17.35 4.14
CA ASN I 101 -1.12 -17.92 3.11
C ASN I 101 -1.90 -18.72 2.07
N PHE I 102 -1.82 -18.29 0.82
CA PHE I 102 -2.46 -19.00 -0.30
C PHE I 102 -1.42 -19.45 -1.33
N GLY I 103 -0.22 -19.78 -0.86
CA GLY I 103 0.80 -20.37 -1.72
C GLY I 103 1.52 -19.36 -2.60
N SER I 104 2.54 -19.85 -3.31
CA SER I 104 3.40 -19.00 -4.13
C SER I 104 3.58 -19.59 -5.52
N MET I 105 4.36 -18.89 -6.34
CA MET I 105 4.70 -19.38 -7.66
C MET I 105 5.69 -20.55 -7.62
N ASP I 106 6.22 -20.86 -6.43
CA ASP I 106 7.16 -21.97 -6.29
C ASP I 106 6.45 -23.29 -6.08
N GLY I 107 5.13 -23.26 -5.98
CA GLY I 107 4.33 -24.49 -5.90
C GLY I 107 4.00 -24.95 -4.48
N ASP I 108 4.46 -24.21 -3.47
CA ASP I 108 4.10 -24.53 -2.10
C ASP I 108 2.61 -24.30 -1.87
N GLY I 109 1.98 -25.25 -1.20
CA GLY I 109 0.54 -25.19 -0.96
C GLY I 109 0.13 -24.03 -0.07
N ALA I 110 -1.17 -23.77 -0.04
CA ALA I 110 -1.75 -22.86 0.93
C ALA I 110 -1.80 -23.54 2.29
N ALA I 111 -1.90 -22.76 3.35
CA ALA I 111 -2.15 -23.31 4.67
C ALA I 111 -3.51 -24.00 4.68
N ALA I 112 -3.67 -24.98 5.55
CA ALA I 112 -4.96 -25.66 5.72
C ALA I 112 -6.06 -24.64 6.06
N MET I 113 -7.30 -24.98 5.70
CA MET I 113 -8.41 -24.02 5.74
C MET I 113 -8.71 -23.46 7.13
N ARG I 114 -8.30 -24.17 8.19
CA ARG I 114 -8.46 -23.63 9.54
C ARG I 114 -7.66 -22.35 9.66
N PTR I 115 -6.57 -22.27 8.89
CA PTR I 115 -5.65 -21.14 8.93
C PTR I 115 -5.89 -20.12 7.81
O PTR I 115 -5.02 -19.29 7.55
CB PTR I 115 -4.21 -21.65 8.79
CG PTR I 115 -3.75 -22.56 9.91
CD1 PTR I 115 -3.10 -22.05 11.02
CD2 PTR I 115 -3.95 -23.93 9.83
CE1 PTR I 115 -2.67 -22.90 12.04
CE2 PTR I 115 -3.53 -24.77 10.84
CZ PTR I 115 -2.88 -24.25 11.94
OH PTR I 115 -2.51 -25.08 12.90
P PTR I 115 -0.96 -25.34 13.27
O1P PTR I 115 -0.83 -26.36 14.34
O2P PTR I 115 -0.34 -24.01 13.77
O3P PTR I 115 -0.22 -25.86 12.03
HA PTR I 115 -5.74 -20.69 9.78
HB2 PTR I 115 -3.61 -20.88 8.78
HB3 PTR I 115 -4.13 -22.14 7.96
HD1 PTR I 115 -2.95 -21.14 11.09
HD2 PTR I 115 -4.38 -24.29 9.09
HE1 PTR I 115 -2.24 -22.54 12.78
HE2 PTR I 115 -3.67 -25.69 10.78
N THR I 116 -7.04 -20.19 7.13
CA THR I 116 -7.37 -19.18 6.13
C THR I 116 -8.83 -18.74 6.16
N GLU I 117 -9.02 -17.49 5.76
CA GLU I 117 -10.32 -16.86 5.61
C GLU I 117 -10.45 -16.44 4.14
N ALA I 118 -11.68 -16.35 3.63
CA ALA I 118 -11.87 -15.80 2.29
C ALA I 118 -13.23 -15.13 2.07
N ARG I 119 -13.32 -14.42 0.94
CA ARG I 119 -14.55 -13.76 0.50
C ARG I 119 -14.46 -13.62 -1.02
N MET I 120 -15.50 -13.08 -1.64
CA MET I 120 -15.50 -12.95 -3.10
C MET I 120 -14.93 -11.61 -3.52
N THR I 121 -14.39 -11.60 -4.73
CA THR I 121 -13.86 -10.38 -5.34
C THR I 121 -15.00 -9.57 -5.92
N LYS I 122 -14.71 -8.32 -6.27
CA LYS I 122 -15.71 -7.46 -6.88
C LYS I 122 -16.11 -8.01 -8.24
N ILE I 123 -15.13 -8.47 -9.02
CA ILE I 123 -15.40 -8.99 -10.35
C ILE I 123 -16.24 -10.26 -10.29
N THR I 124 -16.25 -10.92 -9.14
CA THR I 124 -17.05 -12.12 -8.97
C THR I 124 -18.53 -11.75 -8.96
N LEU I 125 -18.87 -10.66 -8.26
CA LEU I 125 -20.24 -10.17 -8.20
C LEU I 125 -20.86 -10.07 -9.58
N GLU I 126 -20.05 -9.73 -10.57
CA GLU I 126 -20.52 -9.59 -11.95
C GLU I 126 -20.90 -10.96 -12.50
N LEU I 127 -20.39 -12.04 -11.91
CA LEU I 127 -20.78 -13.39 -12.33
C LEU I 127 -22.12 -13.76 -11.71
N LEU I 128 -22.44 -13.16 -10.57
CA LEU I 128 -23.69 -13.44 -9.87
C LEU I 128 -24.68 -12.29 -10.03
N ARG I 129 -24.37 -11.36 -10.92
CA ARG I 129 -25.25 -10.22 -11.14
C ARG I 129 -26.51 -10.67 -11.87
N ASP I 130 -27.66 -10.29 -11.31
CA ASP I 130 -28.97 -10.64 -11.86
C ASP I 130 -29.29 -12.14 -11.72
N ILE I 131 -28.57 -12.82 -10.84
CA ILE I 131 -28.84 -14.24 -10.57
C ILE I 131 -30.24 -14.39 -9.97
N ASN I 132 -30.72 -13.35 -9.29
CA ASN I 132 -31.95 -13.44 -8.51
C ASN I 132 -33.17 -12.84 -9.21
N LYS I 133 -32.98 -12.37 -10.44
CA LYS I 133 -34.07 -11.80 -11.22
C LYS I 133 -34.49 -12.76 -12.35
N ASP I 134 -34.60 -14.04 -12.00
CA ASP I 134 -34.93 -15.12 -12.94
C ASP I 134 -34.24 -14.97 -14.29
N THR I 135 -32.92 -15.11 -14.30
CA THR I 135 -32.14 -15.00 -15.54
C THR I 135 -31.57 -16.34 -15.98
N ILE I 136 -31.54 -17.31 -15.07
CA ILE I 136 -30.98 -18.63 -15.36
C ILE I 136 -31.83 -19.70 -14.68
N ASP I 137 -31.73 -20.94 -15.17
CA ASP I 137 -32.51 -22.05 -14.63
C ASP I 137 -31.81 -22.69 -13.43
N PHE I 138 -32.56 -22.89 -12.35
CA PHE I 138 -32.07 -23.62 -11.18
C PHE I 138 -32.40 -25.11 -11.32
N ILE I 139 -31.83 -25.90 -10.42
CA ILE I 139 -32.06 -27.35 -10.37
C ILE I 139 -31.95 -27.82 -8.92
N ASP I 140 -32.53 -28.99 -8.63
CA ASP I 140 -32.42 -29.57 -7.29
C ASP I 140 -31.01 -30.06 -7.04
N ASN I 141 -30.52 -29.82 -5.83
CA ASN I 141 -29.19 -30.29 -5.44
C ASN I 141 -29.15 -31.81 -5.28
N TYR I 142 -28.04 -32.32 -4.75
CA TYR I 142 -27.73 -33.75 -4.83
C TYR I 142 -28.63 -34.63 -3.96
N ASP I 143 -29.24 -34.07 -2.91
CA ASP I 143 -30.15 -34.86 -2.07
C ASP I 143 -31.58 -34.34 -2.18
N GLY I 144 -31.71 -33.10 -2.65
CA GLY I 144 -33.01 -32.51 -2.92
C GLY I 144 -33.57 -31.72 -1.75
N ASN I 145 -32.70 -31.25 -0.87
CA ASN I 145 -33.11 -30.37 0.22
C ASN I 145 -32.72 -28.92 -0.06
N GLU I 146 -32.02 -28.69 -1.16
CA GLU I 146 -31.58 -27.35 -1.55
C GLU I 146 -31.65 -27.15 -3.06
N ARG I 147 -31.54 -25.90 -3.49
CA ARG I 147 -31.57 -25.54 -4.90
C ARG I 147 -30.29 -24.79 -5.30
N GLU I 148 -29.87 -24.97 -6.54
CA GLU I 148 -28.63 -24.40 -7.04
C GLU I 148 -28.74 -24.08 -8.53
N PRO I 149 -27.90 -23.14 -9.01
CA PRO I 149 -27.98 -22.74 -10.42
C PRO I 149 -27.33 -23.75 -11.38
N SER I 150 -27.95 -23.93 -12.54
CA SER I 150 -27.37 -24.76 -13.60
C SER I 150 -26.22 -24.01 -14.26
N VAL I 151 -26.31 -22.68 -14.27
CA VAL I 151 -25.27 -21.82 -14.80
C VAL I 151 -25.45 -20.43 -14.19
N LEU I 152 -24.39 -19.63 -14.16
CA LEU I 152 -24.48 -18.27 -13.61
C LEU I 152 -24.68 -17.26 -14.74
N PRO I 153 -25.18 -16.05 -14.41
CA PRO I 153 -25.32 -14.99 -15.41
C PRO I 153 -24.03 -14.72 -16.18
N ALA I 154 -22.94 -14.51 -15.44
CA ALA I 154 -21.62 -14.33 -16.05
C ALA I 154 -21.63 -13.13 -17.00
N ARG I 155 -21.66 -11.93 -16.43
CA ARG I 155 -21.80 -10.72 -17.22
C ARG I 155 -20.49 -10.31 -17.91
N PHE I 156 -19.41 -11.07 -17.67
CA PHE I 156 -18.19 -10.95 -18.46
C PHE I 156 -17.71 -12.33 -18.94
N PRO I 157 -17.04 -12.39 -20.11
CA PRO I 157 -16.64 -13.63 -20.79
C PRO I 157 -15.64 -14.48 -19.99
N ASN I 158 -16.10 -15.10 -18.92
CA ASN I 158 -15.22 -15.74 -17.95
C ASN I 158 -14.34 -16.85 -18.53
N LEU I 159 -14.94 -17.75 -19.30
CA LEU I 159 -14.23 -18.92 -19.84
C LEU I 159 -12.97 -18.53 -20.58
N LEU I 160 -12.99 -17.40 -21.26
CA LEU I 160 -11.84 -16.95 -22.03
C LEU I 160 -10.94 -16.05 -21.21
N ALA I 161 -11.51 -15.32 -20.27
CA ALA I 161 -10.75 -14.37 -19.47
C ALA I 161 -9.80 -15.09 -18.52
N ASN I 162 -10.31 -16.11 -17.84
CA ASN I 162 -9.53 -16.87 -16.87
C ASN I 162 -9.10 -18.21 -17.44
N GLY I 163 -9.77 -18.66 -18.49
CA GLY I 163 -9.37 -19.89 -19.15
C GLY I 163 -9.76 -21.12 -18.36
N ALA I 164 -9.40 -22.29 -18.86
CA ALA I 164 -9.69 -23.55 -18.20
C ALA I 164 -8.66 -24.61 -18.54
N SER I 165 -8.42 -25.50 -17.58
CA SER I 165 -7.58 -26.67 -17.80
C SER I 165 -8.17 -27.86 -17.05
N GLY I 166 -8.55 -28.89 -17.77
CA GLY I 166 -9.11 -30.08 -17.14
C GLY I 166 -8.89 -31.37 -17.91
N ILE I 167 -8.56 -32.41 -17.16
CA ILE I 167 -8.44 -33.77 -17.69
C ILE I 167 -9.74 -34.52 -17.45
N ALA I 168 -10.39 -34.95 -18.53
CA ALA I 168 -11.65 -35.67 -18.43
C ALA I 168 -11.42 -37.17 -18.61
N VAL I 169 -12.26 -37.80 -19.42
CA VAL I 169 -12.08 -39.19 -19.82
C VAL I 169 -12.50 -39.24 -21.29
N GLY I 170 -11.56 -39.59 -22.16
CA GLY I 170 -11.81 -39.55 -23.59
C GLY I 170 -11.34 -38.22 -24.18
N MET I 171 -11.13 -37.24 -23.30
CA MET I 171 -10.76 -35.91 -23.74
C MET I 171 -10.19 -35.10 -22.58
N ALA I 172 -9.70 -33.92 -22.89
CA ALA I 172 -9.26 -32.97 -21.89
C ALA I 172 -9.60 -31.58 -22.39
N THR I 173 -9.27 -30.55 -21.62
CA THR I 173 -9.36 -29.19 -22.12
C THR I 173 -8.22 -28.34 -21.58
N ASN I 174 -7.85 -27.33 -22.35
CA ASN I 174 -6.77 -26.45 -22.00
C ASN I 174 -6.95 -25.14 -22.76
N ILE I 175 -7.48 -24.15 -22.06
CA ILE I 175 -7.85 -22.88 -22.67
C ILE I 175 -7.08 -21.76 -21.99
N PRO I 176 -6.34 -20.96 -22.78
CA PRO I 176 -5.50 -19.96 -22.13
C PRO I 176 -6.33 -18.78 -21.61
N PRO I 177 -5.81 -18.06 -20.60
CA PRO I 177 -6.46 -16.84 -20.13
C PRO I 177 -6.24 -15.70 -21.13
N HIS I 178 -7.19 -14.77 -21.23
CA HIS I 178 -7.05 -13.62 -22.13
C HIS I 178 -7.23 -12.31 -21.37
N ASN I 179 -7.27 -11.23 -22.13
CA ASN I 179 -7.44 -9.89 -21.58
C ASN I 179 -8.89 -9.43 -21.75
N LEU I 180 -9.52 -9.09 -20.63
CA LEU I 180 -10.94 -8.77 -20.59
C LEU I 180 -11.29 -7.57 -21.46
N THR I 181 -10.40 -6.58 -21.51
CA THR I 181 -10.61 -5.42 -22.36
C THR I 181 -10.71 -5.88 -23.82
N GLU I 182 -9.75 -6.69 -24.25
CA GLU I 182 -9.72 -7.23 -25.61
C GLU I 182 -10.92 -8.13 -25.89
N LEU I 183 -11.25 -9.00 -24.94
CA LEU I 183 -12.34 -9.94 -25.12
C LEU I 183 -13.64 -9.22 -25.41
N ILE I 184 -13.98 -8.28 -24.53
CA ILE I 184 -15.26 -7.62 -24.59
C ILE I 184 -15.40 -6.84 -25.89
N ASN I 185 -14.34 -6.13 -26.27
CA ASN I 185 -14.30 -5.44 -27.56
C ASN I 185 -14.64 -6.41 -28.68
N GLY I 186 -14.08 -7.61 -28.61
CA GLY I 186 -14.37 -8.66 -29.56
C GLY I 186 -15.83 -9.06 -29.56
N VAL I 187 -16.45 -9.03 -28.38
CA VAL I 187 -17.85 -9.39 -28.24
C VAL I 187 -18.74 -8.30 -28.83
N LEU I 188 -18.30 -7.06 -28.71
CA LEU I 188 -18.99 -5.93 -29.32
C LEU I 188 -18.86 -6.00 -30.83
N SER I 189 -17.63 -6.16 -31.33
CA SER I 189 -17.37 -6.36 -32.76
C SER I 189 -18.25 -7.46 -33.33
N LEU I 190 -18.44 -8.52 -32.56
CA LEU I 190 -19.26 -9.65 -32.96
C LEU I 190 -20.74 -9.29 -33.00
N SER I 191 -21.20 -8.62 -31.95
CA SER I 191 -22.60 -8.21 -31.87
C SER I 191 -22.93 -7.19 -32.97
N LYS I 192 -21.90 -6.49 -33.43
CA LYS I 192 -22.07 -5.43 -34.43
C LYS I 192 -22.08 -5.98 -35.85
N ASN I 193 -21.41 -7.12 -36.04
CA ASN I 193 -21.35 -7.79 -37.32
C ASN I 193 -21.26 -9.29 -37.11
N PRO I 194 -22.40 -10.00 -37.25
CA PRO I 194 -22.43 -11.45 -37.01
C PRO I 194 -21.58 -12.30 -37.96
N ASP I 195 -21.22 -11.77 -39.14
CA ASP I 195 -20.42 -12.51 -40.13
C ASP I 195 -18.93 -12.18 -40.01
N ILE I 196 -18.53 -11.67 -38.84
CA ILE I 196 -17.14 -11.26 -38.60
C ILE I 196 -16.19 -12.46 -38.60
N SER I 197 -15.03 -12.32 -39.24
CA SER I 197 -14.06 -13.41 -39.33
C SER I 197 -13.15 -13.47 -38.11
N ILE I 198 -12.57 -14.64 -37.86
CA ILE I 198 -11.67 -14.82 -36.71
C ILE I 198 -10.48 -13.86 -36.81
N ALA I 199 -9.86 -13.81 -37.99
CA ALA I 199 -8.82 -12.82 -38.27
C ALA I 199 -9.25 -11.42 -37.86
N GLU I 200 -10.46 -11.04 -38.25
CA GLU I 200 -11.02 -9.75 -37.89
C GLU I 200 -11.12 -9.59 -36.38
N LEU I 201 -11.58 -10.65 -35.72
CA LEU I 201 -11.69 -10.66 -34.26
C LEU I 201 -10.33 -10.51 -33.58
N MET I 202 -9.30 -11.10 -34.17
CA MET I 202 -7.96 -11.04 -33.61
C MET I 202 -7.36 -9.63 -33.63
N GLU I 203 -8.11 -8.66 -34.14
CA GLU I 203 -7.68 -7.26 -34.09
C GLU I 203 -7.96 -6.73 -32.70
N ASP I 204 -9.03 -7.23 -32.10
CA ASP I 204 -9.34 -6.95 -30.71
C ASP I 204 -8.62 -7.95 -29.80
N ILE I 205 -8.92 -9.23 -29.99
CA ILE I 205 -8.33 -10.30 -29.18
C ILE I 205 -6.98 -10.74 -29.77
N GLU I 206 -5.92 -10.01 -29.42
CA GLU I 206 -4.60 -10.27 -29.98
C GLU I 206 -4.12 -11.70 -29.75
N GLY I 207 -4.41 -12.22 -28.57
CA GLY I 207 -4.02 -13.58 -28.22
C GLY I 207 -4.15 -13.79 -26.73
N PRO I 208 -3.60 -14.91 -26.23
CA PRO I 208 -3.64 -15.09 -24.77
C PRO I 208 -2.97 -13.95 -24.01
N ASP I 209 -3.36 -13.78 -22.77
CA ASP I 209 -2.74 -12.79 -21.90
C ASP I 209 -2.71 -13.38 -20.50
N PHE I 210 -1.56 -13.96 -20.16
CA PHE I 210 -1.42 -14.72 -18.92
C PHE I 210 -1.27 -13.77 -17.73
N PRO I 211 -1.70 -14.22 -16.54
CA PRO I 211 -1.52 -13.42 -15.32
C PRO I 211 -0.06 -13.12 -15.04
N THR I 212 0.78 -14.06 -15.46
CA THR I 212 2.21 -14.04 -15.18
C THR I 212 2.95 -13.29 -16.27
N ALA I 213 2.21 -12.52 -17.07
CA ALA I 213 2.75 -11.81 -18.22
C ALA I 213 3.56 -12.77 -19.10
N GLY I 214 4.80 -12.41 -19.41
CA GLY I 214 5.66 -13.26 -20.23
C GLY I 214 5.65 -12.85 -21.69
N LEU I 215 6.12 -13.76 -22.54
CA LEU I 215 6.26 -13.50 -23.97
C LEU I 215 5.64 -14.63 -24.79
N ILE I 216 5.03 -14.26 -25.92
CA ILE I 216 4.57 -15.23 -26.91
C ILE I 216 5.34 -15.01 -28.20
N LEU I 217 5.89 -16.08 -28.74
CA LEU I 217 6.72 -16.00 -29.95
C LEU I 217 5.88 -16.27 -31.20
N GLY I 218 5.41 -15.21 -31.84
CA GLY I 218 4.67 -15.33 -33.10
C GLY I 218 3.16 -15.41 -32.89
N LYS I 219 2.42 -15.11 -33.96
CA LYS I 219 0.96 -15.17 -33.94
C LYS I 219 0.49 -16.35 -34.78
N SER I 220 1.44 -17.17 -35.23
CA SER I 220 1.15 -18.30 -36.10
C SER I 220 0.46 -19.42 -35.34
N GLY I 221 0.90 -19.66 -34.11
CA GLY I 221 0.35 -20.72 -33.28
C GLY I 221 -0.94 -20.26 -32.63
N ILE I 222 -1.00 -18.98 -32.28
CA ILE I 222 -2.24 -18.38 -31.81
C ILE I 222 -3.33 -18.59 -32.86
N ARG I 223 -3.04 -18.12 -34.08
CA ARG I 223 -4.03 -18.13 -35.15
C ARG I 223 -4.51 -19.56 -35.43
N ARG I 224 -3.58 -20.51 -35.37
CA ARG I 224 -3.90 -21.91 -35.57
C ARG I 224 -4.92 -22.38 -34.52
N ALA I 225 -4.65 -22.01 -33.26
CA ALA I 225 -5.53 -22.36 -32.15
C ALA I 225 -6.93 -21.75 -32.30
N TYR I 226 -6.99 -20.45 -32.55
CA TYR I 226 -8.26 -19.74 -32.66
C TYR I 226 -9.11 -20.18 -33.84
N GLU I 227 -8.47 -20.71 -34.88
CA GLU I 227 -9.21 -21.12 -36.08
C GLU I 227 -9.75 -22.55 -35.97
N THR I 228 -9.11 -23.35 -35.11
CA THR I 228 -9.44 -24.78 -35.00
C THR I 228 -9.83 -25.19 -33.58
N GLY I 229 -9.31 -24.46 -32.60
CA GLY I 229 -9.53 -24.81 -31.20
C GLY I 229 -8.37 -25.62 -30.67
N ARG I 230 -7.53 -26.09 -31.60
CA ARG I 230 -6.30 -26.78 -31.27
C ARG I 230 -5.11 -25.98 -31.79
N GLY I 231 -4.10 -25.78 -30.95
CA GLY I 231 -2.91 -25.07 -31.37
C GLY I 231 -1.84 -25.00 -30.30
N SER I 232 -0.58 -25.00 -30.73
CA SER I 232 0.56 -24.90 -29.83
C SER I 232 1.10 -23.47 -29.84
N ILE I 233 1.11 -22.87 -28.66
CA ILE I 233 1.56 -21.49 -28.48
C ILE I 233 2.83 -21.46 -27.62
N GLN I 234 3.86 -20.82 -28.13
CA GLN I 234 5.16 -20.78 -27.48
C GLN I 234 5.24 -19.65 -26.46
N MET I 235 5.52 -20.01 -25.21
CA MET I 235 5.70 -19.05 -24.13
C MET I 235 7.17 -18.92 -23.79
N ARG I 236 7.72 -17.71 -23.85
CA ARG I 236 9.10 -17.48 -23.43
C ARG I 236 9.12 -16.47 -22.28
N SER I 237 10.13 -16.61 -21.43
CA SER I 237 10.38 -15.68 -20.33
C SER I 237 10.90 -14.35 -20.85
N ARG I 238 10.73 -13.29 -20.07
CA ARG I 238 11.34 -12.00 -20.37
C ARG I 238 12.72 -11.92 -19.72
N ALA I 239 13.76 -12.21 -20.50
CA ALA I 239 15.13 -12.27 -19.98
C ALA I 239 16.07 -11.33 -20.73
N VAL I 240 16.70 -10.42 -19.99
CA VAL I 240 17.59 -9.40 -20.55
C VAL I 240 19.05 -9.64 -20.21
N ILE I 241 19.93 -9.37 -21.18
CA ILE I 241 21.37 -9.41 -20.98
C ILE I 241 21.86 -8.05 -20.50
N GLU I 242 22.54 -8.01 -19.35
CA GLU I 242 23.02 -6.76 -18.77
C GLU I 242 24.46 -6.91 -18.28
N GLU I 243 25.15 -5.78 -18.10
CA GLU I 243 26.56 -5.79 -17.74
C GLU I 243 26.76 -5.55 -16.23
N ARG I 244 27.62 -6.38 -15.64
CA ARG I 244 27.99 -6.25 -14.23
C ARG I 244 29.48 -6.56 -14.03
N GLY I 245 30.18 -5.66 -13.34
CA GLY I 245 31.59 -5.83 -13.05
C GLY I 245 32.47 -5.91 -14.28
N GLY I 246 33.63 -6.54 -14.12
CA GLY I 246 34.57 -6.71 -15.21
C GLY I 246 34.07 -7.65 -16.30
N GLY I 247 33.37 -8.70 -15.88
CA GLY I 247 32.86 -9.70 -16.81
C GLY I 247 31.89 -9.11 -17.81
N ARG I 248 31.04 -8.19 -17.33
CA ARG I 248 30.20 -7.38 -18.21
C ARG I 248 28.96 -8.10 -18.75
N GLN I 249 28.57 -9.22 -18.15
CA GLN I 249 27.37 -9.94 -18.59
C GLN I 249 26.73 -10.80 -17.49
N ARG I 250 25.40 -10.83 -17.50
CA ARG I 250 24.61 -11.73 -16.67
C ARG I 250 23.21 -11.81 -17.29
N ILE I 251 22.46 -12.85 -16.92
CA ILE I 251 21.09 -13.01 -17.40
C ILE I 251 20.10 -12.79 -16.25
N VAL I 252 19.10 -11.96 -16.49
CA VAL I 252 18.05 -11.67 -15.51
C VAL I 252 16.67 -11.96 -16.07
N VAL I 253 15.89 -12.76 -15.35
CA VAL I 253 14.52 -13.10 -15.74
C VAL I 253 13.52 -12.39 -14.84
N THR I 254 12.60 -11.65 -15.45
CA THR I 254 11.60 -10.88 -14.70
C THR I 254 10.19 -11.48 -14.83
N GLU I 255 9.96 -12.27 -15.88
CA GLU I 255 8.67 -12.89 -16.15
C GLU I 255 8.88 -14.34 -16.61
N ILE I 256 8.06 -15.29 -16.15
CA ILE I 256 8.18 -16.69 -16.59
C ILE I 256 6.87 -17.21 -17.18
N PRO I 257 6.93 -18.35 -17.89
CA PRO I 257 5.74 -18.91 -18.58
C PRO I 257 4.59 -19.24 -17.64
N PHE I 258 3.39 -19.31 -18.22
CA PHE I 258 2.19 -19.68 -17.49
C PHE I 258 2.29 -21.11 -16.96
N GLN I 259 1.83 -21.32 -15.72
CA GLN I 259 1.83 -22.64 -15.11
C GLN I 259 3.21 -23.32 -15.14
N VAL I 260 4.27 -22.55 -14.89
CA VAL I 260 5.62 -23.10 -14.76
C VAL I 260 6.14 -22.86 -13.35
N ASN I 261 6.42 -23.94 -12.64
CA ASN I 261 6.90 -23.87 -11.26
C ASN I 261 8.31 -23.28 -11.20
N LYS I 262 8.43 -22.11 -10.61
CA LYS I 262 9.68 -21.35 -10.63
C LYS I 262 10.81 -22.01 -9.83
N ALA I 263 10.47 -22.67 -8.73
CA ALA I 263 11.48 -23.38 -7.96
C ALA I 263 12.04 -24.53 -8.78
N ARG I 264 11.14 -25.30 -9.36
CA ARG I 264 11.50 -26.45 -10.18
C ARG I 264 12.35 -26.06 -11.38
N MET I 265 11.99 -24.96 -12.03
CA MET I 265 12.73 -24.48 -13.19
C MET I 265 14.17 -24.16 -12.80
N ILE I 266 14.34 -23.59 -11.61
CA ILE I 266 15.66 -23.27 -11.11
C ILE I 266 16.41 -24.56 -10.81
N GLU I 267 15.73 -25.48 -10.14
CA GLU I 267 16.31 -26.78 -9.81
C GLU I 267 16.82 -27.47 -11.07
N LYS I 268 16.08 -27.31 -12.17
CA LYS I 268 16.43 -27.94 -13.44
C LYS I 268 17.68 -27.32 -14.04
N ILE I 269 17.81 -25.99 -13.95
CA ILE I 269 19.02 -25.31 -14.43
C ILE I 269 20.21 -25.80 -13.63
N ALA I 270 20.03 -25.88 -12.31
CA ALA I 270 21.08 -26.37 -11.43
C ALA I 270 21.50 -27.78 -11.84
N GLU I 271 20.51 -28.63 -12.10
CA GLU I 271 20.77 -29.99 -12.53
C GLU I 271 21.58 -30.00 -13.81
N LEU I 272 21.28 -29.04 -14.70
CA LEU I 272 21.98 -28.95 -15.97
C LEU I 272 23.43 -28.51 -15.79
N VAL I 273 23.69 -27.77 -14.72
CA VAL I 273 25.05 -27.30 -14.44
C VAL I 273 25.87 -28.43 -13.81
N ARG I 274 25.35 -29.02 -12.74
CA ARG I 274 26.01 -30.11 -12.05
C ARG I 274 26.37 -31.26 -13.00
N ASP I 275 25.44 -31.56 -13.91
CA ASP I 275 25.66 -32.63 -14.88
C ASP I 275 26.49 -32.18 -16.07
N LYS I 276 26.69 -30.87 -16.20
CA LYS I 276 27.52 -30.30 -17.27
C LYS I 276 26.88 -30.40 -18.65
N LYS I 277 25.56 -30.36 -18.73
CA LYS I 277 24.87 -30.36 -20.02
C LYS I 277 24.78 -28.94 -20.57
N ILE I 278 24.94 -27.95 -19.69
CA ILE I 278 24.92 -26.55 -20.09
C ILE I 278 26.19 -25.85 -19.58
N ASP I 279 26.74 -24.97 -20.40
CA ASP I 279 28.08 -24.43 -20.16
C ASP I 279 28.08 -22.91 -20.05
N GLY I 280 28.99 -22.38 -19.24
CA GLY I 280 29.29 -20.95 -19.21
C GLY I 280 28.72 -20.21 -18.01
N ILE I 281 28.10 -20.95 -17.09
CA ILE I 281 27.36 -20.36 -15.99
C ILE I 281 28.09 -20.54 -14.67
N THR I 282 28.36 -19.43 -14.00
CA THR I 282 29.12 -19.44 -12.75
C THR I 282 28.22 -19.62 -11.55
N ASP I 283 27.04 -18.99 -11.58
CA ASP I 283 26.17 -18.96 -10.40
C ASP I 283 24.70 -18.85 -10.74
N LEU I 284 23.86 -19.35 -9.84
CA LEU I 284 22.42 -19.32 -10.00
C LEU I 284 21.75 -18.72 -8.75
N ARG I 285 21.25 -17.49 -8.88
CA ARG I 285 20.60 -16.80 -7.77
C ARG I 285 19.11 -16.52 -8.02
N ASP I 286 18.31 -16.75 -6.99
CA ASP I 286 16.89 -16.42 -7.00
C ASP I 286 16.63 -15.27 -6.04
N GLU I 287 16.47 -14.07 -6.58
CA GLU I 287 16.31 -12.85 -5.77
C GLU I 287 14.89 -12.31 -5.85
N THR I 288 13.91 -13.21 -5.95
CA THR I 288 12.52 -12.79 -6.08
C THR I 288 12.05 -12.09 -4.81
N SER I 289 11.46 -10.91 -4.99
CA SER I 289 10.84 -10.18 -3.89
C SER I 289 9.48 -9.67 -4.32
N LEU I 290 8.65 -9.33 -3.33
CA LEU I 290 7.34 -8.76 -3.60
C LEU I 290 7.50 -7.42 -4.31
N ARG I 291 8.51 -6.66 -3.89
CA ARG I 291 8.77 -5.33 -4.46
C ARG I 291 9.33 -5.45 -5.87
N THR I 292 10.29 -6.35 -6.04
CA THR I 292 10.92 -6.58 -7.35
C THR I 292 9.93 -7.19 -8.34
N GLY I 293 9.09 -8.08 -7.83
CA GLY I 293 8.39 -9.03 -8.68
C GLY I 293 9.32 -10.21 -8.83
N VAL I 294 9.07 -11.07 -9.81
CA VAL I 294 9.92 -12.23 -10.02
C VAL I 294 11.31 -11.77 -10.50
N ARG I 295 12.35 -12.31 -9.87
CA ARG I 295 13.74 -12.02 -10.27
C ARG I 295 14.61 -13.25 -10.14
N VAL I 296 15.15 -13.70 -11.27
CA VAL I 296 16.09 -14.81 -11.32
C VAL I 296 17.36 -14.37 -12.02
N VAL I 297 18.46 -14.39 -11.28
CA VAL I 297 19.74 -13.90 -11.77
C VAL I 297 20.66 -15.07 -12.13
N ILE I 298 21.22 -15.04 -13.33
CA ILE I 298 22.16 -16.05 -13.80
C ILE I 298 23.44 -15.38 -14.27
N ASP I 299 24.56 -15.85 -13.74
CA ASP I 299 25.86 -15.24 -13.99
C ASP I 299 26.66 -16.01 -15.04
N VAL I 300 27.19 -15.27 -16.01
CA VAL I 300 27.89 -15.84 -17.15
C VAL I 300 29.40 -15.57 -17.05
N ARG I 301 30.20 -16.60 -17.32
CA ARG I 301 31.66 -16.46 -17.28
C ARG I 301 32.16 -15.56 -18.41
N LYS I 302 33.15 -14.73 -18.09
CA LYS I 302 33.76 -13.83 -19.07
C LYS I 302 34.18 -14.59 -20.33
N ASP I 303 34.05 -13.92 -21.47
CA ASP I 303 34.42 -14.51 -22.75
C ASP I 303 33.49 -15.66 -23.18
N ALA I 304 32.34 -15.78 -22.52
CA ALA I 304 31.28 -16.67 -22.97
C ALA I 304 30.08 -15.81 -23.37
N ASN I 305 29.56 -16.05 -24.57
CA ASN I 305 28.49 -15.22 -25.11
C ASN I 305 27.16 -15.53 -24.44
N ALA I 306 26.52 -14.51 -23.88
CA ALA I 306 25.27 -14.70 -23.15
C ALA I 306 24.16 -15.24 -24.05
N SER I 307 24.04 -14.65 -25.23
CA SER I 307 23.02 -15.01 -26.20
C SER I 307 22.94 -16.52 -26.44
N VAL I 308 24.10 -17.16 -26.56
CA VAL I 308 24.17 -18.59 -26.81
C VAL I 308 23.67 -19.34 -25.58
N ILE I 309 24.02 -18.85 -24.41
CA ILE I 309 23.63 -19.48 -23.17
C ILE I 309 22.14 -19.32 -22.93
N LEU I 310 21.62 -18.15 -23.28
CA LEU I 310 20.20 -17.87 -23.15
C LEU I 310 19.37 -18.77 -24.06
N ASN I 311 19.71 -18.78 -25.35
CA ASN I 311 19.01 -19.60 -26.33
C ASN I 311 19.11 -21.09 -26.02
N ASN I 312 20.14 -21.48 -25.27
CA ASN I 312 20.31 -22.85 -24.83
C ASN I 312 19.42 -23.15 -23.64
N LEU I 313 19.22 -22.16 -22.79
CA LEU I 313 18.32 -22.30 -21.64
C LEU I 313 16.87 -22.37 -22.11
N TYR I 314 16.55 -21.61 -23.15
CA TYR I 314 15.24 -21.67 -23.80
C TYR I 314 14.99 -23.08 -24.34
N LYS I 315 16.02 -23.65 -24.96
CA LYS I 315 15.86 -24.91 -25.68
C LYS I 315 15.75 -26.08 -24.71
N GLN I 316 16.40 -25.97 -23.56
CA GLN I 316 16.61 -27.10 -22.65
C GLN I 316 15.77 -27.04 -21.39
N THR I 317 15.65 -25.86 -20.79
CA THR I 317 14.92 -25.70 -19.54
C THR I 317 13.48 -25.26 -19.81
N PRO I 318 12.63 -25.29 -18.77
CA PRO I 318 11.29 -24.71 -18.91
C PRO I 318 11.29 -23.18 -18.80
N LEU I 319 12.32 -22.53 -19.32
CA LEU I 319 12.30 -21.07 -19.46
C LEU I 319 11.42 -20.73 -20.65
N GLN I 320 11.16 -21.73 -21.50
CA GLN I 320 10.29 -21.58 -22.66
C GLN I 320 9.40 -22.79 -22.90
N THR I 321 8.27 -22.86 -22.19
CA THR I 321 7.30 -23.95 -22.37
C THR I 321 6.31 -23.61 -23.47
N SER I 322 5.62 -24.63 -23.98
CA SER I 322 4.53 -24.43 -24.92
C SER I 322 3.18 -24.60 -24.22
N PHE I 323 2.22 -23.75 -24.59
CA PHE I 323 0.84 -23.93 -24.16
C PHE I 323 0.08 -24.66 -25.27
N GLY I 324 -0.37 -25.87 -24.96
CA GLY I 324 -1.05 -26.70 -25.94
C GLY I 324 -2.56 -26.52 -25.90
N VAL I 325 -3.04 -25.48 -26.57
CA VAL I 325 -4.46 -25.13 -26.58
C VAL I 325 -5.33 -26.29 -27.05
N ASN I 326 -6.31 -26.62 -26.21
CA ASN I 326 -7.34 -27.61 -26.53
C ASN I 326 -8.69 -27.09 -26.04
N MET I 327 -9.35 -26.25 -26.86
CA MET I 327 -10.54 -25.55 -26.41
C MET I 327 -11.80 -26.43 -26.45
N ILE I 328 -11.94 -27.27 -25.42
CA ILE I 328 -13.15 -28.08 -25.25
C ILE I 328 -13.94 -27.54 -24.06
N ALA I 329 -15.16 -27.13 -24.33
CA ALA I 329 -16.08 -26.63 -23.30
C ALA I 329 -17.39 -27.39 -23.39
N LEU I 330 -18.26 -27.19 -22.40
CA LEU I 330 -19.56 -27.84 -22.38
C LEU I 330 -20.60 -26.96 -23.09
N VAL I 331 -21.11 -27.46 -24.21
CA VAL I 331 -22.04 -26.72 -25.07
C VAL I 331 -23.36 -27.48 -25.19
N ASN I 332 -24.40 -26.97 -24.54
CA ASN I 332 -25.69 -27.68 -24.45
C ASN I 332 -25.53 -29.01 -23.72
N GLY I 333 -24.68 -29.01 -22.69
CA GLY I 333 -24.47 -30.20 -21.88
C GLY I 333 -23.54 -31.19 -22.55
N ARG I 334 -23.16 -30.90 -23.79
CA ARG I 334 -22.27 -31.76 -24.55
C ARG I 334 -20.89 -31.14 -24.69
N PRO I 335 -19.83 -31.96 -24.52
CA PRO I 335 -18.46 -31.49 -24.73
C PRO I 335 -18.22 -31.23 -26.22
N LYS I 336 -17.42 -30.21 -26.54
CA LYS I 336 -17.25 -29.82 -27.93
C LYS I 336 -15.98 -28.99 -28.11
N LEU I 337 -15.19 -29.34 -29.11
CA LEU I 337 -14.05 -28.53 -29.51
C LEU I 337 -14.57 -27.31 -30.27
N ILE I 338 -14.34 -26.12 -29.71
CA ILE I 338 -14.84 -24.87 -30.28
C ILE I 338 -13.66 -24.01 -30.71
N ASN I 339 -13.91 -23.07 -31.61
CA ASN I 339 -12.89 -22.12 -32.05
C ASN I 339 -13.10 -20.79 -31.33
N LEU I 340 -12.31 -19.76 -31.66
CA LEU I 340 -12.44 -18.49 -30.95
C LEU I 340 -13.82 -17.88 -31.17
N LYS I 341 -14.33 -17.94 -32.40
CA LYS I 341 -15.64 -17.37 -32.71
C LYS I 341 -16.73 -18.12 -31.94
N GLU I 342 -16.70 -19.45 -32.01
CA GLU I 342 -17.81 -20.23 -31.48
C GLU I 342 -17.94 -20.01 -29.98
N ALA I 343 -16.82 -19.69 -29.33
CA ALA I 343 -16.80 -19.46 -27.90
C ALA I 343 -17.49 -18.14 -27.56
N LEU I 344 -17.23 -17.11 -28.36
CA LEU I 344 -17.81 -15.80 -28.14
C LEU I 344 -19.29 -15.80 -28.53
N VAL I 345 -19.62 -16.43 -29.66
CA VAL I 345 -21.01 -16.59 -30.08
C VAL I 345 -21.86 -17.19 -28.95
N HIS I 346 -21.46 -18.36 -28.45
CA HIS I 346 -22.22 -19.04 -27.40
C HIS I 346 -22.39 -18.13 -26.20
N TYR I 347 -21.39 -17.31 -25.93
CA TYR I 347 -21.45 -16.39 -24.79
C TYR I 347 -22.37 -15.22 -25.08
N LEU I 348 -22.23 -14.63 -26.27
CA LEU I 348 -23.10 -13.53 -26.66
C LEU I 348 -24.57 -13.97 -26.57
N GLU I 349 -24.84 -15.19 -27.00
CA GLU I 349 -26.19 -15.74 -26.92
C GLU I 349 -26.66 -15.83 -25.47
N HIS I 350 -25.76 -16.26 -24.59
CA HIS I 350 -26.04 -16.34 -23.17
C HIS I 350 -26.43 -14.97 -22.60
N GLN I 351 -25.72 -13.93 -23.02
CA GLN I 351 -25.96 -12.58 -22.50
C GLN I 351 -27.24 -11.99 -23.07
N LYS I 352 -27.63 -12.43 -24.26
CA LYS I 352 -28.92 -12.06 -24.81
C LYS I 352 -30.03 -12.68 -23.96
N THR I 353 -29.90 -13.97 -23.66
CA THR I 353 -30.91 -14.71 -22.91
C THR I 353 -30.99 -14.28 -21.45
N VAL I 354 -29.89 -13.78 -20.89
CA VAL I 354 -29.89 -13.37 -19.48
C VAL I 354 -30.63 -12.05 -19.36
N VAL I 355 -30.18 -11.05 -20.10
CA VAL I 355 -30.82 -9.74 -20.11
C VAL I 355 -32.30 -9.86 -20.53
N ARG I 356 -32.56 -10.63 -21.58
CA ARG I 356 -33.92 -10.85 -22.05
C ARG I 356 -34.80 -11.40 -20.92
N ARG I 357 -34.25 -12.33 -20.14
CA ARG I 357 -35.00 -12.94 -19.05
C ARG I 357 -35.09 -12.01 -17.85
N ARG I 358 -34.05 -11.22 -17.63
CA ARG I 358 -34.09 -10.18 -16.59
C ARG I 358 -35.23 -9.23 -16.91
N THR I 359 -35.14 -8.60 -18.08
CA THR I 359 -36.11 -7.60 -18.49
C THR I 359 -37.53 -8.17 -18.49
N GLN I 360 -37.69 -9.44 -18.87
CA GLN I 360 -39.00 -10.09 -18.75
C GLN I 360 -39.40 -10.20 -17.28
N TYR I 361 -38.46 -10.54 -16.40
CA TYR I 361 -38.78 -10.70 -14.98
C TYR I 361 -39.16 -9.36 -14.36
N ASN I 362 -38.29 -8.37 -14.54
CA ASN I 362 -38.56 -7.01 -14.08
C ASN I 362 -39.91 -6.50 -14.57
N LEU I 363 -40.29 -6.86 -15.79
CA LEU I 363 -41.55 -6.40 -16.35
C LEU I 363 -42.74 -6.94 -15.56
N ARG I 364 -42.74 -8.24 -15.28
CA ARG I 364 -43.86 -8.85 -14.55
C ARG I 364 -43.91 -8.28 -13.14
N LYS I 365 -42.73 -7.94 -12.62
CA LYS I 365 -42.63 -7.36 -11.28
C LYS I 365 -43.23 -5.96 -11.27
N ALA I 366 -42.89 -5.17 -12.27
CA ALA I 366 -43.41 -3.81 -12.41
C ALA I 366 -44.91 -3.80 -12.67
N LYS I 367 -45.41 -4.79 -13.40
CA LYS I 367 -46.85 -4.89 -13.66
C LYS I 367 -47.57 -5.20 -12.36
N ASP I 368 -47.01 -6.14 -11.59
CA ASP I 368 -47.59 -6.57 -10.32
C ASP I 368 -47.72 -5.44 -9.30
N ARG I 369 -46.79 -4.49 -9.34
CA ARG I 369 -46.74 -3.43 -8.33
C ARG I 369 -47.64 -2.26 -8.74
N ALA I 370 -47.63 -1.92 -10.02
CA ALA I 370 -48.54 -0.92 -10.56
C ALA I 370 -49.97 -1.30 -10.21
N HIS I 371 -50.23 -2.61 -10.25
CA HIS I 371 -51.53 -3.14 -9.91
C HIS I 371 -51.86 -2.87 -8.43
N ILE I 372 -50.90 -3.16 -7.56
CA ILE I 372 -51.07 -2.91 -6.14
C ILE I 372 -51.19 -1.42 -5.89
N LEU I 373 -50.42 -0.63 -6.63
CA LEU I 373 -50.45 0.82 -6.48
C LEU I 373 -51.78 1.41 -6.90
N GLU I 374 -52.44 0.79 -7.87
CA GLU I 374 -53.70 1.30 -8.38
C GLU I 374 -54.79 1.24 -7.31
N GLY I 375 -54.99 0.06 -6.73
CA GLY I 375 -55.99 -0.11 -5.70
C GLY I 375 -55.63 0.71 -4.47
N LEU I 376 -54.33 0.91 -4.27
CA LEU I 376 -53.86 1.78 -3.20
C LEU I 376 -54.30 3.20 -3.48
N ARG I 377 -54.28 3.58 -4.75
CA ARG I 377 -54.68 4.92 -5.17
C ARG I 377 -56.20 5.07 -5.06
N ILE I 378 -56.91 4.02 -5.42
CA ILE I 378 -58.37 4.00 -5.27
C ILE I 378 -58.72 4.21 -3.81
N ALA I 379 -58.00 3.54 -2.93
CA ALA I 379 -58.23 3.65 -1.49
C ALA I 379 -58.01 5.09 -1.03
N LEU I 380 -56.99 5.73 -1.57
CA LEU I 380 -56.64 7.09 -1.16
C LEU I 380 -57.65 8.08 -1.69
N ASP I 381 -58.32 7.72 -2.78
CA ASP I 381 -59.35 8.58 -3.33
C ASP I 381 -60.60 8.59 -2.45
N HIS I 382 -60.78 7.53 -1.66
CA HIS I 382 -62.00 7.34 -0.87
C HIS I 382 -61.72 6.72 0.51
N ILE I 383 -60.71 7.25 1.18
CA ILE I 383 -60.25 6.75 2.48
C ILE I 383 -61.38 6.56 3.52
N ASP I 384 -62.19 7.60 3.71
CA ASP I 384 -63.31 7.54 4.67
C ASP I 384 -64.18 6.32 4.43
N GLU I 385 -64.50 6.10 3.17
CA GLU I 385 -65.37 5.02 2.76
C GLU I 385 -64.69 3.67 2.97
N ILE I 386 -63.39 3.64 2.66
CA ILE I 386 -62.56 2.47 2.94
C ILE I 386 -62.60 2.16 4.45
N ILE I 387 -62.21 3.13 5.26
CA ILE I 387 -62.16 2.92 6.71
C ILE I 387 -63.51 2.47 7.26
N SER I 388 -64.58 3.12 6.81
CA SER I 388 -65.92 2.70 7.20
C SER I 388 -66.05 1.21 6.93
N THR I 389 -65.79 0.81 5.68
CA THR I 389 -65.98 -0.56 5.22
C THR I 389 -65.21 -1.55 6.07
N ILE I 390 -63.99 -1.18 6.45
CA ILE I 390 -63.18 -2.07 7.26
C ILE I 390 -63.77 -2.19 8.67
N ARG I 391 -64.13 -1.05 9.27
CA ARG I 391 -64.73 -1.03 10.60
C ARG I 391 -66.03 -1.84 10.73
N GLU I 392 -66.88 -1.80 9.71
CA GLU I 392 -68.18 -2.51 9.79
C GLU I 392 -67.97 -4.01 9.83
N SER I 393 -66.86 -4.48 9.27
CA SER I 393 -66.59 -5.91 9.22
C SER I 393 -66.07 -6.43 10.56
N ASP I 394 -66.75 -7.43 11.11
CA ASP I 394 -66.31 -8.04 12.35
C ASP I 394 -65.03 -8.88 12.19
N THR I 395 -64.85 -9.51 11.02
CA THR I 395 -63.66 -10.32 10.75
C THR I 395 -62.90 -9.82 9.53
N ASP I 396 -61.62 -10.17 9.47
CA ASP I 396 -60.74 -9.78 8.36
C ASP I 396 -61.26 -10.28 7.02
N LYS I 397 -61.76 -11.52 7.01
CA LYS I 397 -62.24 -12.15 5.79
C LYS I 397 -63.41 -11.39 5.18
N VAL I 398 -64.28 -10.85 6.02
CA VAL I 398 -65.42 -10.07 5.54
C VAL I 398 -64.92 -8.77 4.91
N ALA I 399 -64.01 -8.11 5.62
CA ALA I 399 -63.39 -6.88 5.12
C ALA I 399 -62.80 -7.09 3.73
N MET I 400 -62.17 -8.25 3.54
CA MET I 400 -61.61 -8.62 2.24
C MET I 400 -62.68 -8.66 1.15
N GLU I 401 -63.82 -9.27 1.46
CA GLU I 401 -64.89 -9.44 0.47
C GLU I 401 -65.64 -8.14 0.27
N SER I 402 -65.79 -7.38 1.34
CA SER I 402 -66.46 -6.09 1.29
C SER I 402 -65.73 -5.10 0.38
N LEU I 403 -64.41 -5.01 0.53
CA LEU I 403 -63.62 -4.08 -0.26
C LEU I 403 -63.58 -4.49 -1.74
N GLN I 404 -63.57 -5.79 -2.00
CA GLN I 404 -63.52 -6.29 -3.36
C GLN I 404 -64.82 -6.01 -4.12
N GLN I 405 -65.95 -6.13 -3.43
CA GLN I 405 -67.26 -6.03 -4.08
C GLN I 405 -67.65 -4.57 -4.27
N ARG I 406 -67.45 -3.76 -3.23
CA ARG I 406 -67.89 -2.37 -3.26
C ARG I 406 -67.00 -1.52 -4.16
N PHE I 407 -65.70 -1.81 -4.17
CA PHE I 407 -64.74 -1.01 -4.93
C PHE I 407 -64.09 -1.83 -6.06
N LYS I 408 -64.65 -3.00 -6.36
CA LYS I 408 -64.20 -3.81 -7.49
C LYS I 408 -62.70 -4.11 -7.46
N LEU I 409 -62.11 -4.14 -6.26
CA LEU I 409 -60.68 -4.42 -6.10
C LEU I 409 -60.39 -5.91 -6.30
N SER I 410 -59.19 -6.22 -6.78
CA SER I 410 -58.72 -7.60 -6.84
C SER I 410 -58.49 -8.11 -5.43
N GLU I 411 -58.31 -9.42 -5.28
CA GLU I 411 -58.02 -9.99 -3.98
C GLU I 411 -56.72 -9.40 -3.43
N LYS I 412 -55.73 -9.25 -4.32
CA LYS I 412 -54.45 -8.66 -3.94
C LYS I 412 -54.58 -7.20 -3.54
N GLN I 413 -55.40 -6.45 -4.26
CA GLN I 413 -55.59 -5.03 -3.97
C GLN I 413 -56.29 -4.83 -2.64
N ALA I 414 -57.20 -5.73 -2.30
CA ALA I 414 -57.85 -5.68 -1.00
C ALA I 414 -56.82 -5.93 0.11
N GLN I 415 -55.96 -6.91 -0.11
CA GLN I 415 -54.99 -7.31 0.89
C GLN I 415 -53.90 -6.25 1.06
N ALA I 416 -53.57 -5.57 -0.03
CA ALA I 416 -52.60 -4.47 0.02
C ALA I 416 -53.15 -3.33 0.85
N ILE I 417 -54.45 -3.12 0.74
CA ILE I 417 -55.15 -2.07 1.45
C ILE I 417 -55.22 -2.37 2.95
N LEU I 418 -55.62 -3.59 3.28
CA LEU I 418 -55.71 -4.01 4.67
C LEU I 418 -54.33 -4.01 5.34
N ASP I 419 -53.29 -4.30 4.56
CA ASP I 419 -51.92 -4.36 5.08
C ASP I 419 -51.22 -3.00 5.09
N MET I 420 -52.00 -1.93 4.96
CA MET I 420 -51.46 -0.58 4.79
C MET I 420 -51.35 0.17 6.12
N ARG I 421 -50.17 0.73 6.41
CA ARG I 421 -49.96 1.46 7.67
C ARG I 421 -50.60 2.85 7.61
N LEU I 422 -51.01 3.34 8.77
CA LEU I 422 -51.72 4.61 8.86
C LEU I 422 -50.86 5.79 8.43
N ARG I 423 -49.55 5.69 8.65
CA ARG I 423 -48.67 6.83 8.35
C ARG I 423 -48.62 7.11 6.85
N ARG I 424 -49.03 6.12 6.06
CA ARG I 424 -49.19 6.31 4.62
C ARG I 424 -50.19 7.43 4.32
N LEU I 425 -51.05 7.74 5.28
CA LEU I 425 -52.13 8.69 5.06
C LEU I 425 -51.73 10.12 5.38
N THR I 426 -50.43 10.37 5.58
CA THR I 426 -49.95 11.73 5.73
C THR I 426 -49.71 12.31 4.34
N GLY I 427 -49.46 13.62 4.29
CA GLY I 427 -49.31 14.31 3.01
C GLY I 427 -48.24 13.73 2.11
N LEU I 428 -47.00 13.74 2.57
CA LEU I 428 -45.89 13.30 1.74
C LEU I 428 -45.97 11.82 1.42
N GLU I 429 -46.57 11.04 2.32
CA GLU I 429 -46.69 9.61 2.10
C GLU I 429 -47.74 9.29 1.04
N ARG I 430 -48.76 10.14 0.95
CA ARG I 430 -49.74 10.03 -0.12
C ARG I 430 -49.07 10.30 -1.46
N ASP I 431 -48.44 11.46 -1.55
CA ASP I 431 -47.69 11.88 -2.74
C ASP I 431 -46.77 10.79 -3.27
N LYS I 432 -45.98 10.19 -2.38
CA LYS I 432 -45.03 9.14 -2.77
C LYS I 432 -45.68 8.03 -3.57
N ILE I 433 -46.82 7.52 -3.08
CA ILE I 433 -47.56 6.48 -3.77
C ILE I 433 -47.87 6.86 -5.22
N GLU I 434 -48.38 8.07 -5.42
CA GLU I 434 -48.68 8.56 -6.77
C GLU I 434 -47.41 8.68 -7.59
N ALA I 435 -46.36 9.18 -6.95
CA ALA I 435 -45.10 9.43 -7.63
C ALA I 435 -44.47 8.12 -8.06
N GLU I 436 -44.56 7.12 -7.18
CA GLU I 436 -44.11 5.78 -7.52
C GLU I 436 -44.89 5.25 -8.71
N TYR I 437 -46.20 5.49 -8.71
CA TYR I 437 -47.05 5.02 -9.80
C TYR I 437 -46.62 5.58 -11.15
N ASN I 438 -46.49 6.90 -11.20
CA ASN I 438 -46.20 7.59 -12.44
C ASN I 438 -44.84 7.20 -13.03
N GLU I 439 -43.85 7.01 -12.16
CA GLU I 439 -42.51 6.64 -12.62
C GLU I 439 -42.50 5.18 -13.08
N LEU I 440 -43.23 4.33 -12.38
CA LEU I 440 -43.36 2.92 -12.72
C LEU I 440 -43.97 2.73 -14.11
N LEU I 441 -44.98 3.53 -14.47
CA LEU I 441 -45.59 3.43 -15.80
C LEU I 441 -44.55 3.72 -16.86
N ASN I 442 -43.68 4.67 -16.56
CA ASN I 442 -42.59 5.04 -17.46
C ASN I 442 -41.61 3.89 -17.60
N TYR I 443 -41.27 3.30 -16.46
CA TYR I 443 -40.38 2.14 -16.40
C TYR I 443 -40.94 0.98 -17.22
N ILE I 444 -42.24 0.70 -17.09
CA ILE I 444 -42.87 -0.40 -17.81
C ILE I 444 -42.81 -0.17 -19.32
N SER I 445 -43.00 1.08 -19.74
CA SER I 445 -42.87 1.42 -21.15
C SER I 445 -41.47 1.07 -21.62
N GLU I 446 -40.48 1.63 -20.94
CA GLU I 446 -39.08 1.41 -21.25
C GLU I 446 -38.71 -0.08 -21.29
N LEU I 447 -39.32 -0.87 -20.40
CA LEU I 447 -39.09 -2.31 -20.38
C LEU I 447 -39.71 -2.98 -21.59
N GLU I 448 -40.98 -2.66 -21.84
CA GLU I 448 -41.73 -3.23 -22.95
C GLU I 448 -41.08 -2.89 -24.29
N THR I 449 -40.38 -1.75 -24.32
CA THR I 449 -39.67 -1.29 -25.51
C THR I 449 -38.51 -2.23 -25.85
N ILE I 450 -37.69 -2.51 -24.84
CA ILE I 450 -36.57 -3.44 -24.96
C ILE I 450 -37.06 -4.77 -25.50
N LEU I 451 -38.14 -5.27 -24.89
CA LEU I 451 -38.68 -6.59 -25.21
C LEU I 451 -39.33 -6.68 -26.59
N ALA I 452 -39.64 -5.54 -27.19
CA ALA I 452 -40.35 -5.50 -28.47
C ALA I 452 -39.41 -5.26 -29.65
N ASP I 453 -38.14 -4.97 -29.36
CA ASP I 453 -37.16 -4.70 -30.40
C ASP I 453 -35.83 -5.39 -30.10
N GLU I 454 -35.35 -6.19 -31.06
CA GLU I 454 -34.09 -6.90 -30.94
C GLU I 454 -32.90 -5.97 -30.72
N GLU I 455 -32.85 -4.88 -31.48
CA GLU I 455 -31.69 -4.00 -31.49
C GLU I 455 -31.65 -3.10 -30.26
N VAL I 456 -32.77 -2.95 -29.57
CA VAL I 456 -32.79 -2.17 -28.34
C VAL I 456 -32.28 -3.07 -27.19
N LEU I 457 -32.73 -4.31 -27.16
CA LEU I 457 -32.19 -5.30 -26.22
C LEU I 457 -30.69 -5.49 -26.45
N LEU I 458 -30.31 -5.84 -27.66
CA LEU I 458 -28.91 -6.13 -27.96
C LEU I 458 -28.01 -4.96 -27.56
N GLN I 459 -28.51 -3.74 -27.74
CA GLN I 459 -27.73 -2.57 -27.38
C GLN I 459 -27.63 -2.44 -25.86
N LEU I 460 -28.65 -2.92 -25.15
CA LEU I 460 -28.58 -2.92 -23.69
C LEU I 460 -27.47 -3.86 -23.22
N VAL I 461 -27.22 -4.92 -23.99
CA VAL I 461 -26.12 -5.84 -23.66
C VAL I 461 -24.79 -5.14 -23.93
N ARG I 462 -24.66 -4.55 -25.12
CA ARG I 462 -23.45 -3.82 -25.48
C ARG I 462 -23.16 -2.72 -24.46
N ASP I 463 -24.22 -2.10 -23.93
CA ASP I 463 -24.06 -1.03 -22.96
C ASP I 463 -23.50 -1.58 -21.67
N GLU I 464 -24.09 -2.67 -21.20
CA GLU I 464 -23.68 -3.25 -19.92
C GLU I 464 -22.30 -3.89 -20.06
N LEU I 465 -22.00 -4.46 -21.22
CA LEU I 465 -20.68 -5.02 -21.46
C LEU I 465 -19.62 -3.92 -21.46
N THR I 466 -19.95 -2.75 -22.00
CA THR I 466 -19.03 -1.62 -22.02
C THR I 466 -18.77 -1.14 -20.59
N GLU I 467 -19.83 -1.08 -19.79
CA GLU I 467 -19.71 -0.71 -18.38
C GLU I 467 -18.72 -1.63 -17.65
N ILE I 468 -18.83 -2.93 -17.86
CA ILE I 468 -17.91 -3.89 -17.23
C ILE I 468 -16.50 -3.69 -17.75
N ARG I 469 -16.35 -3.42 -19.05
CA ARG I 469 -15.02 -3.22 -19.62
C ARG I 469 -14.36 -2.01 -18.97
N ASP I 470 -15.15 -0.96 -18.76
CA ASP I 470 -14.63 0.31 -18.27
C ASP I 470 -14.40 0.32 -16.76
N ARG I 471 -14.84 -0.72 -16.07
CA ARG I 471 -14.66 -0.81 -14.62
C ARG I 471 -13.57 -1.84 -14.27
N PHE I 472 -13.53 -2.95 -15.00
CA PHE I 472 -12.61 -4.05 -14.67
C PHE I 472 -11.55 -4.36 -15.73
N GLY I 473 -11.53 -3.63 -16.84
CA GLY I 473 -10.55 -3.90 -17.88
C GLY I 473 -9.15 -3.43 -17.49
N ASP I 474 -8.14 -4.12 -17.99
CA ASP I 474 -6.74 -3.79 -17.64
C ASP I 474 -5.81 -4.04 -18.84
N ASP I 475 -4.68 -3.34 -18.85
CA ASP I 475 -3.69 -3.51 -19.92
C ASP I 475 -3.29 -4.97 -20.08
N ARG I 476 -2.71 -5.25 -21.24
CA ARG I 476 -2.24 -6.60 -21.55
C ARG I 476 -0.88 -6.86 -20.87
N ARG I 477 -0.71 -8.05 -20.33
CA ARG I 477 0.50 -8.40 -19.58
C ARG I 477 1.50 -9.17 -20.43
N THR I 478 1.01 -10.05 -21.29
CA THR I 478 1.89 -10.84 -22.15
C THR I 478 2.15 -10.10 -23.45
N GLU I 479 3.41 -9.78 -23.70
CA GLU I 479 3.80 -9.24 -24.99
C GLU I 479 3.82 -10.35 -26.03
N ILE I 480 3.14 -10.10 -27.15
CA ILE I 480 3.22 -10.99 -28.30
C ILE I 480 4.28 -10.46 -29.25
N GLN I 481 5.38 -11.20 -29.40
CA GLN I 481 6.46 -10.77 -30.27
C GLN I 481 6.24 -11.24 -31.70
N LEU I 482 6.44 -10.34 -32.64
CA LEU I 482 6.22 -10.63 -34.05
C LEU I 482 7.50 -11.13 -34.72
N LYS J 1 -3.56 -54.96 6.70
CA LYS J 1 -4.72 -54.16 6.33
C LYS J 1 -5.90 -55.05 5.90
N LEU J 2 -5.64 -56.34 5.76
CA LEU J 2 -6.69 -57.32 5.48
C LEU J 2 -7.20 -57.90 6.80
N ALA J 3 -8.47 -57.65 7.10
CA ALA J 3 -9.12 -58.28 8.24
C ALA J 3 -9.73 -59.63 7.82
N ASP J 4 -8.98 -60.70 8.04
CA ASP J 4 -9.39 -62.02 7.62
C ASP J 4 -10.46 -62.59 8.56
N CYS J 5 -11.15 -63.62 8.09
CA CYS J 5 -12.16 -64.31 8.89
C CYS J 5 -11.54 -65.44 9.70
N SER J 6 -12.28 -65.94 10.69
CA SER J 6 -11.76 -66.96 11.59
C SER J 6 -11.61 -68.33 10.92
N SER J 7 -12.62 -68.74 10.16
CA SER J 7 -12.62 -70.08 9.57
C SER J 7 -11.57 -70.20 8.47
N LYS J 8 -11.25 -71.44 8.09
CA LYS J 8 -10.18 -71.71 7.14
C LYS J 8 -10.61 -72.61 5.97
N SER J 9 -11.91 -72.79 5.82
CA SER J 9 -12.44 -73.49 4.64
C SER J 9 -12.81 -72.50 3.54
N PRO J 10 -12.08 -72.52 2.41
CA PRO J 10 -12.37 -71.64 1.26
C PRO J 10 -13.83 -71.61 0.80
N GLU J 11 -14.40 -72.77 0.51
CA GLU J 11 -15.76 -72.88 -0.02
C GLU J 11 -16.79 -72.14 0.83
N GLU J 12 -16.63 -72.16 2.16
CA GLU J 12 -17.59 -71.52 3.04
C GLU J 12 -17.30 -70.02 3.20
N CYS J 13 -16.08 -69.63 2.87
CA CYS J 13 -15.62 -68.26 3.11
C CYS J 13 -15.79 -67.34 1.91
N GLU J 14 -15.74 -66.04 2.19
CA GLU J 14 -15.94 -65.01 1.19
C GLU J 14 -15.22 -63.73 1.63
N ILE J 15 -14.62 -63.02 0.68
CA ILE J 15 -13.87 -61.80 0.96
C ILE J 15 -14.52 -60.60 0.26
N PHE J 16 -14.78 -59.55 1.03
CA PHE J 16 -15.34 -58.30 0.49
C PHE J 16 -14.26 -57.26 0.28
N LEU J 17 -14.17 -56.74 -0.94
CA LEU J 17 -13.32 -55.62 -1.26
C LEU J 17 -14.16 -54.35 -1.17
N VAL J 18 -13.77 -53.41 -0.30
CA VAL J 18 -14.61 -52.25 0.01
C VAL J 18 -13.91 -50.90 -0.19
N GLU J 19 -14.68 -49.94 -0.69
CA GLU J 19 -14.19 -48.60 -1.00
C GLU J 19 -14.14 -47.69 0.23
N GLY J 20 -12.94 -47.35 0.68
CA GLY J 20 -12.74 -46.32 1.68
C GLY J 20 -12.50 -46.84 3.09
N ASP J 21 -11.83 -46.02 3.89
CA ASP J 21 -11.43 -46.38 5.25
C ASP J 21 -12.61 -46.54 6.21
N SER J 22 -13.54 -45.60 6.20
CA SER J 22 -14.66 -45.65 7.11
C SER J 22 -15.57 -46.81 6.76
N ALA J 23 -15.69 -47.06 5.46
CA ALA J 23 -16.49 -48.18 4.99
C ALA J 23 -15.89 -49.49 5.50
N GLY J 24 -14.57 -49.57 5.54
CA GLY J 24 -13.88 -50.78 5.95
C GLY J 24 -14.07 -51.13 7.41
N GLY J 25 -13.98 -50.11 8.27
CA GLY J 25 -14.18 -50.32 9.69
C GLY J 25 -15.60 -50.73 10.01
N SER J 26 -16.55 -50.05 9.37
CA SER J 26 -17.96 -50.40 9.49
C SER J 26 -18.21 -51.83 9.02
N THR J 27 -17.55 -52.20 7.93
CA THR J 27 -17.77 -53.50 7.31
C THR J 27 -17.05 -54.60 8.11
N LYS J 28 -16.00 -54.22 8.82
CA LYS J 28 -15.28 -55.14 9.70
C LYS J 28 -16.06 -55.39 10.98
N SER J 29 -16.96 -54.46 11.32
CA SER J 29 -17.77 -54.57 12.52
C SER J 29 -19.06 -55.34 12.25
N GLY J 30 -19.68 -55.09 11.10
CA GLY J 30 -20.95 -55.71 10.75
C GLY J 30 -20.85 -57.14 10.24
N ARG J 31 -19.66 -57.53 9.81
CA ARG J 31 -19.45 -58.83 9.16
C ARG J 31 -19.63 -60.02 10.07
N ASP J 32 -19.75 -61.19 9.44
CA ASP J 32 -19.61 -62.46 10.13
C ASP J 32 -18.13 -62.79 10.23
N SER J 33 -17.54 -62.49 11.38
CA SER J 33 -16.11 -62.73 11.60
C SER J 33 -15.68 -64.16 11.29
N ARG J 34 -16.63 -65.08 11.21
CA ARG J 34 -16.31 -66.47 10.94
C ARG J 34 -16.06 -66.73 9.45
N THR J 35 -16.95 -66.26 8.58
CA THR J 35 -16.90 -66.61 7.16
C THR J 35 -16.50 -65.44 6.24
N GLN J 36 -16.53 -64.21 6.74
CA GLN J 36 -16.35 -63.04 5.89
C GLN J 36 -15.06 -62.27 6.15
N ALA J 37 -14.26 -62.09 5.09
CA ALA J 37 -13.01 -61.34 5.14
C ALA J 37 -13.23 -59.94 4.55
N ILE J 38 -12.41 -58.97 4.97
CA ILE J 38 -12.53 -57.60 4.46
C ILE J 38 -11.17 -57.01 4.14
N LEU J 39 -11.05 -56.53 2.90
CA LEU J 39 -9.88 -55.82 2.43
C LEU J 39 -10.29 -54.43 1.95
N PRO J 40 -9.98 -53.39 2.73
CA PRO J 40 -10.29 -52.02 2.30
C PRO J 40 -9.53 -51.64 1.04
N LEU J 41 -10.10 -50.78 0.20
CA LEU J 41 -9.38 -50.18 -0.91
C LEU J 41 -9.46 -48.66 -0.83
N ARG J 42 -8.30 -48.02 -0.70
CA ARG J 42 -8.22 -46.59 -0.48
C ARG J 42 -8.23 -45.87 -1.82
N GLY J 43 -9.43 -45.62 -2.34
CA GLY J 43 -9.59 -44.76 -3.49
C GLY J 43 -9.49 -45.50 -4.80
N LYS J 44 -8.91 -44.84 -5.80
CA LYS J 44 -8.67 -45.44 -7.10
C LYS J 44 -7.43 -46.34 -7.04
N ILE J 45 -7.51 -47.50 -7.69
CA ILE J 45 -6.39 -48.42 -7.76
C ILE J 45 -5.78 -48.43 -9.16
N LEU J 46 -4.67 -49.13 -9.31
CA LEU J 46 -3.90 -49.12 -10.55
C LEU J 46 -4.67 -49.70 -11.74
N ASN J 47 -4.54 -49.04 -12.89
CA ASN J 47 -5.08 -49.57 -14.15
C ASN J 47 -4.04 -50.45 -14.83
N VAL J 48 -4.14 -51.74 -14.58
CA VAL J 48 -3.11 -52.69 -15.00
C VAL J 48 -3.01 -52.84 -16.53
N GLU J 49 -4.00 -52.30 -17.25
CA GLU J 49 -3.94 -52.29 -18.71
C GLU J 49 -2.97 -51.21 -19.17
N LYS J 50 -2.80 -50.18 -18.34
CA LYS J 50 -1.96 -49.03 -18.67
C LYS J 50 -0.56 -49.14 -18.10
N ALA J 51 -0.36 -50.14 -17.24
CA ALA J 51 0.92 -50.35 -16.58
C ALA J 51 1.62 -51.60 -17.11
N ARG J 52 2.94 -51.55 -17.11
CA ARG J 52 3.75 -52.73 -17.44
C ARG J 52 3.93 -53.59 -16.18
N LEU J 53 4.53 -54.75 -16.34
CA LEU J 53 4.49 -55.75 -15.28
C LEU J 53 5.27 -55.35 -14.02
N ASP J 54 6.34 -54.57 -14.16
CA ASP J 54 7.13 -54.19 -13.00
C ASP J 54 6.38 -53.20 -12.12
N ARG J 55 5.69 -52.23 -12.73
CA ARG J 55 4.83 -51.32 -11.99
C ARG J 55 3.77 -52.09 -11.20
N ILE J 56 3.08 -52.99 -11.91
CA ILE J 56 1.97 -53.75 -11.35
C ILE J 56 2.38 -54.53 -10.10
N LEU J 57 3.52 -55.19 -10.14
CA LEU J 57 3.94 -56.06 -9.05
C LEU J 57 4.58 -55.30 -7.88
N ASN J 58 5.04 -54.08 -8.14
CA ASN J 58 5.53 -53.22 -7.08
C ASN J 58 4.40 -52.40 -6.46
N ASN J 59 3.23 -52.43 -7.11
CA ASN J 59 2.07 -51.73 -6.59
C ASN J 59 1.62 -52.37 -5.28
N ASN J 60 1.33 -51.52 -4.29
CA ASN J 60 0.99 -51.99 -2.95
C ASN J 60 -0.39 -52.61 -2.88
N GLU J 61 -1.39 -51.91 -3.41
CA GLU J 61 -2.77 -52.40 -3.36
C GLU J 61 -2.92 -53.65 -4.22
N ILE J 62 -2.13 -53.74 -5.28
CA ILE J 62 -2.15 -54.91 -6.13
C ILE J 62 -1.57 -56.12 -5.40
N ARG J 63 -0.53 -55.89 -4.60
CA ARG J 63 0.13 -57.00 -3.92
C ARG J 63 -0.70 -57.55 -2.77
N GLN J 64 -1.30 -56.66 -1.99
CA GLN J 64 -2.15 -57.08 -0.86
C GLN J 64 -3.27 -58.01 -1.30
N MET J 65 -3.83 -57.75 -2.48
CA MET J 65 -4.92 -58.57 -2.99
C MET J 65 -4.44 -59.95 -3.39
N ILE J 66 -3.31 -60.03 -4.09
CA ILE J 66 -2.72 -61.32 -4.46
C ILE J 66 -2.55 -62.16 -3.20
N THR J 67 -1.64 -61.73 -2.34
CA THR J 67 -1.42 -62.31 -1.01
C THR J 67 -2.71 -62.80 -0.36
N ALA J 68 -3.67 -61.90 -0.21
CA ALA J 68 -4.94 -62.21 0.44
C ALA J 68 -5.70 -63.34 -0.25
N PHE J 69 -5.66 -63.35 -1.59
CA PHE J 69 -6.32 -64.40 -2.36
C PHE J 69 -5.53 -65.71 -2.29
N GLY J 70 -4.20 -65.62 -2.41
CA GLY J 70 -3.33 -66.76 -2.22
C GLY J 70 -3.26 -67.73 -3.38
N THR J 71 -3.53 -67.21 -4.57
CA THR J 71 -3.59 -68.01 -5.80
C THR J 71 -2.42 -67.73 -6.73
N GLY J 72 -1.87 -66.52 -6.61
CA GLY J 72 -0.86 -66.05 -7.54
C GLY J 72 -1.55 -65.60 -8.82
N ILE J 73 -0.77 -65.11 -9.77
CA ILE J 73 -1.30 -64.44 -10.96
C ILE J 73 -0.82 -65.04 -12.28
N GLY J 74 -1.58 -64.79 -13.34
CA GLY J 74 -1.17 -65.14 -14.69
C GLY J 74 -1.07 -66.63 -14.95
N GLY J 75 0.14 -67.10 -15.20
CA GLY J 75 0.38 -68.50 -15.48
C GLY J 75 0.50 -69.33 -14.22
N ASP J 76 1.01 -68.72 -13.16
CA ASP J 76 1.19 -69.42 -11.88
C ASP J 76 -0.11 -69.52 -11.08
N PHE J 77 -1.24 -69.15 -11.68
CA PHE J 77 -2.51 -69.10 -10.98
C PHE J 77 -3.06 -70.50 -10.69
N ASP J 78 -3.29 -70.78 -9.41
CA ASP J 78 -3.82 -72.06 -8.96
C ASP J 78 -5.16 -71.86 -8.24
N LEU J 79 -6.25 -72.17 -8.95
CA LEU J 79 -7.60 -71.97 -8.42
C LEU J 79 -7.82 -72.74 -7.12
N ALA J 80 -7.10 -73.85 -6.96
CA ALA J 80 -7.28 -74.72 -5.80
C ALA J 80 -6.63 -74.14 -4.55
N LYS J 81 -5.69 -73.22 -4.73
CA LYS J 81 -5.03 -72.56 -3.61
C LYS J 81 -5.85 -71.38 -3.08
N ALA J 82 -7.01 -71.15 -3.69
CA ALA J 82 -7.86 -70.02 -3.33
C ALA J 82 -8.37 -70.13 -1.90
N ARG J 83 -8.20 -69.05 -1.13
CA ARG J 83 -8.60 -69.04 0.28
C ARG J 83 -10.07 -68.67 0.48
N TYR J 84 -10.69 -68.03 -0.51
CA TYR J 84 -12.12 -67.73 -0.47
C TYR J 84 -12.78 -68.12 -1.80
N HIS J 85 -14.05 -68.50 -1.74
CA HIS J 85 -14.77 -68.92 -2.95
C HIS J 85 -15.70 -67.84 -3.50
N LYS J 86 -15.93 -66.80 -2.70
CA LYS J 86 -16.63 -65.61 -3.16
C LYS J 86 -15.76 -64.38 -2.93
N ILE J 87 -15.49 -63.64 -4.00
CA ILE J 87 -14.80 -62.37 -3.91
C ILE J 87 -15.76 -61.28 -4.39
N VAL J 88 -16.20 -60.45 -3.45
CA VAL J 88 -17.28 -59.50 -3.71
C VAL J 88 -16.80 -58.06 -3.71
N ILE J 89 -16.89 -57.44 -4.88
CA ILE J 89 -16.65 -56.01 -5.03
C ILE J 89 -17.80 -55.24 -4.40
N MET J 90 -17.46 -54.32 -3.50
CA MET J 90 -18.47 -53.49 -2.84
C MET J 90 -18.01 -52.03 -2.83
N THR J 91 -18.57 -51.25 -3.74
CA THR J 91 -18.22 -49.84 -3.89
C THR J 91 -19.46 -48.97 -3.70
N ASP J 92 -19.24 -47.67 -3.50
CA ASP J 92 -20.34 -46.73 -3.36
C ASP J 92 -21.23 -46.79 -4.60
N ALA J 93 -22.45 -46.26 -4.48
CA ALA J 93 -23.40 -46.27 -5.58
C ALA J 93 -23.17 -45.10 -6.53
N ASP J 94 -22.25 -44.21 -6.17
CA ASP J 94 -21.90 -43.07 -7.03
C ASP J 94 -21.07 -43.53 -8.24
N VAL J 95 -20.77 -42.58 -9.13
CA VAL J 95 -20.08 -42.87 -10.40
C VAL J 95 -18.66 -43.38 -10.20
N ASP J 96 -17.96 -42.87 -9.19
CA ASP J 96 -16.58 -43.29 -8.94
C ASP J 96 -16.56 -44.72 -8.42
N GLY J 97 -17.63 -45.13 -7.72
CA GLY J 97 -17.78 -46.51 -7.33
C GLY J 97 -17.71 -47.41 -8.54
N ALA J 98 -18.48 -47.09 -9.56
CA ALA J 98 -18.46 -47.83 -10.82
C ALA J 98 -17.05 -47.84 -11.39
N HIS J 99 -16.31 -46.75 -11.17
CA HIS J 99 -14.94 -46.63 -11.71
C HIS J 99 -14.02 -47.65 -11.04
N ILE J 100 -13.96 -47.59 -9.72
CA ILE J 100 -13.18 -48.53 -8.92
C ILE J 100 -13.59 -49.96 -9.27
N ARG J 101 -14.84 -50.13 -9.68
CA ARG J 101 -15.35 -51.44 -10.06
C ARG J 101 -14.90 -51.84 -11.47
N THR J 102 -14.60 -50.86 -12.34
CA THR J 102 -14.05 -51.18 -13.66
C THR J 102 -12.56 -51.46 -13.54
N LEU J 103 -11.92 -50.86 -12.53
CA LEU J 103 -10.50 -51.05 -12.32
C LEU J 103 -10.23 -52.45 -11.75
N LEU J 104 -11.12 -52.93 -10.89
CA LEU J 104 -10.96 -54.25 -10.27
C LEU J 104 -11.18 -55.38 -11.27
N LEU J 105 -12.24 -55.26 -12.06
CA LEU J 105 -12.54 -56.27 -13.09
C LEU J 105 -11.48 -56.30 -14.17
N THR J 106 -10.68 -55.25 -14.25
CA THR J 106 -9.58 -55.18 -15.20
C THR J 106 -8.39 -55.94 -14.64
N PHE J 107 -8.17 -55.80 -13.33
CA PHE J 107 -7.16 -56.61 -12.64
C PHE J 107 -7.51 -58.10 -12.67
N PHE J 108 -8.77 -58.42 -12.40
CA PHE J 108 -9.22 -59.81 -12.33
C PHE J 108 -9.19 -60.53 -13.67
N TYR J 109 -9.54 -59.83 -14.75
CA TYR J 109 -9.64 -60.46 -16.05
C TYR J 109 -8.27 -60.68 -16.68
N ARG J 110 -7.35 -59.75 -16.44
CA ARG J 110 -6.03 -59.80 -17.06
C ARG J 110 -5.04 -60.70 -16.31
N PHE J 111 -5.27 -60.95 -15.02
CA PHE J 111 -4.33 -61.72 -14.20
C PHE J 111 -4.92 -62.97 -13.54
N MET J 112 -6.21 -62.94 -13.21
CA MET J 112 -6.85 -64.06 -12.50
C MET J 112 -8.12 -64.54 -13.22
N ARG J 113 -8.07 -64.57 -14.55
CA ARG J 113 -9.24 -64.89 -15.38
C ARG J 113 -10.00 -66.14 -14.95
N PRO J 114 -9.30 -67.24 -14.63
CA PRO J 114 -10.07 -68.43 -14.25
C PRO J 114 -10.84 -68.30 -12.93
N LEU J 115 -10.59 -67.22 -12.19
CA LEU J 115 -11.31 -66.97 -10.94
C LEU J 115 -12.66 -66.33 -11.25
N ILE J 116 -12.76 -65.70 -12.42
CA ILE J 116 -14.03 -65.19 -12.91
C ILE J 116 -14.82 -66.32 -13.55
N GLU J 117 -14.12 -67.12 -14.34
CA GLU J 117 -14.71 -68.25 -15.04
C GLU J 117 -15.24 -69.29 -14.04
N ALA J 118 -14.65 -69.30 -12.85
CA ALA J 118 -15.09 -70.20 -11.79
C ALA J 118 -16.37 -69.68 -11.15
N GLY J 119 -16.65 -68.41 -11.35
CA GLY J 119 -17.79 -67.77 -10.71
C GLY J 119 -17.50 -67.45 -9.26
N TYR J 120 -16.28 -66.98 -9.00
CA TYR J 120 -15.87 -66.58 -7.65
C TYR J 120 -16.00 -65.06 -7.47
N VAL J 121 -16.06 -64.33 -8.58
CA VAL J 121 -16.12 -62.88 -8.56
C VAL J 121 -17.58 -62.40 -8.59
N TYR J 122 -17.98 -61.64 -7.57
CA TYR J 122 -19.32 -61.10 -7.47
C TYR J 122 -19.30 -59.57 -7.29
N ILE J 123 -20.44 -58.94 -7.55
CA ILE J 123 -20.64 -57.52 -7.24
C ILE J 123 -21.68 -57.38 -6.11
N ALA J 124 -21.31 -56.64 -5.06
CA ALA J 124 -22.24 -56.30 -4.00
C ALA J 124 -23.26 -55.29 -4.53
N GLN J 125 -24.44 -55.24 -3.92
CA GLN J 125 -25.48 -54.32 -4.39
C GLN J 125 -26.01 -53.46 -3.27
N PRO J 126 -25.24 -52.44 -2.86
CA PRO J 126 -25.70 -51.50 -1.83
C PRO J 126 -27.00 -50.84 -2.25
N PRO J 127 -27.84 -50.43 -1.29
CA PRO J 127 -29.07 -49.74 -1.69
C PRO J 127 -28.72 -48.49 -2.48
N THR J 128 -29.40 -48.30 -3.60
CA THR J 128 -29.07 -47.25 -4.55
C THR J 128 -29.45 -45.88 -3.97
N GLY J 129 -28.75 -44.84 -4.40
CA GLY J 129 -28.98 -43.49 -3.88
C GLY J 129 -27.71 -42.69 -3.69
N TYR J 130 -27.82 -41.57 -2.96
CA TYR J 130 -26.70 -40.67 -2.70
C TYR J 130 -26.01 -40.98 -1.37
N LYS J 131 -26.54 -41.96 -0.64
CA LYS J 131 -25.98 -42.42 0.63
C LYS J 131 -24.47 -42.48 0.64
N GLY J 132 -23.91 -43.34 -0.22
CA GLY J 132 -22.48 -43.61 -0.19
C GLY J 132 -22.14 -44.50 1.00
N LEU J 133 -21.22 -45.44 0.76
CA LEU J 133 -20.88 -46.46 1.76
C LEU J 133 -20.28 -45.89 3.04
N GLY J 134 -19.64 -44.73 2.96
CA GLY J 134 -19.07 -44.11 4.13
C GLY J 134 -20.13 -43.64 5.12
N GLU J 135 -21.29 -43.24 4.60
CA GLU J 135 -22.35 -42.68 5.42
C GLU J 135 -23.17 -43.74 6.17
N MET J 136 -23.23 -44.95 5.63
CA MET J 136 -23.96 -46.03 6.27
C MET J 136 -23.29 -46.43 7.58
N ASN J 137 -24.06 -46.90 8.57
CA ASN J 137 -23.47 -47.44 9.80
C ASN J 137 -23.19 -48.93 9.63
N ALA J 138 -22.57 -49.53 10.64
CA ALA J 138 -22.09 -50.90 10.55
C ALA J 138 -23.23 -51.90 10.38
N ASP J 139 -24.29 -51.72 11.16
CA ASP J 139 -25.39 -52.66 11.22
C ASP J 139 -26.20 -52.62 9.92
N GLN J 140 -26.39 -51.43 9.39
CA GLN J 140 -27.04 -51.24 8.10
C GLN J 140 -26.29 -52.01 7.02
N LEU J 141 -24.97 -51.83 7.00
CA LEU J 141 -24.14 -52.41 5.96
C LEU J 141 -24.22 -53.93 5.97
N TRP J 142 -24.28 -54.52 7.16
CA TRP J 142 -24.44 -55.96 7.29
C TRP J 142 -25.79 -56.42 6.77
N GLU J 143 -26.82 -55.62 7.04
CA GLU J 143 -28.19 -56.00 6.72
C GLU J 143 -28.54 -55.70 5.26
N THR J 144 -27.91 -54.69 4.68
CA THR J 144 -28.15 -54.35 3.28
C THR J 144 -27.40 -55.26 2.29
N THR J 145 -26.08 -55.43 2.46
CA THR J 145 -25.27 -56.20 1.49
C THR J 145 -24.17 -57.10 2.07
N MET J 146 -24.51 -57.93 3.05
CA MET J 146 -23.54 -58.88 3.59
C MET J 146 -24.21 -60.15 4.07
N ASN J 147 -25.44 -60.03 4.56
CA ASN J 147 -26.18 -61.17 5.06
C ASN J 147 -26.58 -62.09 3.91
N PRO J 148 -26.09 -63.35 3.90
CA PRO J 148 -26.38 -64.29 2.82
C PRO J 148 -27.87 -64.47 2.49
N GLU J 149 -28.75 -64.15 3.45
CA GLU J 149 -30.18 -64.32 3.26
C GLU J 149 -30.85 -63.12 2.60
N HIS J 150 -30.54 -61.92 3.08
CA HIS J 150 -31.18 -60.70 2.60
C HIS J 150 -30.47 -60.05 1.39
N ARG J 151 -29.20 -60.39 1.17
CA ARG J 151 -28.41 -59.73 0.12
C ARG J 151 -28.74 -60.26 -1.28
N ALA J 152 -28.33 -59.49 -2.29
CA ALA J 152 -28.47 -59.90 -3.69
C ALA J 152 -27.19 -59.59 -4.47
N LEU J 153 -26.33 -60.60 -4.60
CA LEU J 153 -25.02 -60.43 -5.25
C LEU J 153 -25.07 -60.81 -6.74
N LEU J 154 -24.31 -60.08 -7.55
CA LEU J 154 -24.27 -60.33 -9.00
C LEU J 154 -23.03 -61.12 -9.40
N GLN J 155 -23.25 -62.37 -9.79
CA GLN J 155 -22.17 -63.22 -10.28
C GLN J 155 -21.65 -62.69 -11.61
N VAL J 156 -20.37 -62.35 -11.64
CA VAL J 156 -19.76 -61.91 -12.89
C VAL J 156 -19.46 -63.13 -13.75
N LYS J 157 -19.99 -63.13 -14.97
CA LYS J 157 -19.90 -64.27 -15.87
C LYS J 157 -19.27 -63.89 -17.20
N LEU J 158 -18.43 -64.77 -17.74
CA LEU J 158 -17.76 -64.55 -19.02
C LEU J 158 -18.46 -65.34 -20.12
N GLU J 159 -19.15 -64.62 -21.00
CA GLU J 159 -19.94 -65.25 -22.07
C GLU J 159 -19.13 -65.40 -23.35
N ASP J 160 -18.19 -64.49 -23.56
CA ASP J 160 -17.37 -64.47 -24.76
C ASP J 160 -16.03 -63.86 -24.41
N ALA J 161 -14.94 -64.57 -24.71
CA ALA J 161 -13.62 -64.15 -24.26
C ALA J 161 -12.98 -63.14 -25.21
N ILE J 162 -13.15 -63.37 -26.51
CA ILE J 162 -12.62 -62.46 -27.52
C ILE J 162 -13.31 -61.10 -27.37
N GLU J 163 -14.59 -61.12 -27.05
CA GLU J 163 -15.38 -59.90 -26.93
C GLU J 163 -14.95 -59.09 -25.71
N ALA J 164 -14.64 -59.77 -24.62
CA ALA J 164 -14.14 -59.11 -23.41
C ALA J 164 -12.74 -58.54 -23.64
N ASP J 165 -11.95 -59.22 -24.46
CA ASP J 165 -10.57 -58.82 -24.70
C ASP J 165 -10.46 -57.45 -25.38
N GLN J 166 -11.36 -57.17 -26.31
CA GLN J 166 -11.35 -55.88 -27.01
C GLN J 166 -12.00 -54.82 -26.15
N THR J 167 -12.85 -55.28 -25.22
CA THR J 167 -13.59 -54.42 -24.31
C THR J 167 -12.66 -53.80 -23.27
N PHE J 168 -11.91 -54.64 -22.57
CA PHE J 168 -10.93 -54.19 -21.60
C PHE J 168 -9.85 -53.37 -22.30
N GLU J 169 -9.50 -53.77 -23.52
CA GLU J 169 -8.46 -53.10 -24.27
C GLU J 169 -8.91 -51.71 -24.71
N MET J 170 -10.12 -51.62 -25.26
CA MET J 170 -10.66 -50.34 -25.69
C MET J 170 -10.82 -49.40 -24.51
N LEU J 171 -11.58 -49.83 -23.51
CA LEU J 171 -11.98 -48.95 -22.42
C LEU J 171 -10.82 -48.58 -21.49
N MET J 172 -9.87 -49.48 -21.30
CA MET J 172 -8.87 -49.32 -20.24
C MET J 172 -7.43 -49.18 -20.75
N GLY J 173 -7.19 -49.46 -22.02
CA GLY J 173 -5.86 -49.24 -22.59
C GLY J 173 -5.52 -47.77 -22.71
N ASP J 174 -4.32 -47.49 -23.23
CA ASP J 174 -3.77 -46.12 -23.25
C ASP J 174 -4.15 -45.38 -24.53
N VAL J 175 -4.76 -46.07 -25.48
CA VAL J 175 -5.25 -45.45 -26.71
C VAL J 175 -6.52 -44.67 -26.41
N VAL J 176 -6.43 -43.34 -26.42
CA VAL J 176 -7.58 -42.50 -26.07
C VAL J 176 -8.64 -42.48 -27.18
N GLU J 177 -8.20 -42.51 -28.43
CA GLU J 177 -9.09 -42.23 -29.56
C GLU J 177 -10.25 -43.20 -29.63
N ASN J 178 -9.98 -44.49 -29.42
CA ASN J 178 -11.04 -45.49 -29.47
C ASN J 178 -11.88 -45.47 -28.19
N ARG J 179 -11.40 -44.76 -27.18
CA ARG J 179 -12.19 -44.52 -25.97
C ARG J 179 -13.15 -43.36 -26.21
N ARG J 180 -12.59 -42.19 -26.55
CA ARG J 180 -13.34 -41.06 -27.09
C ARG J 180 -14.47 -41.50 -28.02
N GLN J 181 -14.10 -42.15 -29.12
CA GLN J 181 -15.05 -42.59 -30.14
C GLN J 181 -16.24 -43.34 -29.55
N PHE J 182 -15.97 -44.24 -28.60
CA PHE J 182 -17.01 -45.05 -28.00
C PHE J 182 -17.98 -44.19 -27.21
N ILE J 183 -17.47 -43.12 -26.62
CA ILE J 183 -18.28 -42.22 -25.82
C ILE J 183 -19.25 -41.42 -26.70
N GLU J 184 -18.73 -40.86 -27.79
CA GLU J 184 -19.55 -40.14 -28.76
C GLU J 184 -20.69 -41.03 -29.27
N ASP J 185 -20.34 -42.23 -29.69
CA ASP J 185 -21.32 -43.17 -30.24
C ASP J 185 -22.42 -43.53 -29.25
N ASN J 186 -22.04 -43.69 -27.97
CA ASN J 186 -22.91 -44.34 -26.99
C ASN J 186 -23.66 -43.43 -26.01
N ALA J 187 -23.20 -42.20 -25.83
CA ALA J 187 -23.90 -41.24 -24.96
C ALA J 187 -24.02 -39.87 -25.62
S SO4 M . 48.05 5.81 -5.21
O1 SO4 M . 48.50 4.52 -4.68
O2 SO4 M . 46.83 6.21 -4.50
O3 SO4 M . 47.76 5.69 -6.63
O4 SO4 M . 49.09 6.81 -5.00
NA NA N . -13.68 24.25 -39.31
C1 GOL O . 23.25 27.01 -27.18
O1 GOL O . 22.78 27.37 -28.47
C2 GOL O . 22.38 25.89 -26.64
O2 GOL O . 22.04 25.10 -27.76
C3 GOL O . 23.14 25.03 -25.63
O3 GOL O . 22.56 23.75 -25.52
H11 GOL O . 23.19 27.86 -26.51
H12 GOL O . 24.29 26.68 -27.23
HO1 GOL O . 23.29 28.15 -28.80
H2 GOL O . 21.49 26.29 -26.18
HO2 GOL O . 22.86 24.74 -28.18
H31 GOL O . 23.14 25.52 -24.66
H32 GOL O . 24.18 24.93 -25.95
HO3 GOL O . 23.26 23.06 -25.60
MN MN P . 16.89 40.88 -19.29
NA NA Q . 21.40 8.00 1.13
NA NA R . 7.81 53.52 22.50
MN MN S . 2.21 19.07 2.89
C1 GOL T . -10.46 39.49 5.10
O1 GOL T . -10.61 39.73 3.71
C2 GOL T . -10.19 38.00 5.31
O2 GOL T . -9.97 37.41 4.04
C3 GOL T . -11.36 37.31 6.00
O3 GOL T . -11.85 36.30 5.14
H11 GOL T . -11.36 39.80 5.64
H12 GOL T . -9.62 40.09 5.49
HO1 GOL T . -10.85 40.67 3.56
H2 GOL T . -9.30 37.89 5.93
HO2 GOL T . -9.78 36.46 4.15
H31 GOL T . -12.15 38.03 6.21
H32 GOL T . -11.03 36.87 6.94
HO3 GOL T . -11.56 35.42 5.46
C1 GOL U . -12.92 10.47 -14.14
O1 GOL U . -13.90 10.06 -13.20
C2 GOL U . -11.59 9.79 -13.83
O2 GOL U . -10.57 10.74 -13.71
C3 GOL U . -11.23 8.83 -14.95
O3 GOL U . -11.78 7.55 -14.69
H11 GOL U . -12.80 11.55 -14.08
H12 GOL U . -13.24 10.21 -15.14
HO1 GOL U . -14.73 10.54 -13.35
H2 GOL U . -11.69 9.22 -12.90
HO2 GOL U . -9.72 10.28 -13.51
H31 GOL U . -10.14 8.74 -15.02
H32 GOL U . -11.60 9.21 -15.90
HO3 GOL U . -11.49 6.92 -15.40
C2 53M V . 5.62 38.83 -16.67
C3 53M V . 6.63 37.98 -15.93
C5 53M V . 8.05 38.30 -16.30
O6 53M V . 6.50 36.63 -16.34
C7 53M V . 5.36 36.08 -15.73
C9 53M V . 5.24 34.64 -16.15
C10 53M V . 4.16 36.80 -16.29
N11 53M V . 4.33 38.25 -16.34
C12 53M V . 3.19 39.11 -16.29
C13 53M V . 1.94 38.60 -16.04
C14 53M V . 0.84 39.41 -15.97
C15 53M V . 1.00 40.76 -16.11
C16 53M V . 2.24 41.32 -16.34
C17 53M V . 3.32 40.47 -16.41
C18 53M V . 4.62 41.12 -16.67
C19 53M V . 5.79 40.28 -16.23
C20 53M V . 5.96 40.56 -14.78
O21 53M V . 5.14 39.85 -13.97
N22 53M V . 6.80 41.43 -14.33
C23 53M V . 7.57 42.11 -15.23
O24 53M V . 8.08 43.17 -14.89
N25 53M V . 7.83 41.65 -16.50
C26 53M V . 6.99 40.80 -16.96
O27 53M V . 7.15 40.28 -18.20
N28 53M V . -0.16 41.60 -16.01
O29 53M V . -1.25 41.04 -16.13
O30 53M V . 0.04 42.80 -15.78
H2 53M V . 5.78 38.76 -17.74
H3 53M V . 6.48 38.04 -14.86
H51 53M V . 8.73 37.54 -15.92
H52 53M V . 8.16 38.35 -17.39
H53 53M V . 8.34 39.27 -15.88
H7 53M V . 5.43 36.18 -14.64
H91 53M V . 4.32 34.20 -15.73
H92 53M V . 5.20 34.55 -17.24
H93 53M V . 6.09 34.06 -15.79
H102 53M V . 3.28 36.57 -15.68
H103 53M V . 3.96 36.45 -17.31
H13 53M V . 1.80 37.53 -15.93
H14 53M V . -0.15 39.00 -15.78
H16 53M V . 2.35 42.39 -16.46
H182 53M V . 4.70 41.33 -17.74
H183 53M V . 4.65 42.08 -16.14
H21 53M V . 4.57 39.24 -14.46
H27 53M V . 7.95 40.62 -18.63
C2 53L W . 0.02 30.13 0.43
C3 53L W . 1.11 29.51 -0.40
C5 53L W . 1.27 28.03 -0.20
O6 53L W . 2.39 30.03 -0.07
C7 53L W . 2.51 31.34 -0.58
C9 53L W . 3.86 31.89 -0.19
C10 53L W . 1.46 32.17 0.12
N11 53L W . 0.14 31.54 0.11
C12 53L W . -1.03 32.35 0.06
C13 53L W . -0.96 33.71 -0.17
C14 53L W . -2.08 34.48 -0.27
C15 53L W . -3.29 33.87 -0.12
C16 53L W . -3.43 32.53 0.11
C17 53L W . -2.28 31.78 0.19
C18 53L W . -2.44 30.34 0.47
C19 53L W . -1.29 29.51 0.01
C20 53L W . -1.59 29.41 -1.43
O21 53L W . -1.17 30.47 -2.15
N22 53L W . -2.26 28.45 -1.98
C23 53L W . -2.66 27.41 -1.19
O24 53L W . -3.38 26.55 -1.67
N25 53L W . -2.19 27.30 0.09
C26 53L W . -1.43 28.23 0.74
O27 53L W . -0.97 28.09 1.86
N28 53L W . -4.46 34.70 -0.22
O29 53L W . -4.35 35.84 0.22
O30 53L W . -5.46 34.20 -0.76
H2 53L W . 0.21 29.96 1.50
H3 53L W . 0.92 29.72 -1.47
H51 53L W . 0.41 27.50 -0.61
H52 53L W . 1.36 27.80 0.86
H53 53L W . 2.17 27.67 -0.71
H7 53L W . 2.36 31.33 -1.66
H91 53L W . 4.65 31.24 -0.57
H92 53L W . 3.94 31.93 0.90
H93 53L W . 3.99 32.89 -0.59
H102 53L W . 1.77 32.34 1.16
H103 53L W . 1.39 33.14 -0.37
H13 53L W . 0.02 34.18 -0.30
H14 53L W . -2.02 35.54 -0.46
H16 53L W . -4.40 32.07 0.23
H182 53L W . -3.36 29.99 -0.02
H183 53L W . -2.57 30.21 1.55
H21 53L W . -1.42 30.39 -3.09
H25 53L W . -2.42 26.46 0.61
NA NA X . -7.35 -52.20 42.43
MN MN Y . -1.50 -19.90 18.46
C2 50M Z . -0.39 -31.11 16.45
C3 50M Z . -1.59 -30.57 15.70
C5 50M Z . -1.75 -29.08 15.79
C7 50M Z . -2.98 -32.39 15.82
C13 50M Z . 0.58 -34.69 15.92
C15 50M Z . 2.92 -34.83 15.71
C16 50M Z . 3.04 -33.47 15.86
C17 50M Z . 1.90 -32.74 16.02
C18 50M Z . 2.07 -31.29 16.22
C19 50M Z . 0.86 -30.50 15.83
C20 50M Z . 1.09 -29.18 16.46
C23 50M Z . 1.98 -28.29 14.57
C26 50M Z . 0.94 -30.50 14.35
O6 50M Z . -2.82 -31.05 16.25
C9 50M Z . -4.23 -32.95 16.47
C10 50M Z . -1.83 -33.17 16.41
N11 50M Z . -0.52 -32.54 16.23
C12 50M Z . 0.65 -33.33 16.07
C14 50M Z . 1.71 -35.45 15.73
O21 50M Z . 0.68 -29.16 17.74
N22 50M Z . 1.61 -28.15 15.88
O24 50M Z . 2.60 -27.38 14.04
N25 50M Z . 1.60 -29.40 13.85
O27 50M Z . 0.58 -31.46 13.68
N28 50M Z . 4.06 -35.65 15.52
O29 50M Z . 5.10 -35.32 16.11
O30 50M Z . 3.89 -36.60 14.76
H2 50M Z . -0.45 -30.87 17.51
H3 50M Z . -1.54 -30.88 14.66
H51 50M Z . -2.69 -28.77 15.34
H52 50M Z . -1.72 -28.76 16.84
H53 50M Z . -0.93 -28.58 15.26
H7 50M Z . -3.01 -32.44 14.73
H13 50M Z . -0.39 -35.17 15.92
H16 50M Z . 4.02 -32.99 15.84
H182 50M Z . 2.29 -31.10 17.26
H183 50M Z . 2.92 -30.95 15.62
H91 50M Z . -4.35 -34.00 16.21
H92 50M Z . -5.11 -32.40 16.12
H93 50M Z . -4.17 -32.85 17.55
H102 50M Z . -1.80 -34.17 15.94
H103 50M Z . -2.01 -33.31 17.48
H14 50M Z . 1.63 -36.53 15.61
H21 50M Z . -0.01 -28.49 17.90
H25 50M Z . 1.84 -29.42 12.86
S SO4 AA . -45.12 -1.72 4.97
O1 SO4 AA . -44.97 -2.44 6.23
O2 SO4 AA . -46.20 -2.35 4.18
O3 SO4 AA . -45.47 -0.33 5.24
O4 SO4 AA . -43.87 -1.79 4.22
S SO4 BA . -23.89 -27.68 -12.15
O1 SO4 BA . -24.49 -27.37 -10.85
O2 SO4 BA . -23.87 -29.13 -12.35
O3 SO4 BA . -24.69 -27.06 -13.22
O4 SO4 BA . -22.53 -27.16 -12.19
NA NA CA . 11.96 -25.41 -23.45
MN MN DA . -18.60 -42.11 -2.85
C1 GOL EA . 4.48 -46.27 -3.31
O1 GOL EA . 5.03 -45.55 -4.40
C2 GOL EA . 4.51 -47.76 -3.62
O2 GOL EA . 5.76 -48.13 -4.16
C3 GOL EA . 3.42 -48.09 -4.64
O3 GOL EA . 2.23 -48.41 -3.96
H11 GOL EA . 3.45 -45.95 -3.13
H12 GOL EA . 5.06 -46.07 -2.41
HO1 GOL EA . 4.96 -44.59 -4.23
H2 GOL EA . 4.32 -48.33 -2.72
HO2 GOL EA . 5.76 -49.09 -4.36
H31 GOL EA . 3.73 -48.94 -5.25
H32 GOL EA . 3.25 -47.23 -5.29
HO3 GOL EA . 1.53 -48.64 -4.61
C1 GOL FA . -23.56 -57.94 13.90
O1 GOL FA . -24.50 -57.68 12.87
C2 GOL FA . -22.59 -58.99 13.38
O2 GOL FA . -23.18 -59.62 12.27
C3 GOL FA . -22.21 -60.00 14.45
O3 GOL FA . -21.57 -59.32 15.53
H11 GOL FA . -24.08 -58.32 14.79
H12 GOL FA . -23.04 -57.03 14.18
HO1 GOL FA . -25.19 -57.06 13.20
H2 GOL FA . -21.68 -58.47 13.05
HO2 GOL FA . -22.56 -60.28 11.90
H31 GOL FA . -21.53 -60.75 14.04
H32 GOL FA . -23.10 -60.50 14.82
HO3 GOL FA . -21.35 -59.96 16.23
C2 53M GA . -7.53 -40.35 -0.23
C3 53M GA . -8.68 -39.59 0.42
C5 53M GA . -10.02 -40.07 -0.07
O6 53M GA . -8.66 -38.21 0.05
C7 53M GA . -7.43 -37.66 0.47
C9 53M GA . -7.44 -36.15 0.43
C10 53M GA . -6.33 -38.28 -0.34
N11 53M GA . -6.33 -39.64 0.18
C12 53M GA . -5.12 -40.36 0.05
C13 53M GA . -3.93 -39.69 0.18
C14 53M GA . -2.72 -40.34 0.09
C15 53M GA . -2.73 -41.70 -0.11
C16 53M GA . -3.90 -42.40 -0.22
C17 53M GA . -5.09 -41.73 -0.14
C18 53M GA . -6.31 -42.55 -0.29
C19 53M GA . -7.54 -41.82 0.18
C20 53M GA . -8.62 -42.51 -0.55
O21 53M GA . -8.63 -42.22 -1.87
N22 53M GA . -9.46 -43.33 -0.03
C23 53M GA . -9.37 -43.57 1.31
O24 53M GA . -10.11 -44.43 1.79
N25 53M GA . -8.49 -42.93 2.15
C26 53M GA . -7.65 -42.10 1.65
O27 53M GA . -6.74 -41.46 2.43
N28 53M GA . -1.47 -42.38 -0.19
O29 53M GA . -0.50 -41.69 -0.50
O30 53M GA . -1.47 -43.60 0.06
H2 53M GA . -7.62 -40.28 -1.32
H3 53M GA . -8.62 -39.67 1.50
H51 53M GA . -10.24 -41.06 0.34
H52 53M GA . -10.03 -40.14 -1.16
H53 53M GA . -10.81 -39.38 0.24
H7 53M GA . -7.30 -37.97 1.52
H91 53M GA . -8.24 -35.75 1.04
H92 53M GA . -7.59 -35.81 -0.60
H93 53M GA . -6.49 -35.76 0.78
H102 53M GA . -6.57 -38.26 -1.41
H103 53M GA . -5.38 -37.79 -0.15
H13 53M GA . -3.94 -38.62 0.35
H14 53M GA . -1.79 -39.80 0.19
H16 53M GA . -3.88 -43.47 -0.39
H182 53M GA . -6.19 -43.46 0.29
H183 53M GA . -6.43 -42.81 -1.34
H21 53M GA . -8.74 -41.27 -2.03
H27 53M GA . -6.17 -40.86 1.92
#